data_8DPU
#
_entry.id   8DPU
#
_cell.length_a   163.411
_cell.length_b   163.411
_cell.length_c   506.623
_cell.angle_alpha   90.000
_cell.angle_beta   90.000
_cell.angle_gamma   120.000
#
_symmetry.space_group_name_H-M   'P 31 1 2'
#
loop_
_entity.id
_entity.type
_entity.pdbx_description
1 polymer 'Interleukin-6 receptor subunit beta'
2 polymer Interleukin-11
3 polymer 'Interleukin-11 receptor subunit alpha'
4 branched 2-acetamido-2-deoxy-beta-D-glucopyranose-(1-4)-2-acetamido-2-deoxy-beta-D-glucopyranose
5 branched beta-D-mannopyranose-(1-4)-2-acetamido-2-deoxy-beta-D-glucopyranose-(1-4)-2-acetamido-2-deoxy-beta-D-glucopyranose
6 non-polymer 2-acetamido-2-deoxy-beta-D-glucopyranose
#
loop_
_entity_poly.entity_id
_entity_poly.type
_entity_poly.pdbx_seq_one_letter_code
_entity_poly.pdbx_strand_id
1 'polypeptide(L)'
;GELLDPCGYISPESPVVQLHSNFTAVCVLKEKCMDYFHVNANYIVWKTNHFTIPKEQYTIINRTASSVTFTDIASLNIQL
TCNILTFGQLEQNVYGITIISGLPPEKPKNLSCIVNEGKKMRCEWDGGRETHLETNFTLKSEWATHKFADCKAKRDTPTS
CTVDYSTVYFVNIEVWVEAENALGKVTSDHINFDPVYKVKPNPPHNLSVINSEELSSILKLTWTNPSIKSVIILKYNIQY
RTKDASTWSQIPPEDTASTRSSFTVQDLKPFTEYVFRIRCMKEDGKGYWSDWSEEASGITYED
;
A,D,G,J,M,P
2 'polypeptide(L)'
;GPGPPPGPPRVSPDPRAELDSTVLLTRSLLADTRQLAAQLRDKFPADGDHNLDSLPTLAMSAGALGALQLPGVLTRLRAD
LLSYLRHVQWLRRAGGSSLKTLEPELGTLQARLDRLLRRLQLLMSRLALPQPPPDPPAPPLAPPSSAWGGIRAAHAILGG
LHLTLDWAVRGLLLLKTRL
;
B,E,H,K,N,Q
3 'polypeptide(L)'
;SSPCPQAWGPPGVQYGQPGRSVKLCCPGVTAGDPVSWFRDGEPKLLQGPDSGLGHELVLAQADSTDEGTYICQTLDGALG
GTVTLQLGYPPARPVVSCQAADYENFSCTWSPSQISGLPTRYLTSYRKKTVLGADSQRRSPSTGPWPCPQDPLGAARCVV
HGAEFWSQYRINVTEVNPLGASTRLLDVSLQSILRPDPPQGLRVESVPGYPRRLRASWTYPASWPSQPHFLLKFRLQYRP
AQHPAWSTVEPAGLEEVITDAVAGLPHAVRVSARDFLDAGTWSTWSPEAWGTPSTGTIPKEIPAWGQLHTQPEVEPQVDS
PAPPRPSLQPHPRLLDHRDSVHHHHHHH
;
C,F,I,L,O,R
#
loop_
_chem_comp.id
_chem_comp.type
_chem_comp.name
_chem_comp.formula
BMA D-saccharide, beta linking beta-D-mannopyranose 'C6 H12 O6'
NAG D-saccharide, beta linking 2-acetamido-2-deoxy-beta-D-glucopyranose 'C8 H15 N O6'
#
# COMPACT_ATOMS: atom_id res chain seq x y z
N ASP A 5 -19.71 59.78 47.99
CA ASP A 5 -18.59 58.92 48.33
C ASP A 5 -19.12 57.54 48.72
N PRO A 6 -18.34 56.47 48.46
CA PRO A 6 -18.79 55.11 48.77
C PRO A 6 -19.20 54.91 50.23
N CYS A 7 -19.95 53.83 50.47
CA CYS A 7 -20.41 53.47 51.81
C CYS A 7 -19.44 52.62 52.61
N GLY A 8 -18.62 51.81 51.96
CA GLY A 8 -17.72 50.97 52.69
C GLY A 8 -16.74 50.22 51.81
N TYR A 9 -16.11 49.20 52.40
CA TYR A 9 -15.14 48.40 51.69
C TYR A 9 -15.06 47.02 52.31
N ILE A 10 -14.44 46.10 51.58
CA ILE A 10 -14.21 44.73 52.02
C ILE A 10 -12.71 44.53 52.25
N SER A 11 -12.36 43.81 53.32
CA SER A 11 -10.97 43.52 53.61
C SER A 11 -10.82 42.04 53.84
N PRO A 12 -9.74 41.42 53.36
CA PRO A 12 -8.61 41.98 52.61
C PRO A 12 -8.92 42.30 51.13
N GLU A 13 -8.24 43.33 50.62
CA GLU A 13 -8.43 43.87 49.26
C GLU A 13 -8.66 42.79 48.20
N SER A 14 -7.68 41.91 48.01
CA SER A 14 -7.78 40.85 46.99
C SER A 14 -6.90 39.69 47.43
N PRO A 15 -7.40 38.88 48.35
CA PRO A 15 -6.63 37.76 48.87
C PRO A 15 -6.55 36.57 47.93
N VAL A 16 -5.49 35.81 48.11
CA VAL A 16 -5.28 34.53 47.43
C VAL A 16 -5.05 33.52 48.53
N VAL A 17 -5.80 32.41 48.52
CA VAL A 17 -5.70 31.40 49.56
C VAL A 17 -5.51 30.02 48.95
N GLN A 18 -5.09 29.08 49.81
CA GLN A 18 -4.87 27.71 49.43
C GLN A 18 -6.15 26.89 49.48
N LEU A 19 -6.30 25.99 48.51
CA LEU A 19 -7.46 25.12 48.44
C LEU A 19 -7.63 24.31 49.74
N HIS A 20 -8.89 24.14 50.15
CA HIS A 20 -9.34 23.41 51.34
C HIS A 20 -9.10 24.18 52.63
N SER A 21 -8.69 25.45 52.55
CA SER A 21 -8.48 26.28 53.72
C SER A 21 -9.72 27.11 54.00
N ASN A 22 -9.65 27.97 55.00
CA ASN A 22 -10.76 28.85 55.33
C ASN A 22 -10.41 30.31 55.05
N PHE A 23 -11.45 31.07 54.70
CA PHE A 23 -11.31 32.49 54.43
C PHE A 23 -12.48 33.26 55.01
N THR A 24 -12.18 34.31 55.76
CA THR A 24 -13.21 35.15 56.36
C THR A 24 -13.11 36.54 55.72
N ALA A 25 -14.22 37.04 55.21
CA ALA A 25 -14.25 38.37 54.59
C ALA A 25 -15.10 39.29 55.46
N VAL A 26 -14.62 40.51 55.67
CA VAL A 26 -15.35 41.49 56.47
C VAL A 26 -15.64 42.72 55.63
N CYS A 27 -16.91 43.10 55.58
CA CYS A 27 -17.41 44.29 54.89
C CYS A 27 -17.76 45.31 55.95
N VAL A 28 -17.20 46.53 55.85
CA VAL A 28 -17.51 47.55 56.83
C VAL A 28 -18.10 48.78 56.15
N LEU A 29 -19.20 49.28 56.71
CA LEU A 29 -19.93 50.44 56.24
C LEU A 29 -19.53 51.70 57.00
N LYS A 30 -19.37 52.80 56.27
CA LYS A 30 -19.04 54.07 56.88
C LYS A 30 -20.26 54.60 57.64
N GLU A 31 -19.99 55.31 58.74
CA GLU A 31 -21.08 55.86 59.55
C GLU A 31 -22.02 56.72 58.70
N LYS A 32 -21.45 57.59 57.86
CA LYS A 32 -22.27 58.47 57.03
C LYS A 32 -23.23 57.70 56.14
N CYS A 33 -22.78 56.62 55.51
CA CYS A 33 -23.70 55.87 54.65
C CYS A 33 -24.81 55.21 55.46
N MET A 34 -24.46 54.64 56.62
CA MET A 34 -25.47 54.00 57.46
C MET A 34 -26.52 55.00 57.93
N ASP A 35 -26.11 56.23 58.25
CA ASP A 35 -27.05 57.26 58.72
C ASP A 35 -28.05 57.69 57.65
N TYR A 36 -27.59 58.04 56.44
CA TYR A 36 -28.54 58.49 55.42
C TYR A 36 -29.66 57.47 55.19
N PHE A 37 -29.33 56.20 55.00
CA PHE A 37 -30.35 55.20 54.73
C PHE A 37 -30.92 54.58 56.00
N HIS A 38 -30.35 54.85 57.18
CA HIS A 38 -30.84 54.29 58.44
C HIS A 38 -30.76 52.77 58.45
N VAL A 39 -29.55 52.26 58.21
CA VAL A 39 -29.29 50.84 58.19
C VAL A 39 -28.03 50.54 58.98
N ASN A 40 -27.73 49.24 59.12
CA ASN A 40 -26.55 48.76 59.81
C ASN A 40 -26.25 47.36 59.28
N ALA A 41 -25.20 46.76 59.82
CA ALA A 41 -24.72 45.42 59.45
C ALA A 41 -25.82 44.40 59.20
N ASN A 42 -26.87 44.43 60.00
CA ASN A 42 -27.98 43.49 59.86
C ASN A 42 -28.66 43.57 58.49
N TYR A 43 -28.46 44.64 57.73
CA TYR A 43 -29.10 44.80 56.44
C TYR A 43 -28.22 44.30 55.30
N ILE A 44 -27.02 43.83 55.59
CA ILE A 44 -26.11 43.35 54.55
C ILE A 44 -26.50 41.96 54.08
N VAL A 45 -26.58 41.80 52.77
CA VAL A 45 -26.79 40.52 52.11
C VAL A 45 -25.60 40.34 51.19
N TRP A 46 -25.09 39.12 51.07
CA TRP A 46 -23.93 38.90 50.22
C TRP A 46 -24.35 38.08 49.00
N LYS A 47 -23.88 38.48 47.82
CA LYS A 47 -24.18 37.70 46.62
C LYS A 47 -22.89 37.54 45.82
N THR A 48 -22.73 36.40 45.16
CA THR A 48 -21.56 36.21 44.29
C THR A 48 -21.91 35.50 42.99
N ASN A 49 -21.48 36.05 41.85
CA ASN A 49 -21.69 35.40 40.55
C ASN A 49 -23.10 34.83 40.37
N HIS A 50 -24.10 35.68 40.61
CA HIS A 50 -25.52 35.38 40.50
C HIS A 50 -26.03 34.37 41.52
N PHE A 51 -25.23 33.96 42.51
CA PHE A 51 -25.73 33.06 43.53
C PHE A 51 -25.85 33.79 44.86
N THR A 52 -27.04 33.73 45.45
CA THR A 52 -27.31 34.38 46.74
C THR A 52 -26.56 33.65 47.84
N ILE A 53 -25.73 34.34 48.61
CA ILE A 53 -25.06 33.64 49.71
C ILE A 53 -26.06 33.42 50.83
N PRO A 54 -26.23 32.19 51.33
CA PRO A 54 -27.23 31.98 52.40
C PRO A 54 -26.93 32.75 53.67
N LYS A 55 -27.92 33.55 54.09
CA LYS A 55 -27.89 34.38 55.30
C LYS A 55 -27.22 33.71 56.51
N GLU A 56 -27.35 32.38 56.61
CA GLU A 56 -26.79 31.63 57.75
C GLU A 56 -25.26 31.63 57.79
N GLN A 57 -24.58 31.97 56.71
CA GLN A 57 -23.13 31.99 56.75
C GLN A 57 -22.57 33.35 57.15
N TYR A 58 -23.44 34.34 57.37
CA TYR A 58 -23.01 35.66 57.77
C TYR A 58 -22.78 35.72 59.27
N THR A 59 -21.92 36.66 59.69
CA THR A 59 -21.70 36.92 61.12
C THR A 59 -21.58 38.44 61.26
N ILE A 60 -22.55 39.06 61.93
CA ILE A 60 -22.52 40.50 62.15
C ILE A 60 -21.60 40.82 63.34
N ILE A 61 -20.45 41.45 63.07
CA ILE A 61 -19.52 41.79 64.13
C ILE A 61 -19.87 43.11 64.82
N ASN A 62 -19.78 44.22 64.09
CA ASN A 62 -20.16 45.53 64.61
C ASN A 62 -21.37 46.05 63.86
N ARG A 63 -21.94 47.15 64.38
CA ARG A 63 -23.12 47.69 63.71
C ARG A 63 -22.77 48.18 62.32
N THR A 64 -21.46 48.33 62.06
CA THR A 64 -20.89 48.81 60.81
C THR A 64 -20.43 47.67 59.91
N ALA A 65 -20.23 46.47 60.46
CA ALA A 65 -19.67 45.40 59.66
C ALA A 65 -20.30 44.04 59.88
N SER A 66 -20.39 43.30 58.78
CA SER A 66 -20.89 41.93 58.66
C SER A 66 -19.75 41.10 58.10
N SER A 67 -19.77 39.80 58.37
CA SER A 67 -18.71 38.97 57.84
C SER A 67 -19.26 37.59 57.50
N VAL A 68 -18.58 36.94 56.57
CA VAL A 68 -18.91 35.60 56.11
C VAL A 68 -17.64 34.76 56.17
N THR A 69 -17.82 33.45 56.36
CA THR A 69 -16.69 32.52 56.45
C THR A 69 -16.89 31.39 55.47
N PHE A 70 -15.95 31.23 54.55
CA PHE A 70 -15.96 30.16 53.56
C PHE A 70 -15.09 29.02 54.08
N THR A 71 -15.57 27.80 53.92
CA THR A 71 -14.80 26.64 54.35
C THR A 71 -14.57 25.70 53.16
N ASP A 72 -13.41 25.05 53.17
CA ASP A 72 -13.03 24.10 52.13
C ASP A 72 -13.15 24.78 50.77
N ILE A 73 -12.60 25.99 50.67
CA ILE A 73 -12.68 26.76 49.43
C ILE A 73 -12.30 25.88 48.26
N ALA A 74 -13.20 25.77 47.29
CA ALA A 74 -12.99 24.94 46.12
C ALA A 74 -13.10 25.66 44.79
N SER A 75 -13.46 26.94 44.76
CA SER A 75 -13.58 27.65 43.49
C SER A 75 -12.30 28.39 43.15
N LEU A 76 -11.87 28.26 41.89
CA LEU A 76 -10.64 28.91 41.44
C LEU A 76 -10.78 30.42 41.37
N ASN A 77 -11.98 30.93 41.13
CA ASN A 77 -12.18 32.37 41.01
C ASN A 77 -13.53 32.70 41.62
N ILE A 78 -13.52 33.57 42.63
CA ILE A 78 -14.73 34.01 43.31
C ILE A 78 -14.83 35.52 43.22
N GLN A 79 -15.92 36.02 42.68
CA GLN A 79 -16.18 37.46 42.63
C GLN A 79 -17.08 37.72 43.82
N LEU A 80 -16.57 38.48 44.79
CA LEU A 80 -17.32 38.78 46.00
C LEU A 80 -17.83 40.20 45.98
N THR A 81 -19.09 40.36 46.35
CA THR A 81 -19.77 41.64 46.37
C THR A 81 -20.46 41.76 47.71
N CYS A 82 -20.46 42.97 48.25
CA CYS A 82 -21.09 43.28 49.52
C CYS A 82 -22.24 44.21 49.22
N ASN A 83 -23.45 43.85 49.66
CA ASN A 83 -24.56 44.72 49.35
C ASN A 83 -25.40 44.97 50.59
N ILE A 84 -26.10 46.10 50.55
CA ILE A 84 -27.05 46.52 51.57
C ILE A 84 -28.45 46.58 50.96
N LEU A 85 -29.44 46.19 51.75
CA LEU A 85 -30.86 46.15 51.39
C LEU A 85 -31.56 47.45 51.84
N THR A 86 -31.42 48.49 51.02
CA THR A 86 -32.02 49.79 51.36
C THR A 86 -33.53 49.73 51.40
N PHE A 87 -34.10 50.52 52.33
CA PHE A 87 -35.54 50.67 52.60
C PHE A 87 -36.35 49.46 52.14
N GLY A 88 -35.80 48.28 52.40
CA GLY A 88 -36.32 46.97 52.07
C GLY A 88 -36.81 46.62 50.68
N GLN A 89 -36.57 47.43 49.65
CA GLN A 89 -37.07 47.08 48.33
C GLN A 89 -36.15 47.59 47.23
N LEU A 90 -34.86 47.54 47.48
CA LEU A 90 -33.81 47.95 46.55
C LEU A 90 -32.51 47.44 47.14
N GLU A 91 -31.49 47.42 46.31
CA GLU A 91 -30.18 46.96 46.74
C GLU A 91 -29.13 47.75 46.00
N GLN A 92 -28.15 48.26 46.75
CA GLN A 92 -27.06 49.06 46.22
C GLN A 92 -25.75 48.46 46.67
N ASN A 93 -24.77 48.51 45.77
CA ASN A 93 -23.46 47.94 46.00
C ASN A 93 -22.58 48.82 46.87
N VAL A 94 -22.04 48.21 47.92
CA VAL A 94 -21.16 48.84 48.89
C VAL A 94 -19.74 48.66 48.37
N TYR A 95 -19.34 47.41 48.20
CA TYR A 95 -17.99 47.12 47.74
C TYR A 95 -17.98 45.75 47.07
N GLY A 96 -16.81 45.42 46.52
CA GLY A 96 -16.62 44.14 45.86
C GLY A 96 -15.14 43.85 45.79
N ILE A 97 -14.82 42.56 45.70
CA ILE A 97 -13.45 42.08 45.59
C ILE A 97 -13.46 40.81 44.77
N THR A 98 -12.30 40.46 44.21
CA THR A 98 -12.17 39.21 43.47
C THR A 98 -11.28 38.28 44.28
N ILE A 99 -11.79 37.08 44.55
CA ILE A 99 -11.08 36.06 45.29
C ILE A 99 -10.48 35.04 44.33
N ILE A 100 -9.17 34.88 44.38
CA ILE A 100 -8.48 33.91 43.53
C ILE A 100 -7.93 32.83 44.46
N SER A 101 -7.95 31.59 43.99
CA SER A 101 -7.49 30.45 44.78
C SER A 101 -6.61 29.55 43.94
N GLY A 102 -5.82 28.72 44.63
CA GLY A 102 -4.94 27.80 43.95
C GLY A 102 -4.04 26.99 44.86
N LEU A 103 -2.83 26.67 44.40
CA LEU A 103 -1.89 25.87 45.16
C LEU A 103 -0.49 26.47 45.09
N PRO A 104 0.35 26.20 46.09
CA PRO A 104 1.73 26.71 46.07
C PRO A 104 2.55 25.93 45.08
N PRO A 105 3.64 26.51 44.55
CA PRO A 105 4.44 25.78 43.56
C PRO A 105 5.18 24.59 44.17
N GLU A 106 5.28 23.52 43.39
CA GLU A 106 5.98 22.32 43.79
C GLU A 106 7.48 22.51 43.61
N LYS A 107 8.26 21.76 44.37
CA LYS A 107 9.71 21.88 44.29
C LYS A 107 10.20 21.34 42.95
N PRO A 108 10.80 22.17 42.09
CA PRO A 108 11.29 21.68 40.80
C PRO A 108 12.23 20.49 40.98
N LYS A 109 12.06 19.47 40.16
CA LYS A 109 12.90 18.27 40.24
C LYS A 109 13.42 17.89 38.87
N ASN A 110 14.42 17.00 38.88
CA ASN A 110 15.08 16.51 37.66
C ASN A 110 15.68 17.67 36.85
N LEU A 111 16.34 18.60 37.54
CA LEU A 111 16.95 19.72 36.85
C LEU A 111 18.16 19.23 36.05
N SER A 112 18.20 19.58 34.76
CA SER A 112 19.31 19.23 33.90
C SER A 112 19.55 20.34 32.89
N CYS A 113 20.80 20.49 32.47
CA CYS A 113 21.20 21.51 31.52
C CYS A 113 21.93 20.88 30.34
N ILE A 114 22.02 21.62 29.24
CA ILE A 114 22.64 21.16 28.00
C ILE A 114 23.17 22.39 27.25
N VAL A 115 24.36 22.24 26.66
CA VAL A 115 24.95 23.33 25.88
C VAL A 115 25.02 22.94 24.41
N ASN A 116 24.02 23.34 23.64
CA ASN A 116 24.01 23.06 22.21
C ASN A 116 25.00 23.97 21.48
N GLU A 117 25.94 23.36 20.76
CA GLU A 117 26.94 24.13 20.01
C GLU A 117 26.30 25.28 19.25
N GLY A 118 26.87 26.48 19.40
CA GLY A 118 26.35 27.65 18.72
C GLY A 118 25.27 28.38 19.46
N LYS A 119 24.75 27.80 20.53
CA LYS A 119 23.71 28.36 21.37
C LYS A 119 24.23 28.52 22.79
N LYS A 120 23.50 29.30 23.57
CA LYS A 120 23.88 29.55 24.96
C LYS A 120 23.35 28.40 25.82
N MET A 121 23.89 28.30 27.04
CA MET A 121 23.47 27.23 27.93
C MET A 121 21.95 27.22 28.10
N ARG A 122 21.38 26.02 28.09
CA ARG A 122 19.94 25.84 28.26
C ARG A 122 19.70 24.78 29.32
N CYS A 123 18.78 25.06 30.23
CA CYS A 123 18.44 24.12 31.29
C CYS A 123 16.96 23.77 31.23
N GLU A 124 16.66 22.52 31.59
CA GLU A 124 15.31 22.00 31.56
C GLU A 124 14.97 21.42 32.92
N TRP A 125 13.70 21.46 33.28
CA TRP A 125 13.28 20.92 34.56
C TRP A 125 11.82 20.49 34.45
N ASP A 126 11.44 19.59 35.35
CA ASP A 126 10.08 19.10 35.43
C ASP A 126 9.26 19.96 36.38
N GLY A 127 8.21 20.59 35.86
CA GLY A 127 7.34 21.36 36.73
C GLY A 127 6.36 20.42 37.41
N GLY A 128 5.90 20.80 38.60
CA GLY A 128 5.01 19.87 39.27
C GLY A 128 3.53 20.09 39.05
N ARG A 129 2.75 19.88 40.11
CA ARG A 129 1.31 20.06 40.06
C ARG A 129 0.90 21.43 39.56
N GLU A 130 -0.18 21.47 38.79
CA GLU A 130 -0.73 22.73 38.31
C GLU A 130 -1.09 23.59 39.51
N THR A 131 -0.79 24.89 39.45
CA THR A 131 -1.08 25.77 40.58
C THR A 131 -2.26 26.69 40.33
N HIS A 132 -2.70 26.84 39.08
CA HIS A 132 -3.82 27.70 38.69
C HIS A 132 -3.53 29.18 38.89
N LEU A 133 -2.30 29.53 39.25
CA LEU A 133 -1.92 30.91 39.47
C LEU A 133 -0.82 31.30 38.49
N GLU A 134 -0.73 32.59 38.20
CA GLU A 134 0.32 33.08 37.31
C GLU A 134 1.65 32.88 38.01
N THR A 135 2.49 31.99 37.48
CA THR A 135 3.78 31.72 38.10
C THR A 135 4.95 32.10 37.20
N ASN A 136 5.87 32.90 37.72
CA ASN A 136 7.06 33.30 36.99
C ASN A 136 8.20 32.34 37.34
N PHE A 137 9.02 32.04 36.35
CA PHE A 137 10.17 31.16 36.52
C PHE A 137 11.43 31.91 36.10
N THR A 138 12.43 31.89 36.98
CA THR A 138 13.70 32.57 36.77
C THR A 138 14.83 31.59 37.05
N LEU A 139 15.68 31.38 36.05
CA LEU A 139 16.82 30.49 36.19
C LEU A 139 17.98 31.24 36.82
N LYS A 140 18.50 30.73 37.93
CA LYS A 140 19.61 31.36 38.63
C LYS A 140 20.89 30.55 38.46
N SER A 141 21.99 31.27 38.31
CA SER A 141 23.33 30.72 38.17
C SER A 141 24.27 31.80 38.71
N GLU A 142 25.27 31.41 39.49
CA GLU A 142 26.17 32.43 40.03
C GLU A 142 27.48 31.80 40.46
N TRP A 143 28.57 32.57 40.33
CA TRP A 143 29.85 32.09 40.83
C TRP A 143 30.01 32.50 42.30
N ALA A 144 31.00 31.90 42.95
CA ALA A 144 31.30 32.20 44.35
C ALA A 144 31.73 33.66 44.56
N THR A 145 32.17 34.33 43.50
CA THR A 145 32.71 35.69 43.51
C THR A 145 31.94 36.63 42.60
N HIS A 146 30.72 36.26 42.21
CA HIS A 146 29.94 37.07 41.29
C HIS A 146 28.53 36.53 41.24
N LYS A 147 27.53 37.41 41.28
CA LYS A 147 26.16 36.95 41.22
C LYS A 147 25.82 37.18 39.76
N PHE A 148 25.31 36.15 39.10
CA PHE A 148 24.99 36.26 37.69
C PHE A 148 23.55 36.69 37.36
N ALA A 149 23.40 37.15 36.11
CA ALA A 149 22.12 37.59 35.55
C ALA A 149 21.03 36.51 35.59
N ASP A 150 19.83 36.91 36.01
CA ASP A 150 18.66 36.03 36.03
C ASP A 150 18.20 35.67 34.61
N CYS A 151 17.66 34.46 34.44
CA CYS A 151 17.12 34.02 33.16
C CYS A 151 15.60 33.91 33.33
N LYS A 152 14.85 34.75 32.62
CA LYS A 152 13.38 34.75 32.71
C LYS A 152 12.79 33.90 31.59
N ALA A 153 12.02 32.86 31.97
CA ALA A 153 11.40 31.98 31.00
C ALA A 153 10.47 32.73 30.05
N LYS A 154 10.33 32.17 28.84
CA LYS A 154 9.47 32.71 27.79
C LYS A 154 8.05 32.16 27.94
N ARG A 155 7.06 32.97 27.53
CA ARG A 155 5.66 32.55 27.63
C ARG A 155 5.43 31.17 27.00
N ASP A 156 5.97 30.96 25.80
CA ASP A 156 5.79 29.67 25.10
C ASP A 156 6.44 28.53 25.88
N THR A 157 7.68 28.72 26.32
CA THR A 157 8.41 27.69 27.06
C THR A 157 8.62 28.05 28.53
N PRO A 158 7.59 27.90 29.37
CA PRO A 158 7.74 28.25 30.79
C PRO A 158 8.55 27.24 31.60
N THR A 159 8.83 26.06 31.07
CA THR A 159 9.56 25.02 31.76
C THR A 159 11.02 24.92 31.31
N SER A 160 11.48 25.89 30.54
CA SER A 160 12.83 25.90 29.99
C SER A 160 13.31 27.34 29.91
N CYS A 161 14.62 27.52 30.00
CA CYS A 161 15.22 28.84 29.87
C CYS A 161 16.54 28.73 29.13
N THR A 162 16.87 29.78 28.39
CA THR A 162 18.11 29.87 27.63
C THR A 162 18.79 31.18 28.04
N VAL A 163 19.89 31.05 28.76
CA VAL A 163 20.62 32.21 29.24
C VAL A 163 21.06 33.15 28.11
N ASP A 164 21.38 34.38 28.49
CA ASP A 164 21.80 35.42 27.56
C ASP A 164 23.31 35.64 27.54
N TYR A 165 24.06 34.86 28.31
CA TYR A 165 25.51 34.97 28.39
C TYR A 165 26.17 33.76 27.74
N SER A 166 27.33 34.00 27.12
CA SER A 166 28.02 32.91 26.44
C SER A 166 28.62 31.91 27.43
N THR A 167 28.66 30.65 27.00
CA THR A 167 29.18 29.55 27.81
C THR A 167 30.67 29.72 28.06
N VAL A 168 31.09 29.42 29.29
CA VAL A 168 32.48 29.51 29.69
C VAL A 168 32.93 28.15 30.20
N TYR A 169 33.68 27.42 29.38
CA TYR A 169 34.16 26.10 29.73
C TYR A 169 35.28 26.17 30.77
N PHE A 170 35.48 25.06 31.47
CA PHE A 170 36.54 24.87 32.47
C PHE A 170 36.33 25.63 33.77
N VAL A 171 35.14 26.14 34.06
CA VAL A 171 34.87 26.84 35.31
C VAL A 171 33.59 26.28 35.92
N ASN A 172 33.67 25.87 37.19
CA ASN A 172 32.49 25.34 37.85
C ASN A 172 31.47 26.46 38.06
N ILE A 173 30.22 26.16 37.75
CA ILE A 173 29.13 27.12 37.87
C ILE A 173 28.03 26.50 38.74
N GLU A 174 27.47 27.31 39.65
CA GLU A 174 26.43 26.87 40.56
C GLU A 174 25.11 27.28 39.92
N VAL A 175 24.21 26.31 39.67
CA VAL A 175 22.94 26.58 39.02
C VAL A 175 21.77 25.98 39.80
N TRP A 176 20.64 26.68 39.77
CA TRP A 176 19.40 26.25 40.41
C TRP A 176 18.27 27.08 39.83
N VAL A 177 17.04 26.59 39.99
CA VAL A 177 15.85 27.28 39.50
C VAL A 177 15.01 27.71 40.70
N GLU A 178 14.43 28.91 40.61
CA GLU A 178 13.62 29.46 41.68
C GLU A 178 12.18 29.60 41.20
N ALA A 179 11.27 28.88 41.84
CA ALA A 179 9.85 28.92 41.51
C ALA A 179 9.13 29.72 42.59
N GLU A 180 8.32 30.69 42.17
CA GLU A 180 7.61 31.51 43.13
C GLU A 180 6.26 31.97 42.56
N ASN A 181 5.25 31.96 43.42
CA ASN A 181 3.93 32.46 43.06
C ASN A 181 3.29 33.04 44.31
N ALA A 182 2.19 33.77 44.11
CA ALA A 182 1.46 34.45 45.17
C ALA A 182 1.30 33.67 46.48
N LEU A 183 1.26 32.33 46.40
CA LEU A 183 1.07 31.52 47.59
C LEU A 183 2.37 30.96 48.17
N GLY A 184 3.51 31.17 47.52
CA GLY A 184 4.73 30.63 48.08
C GLY A 184 5.97 30.75 47.23
N LYS A 185 7.13 30.66 47.88
CA LYS A 185 8.42 30.74 47.22
C LYS A 185 9.22 29.51 47.62
N VAL A 186 9.89 28.91 46.64
CA VAL A 186 10.73 27.74 46.90
C VAL A 186 11.82 27.66 45.83
N THR A 187 12.93 27.05 46.20
CA THR A 187 14.08 26.92 45.32
C THR A 187 14.37 25.45 45.08
N SER A 188 14.81 25.12 43.87
CA SER A 188 15.17 23.74 43.60
C SER A 188 16.53 23.45 44.25
N ASP A 189 16.95 22.20 44.18
CA ASP A 189 18.27 21.90 44.72
C ASP A 189 19.32 22.55 43.85
N HIS A 190 20.46 22.89 44.44
CA HIS A 190 21.53 23.48 43.68
C HIS A 190 22.37 22.41 43.01
N ILE A 191 22.78 22.67 41.77
CA ILE A 191 23.67 21.75 41.07
C ILE A 191 24.97 22.48 40.78
N ASN A 192 26.03 21.70 40.60
CA ASN A 192 27.37 22.25 40.36
C ASN A 192 28.01 21.38 39.30
N PHE A 193 28.58 22.01 38.27
CA PHE A 193 29.19 21.23 37.20
C PHE A 193 30.08 22.12 36.34
N ASP A 194 30.94 21.45 35.57
CA ASP A 194 31.82 22.11 34.62
C ASP A 194 31.14 22.05 33.26
N PRO A 195 30.81 23.18 32.63
CA PRO A 195 30.14 23.13 31.31
C PRO A 195 30.77 22.18 30.32
N VAL A 196 32.07 21.89 30.44
CA VAL A 196 32.76 21.01 29.52
C VAL A 196 32.17 19.61 29.50
N TYR A 197 31.47 19.19 30.57
CA TYR A 197 30.87 17.87 30.62
C TYR A 197 29.40 17.84 30.21
N LYS A 198 28.87 18.93 29.65
CA LYS A 198 27.47 19.01 29.25
C LYS A 198 27.33 19.48 27.81
N VAL A 199 28.34 19.25 26.98
CA VAL A 199 28.31 19.70 25.59
C VAL A 199 27.58 18.70 24.71
N LYS A 200 26.82 19.22 23.74
CA LYS A 200 26.08 18.44 22.76
C LYS A 200 26.58 18.93 21.41
N PRO A 201 27.64 18.32 20.88
CA PRO A 201 28.19 18.73 19.60
C PRO A 201 27.21 18.57 18.44
N ASN A 202 27.52 19.28 17.36
CA ASN A 202 26.73 19.16 16.15
C ASN A 202 27.12 17.84 15.48
N PRO A 203 26.30 17.32 14.56
CA PRO A 203 26.66 16.05 13.93
C PRO A 203 27.68 16.25 12.83
N PRO A 204 28.46 15.22 12.52
CA PRO A 204 29.46 15.32 11.46
C PRO A 204 28.86 15.71 10.11
N HIS A 205 29.61 16.49 9.34
CA HIS A 205 29.19 16.94 8.02
C HIS A 205 30.31 16.64 7.03
N ASN A 206 30.07 16.92 5.74
CA ASN A 206 31.05 16.67 4.68
C ASN A 206 31.35 15.18 4.56
N LEU A 207 30.31 14.36 4.70
CA LEU A 207 30.49 12.91 4.63
C LEU A 207 30.81 12.46 3.20
N SER A 208 31.88 11.67 3.09
CA SER A 208 32.41 11.12 1.85
C SER A 208 32.69 9.64 2.05
N VAL A 209 32.42 8.84 1.02
CA VAL A 209 32.67 7.41 1.12
C VAL A 209 33.87 6.92 0.31
N ILE A 210 34.17 7.51 -0.85
CA ILE A 210 35.26 7.14 -1.75
C ILE A 210 35.12 5.70 -2.25
N ASN A 211 35.36 5.49 -3.55
CA ASN A 211 35.30 4.15 -4.09
C ASN A 211 36.56 3.37 -3.77
N SER A 212 36.50 2.06 -4.05
CA SER A 212 37.61 1.16 -3.78
C SER A 212 38.69 1.20 -4.85
N GLU A 213 39.90 0.94 -4.40
CA GLU A 213 41.20 0.86 -5.07
C GLU A 213 41.34 -0.39 -5.93
N GLU A 214 42.56 -0.93 -6.00
CA GLU A 214 42.82 -2.13 -6.78
C GLU A 214 42.52 -3.36 -5.96
N LEU A 215 42.20 -3.14 -4.69
CA LEU A 215 41.81 -4.15 -3.74
C LEU A 215 40.34 -3.85 -3.46
N SER A 216 39.52 -4.88 -3.35
CA SER A 216 38.12 -4.62 -3.11
C SER A 216 37.84 -4.96 -1.65
N SER A 217 36.57 -4.89 -1.28
CA SER A 217 36.11 -5.15 0.08
C SER A 217 36.61 -4.12 1.08
N ILE A 218 36.98 -2.92 0.64
CA ILE A 218 37.48 -1.89 1.54
C ILE A 218 36.84 -0.55 1.19
N LEU A 219 36.37 0.18 2.19
CA LEU A 219 35.82 1.53 1.99
C LEU A 219 36.37 2.46 3.07
N LYS A 220 36.82 3.64 2.67
CA LYS A 220 37.38 4.61 3.60
C LYS A 220 36.37 5.74 3.80
N LEU A 221 36.02 6.02 5.05
CA LEU A 221 35.07 7.07 5.37
C LEU A 221 35.81 8.35 5.75
N THR A 222 35.39 9.47 5.17
CA THR A 222 35.97 10.77 5.50
C THR A 222 34.84 11.76 5.74
N TRP A 223 35.12 12.75 6.57
CA TRP A 223 34.15 13.77 6.95
C TRP A 223 34.90 14.93 7.58
N THR A 224 34.19 16.03 7.81
CA THR A 224 34.77 17.21 8.44
C THR A 224 34.18 17.30 9.84
N ASN A 225 35.05 17.29 10.85
CA ASN A 225 34.65 17.38 12.23
C ASN A 225 34.11 18.77 12.58
N PRO A 226 33.31 18.87 13.63
CA PRO A 226 32.79 20.18 14.04
C PRO A 226 33.86 21.02 14.71
N SER A 227 33.73 22.34 14.55
CA SER A 227 34.69 23.31 15.09
C SER A 227 35.00 23.06 16.56
N ILE A 228 34.05 22.49 17.31
CA ILE A 228 34.20 22.24 18.75
C ILE A 228 35.41 21.37 19.08
N LYS A 229 36.12 20.82 18.09
CA LYS A 229 37.29 20.00 18.36
C LYS A 229 38.42 20.79 19.02
N SER A 230 38.37 22.11 18.99
CA SER A 230 39.41 22.94 19.61
C SER A 230 39.36 22.96 21.13
N VAL A 231 38.25 22.55 21.74
CA VAL A 231 38.11 22.58 23.19
C VAL A 231 38.07 21.18 23.79
N ILE A 232 37.43 20.23 23.12
CA ILE A 232 37.31 18.87 23.63
C ILE A 232 37.82 17.88 22.60
N ILE A 233 38.19 16.70 23.09
CA ILE A 233 38.62 15.61 22.24
C ILE A 233 37.39 14.79 21.87
N LEU A 234 37.22 14.54 20.58
CA LEU A 234 36.04 13.82 20.10
C LEU A 234 36.23 12.30 20.07
N LYS A 235 35.10 11.61 20.24
CA LYS A 235 34.98 10.17 20.19
C LYS A 235 33.87 9.92 19.19
N TYR A 236 33.88 8.75 18.54
CA TYR A 236 32.84 8.54 17.55
C TYR A 236 32.21 7.16 17.66
N ASN A 237 31.06 7.05 16.99
CA ASN A 237 30.31 5.81 16.84
C ASN A 237 29.98 5.72 15.37
N ILE A 238 30.54 4.74 14.67
CA ILE A 238 30.30 4.56 13.24
C ILE A 238 29.41 3.34 13.08
N GLN A 239 28.27 3.53 12.43
CA GLN A 239 27.34 2.46 12.17
C GLN A 239 27.26 2.23 10.66
N TYR A 240 27.04 0.98 10.29
CA TYR A 240 26.97 0.59 8.90
C TYR A 240 26.13 -0.67 8.74
N ARG A 241 25.53 -0.81 7.56
CA ARG A 241 24.69 -1.96 7.25
C ARG A 241 24.62 -2.07 5.74
N THR A 242 24.14 -3.22 5.27
CA THR A 242 23.99 -3.41 3.84
C THR A 242 22.73 -2.68 3.38
N LYS A 243 22.75 -2.25 2.12
CA LYS A 243 21.61 -1.53 1.55
C LYS A 243 20.27 -2.22 1.80
N ASP A 244 20.28 -3.54 2.04
CA ASP A 244 19.04 -4.28 2.26
C ASP A 244 18.84 -4.70 3.71
N ALA A 245 19.87 -4.63 4.55
CA ALA A 245 19.73 -4.99 5.96
C ALA A 245 18.67 -4.14 6.64
N SER A 246 18.08 -4.68 7.70
CA SER A 246 17.05 -3.96 8.44
C SER A 246 17.59 -3.27 9.69
N THR A 247 18.70 -3.74 10.23
CA THR A 247 19.31 -3.16 11.42
C THR A 247 20.72 -2.69 11.10
N TRP A 248 21.21 -1.77 11.91
CA TRP A 248 22.55 -1.23 11.77
C TRP A 248 23.55 -2.00 12.63
N SER A 249 24.77 -2.11 12.12
CA SER A 249 25.85 -2.72 12.89
C SER A 249 26.73 -1.59 13.40
N GLN A 250 27.73 -1.91 14.23
CA GLN A 250 28.56 -0.84 14.74
C GLN A 250 29.98 -1.31 14.98
N ILE A 251 30.94 -0.45 14.65
CA ILE A 251 32.37 -0.68 14.84
C ILE A 251 32.62 -0.67 16.34
N PRO A 252 33.54 -1.49 16.86
CA PRO A 252 33.80 -1.49 18.30
C PRO A 252 34.30 -0.13 18.76
N PRO A 253 33.61 0.50 19.70
CA PRO A 253 34.02 1.82 20.21
C PRO A 253 35.49 1.99 20.51
N GLU A 254 36.13 0.95 21.05
CA GLU A 254 37.55 1.04 21.39
C GLU A 254 38.41 1.40 20.18
N ASP A 255 38.02 0.97 18.99
CA ASP A 255 38.80 1.28 17.79
C ASP A 255 38.62 2.71 17.31
N THR A 256 37.55 3.38 17.73
CA THR A 256 37.24 4.77 17.38
C THR A 256 37.05 5.61 18.63
N ALA A 257 37.95 5.45 19.60
CA ALA A 257 37.88 6.13 20.89
C ALA A 257 38.64 7.45 20.94
N SER A 258 39.13 7.97 19.81
CA SER A 258 39.84 9.24 19.87
C SER A 258 39.67 9.99 18.55
N THR A 259 39.84 11.31 18.64
CA THR A 259 39.69 12.24 17.53
C THR A 259 40.35 11.73 16.25
N ARG A 260 39.61 11.83 15.15
CA ARG A 260 40.07 11.39 13.85
C ARG A 260 39.11 11.98 12.81
N SER A 261 39.55 12.00 11.57
CA SER A 261 38.73 12.55 10.49
C SER A 261 38.52 11.55 9.37
N SER A 262 38.85 10.27 9.59
CA SER A 262 38.68 9.26 8.56
C SER A 262 38.73 7.88 9.20
N PHE A 263 38.20 6.90 8.47
CA PHE A 263 38.21 5.52 8.93
C PHE A 263 37.94 4.63 7.73
N THR A 264 38.69 3.54 7.60
CA THR A 264 38.49 2.60 6.50
C THR A 264 37.75 1.37 7.02
N VAL A 265 36.55 1.13 6.50
CA VAL A 265 35.74 -0.01 6.90
C VAL A 265 36.13 -1.20 6.03
N GLN A 266 36.36 -2.35 6.68
CA GLN A 266 36.79 -3.57 6.04
C GLN A 266 35.78 -4.70 6.16
N ASP A 267 36.15 -5.79 5.48
CA ASP A 267 35.42 -7.04 5.39
C ASP A 267 34.01 -6.85 4.81
N LEU A 268 33.87 -5.94 3.86
CA LEU A 268 32.59 -5.72 3.21
C LEU A 268 32.57 -6.56 1.93
N LYS A 269 31.38 -7.01 1.55
CA LYS A 269 31.27 -7.86 0.35
C LYS A 269 31.54 -7.07 -0.93
N PRO A 270 32.17 -7.71 -1.92
CA PRO A 270 32.47 -7.04 -3.18
C PRO A 270 31.22 -6.59 -3.93
N PHE A 271 31.38 -5.54 -4.73
CA PHE A 271 30.32 -4.92 -5.52
C PHE A 271 28.97 -4.90 -4.79
N THR A 272 29.02 -4.50 -3.52
CA THR A 272 27.85 -4.40 -2.67
C THR A 272 27.68 -2.95 -2.24
N GLU A 273 26.44 -2.48 -2.14
CA GLU A 273 26.19 -1.10 -1.75
C GLU A 273 26.00 -1.03 -0.23
N TYR A 274 26.68 -0.08 0.40
CA TYR A 274 26.64 0.11 1.84
C TYR A 274 26.20 1.53 2.21
N VAL A 275 25.45 1.63 3.30
CA VAL A 275 24.97 2.91 3.82
C VAL A 275 25.64 3.14 5.18
N PHE A 276 26.11 4.37 5.41
CA PHE A 276 26.78 4.72 6.65
C PHE A 276 26.16 5.93 7.33
N ARG A 277 26.32 5.97 8.66
CA ARG A 277 25.86 7.07 9.51
C ARG A 277 26.78 7.14 10.71
N ILE A 278 27.07 8.36 11.18
CA ILE A 278 28.01 8.56 12.29
C ILE A 278 27.50 9.62 13.26
N ARG A 279 27.96 9.53 14.51
CA ARG A 279 27.63 10.47 15.57
C ARG A 279 28.86 10.62 16.47
N CYS A 280 28.92 11.72 17.22
CA CYS A 280 30.07 11.97 18.08
C CYS A 280 29.66 12.62 19.39
N MET A 281 30.55 12.53 20.37
CA MET A 281 30.39 13.15 21.69
C MET A 281 31.76 13.19 22.34
N LYS A 282 31.84 13.86 23.49
CA LYS A 282 33.10 13.97 24.23
C LYS A 282 33.70 12.59 24.48
N GLU A 283 35.01 12.49 24.29
CA GLU A 283 35.74 11.22 24.44
C GLU A 283 35.51 10.50 25.77
N ASP A 284 35.33 11.23 26.87
CA ASP A 284 35.13 10.55 28.15
C ASP A 284 33.70 10.12 28.41
N GLY A 285 32.80 10.25 27.46
CA GLY A 285 31.43 9.85 27.67
C GLY A 285 30.63 10.77 28.56
N LYS A 286 31.22 11.89 28.98
CA LYS A 286 30.56 12.87 29.84
C LYS A 286 30.00 13.97 28.95
N GLY A 287 28.70 13.94 28.73
CA GLY A 287 28.00 14.88 27.89
C GLY A 287 26.88 14.17 27.16
N TYR A 288 26.46 14.75 26.03
CA TYR A 288 25.38 14.20 25.24
C TYR A 288 25.81 13.87 23.82
N TRP A 289 25.31 12.74 23.33
CA TRP A 289 25.57 12.30 21.96
C TRP A 289 24.95 13.25 20.95
N SER A 290 25.69 13.54 19.88
CA SER A 290 25.17 14.40 18.84
C SER A 290 24.14 13.63 18.03
N ASP A 291 23.44 14.35 17.16
CA ASP A 291 22.49 13.66 16.30
C ASP A 291 23.24 12.88 15.22
N TRP A 292 22.51 12.02 14.51
CA TRP A 292 23.12 11.26 13.44
C TRP A 292 23.41 12.16 12.24
N SER A 293 24.53 11.90 11.59
CA SER A 293 24.92 12.63 10.40
C SER A 293 23.99 12.29 9.24
N GLU A 294 24.26 12.92 8.09
CA GLU A 294 23.51 12.65 6.89
C GLU A 294 23.86 11.25 6.41
N GLU A 295 22.91 10.58 5.76
CA GLU A 295 23.19 9.24 5.29
C GLU A 295 24.16 9.30 4.11
N ALA A 296 24.96 8.24 3.96
CA ALA A 296 25.93 8.13 2.90
C ALA A 296 25.84 6.76 2.23
N SER A 297 26.00 6.74 0.92
CA SER A 297 25.95 5.53 0.13
C SER A 297 27.29 5.30 -0.54
N GLY A 298 27.59 4.05 -0.83
CA GLY A 298 28.85 3.72 -1.49
C GLY A 298 28.75 2.36 -2.15
N ILE A 299 29.68 2.12 -3.07
CA ILE A 299 29.72 0.87 -3.83
C ILE A 299 31.13 0.30 -3.82
N THR A 300 31.25 -1.00 -3.59
CA THR A 300 32.53 -1.66 -3.61
C THR A 300 33.02 -1.81 -5.06
N TYR A 301 34.32 -2.02 -5.22
CA TYR A 301 34.88 -2.20 -6.56
C TYR A 301 34.53 -3.57 -7.12
N GLU A 302 34.76 -3.73 -8.42
CA GLU A 302 34.56 -5.00 -9.11
C GLU A 302 35.62 -6.01 -8.74
N ARG B 16 49.17 22.89 41.09
CA ARG B 16 47.97 23.44 41.70
C ARG B 16 46.76 23.25 40.81
N ALA B 17 45.67 22.76 41.39
CA ALA B 17 44.43 22.54 40.63
C ALA B 17 43.83 23.86 40.14
N GLU B 18 43.91 24.91 40.96
CA GLU B 18 43.40 26.21 40.55
C GLU B 18 44.17 26.79 39.38
N LEU B 19 45.50 26.63 39.38
CA LEU B 19 46.30 27.12 38.26
C LEU B 19 46.03 26.32 36.99
N ASP B 20 45.85 25.01 37.11
CA ASP B 20 45.50 24.19 35.95
C ASP B 20 44.25 24.69 35.24
N SER B 21 43.20 24.99 36.01
CA SER B 21 41.93 25.42 35.42
C SER B 21 42.08 26.75 34.68
N THR B 22 42.80 27.70 35.26
CA THR B 22 42.98 29.01 34.63
C THR B 22 43.76 28.92 33.33
N VAL B 23 44.76 28.04 33.27
CA VAL B 23 45.56 27.89 32.05
C VAL B 23 44.73 27.31 30.91
N LEU B 24 43.87 26.33 31.21
CA LEU B 24 43.00 25.76 30.17
C LEU B 24 42.12 26.81 29.52
N LEU B 25 41.54 27.71 30.31
CA LEU B 25 40.69 28.77 29.77
C LEU B 25 41.47 29.79 28.95
N THR B 26 42.72 30.08 29.32
CA THR B 26 43.51 31.02 28.54
C THR B 26 43.81 30.49 27.14
N ARG B 27 44.13 29.20 27.01
CA ARG B 27 44.35 28.63 25.68
C ARG B 27 43.11 28.73 24.81
N SER B 28 41.93 28.54 25.42
CA SER B 28 40.67 28.70 24.70
C SER B 28 40.48 30.11 24.16
N LEU B 29 40.74 31.11 24.99
CA LEU B 29 40.58 32.49 24.53
C LEU B 29 41.59 32.86 23.45
N LEU B 30 42.82 32.37 23.56
CA LEU B 30 43.82 32.62 22.53
C LEU B 30 43.36 32.09 21.17
N ALA B 31 42.83 30.87 21.15
CA ALA B 31 42.34 30.29 19.88
C ALA B 31 41.19 31.11 19.28
N ASP B 32 40.27 31.58 20.12
CA ASP B 32 39.17 32.40 19.60
C ASP B 32 39.69 33.69 18.98
N THR B 33 40.69 34.31 19.62
CA THR B 33 41.20 35.58 19.13
C THR B 33 41.94 35.41 17.81
N ARG B 34 42.76 34.37 17.70
CA ARG B 34 43.46 34.09 16.45
C ARG B 34 42.51 33.87 15.29
N GLN B 35 41.43 33.12 15.51
CA GLN B 35 40.51 32.83 14.40
C GLN B 35 39.82 34.09 13.91
N LEU B 36 39.36 34.94 14.82
CA LEU B 36 38.67 36.15 14.40
C LEU B 36 39.62 37.14 13.74
N ALA B 37 40.84 37.26 14.25
CA ALA B 37 41.83 38.12 13.60
C ALA B 37 42.16 37.64 12.19
N ALA B 38 42.27 36.32 11.99
CA ALA B 38 42.58 35.80 10.67
C ALA B 38 41.39 35.93 9.73
N GLN B 39 40.18 35.70 10.26
CA GLN B 39 38.96 35.90 9.50
C GLN B 39 38.85 37.35 9.02
N LEU B 40 39.20 38.30 9.90
CA LEU B 40 39.08 39.72 9.55
C LEU B 40 39.99 40.09 8.39
N ARG B 41 41.24 39.64 8.41
CA ARG B 41 42.15 40.00 7.33
C ARG B 41 41.71 39.39 5.99
N ASP B 42 41.01 38.26 6.02
CA ASP B 42 40.54 37.66 4.78
C ASP B 42 39.47 38.53 4.12
N LYS B 43 38.60 39.16 4.92
CA LYS B 43 37.50 39.98 4.41
C LYS B 43 37.89 41.44 4.24
N PHE B 44 38.72 41.96 5.14
CA PHE B 44 39.14 43.36 5.16
C PHE B 44 40.65 43.31 5.29
N PRO B 45 41.36 43.09 4.18
CA PRO B 45 42.83 43.00 4.26
C PRO B 45 43.46 44.24 4.87
N ALA B 46 44.61 44.02 5.51
CA ALA B 46 45.37 45.08 6.16
C ALA B 46 46.71 45.16 5.45
N ASP B 47 47.18 46.37 5.21
CA ASP B 47 48.47 46.60 4.55
C ASP B 47 49.43 47.34 5.50
N GLY B 48 50.20 46.59 6.27
CA GLY B 48 51.11 47.24 7.18
C GLY B 48 50.80 46.98 8.64
N ASP B 49 51.81 47.12 9.49
CA ASP B 49 51.59 46.91 10.91
C ASP B 49 51.02 48.18 11.53
N HIS B 50 49.84 48.05 12.12
CA HIS B 50 49.10 49.18 12.65
C HIS B 50 49.36 49.30 14.14
N ASN B 51 49.46 50.53 14.64
CA ASN B 51 49.67 50.75 16.05
C ASN B 51 48.71 51.81 16.55
N LEU B 52 48.52 51.84 17.86
CA LEU B 52 47.70 52.85 18.51
C LEU B 52 48.44 53.33 19.76
N ASP B 53 48.48 54.64 19.97
CA ASP B 53 49.19 55.13 21.14
C ASP B 53 48.52 54.66 22.42
N SER B 54 47.19 54.47 22.39
CA SER B 54 46.48 54.09 23.59
C SER B 54 46.62 52.60 23.91
N LEU B 55 47.18 51.80 22.97
CA LEU B 55 47.29 50.41 23.34
C LEU B 55 48.59 50.19 24.11
N PRO B 56 48.67 49.19 24.96
CA PRO B 56 49.93 48.98 25.68
C PRO B 56 50.96 48.53 24.65
N THR B 57 52.22 48.84 24.91
CA THR B 57 53.33 48.29 24.13
C THR B 57 54.33 47.63 25.07
N LEU B 58 53.78 46.86 26.00
CA LEU B 58 54.55 46.19 27.02
C LEU B 58 55.18 44.89 26.53
N ALA B 59 54.81 44.43 25.33
CA ALA B 59 55.28 43.13 24.82
C ALA B 59 56.69 43.33 24.27
N MET B 60 57.58 43.66 25.19
CA MET B 60 59.00 43.90 24.93
C MET B 60 59.85 42.88 25.68
N SER B 61 60.21 41.78 25.01
CA SER B 61 61.06 40.79 25.65
C SER B 61 61.45 39.72 24.64
N ALA B 62 62.52 39.01 24.99
CA ALA B 62 63.00 37.84 24.25
C ALA B 62 62.48 36.56 24.90
N GLY B 63 63.10 35.44 24.51
CA GLY B 63 62.79 34.09 24.96
C GLY B 63 62.96 33.85 26.45
N ALA B 64 64.20 33.98 26.93
CA ALA B 64 64.56 33.82 28.33
C ALA B 64 63.70 34.59 29.35
N LEU B 65 62.84 35.51 28.90
CA LEU B 65 62.06 36.33 29.85
C LEU B 65 61.31 35.51 30.88
N GLY B 66 61.16 34.19 30.67
CA GLY B 66 60.54 33.30 31.63
C GLY B 66 61.13 33.44 33.01
N ALA B 67 62.36 33.97 33.03
CA ALA B 67 63.18 34.04 34.22
C ALA B 67 62.47 34.81 35.32
N LEU B 68 61.75 35.87 34.95
CA LEU B 68 61.13 36.80 35.88
C LEU B 68 60.18 36.10 36.87
N GLN B 69 59.91 36.82 37.95
CA GLN B 69 59.13 36.40 39.10
C GLN B 69 57.63 36.63 38.96
N LEU B 70 56.89 35.92 39.83
CA LEU B 70 55.44 35.82 39.72
C LEU B 70 54.67 37.11 39.95
N PRO B 71 54.95 37.91 40.99
CA PRO B 71 54.15 39.13 41.20
C PRO B 71 54.13 40.07 40.01
N GLY B 72 55.27 40.29 39.36
CA GLY B 72 55.28 41.20 38.23
C GLY B 72 54.46 40.69 37.06
N VAL B 73 54.57 39.40 36.74
CA VAL B 73 53.82 38.80 35.64
C VAL B 73 52.30 38.94 35.85
N LEU B 74 51.80 38.61 37.05
CA LEU B 74 50.36 38.68 37.24
C LEU B 74 49.86 40.12 37.24
N THR B 75 50.61 41.01 37.88
CA THR B 75 50.27 42.43 37.87
C THR B 75 50.28 42.97 36.44
N ARG B 76 51.31 42.60 35.69
CA ARG B 76 51.47 43.04 34.32
C ARG B 76 50.36 42.51 33.41
N LEU B 77 50.00 41.24 33.56
CA LEU B 77 48.91 40.68 32.79
C LEU B 77 47.59 41.38 33.06
N ARG B 78 47.30 41.66 34.34
CA ARG B 78 46.06 42.32 34.73
C ARG B 78 45.91 43.71 34.12
N ALA B 79 46.99 44.51 34.15
CA ALA B 79 46.92 45.86 33.60
C ALA B 79 46.67 45.84 32.10
N ASP B 80 47.36 44.98 31.36
CA ASP B 80 47.21 44.94 29.92
C ASP B 80 45.80 44.51 29.50
N LEU B 81 45.29 43.45 30.13
CA LEU B 81 43.97 42.91 29.77
C LEU B 81 42.84 43.88 30.04
N LEU B 82 42.93 44.66 31.13
CA LEU B 82 41.90 45.67 31.38
C LEU B 82 41.86 46.71 30.27
N SER B 83 43.02 47.15 29.77
CA SER B 83 43.03 48.08 28.65
C SER B 83 42.42 47.44 27.41
N TYR B 84 42.77 46.18 27.14
CA TYR B 84 42.21 45.49 25.98
C TYR B 84 40.69 45.31 26.07
N LEU B 85 40.19 45.04 27.27
CA LEU B 85 38.74 44.91 27.44
C LEU B 85 38.02 46.20 27.09
N ARG B 86 38.54 47.33 27.59
CA ARG B 86 37.97 48.63 27.24
C ARG B 86 37.94 48.83 25.73
N HIS B 87 39.04 48.46 25.06
CA HIS B 87 39.14 48.69 23.61
C HIS B 87 38.23 47.77 22.81
N VAL B 88 38.09 46.52 23.23
CA VAL B 88 37.18 45.60 22.54
C VAL B 88 35.73 46.07 22.66
N GLN B 89 35.31 46.43 23.87
CA GLN B 89 33.95 46.93 24.08
C GLN B 89 33.72 48.22 23.30
N TRP B 90 34.71 49.11 23.32
CA TRP B 90 34.65 50.35 22.54
C TRP B 90 34.43 50.07 21.06
N LEU B 91 35.11 49.06 20.51
CA LEU B 91 34.95 48.72 19.10
C LEU B 91 33.51 48.32 18.76
N ARG B 92 32.88 47.50 19.61
CA ARG B 92 31.53 47.03 19.29
C ARG B 92 30.51 48.15 19.26
N ARG B 93 30.44 48.98 20.31
CA ARG B 93 29.35 49.95 20.39
C ARG B 93 29.50 51.08 19.38
N ALA B 94 30.71 51.36 18.91
CA ALA B 94 30.93 52.55 18.10
C ALA B 94 31.85 52.33 16.90
N GLY B 95 32.22 51.09 16.59
CA GLY B 95 33.15 50.87 15.49
C GLY B 95 32.57 51.16 14.11
N GLY B 96 31.26 51.25 14.00
CA GLY B 96 30.65 51.51 12.71
C GLY B 96 29.99 50.27 12.13
N SER B 97 29.00 50.52 11.27
CA SER B 97 28.24 49.41 10.69
C SER B 97 29.13 48.46 9.90
N SER B 98 30.30 48.93 9.46
CA SER B 98 31.18 48.08 8.67
C SER B 98 31.59 46.83 9.42
N LEU B 99 31.60 46.88 10.76
CA LEU B 99 32.13 45.79 11.57
C LEU B 99 31.05 44.96 12.21
N LYS B 100 29.78 45.18 11.87
CA LYS B 100 28.71 44.34 12.38
C LYS B 100 28.90 42.90 11.95
N THR B 101 29.61 42.67 10.84
CA THR B 101 29.89 41.31 10.38
C THR B 101 30.80 40.54 11.31
N LEU B 102 31.49 41.21 12.24
CA LEU B 102 32.36 40.51 13.16
C LEU B 102 31.62 40.01 14.39
N GLU B 103 30.36 40.36 14.53
CA GLU B 103 29.45 39.81 15.51
C GLU B 103 28.81 38.53 14.97
N PRO B 104 28.32 37.64 15.85
CA PRO B 104 28.30 37.82 17.30
C PRO B 104 29.60 37.37 17.92
N GLU B 105 30.57 37.00 17.07
CA GLU B 105 31.80 36.42 17.58
C GLU B 105 32.56 37.45 18.42
N LEU B 106 32.51 38.72 18.03
CA LEU B 106 33.23 39.75 18.78
C LEU B 106 32.61 39.96 20.15
N GLY B 107 31.27 39.93 20.23
CA GLY B 107 30.62 40.05 21.53
C GLY B 107 30.86 38.86 22.43
N THR B 108 30.92 37.66 21.86
CA THR B 108 31.26 36.49 22.64
C THR B 108 32.68 36.58 23.19
N LEU B 109 33.61 37.05 22.36
CA LEU B 109 34.99 37.26 22.80
C LEU B 109 35.08 38.25 23.96
N GLN B 110 34.34 39.35 23.88
CA GLN B 110 34.31 40.33 24.99
C GLN B 110 33.86 39.69 26.30
N ALA B 111 32.79 38.88 26.25
CA ALA B 111 32.26 38.30 27.48
C ALA B 111 33.23 37.32 28.13
N ARG B 112 33.96 36.52 27.34
CA ARG B 112 34.88 35.56 27.94
C ARG B 112 36.03 36.27 28.65
N LEU B 113 36.40 37.47 28.19
CA LEU B 113 37.57 38.16 28.71
C LEU B 113 37.32 38.84 30.05
N ASP B 114 36.15 39.46 30.23
CA ASP B 114 35.81 40.06 31.52
C ASP B 114 35.83 39.03 32.65
N ARG B 115 35.27 37.84 32.42
CA ARG B 115 35.26 36.81 33.46
C ARG B 115 36.67 36.34 33.80
N LEU B 116 37.53 36.18 32.81
CA LEU B 116 38.90 35.74 33.08
C LEU B 116 39.64 36.77 33.93
N LEU B 117 39.40 38.06 33.69
CA LEU B 117 39.98 39.07 34.58
C LEU B 117 39.51 38.84 36.01
N ARG B 118 38.23 38.51 36.18
CA ARG B 118 37.68 38.21 37.52
C ARG B 118 38.40 37.00 38.10
N ARG B 119 38.62 35.97 37.28
CA ARG B 119 39.29 34.74 37.73
C ARG B 119 40.70 35.07 38.20
N LEU B 120 41.37 36.02 37.54
CA LEU B 120 42.71 36.41 37.92
C LEU B 120 42.72 37.09 39.27
N GLN B 121 41.72 37.95 39.55
CA GLN B 121 41.65 38.58 40.86
C GLN B 121 41.41 37.53 41.93
N LEU B 122 40.61 36.50 41.63
CA LEU B 122 40.33 35.45 42.60
C LEU B 122 41.59 34.64 42.89
N LEU B 123 42.35 34.30 41.84
CA LEU B 123 43.61 33.59 42.01
C LEU B 123 44.52 34.32 42.98
N MET B 124 44.65 35.63 42.83
CA MET B 124 45.54 36.40 43.72
C MET B 124 45.00 36.40 45.14
N SER B 125 43.67 36.45 45.29
CA SER B 125 43.07 36.44 46.62
C SER B 125 43.28 35.10 47.31
N ARG B 126 42.99 34.00 46.59
CA ARG B 126 43.14 32.67 47.16
C ARG B 126 44.58 32.36 47.54
N LEU B 127 45.54 32.87 46.78
CA LEU B 127 46.95 32.70 47.12
C LEU B 127 47.49 33.76 48.06
N ALA B 128 46.64 34.67 48.54
CA ALA B 128 47.03 35.66 49.54
C ALA B 128 48.18 36.52 49.03
N LEU B 129 48.18 36.79 47.74
CA LEU B 129 49.20 37.63 47.16
C LEU B 129 48.86 39.11 47.36
N PRO B 130 49.88 39.96 47.49
CA PRO B 130 49.63 41.39 47.68
C PRO B 130 48.84 41.95 46.51
N GLN B 131 47.79 42.70 46.82
CA GLN B 131 47.16 43.09 45.57
C GLN B 131 47.81 44.37 45.07
N PRO B 132 47.97 44.51 43.75
CA PRO B 132 48.57 45.73 43.22
C PRO B 132 47.68 46.91 43.54
N PRO B 133 48.25 48.12 43.62
CA PRO B 133 47.42 49.28 43.85
C PRO B 133 46.56 49.60 42.64
N PRO B 134 45.33 50.02 42.87
CA PRO B 134 44.43 50.44 41.80
C PRO B 134 45.00 51.52 40.91
N ASP B 135 45.38 51.18 39.69
CA ASP B 135 46.04 52.15 38.85
C ASP B 135 44.98 53.09 38.27
N PRO B 136 45.38 54.27 37.82
CA PRO B 136 44.41 55.22 37.27
C PRO B 136 43.96 54.81 35.88
N PRO B 137 42.65 54.60 35.71
CA PRO B 137 42.12 54.14 34.42
C PRO B 137 42.42 55.12 33.30
N ALA B 138 42.61 54.56 32.11
CA ALA B 138 43.01 55.35 30.96
C ALA B 138 41.84 56.18 30.46
N PRO B 139 42.11 57.39 29.96
CA PRO B 139 41.03 58.25 29.48
C PRO B 139 40.29 57.61 28.31
N PRO B 140 39.15 58.17 27.91
CA PRO B 140 38.37 57.53 26.86
C PRO B 140 39.10 57.53 25.53
N LEU B 141 38.84 56.50 24.74
CA LEU B 141 39.40 56.46 23.40
C LEU B 141 38.53 57.39 22.58
N ALA B 142 39.17 58.24 21.77
CA ALA B 142 38.39 59.06 20.86
C ALA B 142 37.62 58.15 19.91
N PRO B 143 36.44 58.57 19.46
CA PRO B 143 35.73 57.78 18.45
C PRO B 143 36.53 57.72 17.18
N PRO B 144 36.32 56.71 16.35
CA PRO B 144 37.05 56.66 15.07
C PRO B 144 36.72 57.86 14.21
N SER B 145 37.70 58.27 13.41
CA SER B 145 37.50 59.43 12.54
C SER B 145 36.70 59.07 11.30
N SER B 146 36.56 57.78 11.03
CA SER B 146 35.83 57.27 9.89
C SER B 146 35.53 55.81 10.15
N ALA B 147 34.64 55.24 9.33
CA ALA B 147 34.31 53.83 9.47
C ALA B 147 35.53 52.97 9.20
N TRP B 148 36.32 53.33 8.19
CA TRP B 148 37.53 52.58 7.85
C TRP B 148 38.61 52.76 8.89
N GLY B 149 38.67 53.92 9.55
CA GLY B 149 39.60 54.10 10.64
C GLY B 149 39.33 53.12 11.78
N GLY B 150 38.06 52.79 12.01
CA GLY B 150 37.73 51.79 13.01
C GLY B 150 38.21 50.41 12.60
N ILE B 151 38.08 50.08 11.31
CA ILE B 151 38.58 48.81 10.79
C ILE B 151 40.10 48.73 10.95
N ARG B 152 40.80 49.82 10.61
CA ARG B 152 42.25 49.84 10.77
C ARG B 152 42.65 49.67 12.23
N ALA B 153 41.85 50.25 13.13
CA ALA B 153 42.08 50.14 14.57
C ALA B 153 41.92 48.70 15.06
N ALA B 154 40.93 47.99 14.51
CA ALA B 154 40.70 46.59 14.84
C ALA B 154 41.91 45.71 14.53
N HIS B 155 42.58 45.91 13.39
CA HIS B 155 43.77 45.11 13.11
C HIS B 155 44.84 45.32 14.18
N ALA B 156 45.05 46.56 14.62
CA ALA B 156 46.05 46.82 15.65
C ALA B 156 45.66 46.17 16.97
N ILE B 157 44.37 46.23 17.32
CA ILE B 157 43.87 45.71 18.59
C ILE B 157 43.96 44.18 18.63
N LEU B 158 43.47 43.52 17.58
CA LEU B 158 43.48 42.05 17.57
C LEU B 158 44.90 41.51 17.51
N GLY B 159 45.78 42.13 16.73
CA GLY B 159 47.16 41.67 16.70
C GLY B 159 47.83 41.84 18.05
N GLY B 160 47.58 42.97 18.71
CA GLY B 160 48.17 43.20 20.01
C GLY B 160 47.59 42.27 21.07
N LEU B 161 46.30 41.98 20.96
CA LEU B 161 45.65 41.06 21.91
C LEU B 161 46.21 39.65 21.80
N HIS B 162 46.24 39.11 20.58
CA HIS B 162 46.67 37.72 20.44
C HIS B 162 48.15 37.56 20.80
N LEU B 163 48.94 38.63 20.65
CA LEU B 163 50.33 38.54 21.07
C LEU B 163 50.41 38.49 22.60
N THR B 164 49.61 39.32 23.27
CA THR B 164 49.55 39.33 24.73
C THR B 164 49.13 37.96 25.26
N LEU B 165 48.12 37.36 24.64
CA LEU B 165 47.61 36.05 25.05
C LEU B 165 48.62 34.96 24.78
N ASP B 166 49.35 35.06 23.66
CA ASP B 166 50.38 34.07 23.37
C ASP B 166 51.45 34.04 24.45
N TRP B 167 51.88 35.22 24.90
CA TRP B 167 52.89 35.31 25.96
C TRP B 167 52.29 34.97 27.33
N ALA B 168 50.98 35.17 27.50
CA ALA B 168 50.28 34.77 28.72
C ALA B 168 50.25 33.27 28.93
N VAL B 169 49.89 32.50 27.90
CA VAL B 169 49.89 31.04 28.01
C VAL B 169 51.27 30.54 28.46
N ARG B 170 52.32 31.03 27.81
CA ARG B 170 53.67 30.59 28.11
C ARG B 170 54.06 30.91 29.55
N GLY B 171 53.79 32.13 30.00
CA GLY B 171 54.19 32.55 31.33
C GLY B 171 53.53 31.73 32.43
N LEU B 172 52.24 31.48 32.29
CA LEU B 172 51.51 30.75 33.33
C LEU B 172 52.06 29.32 33.46
N LEU B 173 52.44 28.72 32.33
CA LEU B 173 53.01 27.38 32.34
C LEU B 173 54.37 27.35 33.03
N LEU B 174 55.15 28.43 32.88
CA LEU B 174 56.45 28.51 33.55
C LEU B 174 56.32 28.53 35.06
N LEU B 175 55.36 29.29 35.61
CA LEU B 175 55.21 29.31 37.05
C LEU B 175 54.95 27.92 37.60
N LYS B 176 54.11 27.13 36.93
CA LYS B 176 53.86 25.78 37.42
C LYS B 176 55.18 25.02 37.57
N THR B 177 56.12 25.26 36.64
CA THR B 177 57.40 24.56 36.67
C THR B 177 58.22 24.88 37.92
N ARG B 178 57.94 25.98 38.63
CA ARG B 178 58.71 26.34 39.82
C ARG B 178 57.95 26.06 41.12
N LEU B 179 56.87 26.79 41.38
CA LEU B 179 55.97 26.46 42.48
C LEU B 179 54.76 25.66 42.03
N PRO C 3 95.61 62.45 -3.55
CA PRO C 3 95.86 61.80 -4.85
C PRO C 3 94.59 61.62 -5.70
N CYS C 4 94.06 60.41 -5.89
CA CYS C 4 92.83 60.22 -6.63
C CYS C 4 91.90 59.33 -5.83
N PRO C 5 90.58 59.31 -6.14
CA PRO C 5 89.68 58.43 -5.38
C PRO C 5 90.25 57.03 -5.33
N GLN C 6 90.53 56.55 -4.12
CA GLN C 6 91.00 55.18 -3.94
C GLN C 6 90.03 54.13 -4.48
N ALA C 7 90.60 53.04 -4.98
CA ALA C 7 89.87 52.06 -5.80
C ALA C 7 88.88 51.27 -4.95
N TRP C 8 88.19 50.33 -5.59
CA TRP C 8 87.16 49.52 -4.96
C TRP C 8 87.69 48.13 -4.63
N GLY C 9 88.01 47.38 -5.68
CA GLY C 9 88.64 46.09 -5.58
C GLY C 9 90.14 46.16 -5.69
N PRO C 10 90.69 45.61 -6.76
CA PRO C 10 92.15 45.63 -6.96
C PRO C 10 92.67 47.05 -7.00
N PRO C 11 93.97 47.25 -6.78
CA PRO C 11 94.46 48.59 -6.43
C PRO C 11 94.66 49.53 -7.61
N GLY C 12 94.68 49.02 -8.83
CA GLY C 12 94.97 49.87 -9.97
C GLY C 12 93.97 49.80 -11.10
N VAL C 13 92.73 49.44 -10.79
CA VAL C 13 91.68 49.30 -11.78
C VAL C 13 90.50 50.18 -11.35
N GLN C 14 89.86 50.82 -12.33
CA GLN C 14 88.68 51.62 -12.08
C GLN C 14 87.56 51.15 -13.00
N TYR C 15 86.34 51.60 -12.69
CA TYR C 15 85.15 51.06 -13.30
C TYR C 15 84.30 52.20 -13.86
N GLY C 16 83.42 51.86 -14.79
CA GLY C 16 82.52 52.87 -15.35
C GLY C 16 81.29 52.24 -15.94
N GLN C 17 80.31 53.11 -16.20
CA GLN C 17 79.01 52.83 -16.80
C GLN C 17 78.94 53.39 -18.22
N PRO C 18 78.35 52.63 -19.15
CA PRO C 18 78.14 53.14 -20.51
C PRO C 18 77.37 54.44 -20.51
N GLY C 19 77.61 55.25 -21.55
CA GLY C 19 76.93 56.51 -21.65
C GLY C 19 77.27 57.55 -20.60
N ARG C 20 78.16 57.26 -19.66
CA ARG C 20 78.53 58.22 -18.64
C ARG C 20 79.84 58.89 -18.99
N SER C 21 80.41 59.56 -17.99
CA SER C 21 81.76 60.09 -18.04
C SER C 21 82.54 59.23 -17.07
N VAL C 22 83.73 58.79 -17.46
CA VAL C 22 84.56 57.97 -16.60
C VAL C 22 85.91 58.63 -16.45
N LYS C 23 86.45 58.59 -15.24
CA LYS C 23 87.61 59.38 -14.85
C LYS C 23 88.66 58.42 -14.31
N LEU C 24 89.66 58.13 -15.13
CA LEU C 24 90.72 57.23 -14.73
C LEU C 24 91.80 58.03 -14.04
N CYS C 25 92.47 57.42 -13.07
CA CYS C 25 93.53 58.09 -12.35
C CYS C 25 94.79 57.24 -12.50
N CYS C 26 95.95 57.89 -12.44
CA CYS C 26 97.19 57.13 -12.47
C CYS C 26 97.54 56.71 -11.06
N PRO C 27 97.56 55.41 -10.76
CA PRO C 27 97.67 54.97 -9.36
C PRO C 27 98.93 55.46 -8.65
N GLY C 28 100.11 55.11 -9.17
CA GLY C 28 101.30 55.46 -8.44
C GLY C 28 101.93 56.78 -8.85
N VAL C 29 101.11 57.83 -8.91
CA VAL C 29 101.58 59.17 -9.26
C VAL C 29 100.94 60.18 -8.32
N THR C 30 101.76 61.09 -7.78
CA THR C 30 101.28 62.14 -6.90
C THR C 30 100.27 63.03 -7.63
N ALA C 31 99.14 63.31 -7.00
CA ALA C 31 98.15 64.21 -7.58
C ALA C 31 98.77 65.58 -7.81
N GLY C 32 98.80 66.00 -9.07
CA GLY C 32 99.45 67.23 -9.47
C GLY C 32 100.62 67.01 -10.40
N ASP C 33 101.13 65.79 -10.49
CA ASP C 33 102.20 65.50 -11.43
C ASP C 33 101.58 65.34 -12.82
N PRO C 34 102.10 66.03 -13.83
CA PRO C 34 101.62 65.77 -15.19
C PRO C 34 102.03 64.38 -15.65
N VAL C 35 101.10 63.71 -16.35
CA VAL C 35 101.29 62.34 -16.79
C VAL C 35 100.70 62.21 -18.18
N SER C 36 101.19 61.22 -18.91
CA SER C 36 100.75 60.93 -20.25
C SER C 36 99.97 59.62 -20.31
N TRP C 37 99.01 59.56 -21.24
CA TRP C 37 98.10 58.43 -21.39
C TRP C 37 98.18 57.84 -22.80
N PHE C 38 98.11 56.51 -22.89
CA PHE C 38 98.07 55.84 -24.18
C PHE C 38 97.05 54.72 -24.18
N ARG C 39 96.53 54.42 -25.36
CA ARG C 39 95.71 53.24 -25.59
C ARG C 39 96.64 52.09 -25.96
N ASP C 40 96.32 50.88 -25.51
CA ASP C 40 97.28 49.80 -25.71
C ASP C 40 97.50 49.59 -27.20
N GLY C 41 98.76 49.64 -27.63
CA GLY C 41 99.07 49.47 -29.03
C GLY C 41 98.88 50.70 -29.87
N GLU C 42 98.43 51.80 -29.28
CA GLU C 42 98.14 53.05 -30.00
C GLU C 42 98.88 54.21 -29.35
N PRO C 43 99.73 54.93 -30.10
CA PRO C 43 100.64 55.91 -29.48
C PRO C 43 100.01 57.24 -29.14
N LYS C 44 98.76 57.48 -29.53
CA LYS C 44 98.14 58.79 -29.37
C LYS C 44 97.94 59.21 -27.91
N LEU C 45 98.46 60.40 -27.56
CA LEU C 45 98.24 60.96 -26.22
C LEU C 45 96.77 61.29 -26.07
N LEU C 46 96.11 60.66 -25.10
CA LEU C 46 94.69 60.91 -24.97
C LEU C 46 94.39 62.16 -24.14
N GLN C 47 93.27 62.77 -24.48
CA GLN C 47 92.73 63.99 -23.90
C GLN C 47 91.39 63.63 -23.23
N GLY C 48 90.77 64.61 -22.59
CA GLY C 48 89.52 64.45 -21.84
C GLY C 48 88.93 65.83 -21.71
N PRO C 49 87.54 66.05 -21.49
CA PRO C 49 86.94 67.41 -21.30
C PRO C 49 87.61 68.53 -20.45
N ASP C 50 88.31 68.32 -19.33
CA ASP C 50 88.96 69.47 -18.68
C ASP C 50 90.35 69.79 -19.29
N SER C 51 90.48 70.51 -20.47
CA SER C 51 91.72 70.93 -21.29
C SER C 51 92.84 70.07 -21.96
N GLY C 52 93.54 69.15 -21.26
CA GLY C 52 94.62 68.26 -21.77
C GLY C 52 95.89 67.78 -21.04
N LEU C 53 96.13 68.01 -19.74
CA LEU C 53 97.38 67.51 -19.11
C LEU C 53 97.05 67.48 -17.62
N GLY C 54 96.47 66.39 -17.14
CA GLY C 54 96.19 66.42 -15.72
C GLY C 54 96.83 65.27 -14.95
N HIS C 55 96.12 64.83 -13.92
CA HIS C 55 96.47 63.60 -13.24
C HIS C 55 95.48 62.49 -13.60
N GLU C 56 94.43 62.82 -14.37
CA GLU C 56 93.35 61.88 -14.61
C GLU C 56 92.80 62.02 -16.02
N LEU C 57 92.76 60.90 -16.75
CA LEU C 57 92.10 60.87 -18.05
C LEU C 57 90.60 60.70 -17.86
N VAL C 58 89.81 61.36 -18.69
CA VAL C 58 88.35 61.23 -18.63
C VAL C 58 87.84 60.82 -20.00
N LEU C 59 86.83 59.94 -20.01
CA LEU C 59 86.16 59.48 -21.23
C LEU C 59 84.67 59.73 -21.10
N ALA C 60 84.15 60.67 -21.89
CA ALA C 60 82.71 60.84 -22.05
C ALA C 60 82.09 59.86 -23.04
N GLN C 61 82.88 59.33 -23.99
CA GLN C 61 82.42 58.26 -24.89
C GLN C 61 81.70 57.18 -24.08
N ALA C 62 82.43 56.47 -23.22
CA ALA C 62 82.00 55.23 -22.58
C ALA C 62 81.10 54.33 -23.42
N ASP C 63 81.68 53.61 -24.38
CA ASP C 63 80.99 52.53 -25.07
C ASP C 63 81.89 51.29 -25.03
N SER C 64 81.42 50.19 -25.62
CA SER C 64 82.09 48.91 -25.43
C SER C 64 83.50 48.90 -26.02
N THR C 65 83.72 49.62 -27.12
CA THR C 65 85.05 49.69 -27.72
C THR C 65 86.07 50.34 -26.78
N ASP C 66 85.60 51.10 -25.80
CA ASP C 66 86.43 51.76 -24.79
C ASP C 66 86.82 50.86 -23.64
N GLU C 67 86.37 49.61 -23.63
CA GLU C 67 86.74 48.66 -22.58
C GLU C 67 88.05 47.99 -22.94
N GLY C 68 89.00 48.04 -22.02
CA GLY C 68 90.31 47.46 -22.23
C GLY C 68 91.32 48.02 -21.23
N THR C 69 92.59 47.96 -21.62
CA THR C 69 93.69 48.39 -20.76
C THR C 69 94.26 49.74 -21.21
N TYR C 70 94.45 50.63 -20.25
CA TYR C 70 94.98 51.97 -20.48
C TYR C 70 96.30 52.09 -19.72
N ILE C 71 97.24 52.86 -20.27
CA ILE C 71 98.53 53.11 -19.63
C ILE C 71 98.74 54.59 -19.38
N CYS C 72 99.15 54.93 -18.16
CA CYS C 72 99.55 56.29 -17.81
C CYS C 72 101.01 56.28 -17.40
N GLN C 73 101.77 57.27 -17.86
CA GLN C 73 103.17 57.39 -17.47
C GLN C 73 103.57 58.86 -17.35
N THR C 74 104.47 59.13 -16.40
CA THR C 74 104.99 60.48 -16.24
C THR C 74 105.91 60.82 -17.43
N LEU C 75 106.14 62.13 -17.63
CA LEU C 75 106.92 62.58 -18.77
C LEU C 75 108.37 62.09 -18.75
N ASP C 76 108.88 61.64 -17.60
CA ASP C 76 110.24 61.11 -17.57
C ASP C 76 110.36 59.76 -18.26
N GLY C 77 109.25 59.05 -18.46
CA GLY C 77 109.24 57.72 -19.03
C GLY C 77 108.90 56.67 -18.02
N ALA C 78 108.90 57.03 -16.73
CA ALA C 78 108.59 56.09 -15.67
C ALA C 78 107.12 55.70 -15.73
N LEU C 79 106.85 54.40 -15.62
CA LEU C 79 105.49 53.88 -15.63
C LEU C 79 104.85 54.18 -14.28
N GLY C 80 103.92 55.14 -14.26
CA GLY C 80 103.28 55.53 -13.03
C GLY C 80 102.13 54.64 -12.63
N GLY C 81 101.79 53.69 -13.49
CA GLY C 81 100.73 52.74 -13.25
C GLY C 81 99.90 52.39 -14.47
N THR C 82 99.02 51.41 -14.30
CA THR C 82 98.16 50.89 -15.34
C THR C 82 96.73 50.82 -14.80
N VAL C 83 95.75 51.11 -15.65
CA VAL C 83 94.36 50.98 -15.23
C VAL C 83 93.59 50.24 -16.32
N THR C 84 92.63 49.44 -15.87
CA THR C 84 91.75 48.68 -16.76
C THR C 84 90.32 49.19 -16.59
N LEU C 85 89.70 49.59 -17.70
CA LEU C 85 88.31 50.06 -17.66
C LEU C 85 87.43 48.87 -18.02
N GLN C 86 86.66 48.40 -17.05
CA GLN C 86 85.62 47.40 -17.25
C GLN C 86 84.25 48.05 -17.10
N LEU C 87 83.39 47.86 -18.09
CA LEU C 87 82.08 48.50 -18.11
C LEU C 87 81.03 47.56 -17.55
N GLY C 88 80.02 48.16 -16.93
CA GLY C 88 78.97 47.39 -16.30
C GLY C 88 77.77 48.26 -15.99
N TYR C 89 76.97 47.78 -15.04
CA TYR C 89 75.72 48.40 -14.67
C TYR C 89 75.58 48.31 -13.16
N PRO C 90 74.87 49.25 -12.54
CA PRO C 90 74.64 49.18 -11.10
C PRO C 90 73.95 47.90 -10.71
N PRO C 91 74.03 47.49 -9.44
CA PRO C 91 73.46 46.21 -9.04
C PRO C 91 71.95 46.29 -9.06
N ALA C 92 71.33 45.14 -9.34
CA ALA C 92 69.90 45.02 -9.14
C ALA C 92 69.56 44.76 -7.68
N ARG C 93 68.29 44.96 -7.37
CA ARG C 93 67.78 44.70 -6.02
C ARG C 93 68.01 43.23 -5.71
N PRO C 94 68.65 42.89 -4.59
CA PRO C 94 68.84 41.48 -4.25
C PRO C 94 67.56 40.82 -3.74
N VAL C 95 67.57 39.49 -3.77
CA VAL C 95 66.45 38.68 -3.33
C VAL C 95 66.80 38.13 -1.96
N VAL C 96 65.96 38.38 -0.96
CA VAL C 96 66.28 38.06 0.42
C VAL C 96 65.17 37.19 0.99
N SER C 97 65.57 36.16 1.73
CA SER C 97 64.68 35.29 2.48
C SER C 97 65.26 35.09 3.87
N CYS C 98 64.39 34.91 4.85
CA CYS C 98 64.81 34.54 6.19
C CYS C 98 64.09 33.27 6.62
N GLN C 99 64.61 32.65 7.68
CA GLN C 99 64.02 31.44 8.23
C GLN C 99 64.40 31.32 9.70
N ALA C 100 63.75 30.39 10.40
CA ALA C 100 64.02 30.14 11.81
C ALA C 100 63.46 28.77 12.17
N ALA C 101 64.34 27.88 12.64
CA ALA C 101 63.92 26.55 13.08
C ALA C 101 63.82 26.44 14.59
N ASP C 102 64.03 27.52 15.32
CA ASP C 102 63.85 27.53 16.77
C ASP C 102 63.24 28.87 17.19
N TYR C 103 62.90 28.97 18.48
CA TYR C 103 62.20 30.14 18.99
C TYR C 103 63.14 31.21 19.54
N GLU C 104 64.46 30.97 19.54
CA GLU C 104 65.39 31.93 20.11
C GLU C 104 66.12 32.74 19.06
N ASN C 105 66.75 32.06 18.10
CA ASN C 105 67.59 32.69 17.11
C ASN C 105 66.96 32.50 15.73
N PHE C 106 67.26 33.42 14.80
CA PHE C 106 66.92 33.20 13.40
C PHE C 106 68.04 33.68 12.50
N SER C 107 67.93 33.36 11.22
CA SER C 107 68.99 33.61 10.25
C SER C 107 68.37 33.85 8.89
N CYS C 108 69.06 34.66 8.08
CA CYS C 108 68.60 35.09 6.77
C CYS C 108 69.70 34.87 5.75
N THR C 109 69.30 34.69 4.50
CA THR C 109 70.24 34.51 3.39
C THR C 109 69.80 35.38 2.22
N TRP C 110 70.73 35.58 1.28
CA TRP C 110 70.46 36.47 0.16
C TRP C 110 71.22 36.02 -1.07
N SER C 111 70.62 36.30 -2.23
CA SER C 111 71.13 36.02 -3.56
C SER C 111 70.99 37.26 -4.42
N PRO C 112 71.94 37.50 -5.33
CA PRO C 112 71.73 38.54 -6.35
C PRO C 112 70.56 38.16 -7.25
N SER C 113 69.75 39.15 -7.61
CA SER C 113 68.68 38.95 -8.59
C SER C 113 69.19 39.06 -10.02
N GLN C 114 70.42 39.52 -10.20
CA GLN C 114 71.06 39.72 -11.49
C GLN C 114 72.55 39.82 -11.22
N ILE C 115 73.35 39.19 -12.09
CA ILE C 115 74.79 39.20 -11.95
C ILE C 115 75.35 40.27 -12.88
N SER C 116 76.25 41.10 -12.37
CA SER C 116 76.83 42.17 -13.16
C SER C 116 78.18 41.81 -13.76
N GLY C 117 78.86 40.81 -13.23
CA GLY C 117 80.20 40.49 -13.68
C GLY C 117 81.26 41.33 -13.02
N LEU C 118 80.88 42.14 -12.04
CA LEU C 118 81.69 43.05 -11.26
C LEU C 118 81.77 42.57 -9.83
N PRO C 119 82.85 42.88 -9.11
CA PRO C 119 82.93 42.44 -7.71
C PRO C 119 81.79 43.06 -6.91
N THR C 120 81.28 42.28 -5.95
CA THR C 120 80.03 42.62 -5.29
C THR C 120 80.19 42.27 -3.82
N ARG C 121 79.56 43.05 -2.95
CA ARG C 121 79.49 42.66 -1.55
C ARG C 121 78.28 43.31 -0.90
N TYR C 122 77.91 42.77 0.26
CA TYR C 122 76.65 43.08 0.92
C TYR C 122 76.89 43.61 2.33
N LEU C 123 76.15 44.66 2.68
CA LEU C 123 76.09 45.16 4.05
C LEU C 123 74.73 44.79 4.62
N THR C 124 74.73 44.19 5.81
CA THR C 124 73.52 43.72 6.44
C THR C 124 73.37 44.29 7.83
N SER C 125 72.14 44.65 8.17
CA SER C 125 71.81 45.29 9.44
C SER C 125 70.31 45.18 9.63
N TYR C 126 69.85 45.56 10.82
CA TYR C 126 68.42 45.47 11.13
C TYR C 126 68.09 46.35 12.32
N ARG C 127 66.82 46.74 12.39
CA ARG C 127 66.34 47.54 13.51
C ARG C 127 64.96 47.06 13.93
N LYS C 128 64.58 47.45 15.13
CA LYS C 128 63.27 47.13 15.71
C LYS C 128 62.37 48.36 15.58
N LYS C 129 61.31 48.25 14.79
CA LYS C 129 60.37 49.37 14.72
C LYS C 129 59.58 49.40 16.02
N THR C 130 59.36 50.61 16.56
CA THR C 130 58.61 50.77 17.80
C THR C 130 57.18 51.26 17.59
N VAL C 131 57.03 52.46 17.05
CA VAL C 131 55.71 53.05 16.85
C VAL C 131 55.57 53.52 15.41
N PRO C 141 68.08 51.42 25.87
CA PRO C 141 68.00 50.38 24.85
C PRO C 141 68.01 50.91 23.42
N SER C 142 69.21 50.98 22.83
CA SER C 142 69.39 51.48 21.48
C SER C 142 68.75 50.52 20.48
N THR C 143 67.45 50.70 20.22
CA THR C 143 66.76 49.89 19.22
C THR C 143 66.96 50.40 17.79
N GLY C 144 67.99 51.21 17.57
CA GLY C 144 68.30 51.78 16.28
C GLY C 144 68.80 50.70 15.34
N PRO C 145 69.70 51.07 14.42
CA PRO C 145 70.23 50.08 13.47
C PRO C 145 71.32 49.26 14.14
N TRP C 146 71.17 47.93 14.10
CA TRP C 146 72.15 47.01 14.66
C TRP C 146 72.73 46.15 13.56
N PRO C 147 74.06 46.01 13.47
CA PRO C 147 74.64 45.21 12.38
C PRO C 147 74.30 43.73 12.54
N CYS C 148 74.11 43.06 11.40
CA CYS C 148 73.92 41.62 11.35
C CYS C 148 75.22 40.95 10.91
N PRO C 149 76.04 40.41 11.80
CA PRO C 149 77.37 39.96 11.39
C PRO C 149 77.27 38.69 10.55
N GLN C 150 78.08 38.61 9.51
CA GLN C 150 78.10 37.44 8.63
C GLN C 150 79.07 36.40 9.19
N ASP C 151 78.54 35.28 9.67
CA ASP C 151 79.32 34.42 10.56
C ASP C 151 80.60 33.82 9.94
N PRO C 152 80.58 32.81 9.00
CA PRO C 152 81.86 32.40 8.42
C PRO C 152 82.27 33.26 7.23
N LEU C 153 83.48 33.83 7.26
CA LEU C 153 84.10 34.51 6.12
C LEU C 153 83.21 35.70 5.78
N GLY C 154 82.57 35.73 4.61
CA GLY C 154 81.57 36.73 4.31
C GLY C 154 80.42 36.06 3.58
N ALA C 155 79.93 34.98 4.18
CA ALA C 155 78.94 34.14 3.53
C ALA C 155 77.62 34.90 3.37
N ALA C 156 76.71 34.29 2.62
CA ALA C 156 75.37 34.87 2.43
C ALA C 156 74.43 34.47 3.56
N ARG C 157 74.86 34.69 4.80
CA ARG C 157 74.04 34.32 5.96
C ARG C 157 74.53 35.09 7.18
N CYS C 158 73.58 35.66 7.93
CA CYS C 158 73.86 36.25 9.24
C CYS C 158 72.88 35.68 10.25
N VAL C 159 73.29 35.70 11.53
CA VAL C 159 72.48 35.15 12.61
C VAL C 159 72.24 36.22 13.67
N VAL C 160 71.01 36.26 14.18
CA VAL C 160 70.61 37.14 15.27
C VAL C 160 70.27 36.28 16.47
N HIS C 161 71.01 36.45 17.56
CA HIS C 161 70.75 35.67 18.76
C HIS C 161 69.94 36.51 19.73
N GLY C 162 69.15 35.82 20.55
CA GLY C 162 68.37 36.46 21.58
C GLY C 162 67.44 37.52 21.03
N ALA C 163 66.71 37.18 19.98
CA ALA C 163 65.74 38.10 19.38
C ALA C 163 64.45 38.07 20.18
N GLU C 164 63.77 39.21 20.22
CA GLU C 164 62.45 39.26 20.83
C GLU C 164 61.42 38.50 20.01
N PHE C 165 60.72 37.57 20.65
CA PHE C 165 59.88 36.64 19.90
C PHE C 165 58.70 37.36 19.26
N TRP C 166 58.09 38.30 19.98
CA TRP C 166 56.88 38.98 19.53
C TRP C 166 57.14 40.30 18.83
N SER C 167 58.32 40.88 18.98
CA SER C 167 58.61 42.15 18.35
C SER C 167 58.83 41.96 16.86
N GLN C 168 58.72 43.07 16.13
CA GLN C 168 58.89 43.06 14.69
C GLN C 168 60.22 43.71 14.36
N TYR C 169 60.91 43.13 13.40
CA TYR C 169 62.24 43.52 12.98
C TYR C 169 62.18 43.85 11.50
N ARG C 170 62.96 44.84 11.10
CA ARG C 170 63.05 45.22 9.70
C ARG C 170 64.47 44.84 9.33
N ILE C 171 64.60 43.83 8.48
CA ILE C 171 65.90 43.30 8.12
C ILE C 171 66.36 44.10 6.91
N ASN C 172 67.63 44.46 6.93
CA ASN C 172 68.21 45.35 5.94
C ASN C 172 69.41 44.74 5.23
N VAL C 173 69.22 44.27 4.01
CA VAL C 173 70.33 43.86 3.17
C VAL C 173 70.52 44.93 2.09
N THR C 174 71.69 45.55 2.06
CA THR C 174 71.96 46.62 1.10
C THR C 174 73.12 46.18 0.22
N GLU C 175 72.87 46.08 -1.08
CA GLU C 175 73.91 45.79 -2.05
C GLU C 175 74.54 47.08 -2.56
N VAL C 176 75.87 47.09 -2.62
CA VAL C 176 76.66 48.22 -3.09
C VAL C 176 77.69 47.70 -4.08
N ASN C 177 77.87 48.42 -5.19
CA ASN C 177 78.99 48.09 -6.05
C ASN C 177 79.80 49.36 -6.34
N PRO C 178 80.90 49.31 -7.14
CA PRO C 178 81.71 50.52 -7.30
C PRO C 178 81.00 51.68 -7.98
N LEU C 179 79.77 51.46 -8.45
CA LEU C 179 79.05 52.46 -9.19
C LEU C 179 77.76 52.92 -8.53
N GLY C 180 77.36 52.32 -7.43
CA GLY C 180 76.16 52.70 -6.73
C GLY C 180 75.71 51.62 -5.77
N ALA C 181 74.47 51.77 -5.28
CA ALA C 181 73.96 50.91 -4.24
C ALA C 181 72.48 50.62 -4.44
N SER C 182 72.03 49.50 -3.86
CA SER C 182 70.62 49.18 -3.79
C SER C 182 70.39 48.36 -2.52
N THR C 183 69.39 48.75 -1.74
CA THR C 183 69.14 48.20 -0.42
C THR C 183 67.85 47.37 -0.49
N ARG C 184 67.92 46.09 -0.10
CA ARG C 184 66.72 45.30 0.14
C ARG C 184 66.32 45.30 1.62
N LEU C 185 65.07 45.66 1.90
CA LEU C 185 64.51 45.61 3.25
C LEU C 185 63.40 44.56 3.36
N LEU C 186 63.50 43.72 4.39
CA LEU C 186 62.59 42.58 4.60
C LEU C 186 62.10 42.62 6.03
N ASP C 187 60.80 42.78 6.22
CA ASP C 187 60.21 42.72 7.55
C ASP C 187 60.08 41.26 7.99
N VAL C 188 60.44 41.00 9.24
CA VAL C 188 60.47 39.63 9.79
C VAL C 188 60.10 39.70 11.27
N SER C 189 59.09 38.91 11.66
CA SER C 189 58.75 38.68 13.06
C SER C 189 58.94 37.21 13.40
N LEU C 190 59.66 36.95 14.49
CA LEU C 190 59.94 35.58 14.94
C LEU C 190 58.68 34.73 15.07
N GLN C 191 57.56 35.34 15.48
CA GLN C 191 56.34 34.57 15.69
C GLN C 191 55.70 34.15 14.36
N SER C 192 55.95 34.89 13.28
CA SER C 192 55.39 34.53 11.98
C SER C 192 56.31 33.61 11.18
N ILE C 193 57.62 33.85 11.21
CA ILE C 193 58.54 33.12 10.35
C ILE C 193 58.87 31.71 10.86
N LEU C 194 58.57 31.40 12.12
CA LEU C 194 59.08 30.17 12.71
C LEU C 194 58.52 28.93 12.01
N ARG C 195 59.40 27.97 11.73
CA ARG C 195 59.03 26.65 11.23
C ARG C 195 59.98 25.58 11.79
N PRO C 196 59.50 24.70 12.67
CA PRO C 196 60.40 23.73 13.29
C PRO C 196 60.80 22.65 12.30
N ASP C 197 61.87 21.93 12.64
CA ASP C 197 62.23 20.77 11.82
C ASP C 197 61.29 19.60 12.09
N PRO C 198 61.19 18.66 11.16
CA PRO C 198 60.30 17.50 11.37
C PRO C 198 60.78 16.62 12.51
N PRO C 199 59.89 15.86 13.13
CA PRO C 199 60.32 14.86 14.13
C PRO C 199 61.28 13.85 13.53
N GLN C 200 62.07 13.24 14.42
CA GLN C 200 63.08 12.27 14.03
C GLN C 200 62.70 10.88 14.55
N GLY C 201 63.32 9.86 13.95
CA GLY C 201 63.19 8.51 14.45
C GLY C 201 61.83 7.86 14.33
N LEU C 202 61.02 8.26 13.35
CA LEU C 202 59.72 7.64 13.15
C LEU C 202 59.90 6.14 12.93
N ARG C 203 59.24 5.34 13.78
CA ARG C 203 59.24 3.89 13.69
C ARG C 203 57.81 3.34 13.70
N VAL C 204 57.60 2.27 12.96
CA VAL C 204 56.32 1.58 12.90
C VAL C 204 56.49 0.13 13.35
N GLU C 205 55.56 -0.32 14.19
CA GLU C 205 55.59 -1.64 14.80
C GLU C 205 54.22 -2.28 14.67
N SER C 206 54.21 -3.60 14.51
CA SER C 206 52.95 -4.35 14.56
C SER C 206 52.37 -4.35 15.96
N VAL C 207 51.06 -4.55 16.03
CA VAL C 207 50.34 -4.68 17.29
C VAL C 207 49.77 -6.09 17.38
N PRO C 208 50.45 -6.99 18.10
CA PRO C 208 49.95 -8.37 18.22
C PRO C 208 48.52 -8.42 18.74
N GLY C 209 47.77 -9.40 18.25
CA GLY C 209 46.36 -9.55 18.54
C GLY C 209 45.41 -8.71 17.71
N TYR C 210 45.89 -7.65 17.05
CA TYR C 210 45.02 -6.74 16.32
C TYR C 210 45.51 -6.63 14.87
N PRO C 211 44.86 -7.33 13.94
CA PRO C 211 45.38 -7.39 12.56
C PRO C 211 45.27 -6.10 11.78
N ARG C 212 44.71 -5.03 12.36
CA ARG C 212 44.50 -3.78 11.63
C ARG C 212 44.91 -2.56 12.45
N ARG C 213 45.77 -2.76 13.44
CA ARG C 213 46.36 -1.68 14.24
C ARG C 213 47.87 -1.63 14.06
N LEU C 214 48.41 -0.40 13.94
CA LEU C 214 49.83 -0.16 14.08
C LEU C 214 50.08 0.97 15.06
N ARG C 215 51.18 0.86 15.78
CA ARG C 215 51.61 1.86 16.74
C ARG C 215 52.77 2.64 16.12
N ALA C 216 52.60 3.96 16.00
CA ALA C 216 53.69 4.82 15.57
C ALA C 216 54.22 5.59 16.77
N SER C 217 55.54 5.69 16.86
CA SER C 217 56.19 6.48 17.89
C SER C 217 57.30 7.31 17.25
N TRP C 218 57.65 8.39 17.92
CA TRP C 218 58.66 9.32 17.43
C TRP C 218 59.09 10.22 18.57
N THR C 219 60.13 11.00 18.33
CA THR C 219 60.65 11.95 19.29
C THR C 219 60.65 13.34 18.69
N TYR C 220 60.87 14.34 19.55
CA TYR C 220 61.15 15.68 19.09
C TYR C 220 62.34 15.71 18.13
N PRO C 221 62.41 16.70 17.26
CA PRO C 221 63.65 16.93 16.51
C PRO C 221 64.74 17.48 17.42
N ALA C 222 65.98 17.17 17.08
CA ALA C 222 67.07 17.59 17.94
C ALA C 222 67.21 19.12 17.96
N SER C 223 66.85 19.78 16.85
CA SER C 223 66.93 21.25 16.82
C SER C 223 65.86 21.92 17.70
N TRP C 224 64.95 21.16 18.28
CA TRP C 224 63.93 21.71 19.16
C TRP C 224 64.18 21.19 20.57
N PRO C 225 64.72 21.98 21.48
CA PRO C 225 64.87 21.49 22.86
C PRO C 225 63.52 21.34 23.54
N SER C 226 63.28 20.15 24.10
CA SER C 226 62.02 19.88 24.79
C SER C 226 61.89 20.81 25.99
N GLN C 227 60.83 21.61 25.99
CA GLN C 227 60.66 22.54 27.10
C GLN C 227 59.18 22.78 27.35
N PRO C 228 58.79 22.98 28.61
CA PRO C 228 57.36 23.05 28.95
C PRO C 228 56.73 24.32 28.41
N HIS C 229 57.55 25.26 27.97
CA HIS C 229 57.15 26.61 27.57
C HIS C 229 56.74 26.63 26.12
N PHE C 230 57.48 25.92 25.27
CA PHE C 230 57.17 25.76 23.84
C PHE C 230 57.06 24.27 23.58
N LEU C 231 55.84 23.73 23.65
CA LEU C 231 55.62 22.38 23.15
C LEU C 231 55.56 22.43 21.62
N LEU C 232 55.26 21.28 20.99
CA LEU C 232 54.86 21.26 19.60
C LEU C 232 53.59 20.43 19.46
N LYS C 233 52.69 20.87 18.60
CA LYS C 233 51.59 20.02 18.20
C LYS C 233 52.01 19.22 16.98
N PHE C 234 51.27 18.15 16.70
CA PHE C 234 51.67 17.26 15.62
C PHE C 234 50.48 16.98 14.71
N ARG C 235 50.81 16.63 13.47
CA ARG C 235 49.82 16.29 12.45
C ARG C 235 50.37 15.09 11.72
N LEU C 236 49.63 13.98 11.76
CA LEU C 236 50.09 12.74 11.18
C LEU C 236 49.27 12.41 9.94
N GLN C 237 49.95 11.90 8.92
CA GLN C 237 49.28 11.43 7.71
C GLN C 237 49.78 10.01 7.47
N TYR C 238 48.90 9.15 6.98
CA TYR C 238 49.30 7.77 6.72
C TYR C 238 48.64 7.29 5.46
N ARG C 239 49.31 6.37 4.79
CA ARG C 239 48.83 5.90 3.50
C ARG C 239 49.40 4.52 3.22
N PRO C 240 48.57 3.54 2.90
CA PRO C 240 49.07 2.22 2.52
C PRO C 240 49.72 2.24 1.16
N ALA C 241 50.72 1.37 0.98
CA ALA C 241 51.41 1.28 -0.31
C ALA C 241 50.36 1.10 -1.41
N GLN C 242 50.61 1.74 -2.55
CA GLN C 242 49.75 1.71 -3.73
C GLN C 242 48.51 2.58 -3.51
N HIS C 243 48.27 3.11 -2.24
CA HIS C 243 47.09 3.96 -2.15
C HIS C 243 47.42 5.40 -2.52
N PRO C 244 46.46 6.11 -3.14
CA PRO C 244 46.77 7.44 -3.69
C PRO C 244 46.49 8.57 -2.71
N ALA C 245 45.62 8.32 -1.74
CA ALA C 245 45.07 9.36 -0.87
C ALA C 245 45.61 9.19 0.54
N TRP C 246 46.07 10.29 1.13
CA TRP C 246 46.48 10.28 2.53
C TRP C 246 45.27 10.36 3.45
N SER C 247 45.41 9.74 4.62
CA SER C 247 44.50 9.90 5.73
C SER C 247 45.19 10.76 6.79
N THR C 248 44.44 11.66 7.42
CA THR C 248 45.02 12.61 8.35
C THR C 248 44.40 12.44 9.74
N VAL C 249 45.27 12.41 10.76
CA VAL C 249 44.88 12.47 12.16
C VAL C 249 45.69 13.55 12.86
N GLU C 250 45.22 13.97 14.04
CA GLU C 250 45.83 15.02 14.84
C GLU C 250 46.20 14.36 16.17
N PRO C 251 47.33 13.66 16.25
CA PRO C 251 47.61 12.85 17.44
C PRO C 251 47.85 13.69 18.68
N ALA C 252 47.37 13.18 19.81
CA ALA C 252 47.83 13.63 21.12
C ALA C 252 49.15 12.96 21.47
N GLY C 253 50.14 13.77 21.84
CA GLY C 253 51.41 13.20 22.30
C GLY C 253 52.25 12.67 21.14
N LEU C 254 53.23 11.85 21.51
CA LEU C 254 54.25 11.39 20.58
C LEU C 254 53.93 10.02 20.00
N GLU C 255 52.68 9.59 20.11
CA GLU C 255 52.28 8.26 19.68
C GLU C 255 50.87 8.33 19.13
N GLU C 256 50.54 7.40 18.24
CA GLU C 256 49.20 7.32 17.67
C GLU C 256 49.00 5.88 17.22
N VAL C 257 47.95 5.24 17.73
CA VAL C 257 47.56 3.92 17.26
C VAL C 257 46.57 4.05 16.12
N ILE C 258 46.99 3.63 14.93
CA ILE C 258 46.11 3.55 13.77
C ILE C 258 45.27 2.28 13.92
N THR C 259 43.98 2.41 13.65
CA THR C 259 43.05 1.30 13.86
C THR C 259 42.39 0.83 12.57
N ASP C 260 42.63 1.50 11.45
CA ASP C 260 42.05 1.14 10.17
C ASP C 260 43.14 0.78 9.17
N ALA C 261 44.21 0.14 9.62
CA ALA C 261 45.22 -0.30 8.68
C ALA C 261 44.68 -1.47 7.86
N VAL C 262 44.90 -1.43 6.54
CA VAL C 262 44.45 -2.52 5.68
C VAL C 262 45.30 -3.75 5.98
N ALA C 263 44.64 -4.89 6.16
CA ALA C 263 45.36 -6.09 6.57
C ALA C 263 46.32 -6.53 5.48
N GLY C 264 47.51 -6.94 5.90
CA GLY C 264 48.49 -7.54 5.02
C GLY C 264 49.21 -6.62 4.08
N LEU C 265 49.18 -5.31 4.32
CA LEU C 265 49.72 -4.33 3.38
C LEU C 265 50.69 -3.38 4.07
N PRO C 266 51.82 -3.10 3.42
CA PRO C 266 52.71 -2.04 3.92
C PRO C 266 51.96 -0.71 3.97
N HIS C 267 52.23 0.05 5.03
CA HIS C 267 51.63 1.37 5.21
C HIS C 267 52.72 2.42 5.35
N ALA C 268 52.56 3.53 4.64
CA ALA C 268 53.41 4.70 4.84
C ALA C 268 52.80 5.61 5.89
N VAL C 269 53.65 6.20 6.71
CA VAL C 269 53.26 7.13 7.76
C VAL C 269 54.26 8.28 7.75
N ARG C 270 53.76 9.49 7.87
CA ARG C 270 54.62 10.67 7.95
C ARG C 270 53.96 11.65 8.89
N VAL C 271 54.80 12.50 9.51
CA VAL C 271 54.34 13.45 10.51
C VAL C 271 55.09 14.76 10.31
N SER C 272 54.47 15.84 10.79
CA SER C 272 55.05 17.17 10.72
C SER C 272 54.80 17.86 12.06
N ALA C 273 55.51 18.97 12.27
CA ALA C 273 55.49 19.65 13.56
C ALA C 273 55.13 21.11 13.33
N ARG C 274 54.55 21.71 14.36
CA ARG C 274 54.22 23.12 14.37
C ARG C 274 54.26 23.59 15.82
N ASP C 275 54.51 24.89 16.00
CA ASP C 275 54.45 25.49 17.32
C ASP C 275 53.14 25.14 18.00
N PHE C 276 53.22 24.84 19.30
CA PHE C 276 52.06 24.33 20.02
C PHE C 276 50.94 25.34 20.12
N LEU C 277 51.24 26.64 19.99
CA LEU C 277 50.23 27.69 19.97
C LEU C 277 49.92 28.16 18.55
N ASP C 278 50.11 27.27 17.57
CA ASP C 278 49.78 27.52 16.15
C ASP C 278 50.51 28.73 15.59
N ALA C 279 51.70 29.03 16.11
CA ALA C 279 52.54 30.08 15.54
C ALA C 279 53.27 29.55 14.32
N GLY C 280 53.58 30.46 13.39
CA GLY C 280 54.29 30.06 12.20
C GLY C 280 53.52 29.04 11.39
N THR C 281 54.23 28.10 10.80
CA THR C 281 53.65 27.13 9.87
C THR C 281 54.15 25.73 10.19
N TRP C 282 53.45 24.75 9.64
CA TRP C 282 53.80 23.34 9.84
C TRP C 282 55.14 23.03 9.19
N SER C 283 55.88 22.13 9.82
CA SER C 283 57.15 21.69 9.26
C SER C 283 56.93 20.93 7.96
N THR C 284 58.03 20.67 7.26
CA THR C 284 57.95 19.71 6.17
C THR C 284 57.70 18.32 6.73
N TRP C 285 57.14 17.45 5.88
CA TRP C 285 56.92 16.07 6.29
C TRP C 285 58.24 15.34 6.53
N SER C 286 58.27 14.57 7.62
CA SER C 286 59.34 13.62 7.91
C SER C 286 59.56 12.66 6.76
N PRO C 287 60.72 12.01 6.66
CA PRO C 287 60.83 10.86 5.75
C PRO C 287 59.79 9.81 6.10
N GLU C 288 59.19 9.23 5.07
CA GLU C 288 58.20 8.18 5.29
C GLU C 288 58.82 6.98 5.99
N ALA C 289 58.08 6.40 6.93
CA ALA C 289 58.45 5.13 7.54
C ALA C 289 57.34 4.12 7.28
N TRP C 290 57.73 2.88 7.04
CA TRP C 290 56.79 1.86 6.61
C TRP C 290 56.63 0.77 7.68
N GLY C 291 55.40 0.26 7.80
CA GLY C 291 55.14 -0.90 8.63
C GLY C 291 53.96 -1.68 8.09
N THR C 292 53.83 -2.92 8.61
CA THR C 292 52.82 -3.84 8.11
C THR C 292 52.11 -4.52 9.28
N PRO C 293 50.78 -4.46 9.34
CA PRO C 293 50.06 -5.05 10.49
C PRO C 293 50.26 -6.56 10.61
N SER C 294 50.19 -7.05 11.85
CA SER C 294 50.37 -8.48 12.14
C SER C 294 49.22 -9.30 11.58
N ASP D 5 49.64 60.25 12.03
CA ASP D 5 48.35 60.47 11.38
C ASP D 5 48.38 59.85 9.99
N PRO D 6 47.21 59.38 9.51
CA PRO D 6 47.16 58.74 8.18
C PRO D 6 47.73 59.57 7.05
N CYS D 7 48.03 58.91 5.93
CA CYS D 7 48.57 59.55 4.74
C CYS D 7 47.51 60.08 3.79
N GLY D 8 46.34 59.46 3.74
CA GLY D 8 45.33 59.94 2.81
C GLY D 8 44.00 59.24 2.99
N TYR D 9 43.14 59.40 1.97
CA TYR D 9 41.82 58.80 2.00
C TYR D 9 41.34 58.58 0.57
N ILE D 10 40.29 57.78 0.45
CA ILE D 10 39.64 57.49 -0.83
C ILE D 10 38.25 58.12 -0.82
N SER D 11 37.86 58.68 -1.97
CA SER D 11 36.55 59.29 -2.09
C SER D 11 35.88 58.74 -3.34
N PRO D 12 34.57 58.47 -3.30
CA PRO D 12 33.63 58.61 -2.18
C PRO D 12 33.74 57.54 -1.08
N GLU D 13 33.43 57.95 0.16
CA GLU D 13 33.56 57.13 1.36
C GLU D 13 33.15 55.68 1.17
N SER D 14 31.89 55.44 0.80
CA SER D 14 31.38 54.07 0.63
C SER D 14 30.23 54.13 -0.36
N PRO D 15 30.54 54.22 -1.65
CA PRO D 15 29.51 54.31 -2.68
C PRO D 15 28.81 53.00 -2.96
N VAL D 16 27.58 53.14 -3.46
CA VAL D 16 26.78 52.03 -3.96
C VAL D 16 26.38 52.42 -5.37
N VAL D 17 26.64 51.54 -6.35
CA VAL D 17 26.35 51.84 -7.74
C VAL D 17 25.54 50.72 -8.38
N GLN D 18 24.96 51.05 -9.54
CA GLN D 18 24.14 50.12 -10.30
C GLN D 18 25.00 49.24 -11.20
N LEU D 19 24.62 47.97 -11.30
CA LEU D 19 25.31 47.01 -12.15
C LEU D 19 25.40 47.51 -13.59
N HIS D 20 26.55 47.25 -14.22
CA HIS D 20 26.90 47.59 -15.61
C HIS D 20 27.22 49.07 -15.78
N SER D 21 27.32 49.84 -14.69
CA SER D 21 27.67 51.25 -14.76
C SER D 21 29.17 51.41 -14.53
N ASN D 22 29.62 52.66 -14.49
CA ASN D 22 31.02 52.95 -14.25
C ASN D 22 31.22 53.64 -12.90
N PHE D 23 32.38 53.38 -12.31
CA PHE D 23 32.76 53.97 -11.03
C PHE D 23 34.22 54.37 -11.03
N THR D 24 34.50 55.61 -10.65
CA THR D 24 35.86 56.11 -10.59
C THR D 24 36.18 56.40 -9.12
N ALA D 25 37.29 55.85 -8.63
CA ALA D 25 37.71 56.06 -7.26
C ALA D 25 38.99 56.88 -7.26
N VAL D 26 39.07 57.87 -6.37
CA VAL D 26 40.25 58.72 -6.27
C VAL D 26 40.83 58.62 -4.86
N CYS D 27 42.12 58.29 -4.80
CA CYS D 27 42.88 58.20 -3.56
C CYS D 27 43.80 59.42 -3.50
N VAL D 28 43.75 60.19 -2.42
CA VAL D 28 44.61 61.37 -2.32
C VAL D 28 45.48 61.26 -1.08
N LEU D 29 46.78 61.52 -1.25
CA LEU D 29 47.80 61.51 -0.22
C LEU D 29 48.06 62.90 0.34
N LYS D 30 48.20 62.98 1.65
CA LYS D 30 48.51 64.25 2.30
C LYS D 30 49.95 64.64 1.98
N GLU D 31 50.20 65.94 1.91
CA GLU D 31 51.54 66.43 1.59
C GLU D 31 52.55 65.88 2.59
N LYS D 32 52.22 65.92 3.89
CA LYS D 32 53.15 65.44 4.92
C LYS D 32 53.56 63.99 4.70
N CYS D 33 52.61 63.11 4.36
CA CYS D 33 52.98 61.72 4.15
C CYS D 33 53.89 61.57 2.92
N MET D 34 53.58 62.27 1.84
CA MET D 34 54.39 62.20 0.64
C MET D 34 55.83 62.67 0.90
N ASP D 35 55.98 63.72 1.71
CA ASP D 35 57.30 64.26 2.02
C ASP D 35 58.19 63.30 2.82
N TYR D 36 57.69 62.73 3.92
CA TYR D 36 58.52 61.83 4.72
C TYR D 36 59.10 60.69 3.88
N PHE D 37 58.26 60.01 3.11
CA PHE D 37 58.77 58.90 2.31
C PHE D 37 59.27 59.31 0.94
N HIS D 38 59.08 60.56 0.52
CA HIS D 38 59.55 61.04 -0.79
C HIS D 38 58.89 60.28 -1.94
N VAL D 39 57.55 60.30 -1.94
CA VAL D 39 56.78 59.61 -2.95
C VAL D 39 55.67 60.54 -3.42
N ASN D 40 54.92 60.08 -4.43
CA ASN D 40 53.79 60.80 -5.00
C ASN D 40 52.88 59.79 -5.67
N ALA D 41 51.81 60.27 -6.27
CA ALA D 41 50.79 59.47 -6.96
C ALA D 41 51.34 58.32 -7.79
N ASN D 42 52.46 58.55 -8.47
CA ASN D 42 53.07 57.52 -9.30
C ASN D 42 53.46 56.26 -8.53
N TYR D 43 53.55 56.34 -7.20
CA TYR D 43 53.94 55.18 -6.40
C TYR D 43 52.75 54.39 -5.90
N ILE D 44 51.53 54.83 -6.20
CA ILE D 44 50.33 54.13 -5.74
C ILE D 44 50.06 52.89 -6.58
N VAL D 45 49.82 51.78 -5.91
CA VAL D 45 49.41 50.53 -6.50
C VAL D 45 48.08 50.19 -5.83
N TRP D 46 47.13 49.65 -6.59
CA TRP D 46 45.84 49.33 -6.00
C TRP D 46 45.67 47.82 -5.94
N LYS D 47 45.18 47.30 -4.81
CA LYS D 47 44.93 45.86 -4.71
C LYS D 47 43.55 45.67 -4.09
N THR D 48 42.84 44.63 -4.50
CA THR D 48 41.55 44.32 -3.89
C THR D 48 41.34 42.82 -3.68
N ASN D 49 40.95 42.40 -2.47
CA ASN D 49 40.65 40.99 -2.20
C ASN D 49 41.67 40.02 -2.78
N HIS D 50 42.95 40.27 -2.48
CA HIS D 50 44.09 39.48 -2.91
C HIS D 50 44.36 39.53 -4.41
N PHE D 51 43.66 40.38 -5.18
CA PHE D 51 43.96 40.48 -6.60
C PHE D 51 44.60 41.83 -6.91
N THR D 52 45.77 41.80 -7.54
CA THR D 52 46.49 43.01 -7.91
C THR D 52 45.74 43.75 -9.01
N ILE D 53 45.41 45.01 -8.80
CA ILE D 53 44.73 45.74 -9.88
C ILE D 53 45.78 46.09 -10.94
N PRO D 54 45.55 45.76 -12.21
CA PRO D 54 46.56 46.08 -13.24
C PRO D 54 46.83 47.57 -13.38
N LYS D 55 48.10 47.93 -13.24
CA LYS D 55 48.62 49.30 -13.35
C LYS D 55 47.99 50.11 -14.48
N GLU D 56 47.62 49.44 -15.58
CA GLU D 56 47.04 50.13 -16.74
C GLU D 56 45.66 50.74 -16.48
N GLN D 57 44.98 50.36 -15.41
CA GLN D 57 43.68 50.95 -15.14
C GLN D 57 43.77 52.18 -14.26
N TYR D 58 44.98 52.54 -13.82
CA TYR D 58 45.17 53.71 -12.97
C TYR D 58 45.27 54.97 -13.82
N THR D 59 44.94 56.11 -13.21
CA THR D 59 45.10 57.41 -13.85
C THR D 59 45.61 58.37 -12.77
N ILE D 60 46.85 58.83 -12.90
CA ILE D 60 47.43 59.78 -11.94
C ILE D 60 46.93 61.19 -12.26
N ILE D 61 46.09 61.75 -11.39
CA ILE D 61 45.57 63.10 -11.62
C ILE D 61 46.53 64.17 -11.12
N ASN D 62 46.74 64.25 -9.80
CA ASN D 62 47.67 65.18 -9.20
C ASN D 62 48.84 64.44 -8.58
N ARG D 63 49.86 65.19 -8.18
CA ARG D 63 51.01 64.52 -7.59
C ARG D 63 50.63 63.86 -6.28
N THR D 64 49.47 64.24 -5.75
CA THR D 64 48.90 63.75 -4.50
C THR D 64 47.87 62.65 -4.71
N ALA D 65 47.32 62.51 -5.92
CA ALA D 65 46.25 61.55 -6.12
C ALA D 65 46.35 60.75 -7.42
N SER D 66 45.93 59.50 -7.31
CA SER D 66 45.84 58.50 -8.36
C SER D 66 44.38 58.07 -8.43
N SER D 67 43.96 57.58 -9.59
CA SER D 67 42.57 57.14 -9.68
C SER D 67 42.48 55.95 -10.61
N VAL D 68 41.44 55.15 -10.40
CA VAL D 68 41.14 53.98 -11.20
C VAL D 68 39.67 54.07 -11.62
N THR D 69 39.36 53.45 -12.76
CA THR D 69 38.01 53.47 -13.31
C THR D 69 37.57 52.04 -13.60
N PHE D 70 36.48 51.63 -12.95
CA PHE D 70 35.89 50.31 -13.15
C PHE D 70 34.77 50.43 -14.17
N THR D 71 34.69 49.49 -15.09
CA THR D 71 33.64 49.49 -16.10
C THR D 71 32.85 48.20 -16.02
N ASP D 72 31.56 48.30 -16.31
CA ASP D 72 30.64 47.15 -16.30
C ASP D 72 30.76 46.42 -14.95
N ILE D 73 30.72 47.21 -13.87
CA ILE D 73 30.85 46.63 -12.52
C ILE D 73 29.94 45.42 -12.40
N ALA D 74 30.53 44.29 -12.05
CA ALA D 74 29.80 43.04 -11.92
C ALA D 74 29.94 42.36 -10.56
N SER D 75 30.74 42.89 -9.64
CA SER D 75 30.89 42.25 -8.34
C SER D 75 29.95 42.87 -7.30
N LEU D 76 29.28 42.01 -6.54
CA LEU D 76 28.33 42.47 -5.53
C LEU D 76 29.02 43.17 -4.37
N ASN D 77 30.27 42.80 -4.06
CA ASN D 77 30.98 43.38 -2.93
C ASN D 77 32.44 43.51 -3.32
N ILE D 78 32.95 44.73 -3.29
CA ILE D 78 34.34 45.02 -3.62
C ILE D 78 34.99 45.71 -2.44
N GLN D 79 36.08 45.15 -1.94
CA GLN D 79 36.85 45.76 -0.86
C GLN D 79 37.99 46.47 -1.57
N LEU D 80 38.01 47.79 -1.50
CA LEU D 80 39.02 48.58 -2.19
C LEU D 80 40.02 49.12 -1.19
N THR D 81 41.29 49.00 -1.54
CA THR D 81 42.40 49.44 -0.72
C THR D 81 43.34 50.25 -1.59
N CYS D 82 43.90 51.31 -1.02
CA CYS D 82 44.83 52.19 -1.70
C CYS D 82 46.17 52.01 -1.02
N ASN D 83 47.20 51.70 -1.81
CA ASN D 83 48.48 51.49 -1.17
C ASN D 83 49.57 52.24 -1.91
N ILE D 84 50.63 52.55 -1.17
CA ILE D 84 51.85 53.17 -1.67
C ILE D 84 53.02 52.20 -1.51
N LEU D 85 53.91 52.22 -2.50
CA LEU D 85 55.12 51.39 -2.58
C LEU D 85 56.32 52.14 -2.01
N THR D 86 56.44 52.12 -0.67
CA THR D 86 57.55 52.84 -0.02
C THR D 86 58.91 52.25 -0.39
N PHE D 87 59.89 53.16 -0.47
CA PHE D 87 61.30 52.90 -0.81
C PHE D 87 61.48 51.60 -1.59
N GLY D 88 60.58 51.39 -2.54
CA GLY D 88 60.48 50.26 -3.43
C GLY D 88 60.54 48.82 -2.93
N GLN D 89 60.43 48.56 -1.63
CA GLN D 89 60.51 47.18 -1.15
C GLN D 89 59.66 46.95 0.08
N LEU D 90 58.52 47.62 0.15
CA LEU D 90 57.56 47.52 1.24
C LEU D 90 56.30 48.21 0.73
N GLU D 91 55.21 47.96 1.43
CA GLU D 91 53.93 48.54 1.07
C GLU D 91 53.15 48.80 2.35
N GLN D 92 52.60 50.01 2.44
CA GLN D 92 51.83 50.43 3.59
C GLN D 92 50.49 50.97 3.10
N ASN D 93 49.47 50.70 3.89
CA ASN D 93 48.09 51.07 3.57
C ASN D 93 47.80 52.53 3.87
N VAL D 94 47.27 53.21 2.85
CA VAL D 94 46.91 54.62 2.90
C VAL D 94 45.47 54.67 3.36
N TYR D 95 44.58 54.03 2.60
CA TYR D 95 43.16 54.04 2.93
C TYR D 95 42.50 52.82 2.31
N GLY D 96 41.22 52.67 2.63
CA GLY D 96 40.43 51.57 2.11
C GLY D 96 38.96 51.92 2.22
N ILE D 97 38.16 51.30 1.36
CA ILE D 97 36.72 51.49 1.33
C ILE D 97 36.09 50.19 0.88
N THR D 98 34.80 50.03 1.18
CA THR D 98 34.06 48.86 0.72
C THR D 98 33.06 49.33 -0.33
N ILE D 99 33.10 48.70 -1.49
CA ILE D 99 32.20 49.01 -2.60
C ILE D 99 31.09 47.96 -2.65
N ILE D 100 29.85 48.42 -2.55
CA ILE D 100 28.69 47.52 -2.63
C ILE D 100 27.96 47.87 -3.91
N SER D 101 27.42 46.85 -4.57
CA SER D 101 26.71 47.04 -5.84
C SER D 101 25.40 46.25 -5.83
N GLY D 102 24.51 46.64 -6.73
CA GLY D 102 23.22 45.98 -6.84
C GLY D 102 22.27 46.60 -7.84
N LEU D 103 20.97 46.53 -7.56
CA LEU D 103 19.95 47.05 -8.46
C LEU D 103 18.90 47.85 -7.69
N PRO D 104 18.23 48.78 -8.35
CA PRO D 104 17.19 49.57 -7.68
C PRO D 104 15.95 48.71 -7.50
N PRO D 105 15.09 49.03 -6.53
CA PRO D 105 13.89 48.21 -6.30
C PRO D 105 12.89 48.32 -7.44
N GLU D 106 12.24 47.20 -7.74
CA GLU D 106 11.22 47.14 -8.77
C GLU D 106 9.90 47.68 -8.22
N LYS D 107 9.06 48.17 -9.11
CA LYS D 107 7.77 48.71 -8.69
C LYS D 107 6.87 47.60 -8.17
N PRO D 108 6.48 47.61 -6.90
CA PRO D 108 5.61 46.56 -6.37
C PRO D 108 4.33 46.44 -7.19
N LYS D 109 3.94 45.20 -7.49
CA LYS D 109 2.75 44.95 -8.29
C LYS D 109 1.87 43.91 -7.62
N ASN D 110 0.62 43.84 -8.10
CA ASN D 110 -0.39 42.90 -7.60
C ASN D 110 -0.64 43.13 -6.10
N LEU D 111 -0.74 44.40 -5.70
CA LEU D 111 -1.01 44.70 -4.29
C LEU D 111 -2.43 44.29 -3.93
N SER D 112 -2.57 43.51 -2.85
CA SER D 112 -3.87 43.09 -2.37
C SER D 112 -3.84 43.00 -0.85
N CYS D 113 -5.00 43.24 -0.24
CA CYS D 113 -5.15 43.21 1.21
C CYS D 113 -6.28 42.26 1.60
N ILE D 114 -6.28 41.85 2.87
CA ILE D 114 -7.25 40.91 3.42
C ILE D 114 -7.39 41.18 4.91
N VAL D 115 -8.63 41.12 5.40
CA VAL D 115 -8.91 41.32 6.82
C VAL D 115 -9.38 40.02 7.45
N ASN D 116 -8.47 39.27 8.05
CA ASN D 116 -8.84 38.03 8.73
C ASN D 116 -9.52 38.34 10.06
N GLU D 117 -10.73 37.82 10.23
CA GLU D 117 -11.49 38.04 11.47
C GLU D 117 -10.61 37.82 12.70
N GLY D 118 -10.64 38.79 13.62
CA GLY D 118 -9.85 38.69 14.83
C GLY D 118 -8.44 39.23 14.71
N LYS D 119 -8.00 39.53 13.49
CA LYS D 119 -6.68 40.07 13.20
C LYS D 119 -6.82 41.44 12.54
N LYS D 120 -5.71 42.16 12.50
CA LYS D 120 -5.71 43.48 11.90
C LYS D 120 -5.51 43.34 10.40
N MET D 121 -5.80 44.42 9.66
CA MET D 121 -5.68 44.36 8.21
C MET D 121 -4.28 43.91 7.81
N ARG D 122 -4.22 43.05 6.80
CA ARG D 122 -2.97 42.53 6.27
C ARG D 122 -2.95 42.68 4.76
N CYS D 123 -1.84 43.18 4.23
CA CYS D 123 -1.69 43.36 2.79
C CYS D 123 -0.50 42.56 2.28
N GLU D 124 -0.64 42.06 1.05
CA GLU D 124 0.37 41.24 0.41
C GLU D 124 0.71 41.85 -0.94
N TRP D 125 1.94 41.66 -1.37
CA TRP D 125 2.36 42.18 -2.67
C TRP D 125 3.48 41.32 -3.21
N ASP D 126 3.65 41.38 -4.52
CA ASP D 126 4.71 40.65 -5.21
C ASP D 126 5.95 41.52 -5.30
N GLY D 127 7.05 41.06 -4.71
CA GLY D 127 8.29 41.79 -4.83
C GLY D 127 8.94 41.44 -6.17
N GLY D 128 9.73 42.37 -6.70
CA GLY D 128 10.30 42.05 -7.99
C GLY D 128 11.68 41.44 -7.98
N ARG D 129 12.51 41.83 -8.94
CA ARG D 129 13.87 41.33 -9.07
C ARG D 129 14.68 41.52 -7.79
N GLU D 130 15.52 40.54 -7.49
CA GLU D 130 16.40 40.63 -6.34
C GLU D 130 17.30 41.86 -6.51
N THR D 131 17.52 42.61 -5.43
CA THR D 131 18.32 43.81 -5.52
C THR D 131 19.70 43.67 -4.89
N HIS D 132 19.92 42.63 -4.09
CA HIS D 132 21.19 42.36 -3.42
C HIS D 132 21.53 43.39 -2.37
N LEU D 133 20.62 44.33 -2.08
CA LEU D 133 20.85 45.36 -1.09
C LEU D 133 19.82 45.25 0.02
N GLU D 134 20.18 45.74 1.20
CA GLU D 134 19.26 45.72 2.32
C GLU D 134 18.11 46.66 2.00
N THR D 135 16.91 46.12 1.82
CA THR D 135 15.76 46.94 1.48
C THR D 135 14.68 46.89 2.55
N ASN D 136 14.25 48.06 3.01
CA ASN D 136 13.20 48.17 4.00
C ASN D 136 11.87 48.37 3.28
N PHE D 137 10.81 47.77 3.82
CA PHE D 137 9.47 47.89 3.27
C PHE D 137 8.54 48.43 4.35
N THR D 138 7.80 49.48 3.97
CA THR D 138 6.87 50.16 4.87
C THR D 138 5.53 50.29 4.17
N LEU D 139 4.48 49.75 4.80
CA LEU D 139 3.14 49.81 4.25
C LEU D 139 2.49 51.13 4.66
N LYS D 140 2.04 51.90 3.68
CA LYS D 140 1.42 53.19 3.93
C LYS D 140 -0.08 53.13 3.67
N SER D 141 -0.84 53.81 4.54
CA SER D 141 -2.28 53.93 4.46
C SER D 141 -2.61 55.26 5.11
N GLU D 142 -3.52 56.04 4.53
CA GLU D 142 -3.84 57.32 5.14
C GLU D 142 -5.20 57.82 4.65
N TRP D 143 -5.90 58.53 5.52
CA TRP D 143 -7.14 59.16 5.11
C TRP D 143 -6.87 60.55 4.53
N ALA D 144 -7.87 61.11 3.85
CA ALA D 144 -7.75 62.45 3.27
C ALA D 144 -7.54 63.53 4.33
N THR D 145 -7.88 63.25 5.58
CA THR D 145 -7.84 64.17 6.71
C THR D 145 -6.95 63.69 7.84
N HIS D 146 -6.07 62.74 7.58
CA HIS D 146 -5.22 62.16 8.60
C HIS D 146 -4.17 61.30 7.96
N LYS D 147 -2.92 61.42 8.41
CA LYS D 147 -1.88 60.60 7.82
C LYS D 147 -1.75 59.48 8.85
N PHE D 148 -1.80 58.24 8.37
CA PHE D 148 -1.73 57.11 9.28
C PHE D 148 -0.34 56.53 9.53
N ALA D 149 -0.26 55.77 10.62
CA ALA D 149 0.97 55.08 11.05
C ALA D 149 1.54 54.14 10.01
N ASP D 150 2.85 54.21 9.81
CA ASP D 150 3.59 53.31 8.91
C ASP D 150 3.60 51.88 9.43
N CYS D 151 3.59 50.90 8.51
CA CYS D 151 3.66 49.48 8.88
C CYS D 151 5.02 48.97 8.39
N LYS D 152 5.90 48.59 9.32
CA LYS D 152 7.23 48.10 8.98
C LYS D 152 7.24 46.57 8.92
N ALA D 153 7.61 46.03 7.76
CA ALA D 153 7.64 44.58 7.57
C ALA D 153 8.58 43.89 8.55
N LYS D 154 8.27 42.63 8.86
CA LYS D 154 9.06 41.79 9.74
C LYS D 154 10.17 41.08 8.96
N ARG D 155 11.29 40.81 9.63
CA ARG D 155 12.41 40.12 8.99
C ARG D 155 11.97 38.84 8.30
N ASP D 156 11.17 38.02 8.98
CA ASP D 156 10.71 36.75 8.40
C ASP D 156 9.83 36.97 7.18
N THR D 157 8.87 37.90 7.28
CA THR D 157 7.95 38.19 6.19
C THR D 157 8.17 39.58 5.60
N PRO D 158 9.20 39.74 4.75
CA PRO D 158 9.47 41.07 4.17
C PRO D 158 8.50 41.46 3.06
N THR D 159 7.70 40.53 2.54
CA THR D 159 6.76 40.80 1.46
C THR D 159 5.33 40.95 1.95
N SER D 160 5.13 41.07 3.25
CA SER D 160 3.82 41.17 3.87
C SER D 160 3.92 42.04 5.10
N CYS D 161 2.83 42.71 5.43
CA CYS D 161 2.77 43.54 6.63
C CYS D 161 1.39 43.41 7.26
N THR D 162 1.35 43.55 8.58
CA THR D 162 0.12 43.48 9.36
C THR D 162 0.10 44.74 10.23
N VAL D 163 -0.82 45.64 9.90
CA VAL D 163 -0.94 46.90 10.62
C VAL D 163 -1.18 46.70 12.12
N ASP D 164 -0.92 47.76 12.88
CA ASP D 164 -1.08 47.75 14.33
C ASP D 164 -2.36 48.43 14.80
N TYR D 165 -3.20 48.89 13.88
CA TYR D 165 -4.46 49.57 14.19
C TYR D 165 -5.63 48.69 13.81
N SER D 166 -6.71 48.78 14.59
CA SER D 166 -7.88 47.97 14.33
C SER D 166 -8.63 48.43 13.08
N THR D 167 -9.22 47.45 12.39
CA THR D 167 -9.95 47.67 11.16
C THR D 167 -11.20 48.53 11.41
N VAL D 168 -11.45 49.47 10.51
CA VAL D 168 -12.61 50.34 10.60
C VAL D 168 -13.44 50.18 9.32
N TYR D 169 -14.55 49.46 9.44
CA TYR D 169 -15.43 49.22 8.31
C TYR D 169 -16.22 50.47 7.93
N PHE D 170 -16.70 50.50 6.68
CA PHE D 170 -17.55 51.56 6.13
C PHE D 170 -16.82 52.87 5.85
N VAL D 171 -15.49 52.89 5.82
CA VAL D 171 -14.73 54.11 5.53
C VAL D 171 -13.69 53.79 4.47
N ASN D 172 -13.67 54.58 3.40
CA ASN D 172 -12.69 54.34 2.35
C ASN D 172 -11.31 54.70 2.88
N ILE D 173 -10.34 53.84 2.60
CA ILE D 173 -8.96 54.01 3.02
C ILE D 173 -8.04 53.94 1.81
N GLU D 174 -7.06 54.83 1.75
CA GLU D 174 -6.11 54.89 0.65
C GLU D 174 -4.88 54.12 1.10
N VAL D 175 -4.49 53.08 0.35
CA VAL D 175 -3.36 52.24 0.70
C VAL D 175 -2.39 52.07 -0.46
N TRP D 176 -1.11 51.98 -0.13
CA TRP D 176 -0.03 51.77 -1.08
C TRP D 176 1.21 51.33 -0.32
N VAL D 177 2.16 50.73 -1.03
CA VAL D 177 3.40 50.26 -0.43
C VAL D 177 4.55 51.08 -1.01
N GLU D 178 5.51 51.43 -0.16
CA GLU D 178 6.67 52.22 -0.56
C GLU D 178 7.93 51.37 -0.44
N ALA D 179 8.59 51.13 -1.56
CA ALA D 179 9.83 50.36 -1.60
C ALA D 179 11.00 51.32 -1.81
N GLU D 180 12.02 51.22 -0.96
CA GLU D 180 13.17 52.10 -1.08
C GLU D 180 14.44 51.41 -0.63
N ASN D 181 15.53 51.65 -1.38
CA ASN D 181 16.84 51.14 -1.03
C ASN D 181 17.88 52.16 -1.49
N ALA D 182 19.11 51.97 -1.02
CA ALA D 182 20.23 52.86 -1.31
C ALA D 182 20.32 53.37 -2.75
N LEU D 183 19.83 52.60 -3.72
CA LEU D 183 19.90 53.00 -5.12
C LEU D 183 18.63 53.63 -5.65
N GLY D 184 17.56 53.69 -4.86
CA GLY D 184 16.35 54.29 -5.38
C GLY D 184 15.12 54.19 -4.52
N LYS D 185 14.16 55.08 -4.77
CA LYS D 185 12.89 55.11 -4.05
C LYS D 185 11.77 55.07 -5.07
N VAL D 186 10.75 54.27 -4.80
CA VAL D 186 9.60 54.16 -5.68
C VAL D 186 8.39 53.74 -4.87
N THR D 187 7.21 54.11 -5.33
CA THR D 187 5.96 53.82 -4.67
C THR D 187 5.09 52.97 -5.58
N SER D 188 4.33 52.06 -5.00
CA SER D 188 3.42 51.26 -5.79
C SER D 188 2.21 52.11 -6.16
N ASP D 189 1.32 51.56 -6.99
CA ASP D 189 0.13 52.32 -7.30
C ASP D 189 -0.74 52.40 -6.05
N HIS D 190 -1.53 53.46 -5.95
CA HIS D 190 -2.41 53.61 -4.81
C HIS D 190 -3.71 52.86 -5.05
N ILE D 191 -4.21 52.21 -4.01
CA ILE D 191 -5.49 51.53 -4.08
C ILE D 191 -6.45 52.19 -3.09
N ASN D 192 -7.74 52.06 -3.37
CA ASN D 192 -8.78 52.66 -2.55
C ASN D 192 -9.90 51.65 -2.41
N PHE D 193 -10.36 51.41 -1.19
CA PHE D 193 -11.41 50.43 -0.99
C PHE D 193 -12.03 50.59 0.38
N ASP D 194 -13.21 49.98 0.53
CA ASP D 194 -13.93 49.94 1.78
C ASP D 194 -13.59 48.62 2.46
N PRO D 195 -12.98 48.60 3.64
CA PRO D 195 -12.64 47.32 4.29
C PRO D 195 -13.76 46.30 4.31
N VAL D 196 -15.03 46.75 4.28
CA VAL D 196 -16.17 45.84 4.31
C VAL D 196 -16.17 44.86 3.14
N TYR D 197 -15.50 45.18 2.03
CA TYR D 197 -15.46 44.30 0.87
C TYR D 197 -14.22 43.42 0.82
N LYS D 198 -13.43 43.36 1.90
CA LYS D 198 -12.21 42.56 1.93
C LYS D 198 -12.17 41.66 3.17
N VAL D 199 -13.32 41.30 3.71
CA VAL D 199 -13.38 40.48 4.91
C VAL D 199 -13.28 38.99 4.54
N LYS D 200 -12.58 38.25 5.39
CA LYS D 200 -12.38 36.80 5.27
C LYS D 200 -12.90 36.22 6.58
N PRO D 201 -14.19 35.91 6.65
CA PRO D 201 -14.77 35.37 7.88
C PRO D 201 -14.16 34.03 8.29
N ASN D 202 -14.37 33.69 9.55
CA ASN D 202 -13.94 32.41 10.07
C ASN D 202 -14.92 31.36 9.56
N PRO D 203 -14.55 30.08 9.58
CA PRO D 203 -15.48 29.06 9.09
C PRO D 203 -16.53 28.73 10.13
N PRO D 204 -17.70 28.25 9.67
CA PRO D 204 -18.77 27.87 10.61
C PRO D 204 -18.32 26.83 11.62
N HIS D 205 -18.85 26.94 12.84
CA HIS D 205 -18.54 26.01 13.93
C HIS D 205 -19.86 25.53 14.54
N ASN D 206 -19.77 24.60 15.50
CA ASN D 206 -20.95 24.05 16.16
C ASN D 206 -21.82 23.27 15.16
N LEU D 207 -21.17 22.55 14.25
CA LEU D 207 -21.90 21.81 13.23
C LEU D 207 -22.64 20.61 13.85
N SER D 208 -23.92 20.51 13.53
CA SER D 208 -24.84 19.49 13.98
C SER D 208 -25.63 18.97 12.79
N VAL D 209 -25.90 17.66 12.77
CA VAL D 209 -26.65 17.08 11.66
C VAL D 209 -28.08 16.66 12.03
N ILE D 210 -28.32 16.21 13.27
CA ILE D 210 -29.64 15.74 13.76
C ILE D 210 -30.16 14.56 12.96
N ASN D 211 -30.69 13.56 13.66
CA ASN D 211 -31.25 12.41 12.96
C ASN D 211 -32.64 12.73 12.40
N SER D 212 -33.13 11.80 11.59
CA SER D 212 -34.43 11.96 10.95
C SER D 212 -35.60 11.57 11.85
N GLU D 213 -36.71 12.25 11.61
CA GLU D 213 -38.03 12.18 12.22
C GLU D 213 -38.81 10.94 11.82
N GLU D 214 -40.13 11.07 11.71
CA GLU D 214 -40.97 9.93 11.33
C GLU D 214 -41.01 9.81 9.83
N LEU D 215 -40.41 10.76 9.15
CA LEU D 215 -40.27 10.80 7.70
C LEU D 215 -38.78 10.61 7.47
N SER D 216 -38.41 9.83 6.48
CA SER D 216 -37.00 9.61 6.24
C SER D 216 -36.60 10.43 5.03
N SER D 217 -35.36 10.27 4.59
CA SER D 217 -34.80 11.00 3.46
C SER D 217 -34.65 12.49 3.72
N ILE D 218 -34.61 12.92 4.98
CA ILE D 218 -34.49 14.34 5.29
C ILE D 218 -33.47 14.53 6.41
N LEU D 219 -32.56 15.50 6.25
CA LEU D 219 -31.59 15.85 7.28
C LEU D 219 -31.54 17.37 7.42
N LYS D 220 -31.56 17.86 8.65
CA LYS D 220 -31.52 19.30 8.92
C LYS D 220 -30.13 19.65 9.45
N LEU D 221 -29.48 20.62 8.82
CA LEU D 221 -28.14 21.05 9.24
C LEU D 221 -28.26 22.29 10.11
N THR D 222 -27.55 22.28 11.24
CA THR D 222 -27.51 23.43 12.13
C THR D 222 -26.07 23.71 12.50
N TRP D 223 -25.79 24.97 12.81
CA TRP D 223 -24.44 25.42 13.15
C TRP D 223 -24.56 26.80 13.77
N THR D 224 -23.45 27.28 14.34
CA THR D 224 -23.39 28.61 14.94
C THR D 224 -22.56 29.50 14.03
N ASN D 225 -23.17 30.58 13.56
CA ASN D 225 -22.51 31.52 12.69
C ASN D 225 -21.43 32.32 13.42
N PRO D 226 -20.46 32.86 12.69
CA PRO D 226 -19.42 33.67 13.34
C PRO D 226 -19.93 35.02 13.75
N SER D 227 -19.34 35.54 14.84
CA SER D 227 -19.74 36.83 15.41
C SER D 227 -19.84 37.94 14.36
N ILE D 228 -19.05 37.85 13.28
CA ILE D 228 -19.01 38.86 12.23
C ILE D 228 -20.38 39.12 11.59
N LYS D 229 -21.41 38.34 11.94
CA LYS D 229 -22.74 38.57 11.37
C LYS D 229 -23.34 39.92 11.77
N SER D 230 -22.78 40.58 12.79
CA SER D 230 -23.30 41.87 13.23
C SER D 230 -22.96 43.02 12.29
N VAL D 231 -21.99 42.85 11.39
CA VAL D 231 -21.58 43.91 10.48
C VAL D 231 -21.97 43.61 9.04
N ILE D 232 -21.88 42.35 8.61
CA ILE D 232 -22.20 41.99 7.23
C ILE D 232 -23.24 40.87 7.23
N ILE D 233 -23.93 40.77 6.09
CA ILE D 233 -24.91 39.71 5.88
C ILE D 233 -24.19 38.53 5.25
N LEU D 234 -24.36 37.35 5.84
CA LEU D 234 -23.67 36.17 5.36
C LEU D 234 -24.41 35.41 4.27
N LYS D 235 -23.63 34.74 3.43
CA LYS D 235 -24.09 33.90 2.33
C LYS D 235 -23.38 32.58 2.54
N TYR D 236 -23.95 31.48 2.08
CA TYR D 236 -23.27 30.22 2.33
C TYR D 236 -23.22 29.34 1.10
N ASN D 237 -22.36 28.33 1.20
CA ASN D 237 -22.17 27.28 0.21
C ASN D 237 -22.19 25.98 1.00
N ILE D 238 -23.21 25.15 0.80
CA ILE D 238 -23.33 23.88 1.50
C ILE D 238 -23.02 22.77 0.51
N GLN D 239 -22.04 21.95 0.84
CA GLN D 239 -21.66 20.83 0.01
C GLN D 239 -21.95 19.53 0.75
N TYR D 240 -22.31 18.50 -0.01
CA TYR D 240 -22.66 17.21 0.56
C TYR D 240 -22.41 16.12 -0.47
N ARG D 241 -22.15 14.92 0.05
CA ARG D 241 -21.89 13.76 -0.79
C ARG D 241 -22.15 12.52 0.06
N THR D 242 -22.25 11.38 -0.62
CA THR D 242 -22.46 10.14 0.11
C THR D 242 -21.13 9.69 0.70
N LYS D 243 -21.21 8.95 1.81
CA LYS D 243 -20.01 8.48 2.49
C LYS D 243 -19.02 7.79 1.55
N ASP D 244 -19.49 7.29 0.41
CA ASP D 244 -18.63 6.59 -0.54
C ASP D 244 -18.33 7.38 -1.80
N ALA D 245 -19.07 8.46 -2.06
CA ALA D 245 -18.82 9.27 -3.25
C ALA D 245 -17.41 9.85 -3.22
N SER D 246 -16.88 10.14 -4.41
CA SER D 246 -15.54 10.69 -4.53
C SER D 246 -15.52 12.20 -4.67
N THR D 247 -16.61 12.79 -5.15
CA THR D 247 -16.71 14.23 -5.34
C THR D 247 -17.87 14.77 -4.50
N TRP D 248 -17.81 16.07 -4.22
CA TRP D 248 -18.83 16.75 -3.47
C TRP D 248 -19.87 17.38 -4.39
N SER D 249 -21.12 17.41 -3.92
CA SER D 249 -22.18 18.08 -4.65
C SER D 249 -22.44 19.40 -3.94
N GLN D 250 -23.31 20.23 -4.51
CA GLN D 250 -23.55 21.52 -3.86
C GLN D 250 -24.97 21.99 -4.09
N ILE D 251 -25.58 22.56 -3.05
CA ILE D 251 -26.92 23.12 -3.06
C ILE D 251 -26.86 24.37 -3.95
N PRO D 252 -27.91 24.68 -4.71
CA PRO D 252 -27.87 25.88 -5.56
C PRO D 252 -27.71 27.13 -4.72
N PRO D 253 -26.66 27.91 -4.96
CA PRO D 253 -26.43 29.14 -4.19
C PRO D 253 -27.65 30.03 -3.96
N GLU D 254 -28.52 30.14 -4.97
CA GLU D 254 -29.70 30.99 -4.83
C GLU D 254 -30.58 30.59 -3.65
N ASP D 255 -30.60 29.30 -3.30
CA ASP D 255 -31.42 28.86 -2.17
C ASP D 255 -30.79 29.18 -0.82
N THR D 256 -29.49 29.44 -0.78
CA THR D 256 -28.75 29.78 0.43
C THR D 256 -28.00 31.10 0.25
N ALA D 257 -28.71 32.09 -0.30
CA ALA D 257 -28.14 33.41 -0.60
C ALA D 257 -28.31 34.43 0.52
N SER D 258 -28.76 34.04 1.70
CA SER D 258 -28.91 35.01 2.77
C SER D 258 -28.72 34.35 4.13
N THR D 259 -28.34 35.18 5.11
CA THR D 259 -28.06 34.77 6.48
C THR D 259 -29.08 33.78 7.01
N ARG D 260 -28.58 32.71 7.62
CA ARG D 260 -29.41 31.67 8.19
C ARG D 260 -28.51 30.83 9.09
N SER D 261 -29.14 30.05 9.98
CA SER D 261 -28.38 29.22 10.90
C SER D 261 -28.79 27.76 10.81
N SER D 262 -29.54 27.38 9.78
CA SER D 262 -29.96 26.00 9.61
C SER D 262 -30.43 25.78 8.17
N PHE D 263 -30.47 24.51 7.79
CA PHE D 263 -30.92 24.14 6.45
C PHE D 263 -31.24 22.64 6.47
N THR D 264 -32.36 22.26 5.87
CA THR D 264 -32.75 20.85 5.81
C THR D 264 -32.47 20.32 4.40
N VAL D 265 -31.56 19.35 4.32
CA VAL D 265 -31.19 18.74 3.04
C VAL D 265 -32.16 17.60 2.75
N GLN D 266 -32.69 17.58 1.53
CA GLN D 266 -33.68 16.61 1.08
C GLN D 266 -33.17 15.72 -0.04
N ASP D 267 -34.06 14.77 -0.37
CA ASP D 267 -33.89 13.75 -1.40
C ASP D 267 -32.65 12.89 -1.18
N LEU D 268 -32.36 12.58 0.08
CA LEU D 268 -31.23 11.72 0.40
C LEU D 268 -31.78 10.30 0.57
N LYS D 269 -30.96 9.32 0.23
CA LYS D 269 -31.40 7.92 0.31
C LYS D 269 -31.58 7.47 1.75
N PRO D 270 -32.58 6.62 2.00
CA PRO D 270 -32.84 6.13 3.37
C PRO D 270 -31.67 5.31 3.93
N PHE D 271 -31.57 5.32 5.25
CA PHE D 271 -30.51 4.64 6.01
C PHE D 271 -29.15 4.70 5.32
N THR D 272 -28.81 5.89 4.83
CA THR D 272 -27.55 6.14 4.14
C THR D 272 -26.77 7.17 4.96
N GLU D 273 -25.44 7.01 5.00
CA GLU D 273 -24.60 7.95 5.74
C GLU D 273 -24.13 9.06 4.82
N TYR D 274 -24.26 10.30 5.28
CA TYR D 274 -23.87 11.48 4.53
C TYR D 274 -22.86 12.34 5.29
N VAL D 275 -21.93 12.94 4.54
CA VAL D 275 -20.91 13.82 5.08
C VAL D 275 -21.18 15.23 4.55
N PHE D 276 -21.09 16.23 5.43
CA PHE D 276 -21.33 17.62 5.06
C PHE D 276 -20.16 18.53 5.42
N ARG D 277 -20.04 19.62 4.66
CA ARG D 277 -19.05 20.67 4.87
C ARG D 277 -19.64 21.98 4.35
N ILE D 278 -19.34 23.09 5.04
CA ILE D 278 -19.89 24.39 4.68
C ILE D 278 -18.84 25.49 4.78
N ARG D 279 -19.07 26.57 4.03
CA ARG D 279 -18.21 27.75 4.02
C ARG D 279 -19.09 28.97 3.80
N CYS D 280 -18.58 30.14 4.19
CA CYS D 280 -19.36 31.37 4.06
C CYS D 280 -18.49 32.55 3.66
N MET D 281 -19.15 33.60 3.16
CA MET D 281 -18.52 34.85 2.77
C MET D 281 -19.62 35.90 2.66
N LYS D 282 -19.22 37.16 2.47
CA LYS D 282 -20.18 38.25 2.34
C LYS D 282 -21.20 37.94 1.25
N GLU D 283 -22.47 38.25 1.55
CA GLU D 283 -23.58 37.97 0.63
C GLU D 283 -23.39 38.52 -0.79
N ASP D 284 -22.74 39.66 -0.96
CA ASP D 284 -22.60 40.20 -2.30
C ASP D 284 -21.41 39.63 -3.08
N GLY D 285 -20.72 38.62 -2.56
CA GLY D 285 -19.61 38.05 -3.26
C GLY D 285 -18.36 38.91 -3.27
N LYS D 286 -18.37 40.04 -2.57
CA LYS D 286 -17.24 40.96 -2.48
C LYS D 286 -16.48 40.65 -1.20
N GLY D 287 -15.36 39.97 -1.34
CA GLY D 287 -14.52 39.56 -0.24
C GLY D 287 -13.92 38.21 -0.54
N TYR D 288 -13.54 37.50 0.52
CA TYR D 288 -12.91 36.19 0.38
C TYR D 288 -13.70 35.10 1.10
N TRP D 289 -13.77 33.94 0.45
CA TRP D 289 -14.44 32.77 1.02
C TRP D 289 -13.70 32.27 2.25
N SER D 290 -14.47 31.89 3.27
CA SER D 290 -13.84 31.36 4.48
C SER D 290 -13.37 29.94 4.20
N ASP D 291 -12.63 29.38 5.16
CA ASP D 291 -12.19 28.01 4.98
C ASP D 291 -13.37 27.07 5.22
N TRP D 292 -13.17 25.80 4.86
CA TRP D 292 -14.23 24.81 5.08
C TRP D 292 -14.36 24.49 6.55
N SER D 293 -15.61 24.29 6.98
CA SER D 293 -15.90 23.92 8.35
C SER D 293 -15.40 22.50 8.64
N GLU D 294 -15.61 22.08 9.88
CA GLU D 294 -15.26 20.72 10.28
C GLU D 294 -16.22 19.75 9.58
N GLU D 295 -15.73 18.55 9.30
CA GLU D 295 -16.59 17.58 8.63
C GLU D 295 -17.67 17.09 9.59
N ALA D 296 -18.82 16.73 9.04
CA ALA D 296 -19.95 16.24 9.81
C ALA D 296 -20.52 14.98 9.17
N SER D 297 -20.92 14.04 10.00
CA SER D 297 -21.47 12.77 9.56
C SER D 297 -22.91 12.65 10.08
N GLY D 298 -23.73 11.88 9.36
CA GLY D 298 -25.10 11.69 9.77
C GLY D 298 -25.66 10.44 9.13
N ILE D 299 -26.77 9.96 9.69
CA ILE D 299 -27.43 8.75 9.23
C ILE D 299 -28.93 8.99 9.07
N THR D 300 -29.48 8.52 7.96
CA THR D 300 -30.90 8.66 7.72
C THR D 300 -31.67 7.66 8.60
N TYR D 301 -32.95 7.93 8.79
CA TYR D 301 -33.79 7.03 9.60
C TYR D 301 -34.10 5.74 8.85
N GLU D 302 -34.62 4.77 9.58
CA GLU D 302 -35.05 3.49 9.02
C GLU D 302 -36.33 3.66 8.21
N ARG E 16 -28.85 62.15 1.34
CA ARG E 16 -27.44 62.48 1.17
C ARG E 16 -26.56 61.24 1.34
N ALA E 17 -25.64 61.05 0.40
CA ALA E 17 -24.72 59.91 0.47
C ALA E 17 -23.79 60.01 1.67
N GLU E 18 -23.33 61.22 1.99
CA GLU E 18 -22.45 61.41 3.14
C GLU E 18 -23.16 61.10 4.46
N LEU E 19 -24.43 61.49 4.58
CA LEU E 19 -25.19 61.18 5.79
C LEU E 19 -25.45 59.68 5.92
N ASP E 20 -25.74 59.01 4.80
CA ASP E 20 -25.93 57.56 4.82
C ASP E 20 -24.72 56.85 5.41
N SER E 21 -23.52 57.21 4.97
CA SER E 21 -22.31 56.53 5.43
C SER E 21 -22.09 56.72 6.92
N THR E 22 -22.30 57.93 7.43
CA THR E 22 -22.10 58.20 8.86
C THR E 22 -23.08 57.42 9.73
N VAL E 23 -24.33 57.28 9.28
CA VAL E 23 -25.34 56.56 10.06
C VAL E 23 -24.98 55.08 10.16
N LEU E 24 -24.49 54.47 9.08
CA LEU E 24 -24.10 53.06 9.11
C LEU E 24 -23.02 52.80 10.16
N LEU E 25 -22.02 53.68 10.25
CA LEU E 25 -20.95 53.51 11.23
C LEU E 25 -21.43 53.71 12.67
N THR E 26 -22.41 54.60 12.89
CA THR E 26 -22.93 54.78 14.24
C THR E 26 -23.64 53.52 14.75
N ARG E 27 -24.43 52.86 13.90
CA ARG E 27 -25.08 51.62 14.33
C ARG E 27 -24.05 50.56 14.71
N SER E 28 -22.94 50.50 13.97
CA SER E 28 -21.86 49.57 14.30
C SER E 28 -21.27 49.84 15.68
N LEU E 29 -21.00 51.11 15.99
CA LEU E 29 -20.43 51.43 17.30
C LEU E 29 -21.41 51.15 18.42
N LEU E 30 -22.69 51.43 18.21
CA LEU E 30 -23.70 51.12 19.23
C LEU E 30 -23.71 49.63 19.57
N ALA E 31 -23.67 48.77 18.55
CA ALA E 31 -23.66 47.33 18.80
C ALA E 31 -22.43 46.89 19.57
N ASP E 32 -21.25 47.45 19.26
CA ASP E 32 -20.05 47.08 19.99
C ASP E 32 -20.16 47.48 21.46
N THR E 33 -20.74 48.65 21.73
CA THR E 33 -20.84 49.14 23.10
C THR E 33 -21.81 48.30 23.92
N ARG E 34 -22.96 47.96 23.34
CA ARG E 34 -23.92 47.10 24.03
C ARG E 34 -23.33 45.75 24.40
N GLN E 35 -22.58 45.14 23.49
CA GLN E 35 -22.04 43.81 23.77
C GLN E 35 -21.03 43.84 24.92
N LEU E 36 -20.13 44.83 24.92
CA LEU E 36 -19.14 44.90 25.97
C LEU E 36 -19.77 45.25 27.32
N ALA E 37 -20.75 46.16 27.32
CA ALA E 37 -21.46 46.47 28.56
C ALA E 37 -22.18 45.25 29.12
N ALA E 38 -22.80 44.44 28.25
CA ALA E 38 -23.51 43.25 28.73
C ALA E 38 -22.54 42.17 29.18
N GLN E 39 -21.42 42.02 28.46
CA GLN E 39 -20.37 41.10 28.85
C GLN E 39 -19.82 41.47 30.23
N LEU E 40 -19.64 42.77 30.49
CA LEU E 40 -19.08 43.20 31.76
C LEU E 40 -19.98 42.85 32.95
N ARG E 41 -21.29 43.07 32.81
CA ARG E 41 -22.17 42.75 33.92
C ARG E 41 -22.23 41.26 34.20
N ASP E 42 -22.00 40.42 33.18
CA ASP E 42 -22.00 38.98 33.40
C ASP E 42 -20.82 38.55 34.28
N LYS E 43 -19.67 39.19 34.10
CA LYS E 43 -18.45 38.83 34.84
C LYS E 43 -18.31 39.62 36.14
N PHE E 44 -18.72 40.89 36.13
CA PHE E 44 -18.59 41.79 37.27
C PHE E 44 -19.97 42.41 37.44
N PRO E 45 -20.89 41.70 38.08
CA PRO E 45 -22.25 42.23 38.23
C PRO E 45 -22.27 43.59 38.93
N ALA E 46 -23.29 44.38 38.59
CA ALA E 46 -23.49 45.71 39.13
C ALA E 46 -24.81 45.69 39.88
N ASP E 47 -24.84 46.31 41.04
CA ASP E 47 -26.04 46.41 41.86
C ASP E 47 -26.48 47.85 42.03
N GLY E 48 -27.32 48.33 41.12
CA GLY E 48 -27.76 49.71 41.22
C GLY E 48 -27.33 50.57 40.07
N ASP E 49 -28.04 51.66 39.83
CA ASP E 49 -27.67 52.57 38.77
C ASP E 49 -26.58 53.51 39.25
N HIS E 50 -25.44 53.48 38.56
CA HIS E 50 -24.25 54.21 38.98
C HIS E 50 -24.18 55.51 38.19
N ASN E 51 -23.73 56.57 38.85
CA ASN E 51 -23.61 57.86 38.18
C ASN E 51 -22.24 58.46 38.52
N LEU E 52 -21.83 59.41 37.69
CA LEU E 52 -20.61 60.16 37.92
C LEU E 52 -20.89 61.62 37.65
N ASP E 53 -20.40 62.50 38.53
CA ASP E 53 -20.67 63.92 38.32
C ASP E 53 -20.00 64.40 37.04
N SER E 54 -18.86 63.81 36.68
CA SER E 54 -18.13 64.28 35.50
C SER E 54 -18.75 63.78 34.20
N LEU E 55 -19.71 62.83 34.27
CA LEU E 55 -20.26 62.41 32.99
C LEU E 55 -21.39 63.35 32.60
N PRO E 56 -21.68 63.52 31.31
CA PRO E 56 -22.79 64.40 30.95
C PRO E 56 -24.07 63.75 31.44
N THR E 57 -25.06 64.57 31.75
CA THR E 57 -26.41 64.08 32.00
C THR E 57 -27.39 64.80 31.11
N LEU E 58 -27.01 64.92 29.85
CA LEU E 58 -27.78 65.62 28.84
C LEU E 58 -28.92 64.78 28.28
N ALA E 59 -28.96 63.48 28.58
CA ALA E 59 -29.95 62.57 27.99
C ALA E 59 -31.26 62.76 28.74
N MET E 60 -31.80 63.97 28.60
CA MET E 60 -33.05 64.39 29.20
C MET E 60 -34.07 64.75 28.12
N SER E 61 -34.91 63.78 27.75
CA SER E 61 -35.95 64.05 26.76
C SER E 61 -36.87 62.85 26.63
N ALA E 62 -38.04 63.11 26.07
CA ALA E 62 -39.03 62.11 25.72
C ALA E 62 -38.92 61.74 24.24
N GLY E 63 -39.96 61.07 23.74
CA GLY E 63 -40.08 60.59 22.38
C GLY E 63 -40.06 61.66 21.30
N ALA E 64 -41.06 62.54 21.33
CA ALA E 64 -41.20 63.67 20.42
C ALA E 64 -39.96 64.55 20.23
N LEU E 65 -38.91 64.38 21.05
CA LEU E 65 -37.74 65.27 20.95
C LEU E 65 -37.16 65.35 19.53
N GLY E 66 -37.54 64.43 18.64
CA GLY E 66 -37.13 64.48 17.24
C GLY E 66 -37.38 65.83 16.60
N ALA E 67 -38.30 66.56 17.24
CA ALA E 67 -38.82 67.82 16.71
C ALA E 67 -37.70 68.82 16.49
N LEU E 68 -36.72 68.83 17.39
CA LEU E 68 -35.64 69.81 17.42
C LEU E 68 -34.86 69.86 16.11
N GLN E 69 -34.16 70.98 15.94
CA GLN E 69 -33.40 71.35 14.76
C GLN E 69 -31.96 70.83 14.74
N LEU E 70 -31.40 70.85 13.53
CA LEU E 70 -30.12 70.19 13.25
C LEU E 70 -28.90 70.79 13.95
N PRO E 71 -28.69 72.11 13.98
CA PRO E 71 -27.47 72.63 14.64
C PRO E 71 -27.33 72.21 16.08
N GLY E 72 -28.40 72.23 16.86
CA GLY E 72 -28.28 71.84 18.26
C GLY E 72 -27.92 70.38 18.44
N VAL E 73 -28.56 69.50 17.66
CA VAL E 73 -28.27 68.06 17.75
C VAL E 73 -26.81 67.75 17.44
N LEU E 74 -26.25 68.31 16.35
CA LEU E 74 -24.87 67.98 16.02
C LEU E 74 -23.89 68.57 17.03
N THR E 75 -24.14 69.80 17.47
CA THR E 75 -23.31 70.42 18.49
C THR E 75 -23.37 69.62 19.78
N ARG E 76 -24.59 69.21 20.15
CA ARG E 76 -24.82 68.45 21.38
C ARG E 76 -24.16 67.08 21.32
N LEU E 77 -24.26 66.38 20.18
CA LEU E 77 -23.60 65.09 20.03
C LEU E 77 -22.09 65.21 20.16
N ARG E 78 -21.51 66.24 19.53
CA ARG E 78 -20.06 66.44 19.55
C ARG E 78 -19.53 66.66 20.97
N ALA E 79 -20.21 67.49 21.77
CA ALA E 79 -19.76 67.76 23.12
C ALA E 79 -19.80 66.51 24.00
N ASP E 80 -20.88 65.73 23.91
CA ASP E 80 -21.01 64.54 24.74
C ASP E 80 -19.95 63.49 24.40
N LEU E 81 -19.76 63.23 23.10
CA LEU E 81 -18.82 62.19 22.68
C LEU E 81 -17.38 62.51 23.04
N LEU E 82 -16.98 63.79 22.99
CA LEU E 82 -15.63 64.14 23.42
C LEU E 82 -15.41 63.83 24.89
N SER E 83 -16.40 64.10 25.74
CA SER E 83 -16.27 63.73 27.15
C SER E 83 -16.16 62.22 27.31
N TYR E 84 -16.99 61.47 26.58
CA TYR E 84 -16.93 60.01 26.66
C TYR E 84 -15.60 59.45 26.18
N LEU E 85 -15.02 60.04 25.13
CA LEU E 85 -13.72 59.58 24.67
C LEU E 85 -12.65 59.74 25.75
N ARG E 86 -12.61 60.91 26.40
CA ARG E 86 -11.69 61.13 27.50
C ARG E 86 -11.86 60.05 28.58
N HIS E 87 -13.12 59.74 28.92
CA HIS E 87 -13.39 58.79 30.00
C HIS E 87 -13.02 57.37 29.63
N VAL E 88 -13.28 56.96 28.37
CA VAL E 88 -12.90 55.62 27.93
C VAL E 88 -11.39 55.44 27.94
N GLN E 89 -10.66 56.42 27.39
CA GLN E 89 -9.20 56.36 27.41
C GLN E 89 -8.66 56.36 28.83
N TRP E 90 -9.23 57.20 29.69
CA TRP E 90 -8.86 57.23 31.09
C TRP E 90 -9.02 55.87 31.75
N LEU E 91 -10.11 55.16 31.44
CA LEU E 91 -10.33 53.84 32.01
C LEU E 91 -9.22 52.85 31.65
N ARG E 92 -8.79 52.84 30.39
CA ARG E 92 -7.79 51.85 29.97
C ARG E 92 -6.44 52.06 30.67
N ARG E 93 -5.91 53.28 30.63
CA ARG E 93 -4.54 53.47 31.13
C ARG E 93 -4.45 53.35 32.64
N ALA E 94 -5.54 53.56 33.38
CA ALA E 94 -5.45 53.65 34.82
C ALA E 94 -6.58 52.94 35.56
N GLY E 95 -7.43 52.18 34.87
CA GLY E 95 -8.55 51.54 35.55
C GLY E 95 -8.16 50.45 36.53
N GLY E 96 -6.94 49.93 36.41
CA GLY E 96 -6.52 48.86 37.30
C GLY E 96 -6.47 47.53 36.58
N SER E 97 -5.63 46.63 37.11
CA SER E 97 -5.43 45.33 36.48
C SER E 97 -6.73 44.54 36.41
N SER E 98 -7.71 44.88 37.25
CA SER E 98 -8.98 44.14 37.26
C SER E 98 -9.66 44.19 35.91
N LEU E 99 -9.42 45.25 35.13
CA LEU E 99 -10.17 45.49 33.90
C LEU E 99 -9.37 45.15 32.65
N LYS E 100 -8.18 44.55 32.81
CA LYS E 100 -7.43 44.11 31.64
C LYS E 100 -8.19 43.08 30.83
N THR E 101 -9.12 42.36 31.48
CA THR E 101 -9.95 41.39 30.78
C THR E 101 -10.90 42.03 29.78
N LEU E 102 -11.11 43.34 29.85
CA LEU E 102 -12.01 43.99 28.91
C LEU E 102 -11.30 44.40 27.64
N GLU E 103 -9.99 44.24 27.58
CA GLU E 103 -9.18 44.37 26.38
C GLU E 103 -9.15 43.05 25.62
N PRO E 104 -8.88 43.08 24.31
CA PRO E 104 -8.53 44.29 23.55
C PRO E 104 -9.78 44.99 23.05
N GLU E 105 -10.95 44.49 23.47
CA GLU E 105 -12.20 45.03 22.96
C GLU E 105 -12.38 46.48 23.36
N LEU E 106 -11.94 46.84 24.57
CA LEU E 106 -12.08 48.21 25.03
C LEU E 106 -11.19 49.16 24.23
N GLY E 107 -9.97 48.73 23.91
CA GLY E 107 -9.10 49.55 23.08
C GLY E 107 -9.60 49.70 21.67
N THR E 108 -10.19 48.64 21.11
CA THR E 108 -10.78 48.75 19.79
C THR E 108 -11.95 49.73 19.79
N LEU E 109 -12.78 49.67 20.84
CA LEU E 109 -13.88 50.61 20.98
C LEU E 109 -13.40 52.07 21.03
N GLN E 110 -12.34 52.33 21.80
CA GLN E 110 -11.76 53.67 21.85
C GLN E 110 -11.35 54.18 20.47
N ALA E 111 -10.68 53.34 19.68
CA ALA E 111 -10.18 53.78 18.38
C ALA E 111 -11.31 54.10 17.41
N ARG E 112 -12.41 53.33 17.43
CA ARG E 112 -13.49 53.62 16.50
C ARG E 112 -14.16 54.96 16.81
N LEU E 113 -14.15 55.36 18.08
CA LEU E 113 -14.87 56.56 18.51
C LEU E 113 -14.15 57.85 18.15
N ASP E 114 -12.83 57.90 18.31
CA ASP E 114 -12.08 59.09 17.90
C ASP E 114 -12.27 59.42 16.42
N ARG E 115 -12.23 58.42 15.55
CA ARG E 115 -12.42 58.65 14.12
C ARG E 115 -13.81 59.18 13.80
N LEU E 116 -14.84 58.64 14.46
CA LEU E 116 -16.20 59.11 14.21
C LEU E 116 -16.35 60.58 14.60
N LEU E 117 -15.69 60.99 15.69
CA LEU E 117 -15.71 62.41 16.03
C LEU E 117 -15.10 63.22 14.88
N ARG E 118 -14.02 62.72 14.30
CA ARG E 118 -13.41 63.39 13.15
C ARG E 118 -14.39 63.45 11.98
N ARG E 119 -15.11 62.36 11.74
CA ARG E 119 -16.09 62.30 10.66
C ARG E 119 -17.19 63.34 10.88
N LEU E 120 -17.56 63.57 12.13
CA LEU E 120 -18.58 64.55 12.45
C LEU E 120 -18.10 65.96 12.15
N GLN E 121 -16.83 66.26 12.44
CA GLN E 121 -16.31 67.58 12.11
C GLN E 121 -16.28 67.76 10.60
N LEU E 122 -15.97 66.69 9.86
CA LEU E 122 -15.93 66.78 8.40
C LEU E 122 -17.32 67.02 7.82
N LEU E 123 -18.32 66.32 8.36
CA LEU E 123 -19.71 66.52 7.93
C LEU E 123 -20.11 67.99 8.06
N MET E 124 -19.77 68.61 9.20
CA MET E 124 -20.14 70.01 9.40
C MET E 124 -19.40 70.91 8.42
N SER E 125 -18.15 70.59 8.12
CA SER E 125 -17.36 71.39 7.19
C SER E 125 -17.91 71.27 5.77
N ARG E 126 -18.18 70.03 5.32
CA ARG E 126 -18.70 69.82 3.97
C ARG E 126 -20.06 70.46 3.77
N LEU E 127 -20.89 70.50 4.81
CA LEU E 127 -22.18 71.18 4.72
C LEU E 127 -22.11 72.65 5.06
N ALA E 128 -20.93 73.21 5.31
CA ALA E 128 -20.76 74.64 5.52
C ALA E 128 -21.58 75.11 6.71
N LEU E 129 -21.70 74.26 7.70
CA LEU E 129 -22.43 74.63 8.91
C LEU E 129 -21.55 75.44 9.85
N PRO E 130 -22.15 76.36 10.61
CA PRO E 130 -21.37 77.18 11.53
C PRO E 130 -20.65 76.29 12.54
N GLN E 131 -19.37 76.55 12.73
CA GLN E 131 -18.87 75.57 13.69
C GLN E 131 -19.08 76.10 15.10
N PRO E 132 -19.42 75.21 16.05
CA PRO E 132 -19.61 75.68 17.41
C PRO E 132 -18.32 76.23 17.96
N PRO E 133 -18.39 77.12 18.93
CA PRO E 133 -17.16 77.62 19.53
C PRO E 133 -16.48 76.56 20.36
N PRO E 134 -15.16 76.52 20.31
CA PRO E 134 -14.37 75.59 21.13
C PRO E 134 -14.65 75.68 22.61
N ASP E 135 -15.33 74.70 23.16
CA ASP E 135 -15.73 74.81 24.55
C ASP E 135 -14.53 74.48 25.43
N PRO E 136 -14.55 74.90 26.70
CA PRO E 136 -13.42 74.64 27.57
C PRO E 136 -13.39 73.19 28.03
N PRO E 137 -12.31 72.48 27.73
CA PRO E 137 -12.22 71.06 28.07
C PRO E 137 -12.34 70.82 29.57
N ALA E 138 -12.92 69.68 29.91
CA ALA E 138 -13.21 69.36 31.30
C ALA E 138 -11.92 68.99 32.03
N PRO E 139 -11.81 69.34 33.31
CA PRO E 139 -10.59 69.04 34.07
C PRO E 139 -10.36 67.54 34.15
N PRO E 140 -9.19 67.12 34.62
CA PRO E 140 -8.89 65.69 34.63
C PRO E 140 -9.80 64.93 35.58
N LEU E 141 -10.08 63.70 35.23
CA LEU E 141 -10.83 62.85 36.13
C LEU E 141 -9.85 62.39 37.19
N ALA E 142 -10.26 62.45 38.45
CA ALA E 142 -9.41 61.91 39.50
C ALA E 142 -9.20 60.41 39.25
N PRO E 143 -8.06 59.87 39.62
CA PRO E 143 -7.86 58.42 39.50
C PRO E 143 -8.86 57.71 40.39
N PRO E 144 -9.18 56.45 40.09
CA PRO E 144 -10.08 55.71 40.97
C PRO E 144 -9.50 55.56 42.36
N SER E 145 -10.39 55.52 43.35
CA SER E 145 -9.95 55.39 44.73
C SER E 145 -9.56 53.96 45.08
N SER E 146 -9.95 53.02 44.22
CA SER E 146 -9.67 51.60 44.41
C SER E 146 -9.88 50.92 43.06
N ALA E 147 -9.41 49.67 42.98
CA ALA E 147 -9.60 48.91 41.75
C ALA E 147 -11.08 48.69 41.47
N TRP E 148 -11.84 48.39 42.53
CA TRP E 148 -13.28 48.16 42.38
C TRP E 148 -14.03 49.46 42.09
N GLY E 149 -13.54 50.59 42.58
CA GLY E 149 -14.14 51.86 42.21
C GLY E 149 -14.05 52.11 40.72
N GLY E 150 -12.96 51.66 40.09
CA GLY E 150 -12.85 51.79 38.65
C GLY E 150 -13.86 50.91 37.92
N ILE E 151 -14.08 49.70 38.44
CA ILE E 151 -15.10 48.81 37.88
C ILE E 151 -16.49 49.43 38.00
N ARG E 152 -16.80 49.99 39.17
CA ARG E 152 -18.08 50.65 39.36
C ARG E 152 -18.24 51.83 38.40
N ALA E 153 -17.15 52.54 38.15
CA ALA E 153 -17.15 53.67 37.22
C ALA E 153 -17.43 53.22 35.78
N ALA E 154 -16.88 52.07 35.40
CA ALA E 154 -17.13 51.50 34.08
C ALA E 154 -18.61 51.24 33.82
N HIS E 155 -19.35 50.70 34.80
CA HIS E 155 -20.78 50.50 34.58
C HIS E 155 -21.50 51.80 34.27
N ALA E 156 -21.15 52.88 34.99
CA ALA E 156 -21.79 54.17 34.75
C ALA E 156 -21.44 54.70 33.36
N ILE E 157 -20.18 54.53 32.96
CA ILE E 157 -19.69 55.06 31.69
C ILE E 157 -20.31 54.31 30.51
N LEU E 158 -20.29 52.97 30.56
CA LEU E 158 -20.84 52.19 29.44
C LEU E 158 -22.35 52.37 29.32
N GLY E 159 -23.06 52.41 30.45
CA GLY E 159 -24.50 52.64 30.36
C GLY E 159 -24.80 54.01 29.79
N GLY E 160 -24.04 55.02 30.21
CA GLY E 160 -24.28 56.36 29.69
C GLY E 160 -23.90 56.47 28.22
N LEU E 161 -22.83 55.77 27.81
CA LEU E 161 -22.42 55.79 26.42
C LEU E 161 -23.45 55.15 25.50
N HIS E 162 -23.90 53.94 25.83
CA HIS E 162 -24.83 53.25 24.95
C HIS E 162 -26.16 53.97 24.88
N LEU E 163 -26.53 54.70 25.93
CA LEU E 163 -27.76 55.49 25.86
C LEU E 163 -27.58 56.65 24.90
N THR E 164 -26.42 57.32 24.97
CA THR E 164 -26.10 58.42 24.07
C THR E 164 -26.13 57.96 22.62
N LEU E 165 -25.54 56.80 22.35
CA LEU E 165 -25.47 56.24 21.00
C LEU E 165 -26.85 55.81 20.52
N ASP E 166 -27.68 55.28 21.42
CA ASP E 166 -29.02 54.88 21.04
C ASP E 166 -29.81 56.09 20.55
N TRP E 167 -29.70 57.22 21.24
CA TRP E 167 -30.40 58.43 20.85
C TRP E 167 -29.75 59.11 19.64
N ALA E 168 -28.45 58.87 19.45
CA ALA E 168 -27.73 59.34 18.26
C ALA E 168 -28.21 58.69 16.97
N VAL E 169 -28.35 57.37 16.96
CA VAL E 169 -28.85 56.68 15.76
C VAL E 169 -30.21 57.25 15.36
N ARG E 170 -31.11 57.39 16.34
CA ARG E 170 -32.46 57.87 16.07
C ARG E 170 -32.45 59.29 15.49
N GLY E 171 -31.67 60.18 16.10
CA GLY E 171 -31.66 61.57 15.68
C GLY E 171 -31.15 61.75 14.26
N LEU E 172 -30.09 61.04 13.90
CA LEU E 172 -29.51 61.19 12.56
C LEU E 172 -30.49 60.73 11.51
N LEU E 173 -31.26 59.68 11.80
CA LEU E 173 -32.28 59.18 10.88
C LEU E 173 -33.39 60.19 10.69
N LEU E 174 -33.75 60.92 11.75
CA LEU E 174 -34.79 61.94 11.62
C LEU E 174 -34.40 63.07 10.69
N LEU E 175 -33.16 63.55 10.77
CA LEU E 175 -32.75 64.62 9.86
C LEU E 175 -32.92 64.21 8.40
N LYS E 176 -32.57 62.97 8.07
CA LYS E 176 -32.74 62.55 6.68
C LYS E 176 -34.19 62.72 6.26
N THR E 177 -35.13 62.48 7.18
CA THR E 177 -36.54 62.60 6.87
C THR E 177 -36.96 64.02 6.50
N ARG E 178 -36.17 65.05 6.85
CA ARG E 178 -36.54 66.43 6.53
C ARG E 178 -35.72 67.00 5.39
N LEU E 179 -34.42 67.20 5.58
CA LEU E 179 -33.52 67.56 4.48
C LEU E 179 -32.79 66.34 3.92
N PRO F 3 -64.49 65.72 68.04
CA PRO F 3 -65.19 64.47 68.38
C PRO F 3 -64.24 63.27 68.53
N CYS F 4 -64.22 62.30 67.63
CA CYS F 4 -63.29 61.19 67.72
C CYS F 4 -62.64 61.00 66.36
N PRO F 5 -61.48 60.27 66.30
CA PRO F 5 -60.85 60.06 64.99
C PRO F 5 -61.88 59.56 63.99
N GLN F 6 -62.10 60.31 62.93
CA GLN F 6 -63.00 59.88 61.87
C GLN F 6 -62.60 58.56 61.22
N ALA F 7 -63.61 57.80 60.80
CA ALA F 7 -63.43 56.39 60.44
C ALA F 7 -62.66 56.26 59.12
N TRP F 8 -62.49 55.01 58.69
CA TRP F 8 -61.73 54.69 57.47
C TRP F 8 -62.66 54.39 56.31
N GLY F 9 -63.41 53.30 56.46
CA GLY F 9 -64.44 52.90 55.53
C GLY F 9 -65.81 53.40 55.94
N PRO F 10 -66.70 52.47 56.30
CA PRO F 10 -68.06 52.86 56.70
C PRO F 10 -68.03 53.77 57.91
N PRO F 11 -69.11 54.51 58.17
CA PRO F 11 -69.01 55.68 59.06
C PRO F 11 -69.05 55.35 60.54
N GLY F 12 -69.46 54.14 60.92
CA GLY F 12 -69.61 53.83 62.33
C GLY F 12 -68.90 52.58 62.79
N VAL F 13 -67.84 52.18 62.09
CA VAL F 13 -67.09 50.97 62.41
C VAL F 13 -65.64 51.35 62.59
N GLN F 14 -64.98 50.73 63.56
CA GLN F 14 -63.56 50.92 63.79
C GLN F 14 -62.86 49.58 63.79
N TYR F 15 -61.54 49.62 63.71
CA TYR F 15 -60.73 48.43 63.45
C TYR F 15 -59.64 48.31 64.49
N GLY F 16 -59.11 47.11 64.66
CA GLY F 16 -58.03 46.90 65.60
C GLY F 16 -57.22 45.67 65.26
N GLN F 17 -56.06 45.60 65.90
CA GLN F 17 -55.07 44.53 65.82
C GLN F 17 -55.03 43.71 67.10
N PRO F 18 -54.92 42.38 67.00
CA PRO F 18 -54.78 41.55 68.20
C PRO F 18 -53.60 41.96 69.05
N GLY F 19 -53.70 41.70 70.35
CA GLY F 19 -52.63 42.05 71.24
C GLY F 19 -52.39 43.53 71.44
N ARG F 20 -53.15 44.41 70.79
CA ARG F 20 -52.97 45.84 70.96
C ARG F 20 -53.98 46.41 71.94
N SER F 21 -54.09 47.72 71.94
CA SER F 21 -55.14 48.46 72.62
C SER F 21 -56.00 49.01 71.51
N VAL F 22 -57.31 48.89 71.65
CA VAL F 22 -58.24 49.40 70.65
C VAL F 22 -59.20 50.37 71.32
N LYS F 23 -59.51 51.46 70.63
CA LYS F 23 -60.21 52.59 71.21
C LYS F 23 -61.43 52.86 70.34
N LEU F 24 -62.59 52.43 70.82
CA LEU F 24 -63.84 52.64 70.09
C LEU F 24 -64.40 53.99 70.47
N CYS F 25 -65.08 54.63 69.53
CA CYS F 25 -65.68 55.92 69.79
C CYS F 25 -67.16 55.79 69.48
N CYS F 26 -67.98 56.60 70.15
CA CYS F 26 -69.40 56.61 69.84
C CYS F 26 -69.63 57.59 68.69
N PRO F 27 -70.08 57.13 67.53
CA PRO F 27 -70.11 58.00 66.34
C PRO F 27 -70.96 59.25 66.51
N GLY F 28 -72.25 59.10 66.78
CA GLY F 28 -73.10 60.26 66.83
C GLY F 28 -73.25 60.87 68.21
N VAL F 29 -72.13 61.11 68.89
CA VAL F 29 -72.13 61.72 70.21
C VAL F 29 -71.01 62.76 70.27
N THR F 30 -71.35 63.95 70.77
CA THR F 30 -70.37 65.01 70.95
C THR F 30 -69.25 64.57 71.88
N ALA F 31 -68.00 64.81 71.49
CA ALA F 31 -66.87 64.49 72.35
C ALA F 31 -66.97 65.27 73.65
N GLY F 32 -67.06 64.56 74.76
CA GLY F 32 -67.27 65.13 76.07
C GLY F 32 -68.58 64.72 76.70
N ASP F 33 -69.51 64.19 75.91
CA ASP F 33 -70.74 63.69 76.49
C ASP F 33 -70.48 62.32 77.11
N PRO F 34 -70.87 62.10 78.36
CA PRO F 34 -70.75 60.75 78.92
C PRO F 34 -71.71 59.79 78.23
N VAL F 35 -71.23 58.58 77.98
CA VAL F 35 -71.98 57.57 77.26
C VAL F 35 -71.71 56.22 77.90
N SER F 36 -72.66 55.31 77.69
CA SER F 36 -72.58 53.96 78.23
C SER F 36 -72.35 52.95 77.12
N TRP F 37 -71.67 51.86 77.46
CA TRP F 37 -71.26 50.81 76.53
C TRP F 37 -71.79 49.45 76.97
N PHE F 38 -72.22 48.64 76.01
CA PHE F 38 -72.66 47.27 76.30
C PHE F 38 -72.14 46.32 75.25
N ARG F 39 -71.96 45.06 75.65
CA ARG F 39 -71.69 43.96 74.75
C ARG F 39 -73.02 43.40 74.29
N ASP F 40 -73.10 42.98 73.02
CA ASP F 40 -74.40 42.58 72.50
C ASP F 40 -74.92 41.41 73.32
N GLY F 41 -76.13 41.55 73.86
CA GLY F 41 -76.72 40.50 74.65
C GLY F 41 -76.23 40.45 76.08
N GLU F 42 -75.31 41.34 76.46
CA GLU F 42 -74.72 41.36 77.80
C GLU F 42 -74.87 42.74 78.43
N PRO F 43 -75.51 42.85 79.60
CA PRO F 43 -75.88 44.17 80.13
C PRO F 43 -74.75 44.93 80.80
N LYS F 44 -73.58 44.31 80.99
CA LYS F 44 -72.51 44.93 81.77
C LYS F 44 -71.94 46.19 81.15
N LEU F 45 -71.91 47.27 81.93
CA LEU F 45 -71.29 48.52 81.49
C LEU F 45 -69.79 48.29 81.36
N LEU F 46 -69.25 48.46 80.15
CA LEU F 46 -67.84 48.20 80.00
C LEU F 46 -66.97 49.39 80.38
N GLN F 47 -65.77 49.07 80.84
CA GLN F 47 -64.73 49.97 81.30
C GLN F 47 -63.54 49.81 80.37
N GLY F 48 -62.50 50.61 80.58
CA GLY F 48 -61.28 50.64 79.77
C GLY F 48 -60.21 51.29 80.62
N PRO F 49 -58.82 51.07 80.39
CA PRO F 49 -57.75 51.74 81.20
C PRO F 49 -57.81 53.22 81.63
N ASP F 50 -58.34 54.22 80.92
CA ASP F 50 -58.41 55.57 81.50
C ASP F 50 -59.66 55.76 82.40
N SER F 51 -59.72 55.30 83.70
CA SER F 51 -60.83 55.33 84.77
C SER F 51 -62.29 54.76 84.74
N GLY F 52 -63.15 55.05 83.74
CA GLY F 52 -64.54 54.56 83.58
C GLY F 52 -65.77 55.30 83.01
N LEU F 53 -65.69 56.51 82.42
CA LEU F 53 -66.90 57.17 81.88
C LEU F 53 -66.35 58.19 80.87
N GLY F 54 -66.14 57.76 79.63
CA GLY F 54 -65.65 58.77 78.72
C GLY F 54 -66.51 58.96 77.50
N HIS F 55 -65.86 59.26 76.38
CA HIS F 55 -66.50 59.23 75.08
C HIS F 55 -66.07 58.02 74.29
N GLU F 56 -65.12 57.24 74.82
CA GLU F 56 -64.51 56.16 74.05
C GLU F 56 -64.20 54.96 74.92
N LEU F 57 -64.69 53.79 74.52
CA LEU F 57 -64.33 52.54 75.17
C LEU F 57 -62.98 52.06 74.64
N VAL F 58 -62.15 51.50 75.52
CA VAL F 58 -60.86 50.96 75.11
C VAL F 58 -60.76 49.50 75.55
N LEU F 59 -60.16 48.66 74.70
CA LEU F 59 -59.93 47.25 74.97
C LEU F 59 -58.45 46.95 74.79
N ALA F 60 -57.76 46.67 75.91
CA ALA F 60 -56.41 46.13 75.86
C ALA F 60 -56.37 44.62 75.62
N GLN F 61 -57.44 43.89 75.95
CA GLN F 61 -57.57 42.48 75.62
C GLN F 61 -57.16 42.25 74.16
N ALA F 62 -57.95 42.79 73.23
CA ALA F 62 -57.90 42.46 71.80
C ALA F 62 -57.54 41.01 71.47
N ASP F 63 -58.50 40.10 71.62
CA ASP F 63 -58.39 38.75 71.11
C ASP F 63 -59.65 38.43 70.31
N SER F 64 -59.72 37.22 69.75
CA SER F 64 -60.78 36.92 68.78
C SER F 64 -62.17 36.97 69.41
N THR F 65 -62.29 36.58 70.68
CA THR F 65 -63.59 36.63 71.36
C THR F 65 -64.12 38.06 71.45
N ASP F 66 -63.25 39.06 71.34
CA ASP F 66 -63.60 40.48 71.38
C ASP F 66 -64.09 41.01 70.04
N GLU F 67 -64.14 40.18 69.00
CA GLU F 67 -64.64 40.61 67.71
C GLU F 67 -66.16 40.44 67.67
N GLY F 68 -66.84 41.51 67.31
CA GLY F 68 -68.29 41.51 67.24
C GLY F 68 -68.83 42.93 67.24
N THR F 69 -70.09 43.06 67.68
CA THR F 69 -70.80 44.32 67.68
C THR F 69 -70.90 44.92 69.09
N TYR F 70 -70.58 46.20 69.21
CA TYR F 70 -70.62 46.93 70.47
C TYR F 70 -71.65 48.04 70.34
N ILE F 71 -72.31 48.37 71.44
CA ILE F 71 -73.31 49.45 71.48
C ILE F 71 -72.92 50.52 72.48
N CYS F 72 -72.95 51.79 72.06
CA CYS F 72 -72.76 52.92 72.96
C CYS F 72 -74.05 53.74 72.97
N GLN F 73 -74.46 54.19 74.15
CA GLN F 73 -75.62 55.05 74.27
C GLN F 73 -75.43 56.08 75.37
N THR F 74 -75.99 57.27 75.17
CA THR F 74 -75.96 58.31 76.20
C THR F 74 -76.86 57.90 77.36
N LEU F 75 -76.63 58.53 78.51
CA LEU F 75 -77.38 58.19 79.72
C LEU F 75 -78.88 58.45 79.62
N ASP F 76 -79.32 59.27 78.66
CA ASP F 76 -80.75 59.49 78.48
C ASP F 76 -81.47 58.29 77.90
N GLY F 77 -80.75 57.35 77.30
CA GLY F 77 -81.33 56.21 76.63
C GLY F 77 -81.22 56.29 75.13
N ALA F 78 -80.87 57.46 74.61
CA ALA F 78 -80.75 57.67 73.17
C ALA F 78 -79.57 56.88 72.64
N LEU F 79 -79.77 56.18 71.53
CA LEU F 79 -78.72 55.40 70.89
C LEU F 79 -77.80 56.36 70.16
N GLY F 80 -76.59 56.56 70.69
CA GLY F 80 -75.65 57.49 70.11
C GLY F 80 -74.86 56.91 68.96
N GLY F 81 -75.03 55.62 68.72
CA GLY F 81 -74.37 54.91 67.63
C GLY F 81 -73.95 53.51 67.97
N THR F 82 -73.48 52.80 66.95
CA THR F 82 -73.05 51.41 67.05
C THR F 82 -71.68 51.28 66.40
N VAL F 83 -70.82 50.43 66.96
CA VAL F 83 -69.52 50.19 66.35
C VAL F 83 -69.28 48.69 66.30
N THR F 84 -68.61 48.25 65.24
CA THR F 84 -68.23 46.86 65.04
C THR F 84 -66.71 46.75 65.06
N LEU F 85 -66.18 45.90 65.93
CA LEU F 85 -64.73 45.69 66.00
C LEU F 85 -64.42 44.46 65.15
N GLN F 86 -63.72 44.67 64.05
CA GLN F 86 -63.18 43.61 63.22
C GLN F 86 -61.65 43.60 63.36
N LEU F 87 -61.10 42.42 63.67
CA LEU F 87 -59.68 42.29 63.93
C LEU F 87 -58.96 41.85 62.66
N GLY F 88 -57.71 42.27 62.54
CA GLY F 88 -56.93 41.97 61.37
C GLY F 88 -55.47 42.25 61.60
N TYR F 89 -54.75 42.43 60.50
CA TYR F 89 -53.31 42.61 60.50
C TYR F 89 -52.97 43.66 59.47
N PRO F 90 -51.86 44.38 59.66
CA PRO F 90 -51.43 45.38 58.67
C PRO F 90 -51.21 44.73 57.32
N PRO F 91 -51.23 45.51 56.25
CA PRO F 91 -51.10 44.93 54.91
C PRO F 91 -49.68 44.41 54.69
N ALA F 92 -49.59 43.37 53.87
CA ALA F 92 -48.28 42.95 53.40
C ALA F 92 -47.82 43.80 52.22
N ARG F 93 -46.54 43.70 51.94
CA ARG F 93 -45.94 44.40 50.82
C ARG F 93 -46.63 43.93 49.54
N PRO F 94 -47.14 44.84 48.71
CA PRO F 94 -47.78 44.40 47.47
C PRO F 94 -46.77 43.99 46.40
N VAL F 95 -47.28 43.25 45.41
CA VAL F 95 -46.46 42.75 44.31
C VAL F 95 -46.76 43.63 43.10
N VAL F 96 -45.73 44.23 42.52
CA VAL F 96 -45.90 45.23 41.47
C VAL F 96 -45.11 44.81 40.24
N SER F 97 -45.74 44.95 39.08
CA SER F 97 -45.10 44.76 37.79
C SER F 97 -45.49 45.90 36.88
N CYS F 98 -44.57 46.26 35.97
CA CYS F 98 -44.87 47.23 34.93
C CYS F 98 -44.61 46.62 33.56
N GLN F 99 -45.13 47.28 32.53
CA GLN F 99 -44.94 46.85 31.16
C GLN F 99 -45.08 48.04 30.23
N ALA F 100 -44.71 47.83 28.97
CA ALA F 100 -44.81 48.88 27.95
C ALA F 100 -44.74 48.22 26.58
N ALA F 101 -45.78 48.41 25.77
CA ALA F 101 -45.81 47.89 24.42
C ALA F 101 -45.51 48.95 23.36
N ASP F 102 -45.18 50.16 23.77
CA ASP F 102 -44.76 51.21 22.84
C ASP F 102 -43.65 52.03 23.48
N TYR F 103 -43.09 52.95 22.70
CA TYR F 103 -41.94 53.72 23.14
C TYR F 103 -42.31 55.04 23.79
N GLU F 104 -43.59 55.39 23.86
CA GLU F 104 -44.01 56.68 24.40
C GLU F 104 -44.56 56.57 25.81
N ASN F 105 -45.55 55.70 26.01
CA ASN F 105 -46.25 55.57 27.27
C ASN F 105 -45.97 54.19 27.86
N PHE F 106 -46.07 54.08 29.19
CA PHE F 106 -46.08 52.77 29.83
C PHE F 106 -47.08 52.75 30.98
N SER F 107 -47.31 51.54 31.51
CA SER F 107 -48.35 51.31 32.49
C SER F 107 -47.93 50.19 33.41
N CYS F 108 -48.40 50.24 34.65
CA CYS F 108 -48.04 49.32 35.71
C CYS F 108 -49.30 48.81 36.38
N THR F 109 -49.22 47.61 36.95
CA THR F 109 -50.32 47.00 37.68
C THR F 109 -49.81 46.42 38.99
N TRP F 110 -50.74 46.14 39.89
CA TRP F 110 -50.35 45.67 41.22
C TRP F 110 -51.42 44.75 41.79
N SER F 111 -50.97 43.80 42.60
CA SER F 111 -51.76 42.81 43.32
C SER F 111 -51.33 42.78 44.77
N PRO F 112 -52.26 42.55 45.71
CA PRO F 112 -51.85 42.25 47.08
C PRO F 112 -51.08 40.92 47.13
N SER F 113 -50.03 40.90 47.96
CA SER F 113 -49.31 39.67 48.21
C SER F 113 -49.96 38.82 49.28
N GLN F 114 -50.95 39.37 49.98
CA GLN F 114 -51.69 38.72 51.05
C GLN F 114 -52.97 39.50 51.24
N ILE F 115 -54.07 38.79 51.45
CA ILE F 115 -55.37 39.41 51.65
C ILE F 115 -55.65 39.47 53.14
N SER F 116 -56.08 40.63 53.63
CA SER F 116 -56.35 40.80 55.04
C SER F 116 -57.82 40.63 55.40
N GLY F 117 -58.72 40.74 54.43
CA GLY F 117 -60.13 40.70 54.72
C GLY F 117 -60.68 42.04 55.15
N LEU F 118 -59.88 43.09 55.08
CA LEU F 118 -60.15 44.45 55.45
C LEU F 118 -60.17 45.33 54.20
N PRO F 119 -60.92 46.43 54.20
CA PRO F 119 -60.91 47.29 53.00
C PRO F 119 -59.52 47.82 52.76
N THR F 120 -59.17 47.97 51.48
CA THR F 120 -57.78 48.21 51.10
C THR F 120 -57.81 49.19 49.95
N ARG F 121 -56.80 50.06 49.88
CA ARG F 121 -56.65 50.89 48.70
C ARG F 121 -55.19 51.31 48.56
N TYR F 122 -54.85 51.78 47.36
CA TYR F 122 -53.47 52.00 46.94
C TYR F 122 -53.27 53.44 46.51
N LEU F 123 -52.15 54.01 46.94
CA LEU F 123 -51.68 55.32 46.47
C LEU F 123 -50.48 55.06 45.58
N THR F 124 -50.49 55.65 44.39
CA THR F 124 -49.44 55.44 43.40
C THR F 124 -48.87 56.77 42.94
N SER F 125 -47.55 56.79 42.78
CA SER F 125 -46.80 57.98 42.41
C SER F 125 -45.43 57.54 41.92
N TYR F 126 -44.67 58.48 41.39
CA TYR F 126 -43.35 58.16 40.86
C TYR F 126 -42.52 59.43 40.72
N ARG F 127 -41.21 59.24 40.73
CA ARG F 127 -40.28 60.36 40.56
C ARG F 127 -39.13 59.92 39.66
N LYS F 128 -38.42 60.92 39.14
CA LYS F 128 -37.25 60.72 38.29
C LYS F 128 -36.01 60.96 39.14
N LYS F 129 -35.20 59.92 39.35
CA LYS F 129 -33.94 60.15 40.06
C LYS F 129 -32.99 60.87 39.13
N THR F 130 -32.26 61.85 39.68
CA THR F 130 -31.30 62.62 38.88
C THR F 130 -29.85 62.21 39.11
N VAL F 131 -29.36 62.39 40.34
CA VAL F 131 -27.98 62.09 40.66
C VAL F 131 -27.91 61.19 41.89
N PRO F 141 -38.36 72.51 36.15
CA PRO F 141 -38.85 71.14 35.97
C PRO F 141 -38.90 70.34 37.27
N SER F 142 -40.07 70.35 37.92
CA SER F 142 -40.28 69.66 39.17
C SER F 142 -40.22 68.15 38.95
N THR F 143 -39.01 67.58 38.99
CA THR F 143 -38.84 66.13 38.86
C THR F 143 -39.08 65.39 40.18
N GLY F 144 -39.76 66.02 41.12
CA GLY F 144 -40.06 65.45 42.42
C GLY F 144 -41.07 64.33 42.28
N PRO F 145 -41.91 64.14 43.30
CA PRO F 145 -42.92 63.07 43.25
C PRO F 145 -44.11 63.53 42.41
N TRP F 146 -44.47 62.74 41.40
CA TRP F 146 -45.60 63.02 40.54
C TRP F 146 -46.64 61.91 40.68
N PRO F 147 -47.92 62.24 40.88
CA PRO F 147 -48.92 61.19 41.05
C PRO F 147 -49.13 60.40 39.77
N CYS F 148 -49.39 59.10 39.93
CA CYS F 148 -49.76 58.22 38.82
C CYS F 148 -51.26 57.98 38.85
N PRO F 149 -52.06 58.67 38.03
CA PRO F 149 -53.52 58.58 38.20
C PRO F 149 -54.01 57.23 37.73
N GLN F 150 -54.98 56.67 38.48
CA GLN F 150 -55.56 55.38 38.12
C GLN F 150 -56.75 55.59 37.19
N ASP F 151 -56.58 55.17 35.93
CA ASP F 151 -57.46 55.67 34.87
C ASP F 151 -58.95 55.31 35.04
N PRO F 152 -59.46 54.05 34.85
CA PRO F 152 -60.89 53.85 35.14
C PRO F 152 -61.14 53.55 36.61
N LEU F 153 -62.04 54.31 37.26
CA LEU F 153 -62.55 54.01 38.60
C LEU F 153 -61.36 54.08 39.55
N GLY F 154 -60.96 52.98 40.18
CA GLY F 154 -59.73 52.93 40.95
C GLY F 154 -59.05 51.61 40.66
N ALA F 155 -58.89 51.30 39.38
CA ALA F 155 -58.40 50.00 38.95
C ALA F 155 -56.94 49.81 39.38
N ALA F 156 -56.45 48.60 39.22
CA ALA F 156 -55.06 48.29 39.51
C ALA F 156 -54.15 48.61 38.33
N ARG F 157 -54.24 49.83 37.81
CA ARG F 157 -53.44 50.21 36.66
C ARG F 157 -53.40 51.73 36.57
N CYS F 158 -52.20 52.28 36.36
CA CYS F 158 -52.02 53.70 36.05
C CYS F 158 -51.15 53.82 34.80
N VAL F 159 -51.30 54.94 34.10
CA VAL F 159 -50.59 55.20 32.85
C VAL F 159 -49.80 56.50 32.97
N VAL F 160 -48.57 56.47 32.46
CA VAL F 160 -47.70 57.64 32.37
C VAL F 160 -47.49 57.96 30.90
N HIS F 161 -47.93 59.14 30.49
CA HIS F 161 -47.78 59.57 29.10
C HIS F 161 -46.56 60.47 28.98
N GLY F 162 -45.95 60.44 27.80
CA GLY F 162 -44.83 61.30 27.49
C GLY F 162 -43.69 61.11 28.48
N ALA F 163 -43.32 59.86 28.72
CA ALA F 163 -42.20 59.56 29.61
C ALA F 163 -40.89 59.70 28.85
N GLU F 164 -39.84 60.10 29.57
CA GLU F 164 -38.52 60.12 28.98
C GLU F 164 -38.00 58.71 28.71
N PHE F 165 -37.57 58.45 27.48
CA PHE F 165 -37.28 57.09 27.08
C PHE F 165 -36.04 56.56 27.80
N TRP F 166 -35.02 57.40 27.95
CA TRP F 166 -33.73 57.00 28.52
C TRP F 166 -33.61 57.25 30.01
N SER F 167 -34.46 58.10 30.57
CA SER F 167 -34.37 58.41 31.99
C SER F 167 -34.87 57.25 32.82
N GLN F 168 -34.50 57.24 34.09
CA GLN F 168 -34.91 56.19 35.01
C GLN F 168 -35.95 56.77 35.96
N TYR F 169 -36.94 55.96 36.24
CA TYR F 169 -38.09 56.33 37.05
C TYR F 169 -38.17 55.36 38.21
N ARG F 170 -38.58 55.86 39.36
CA ARG F 170 -38.77 55.03 40.53
C ARG F 170 -40.27 55.04 40.75
N ILE F 171 -40.90 53.90 40.53
CA ILE F 171 -42.34 53.80 40.61
C ILE F 171 -42.67 53.47 42.04
N ASN F 172 -43.70 54.13 42.54
CA ASN F 172 -44.08 54.06 43.94
C ASN F 172 -45.52 53.62 44.15
N VAL F 173 -45.72 52.36 44.53
CA VAL F 173 -47.04 51.88 44.95
C VAL F 173 -46.98 51.71 46.45
N THR F 174 -47.84 52.43 47.18
CA THR F 174 -47.85 52.36 48.64
C THR F 174 -49.23 51.87 49.06
N GLU F 175 -49.26 50.73 49.75
CA GLU F 175 -50.49 50.21 50.33
C GLU F 175 -50.67 50.74 51.74
N VAL F 176 -51.90 51.17 52.05
CA VAL F 176 -52.28 51.69 53.35
C VAL F 176 -53.59 51.02 53.76
N ASN F 177 -53.68 50.62 55.03
CA ASN F 177 -54.97 50.18 55.53
C ASN F 177 -55.28 50.94 56.82
N PRO F 178 -56.45 50.70 57.48
CA PRO F 178 -56.78 51.52 58.66
C PRO F 178 -55.82 51.36 59.83
N LEU F 179 -54.85 50.45 59.71
CA LEU F 179 -53.95 50.16 60.82
C LEU F 179 -52.49 50.44 60.51
N GLY F 180 -52.16 50.83 59.28
CA GLY F 180 -50.80 51.14 58.92
C GLY F 180 -50.62 51.13 57.41
N ALA F 181 -49.36 51.15 57.00
CA ALA F 181 -49.02 51.30 55.59
C ALA F 181 -47.81 50.46 55.21
N SER F 182 -47.71 50.15 53.92
CA SER F 182 -46.52 49.53 53.36
C SER F 182 -46.40 49.97 51.91
N THR F 183 -45.20 50.43 51.54
CA THR F 183 -44.96 51.05 50.23
C THR F 183 -44.09 50.10 49.42
N ARG F 184 -44.55 49.72 48.22
CA ARG F 184 -43.71 49.05 47.23
C ARG F 184 -43.09 50.05 46.23
N LEU F 185 -41.76 50.03 46.10
CA LEU F 185 -41.04 50.81 45.12
C LEU F 185 -40.39 49.94 44.05
N LEU F 186 -40.62 50.30 42.79
CA LEU F 186 -40.17 49.53 41.62
C LEU F 186 -39.47 50.49 40.67
N ASP F 187 -38.18 50.26 40.43
CA ASP F 187 -37.45 51.03 39.43
C ASP F 187 -37.78 50.54 38.03
N VAL F 188 -38.00 51.47 37.11
CA VAL F 188 -38.43 51.17 35.75
C VAL F 188 -37.81 52.20 34.81
N SER F 189 -37.12 51.72 33.78
CA SER F 189 -36.66 52.55 32.67
C SER F 189 -37.30 52.09 31.38
N LEU F 190 -37.87 53.04 30.63
CA LEU F 190 -38.55 52.75 29.37
C LEU F 190 -37.69 51.95 28.40
N GLN F 191 -36.38 52.19 28.40
CA GLN F 191 -35.50 51.49 27.45
C GLN F 191 -35.30 50.03 27.84
N SER F 192 -35.44 49.69 29.12
CA SER F 192 -35.27 48.30 29.55
C SER F 192 -36.59 47.51 29.52
N ILE F 193 -37.69 48.13 29.94
CA ILE F 193 -38.96 47.42 30.08
C ILE F 193 -39.68 47.17 28.77
N LEU F 194 -39.30 47.85 27.68
CA LEU F 194 -40.13 47.82 26.48
C LEU F 194 -40.17 46.43 25.87
N ARG F 195 -41.38 46.01 25.47
CA ARG F 195 -41.62 44.78 24.72
C ARG F 195 -42.78 44.98 23.73
N PRO F 196 -42.52 45.00 22.43
CA PRO F 196 -43.59 45.28 21.47
C PRO F 196 -44.53 44.08 21.35
N ASP F 197 -45.70 44.33 20.79
CA ASP F 197 -46.59 43.22 20.49
C ASP F 197 -46.12 42.47 19.25
N PRO F 198 -46.53 41.20 19.09
CA PRO F 198 -46.10 40.43 17.91
C PRO F 198 -46.67 41.00 16.63
N PRO F 199 -46.02 40.75 15.49
CA PRO F 199 -46.61 41.13 14.20
C PRO F 199 -47.97 40.47 13.98
N GLN F 200 -48.76 41.10 13.12
CA GLN F 200 -50.11 40.63 12.81
C GLN F 200 -50.18 40.17 11.36
N GLY F 201 -51.23 39.38 11.07
CA GLY F 201 -51.51 38.99 9.71
C GLY F 201 -50.52 38.06 9.03
N LEU F 202 -49.81 37.24 9.80
CA LEU F 202 -48.88 36.29 9.20
C LEU F 202 -49.63 35.37 8.22
N ARG F 203 -49.17 35.36 6.97
CA ARG F 203 -49.72 34.51 5.92
C ARG F 203 -48.61 33.73 5.23
N VAL F 204 -48.94 32.50 4.84
CA VAL F 204 -48.02 31.63 4.11
C VAL F 204 -48.63 31.26 2.76
N GLU F 205 -47.80 31.33 1.72
CA GLU F 205 -48.21 31.09 0.34
C GLU F 205 -47.21 30.16 -0.32
N SER F 206 -47.71 29.32 -1.23
CA SER F 206 -46.83 28.52 -2.06
C SER F 206 -46.06 29.39 -3.05
N VAL F 207 -44.93 28.87 -3.50
CA VAL F 207 -44.10 29.50 -4.51
C VAL F 207 -44.07 28.61 -5.74
N PRO F 208 -44.90 28.90 -6.75
CA PRO F 208 -44.93 28.09 -7.96
C PRO F 208 -43.55 27.95 -8.60
N GLY F 209 -43.30 26.77 -9.18
CA GLY F 209 -42.02 26.43 -9.74
C GLY F 209 -40.99 25.90 -8.77
N TYR F 210 -41.15 26.14 -7.47
CA TYR F 210 -40.14 25.75 -6.48
C TYR F 210 -40.79 24.88 -5.40
N PRO F 211 -40.61 23.55 -5.47
CA PRO F 211 -41.35 22.66 -4.57
C PRO F 211 -40.91 22.73 -3.11
N ARG F 212 -39.89 23.53 -2.78
CA ARG F 212 -39.37 23.58 -1.42
C ARG F 212 -39.18 25.01 -0.91
N ARG F 213 -39.86 25.97 -1.52
CA ARG F 213 -39.88 27.36 -1.08
C ARG F 213 -41.27 27.79 -0.65
N LEU F 214 -41.32 28.54 0.46
CA LEU F 214 -42.52 29.29 0.83
C LEU F 214 -42.17 30.73 1.12
N ARG F 215 -43.09 31.62 0.79
CA ARG F 215 -42.96 33.05 1.05
C ARG F 215 -43.83 33.40 2.24
N ALA F 216 -43.23 33.95 3.28
CA ALA F 216 -43.97 34.48 4.41
C ALA F 216 -43.98 36.00 4.35
N SER F 217 -45.14 36.59 4.63
CA SER F 217 -45.28 38.04 4.71
C SER F 217 -46.09 38.38 5.94
N TRP F 218 -45.90 39.61 6.42
CA TRP F 218 -46.58 40.08 7.62
C TRP F 218 -46.44 41.60 7.66
N THR F 219 -47.15 42.20 8.62
CA THR F 219 -47.12 43.63 8.83
C THR F 219 -46.72 43.92 10.27
N TYR F 220 -46.40 45.19 10.53
CA TYR F 220 -46.24 45.66 11.89
C TYR F 220 -47.48 45.37 12.72
N PRO F 221 -47.33 45.26 14.04
CA PRO F 221 -48.51 45.24 14.92
C PRO F 221 -49.14 46.62 14.97
N ALA F 222 -50.45 46.64 15.18
CA ALA F 222 -51.15 47.91 15.18
C ALA F 222 -50.72 48.79 16.35
N SER F 223 -50.34 48.19 17.47
CA SER F 223 -49.88 48.97 18.61
C SER F 223 -48.52 49.63 18.39
N TRP F 224 -47.85 49.34 17.27
CA TRP F 224 -46.56 49.94 16.95
C TRP F 224 -46.75 50.83 15.72
N PRO F 225 -46.80 52.14 15.87
CA PRO F 225 -46.89 52.98 14.67
C PRO F 225 -45.58 52.95 13.88
N SER F 226 -45.71 52.64 12.58
CA SER F 226 -44.54 52.58 11.70
C SER F 226 -43.88 53.95 11.64
N GLN F 227 -42.61 54.01 12.04
CA GLN F 227 -41.93 55.29 12.03
C GLN F 227 -40.45 55.08 11.78
N PRO F 228 -39.80 56.02 11.07
CA PRO F 228 -38.41 55.80 10.65
C PRO F 228 -37.46 55.85 11.82
N HIS F 229 -37.94 56.32 12.97
CA HIS F 229 -37.15 56.59 14.16
C HIS F 229 -37.01 55.34 15.01
N PHE F 230 -38.10 54.57 15.14
CA PHE F 230 -38.11 53.30 15.85
C PHE F 230 -38.60 52.25 14.85
N LEU F 231 -37.67 51.58 14.17
CA LEU F 231 -38.04 50.39 13.42
C LEU F 231 -38.23 49.23 14.39
N LEU F 232 -38.48 48.03 13.85
CA LEU F 232 -38.36 46.81 14.63
C LEU F 232 -37.52 45.81 13.84
N LYS F 233 -36.69 45.05 14.55
CA LYS F 233 -36.05 43.91 13.93
C LYS F 233 -36.94 42.69 14.16
N PHE F 234 -36.71 41.64 13.39
CA PHE F 234 -37.56 40.48 13.47
C PHE F 234 -36.75 39.21 13.58
N ARG F 235 -37.37 38.19 14.15
CA ARG F 235 -36.76 36.89 14.34
C ARG F 235 -37.84 35.87 13.98
N LEU F 236 -37.56 35.05 12.97
CA LEU F 236 -38.54 34.08 12.48
C LEU F 236 -38.10 32.68 12.85
N GLN F 237 -39.09 31.86 13.22
CA GLN F 237 -38.86 30.44 13.48
C GLN F 237 -39.87 29.68 12.65
N TYR F 238 -39.46 28.53 12.14
CA TYR F 238 -40.37 27.75 11.33
C TYR F 238 -40.16 26.27 11.63
N ARG F 239 -41.23 25.50 11.47
CA ARG F 239 -41.17 24.10 11.83
C ARG F 239 -42.25 23.35 11.06
N PRO F 240 -41.89 22.28 10.35
CA PRO F 240 -42.90 21.45 9.67
C PRO F 240 -43.72 20.66 10.67
N ALA F 241 -44.98 20.42 10.31
CA ALA F 241 -45.86 19.62 11.16
C ALA F 241 -45.17 18.31 11.51
N GLN F 242 -45.34 17.87 12.77
CA GLN F 242 -44.77 16.64 13.31
C GLN F 242 -43.28 16.84 13.59
N HIS F 243 -42.65 18.01 13.17
CA HIS F 243 -41.25 18.11 13.54
C HIS F 243 -41.08 18.72 14.93
N PRO F 244 -40.05 18.30 15.67
CA PRO F 244 -39.94 18.69 17.08
C PRO F 244 -39.11 19.95 17.27
N ALA F 245 -38.22 20.25 16.31
CA ALA F 245 -37.21 21.27 16.46
C ALA F 245 -37.52 22.46 15.55
N TRP F 246 -37.44 23.66 16.11
CA TRP F 246 -37.58 24.87 15.32
C TRP F 246 -36.29 25.19 14.58
N SER F 247 -36.45 25.81 13.40
CA SER F 247 -35.37 26.41 12.66
C SER F 247 -35.50 27.92 12.79
N THR F 248 -34.38 28.63 12.93
CA THR F 248 -34.42 30.07 13.19
C THR F 248 -33.68 30.81 12.08
N VAL F 249 -34.30 31.88 11.58
CA VAL F 249 -33.69 32.85 10.68
C VAL F 249 -33.92 34.25 11.23
N GLU F 250 -33.14 35.21 10.72
CA GLU F 250 -33.18 36.61 11.13
C GLU F 250 -33.53 37.40 9.87
N PRO F 251 -34.81 37.49 9.52
CA PRO F 251 -35.16 38.05 8.20
C PRO F 251 -34.86 39.55 8.12
N ALA F 252 -34.41 39.97 6.93
CA ALA F 252 -34.45 41.37 6.55
C ALA F 252 -35.85 41.75 6.08
N GLY F 253 -36.40 42.82 6.64
CA GLY F 253 -37.68 43.31 6.17
C GLY F 253 -38.84 42.45 6.65
N LEU F 254 -39.99 42.63 5.98
CA LEU F 254 -41.25 42.04 6.40
C LEU F 254 -41.55 40.75 5.65
N GLU F 255 -40.55 40.16 5.02
CA GLU F 255 -40.74 38.97 4.21
C GLU F 255 -39.51 38.08 4.33
N GLU F 256 -39.71 36.79 4.12
CA GLU F 256 -38.60 35.83 4.16
C GLU F 256 -39.02 34.64 3.30
N VAL F 257 -38.21 34.31 2.31
CA VAL F 257 -38.41 33.11 1.51
C VAL F 257 -37.65 31.95 2.15
N ILE F 258 -38.39 30.97 2.64
CA ILE F 258 -37.80 29.73 3.13
C ILE F 258 -37.48 28.86 1.93
N THR F 259 -36.29 28.25 1.94
CA THR F 259 -35.82 27.49 0.80
C THR F 259 -35.60 26.02 1.11
N ASP F 260 -35.76 25.61 2.36
CA ASP F 260 -35.59 24.23 2.78
C ASP F 260 -36.88 23.65 3.33
N ALA F 261 -38.02 24.04 2.76
CA ALA F 261 -39.27 23.44 3.21
C ALA F 261 -39.33 22.00 2.73
N VAL F 262 -39.74 21.09 3.61
CA VAL F 262 -39.88 19.68 3.24
C VAL F 262 -41.05 19.56 2.28
N ALA F 263 -40.84 18.85 1.17
CA ALA F 263 -41.86 18.78 0.15
C ALA F 263 -43.09 18.04 0.67
N GLY F 264 -44.26 18.56 0.32
CA GLY F 264 -45.53 17.92 0.59
C GLY F 264 -46.01 17.95 2.03
N LEU F 265 -45.45 18.83 2.86
CA LEU F 265 -45.75 18.83 4.29
C LEU F 265 -46.18 20.20 4.76
N PRO F 266 -47.22 20.27 5.59
CA PRO F 266 -47.57 21.52 6.27
C PRO F 266 -46.38 22.02 7.09
N HIS F 267 -46.17 23.33 7.07
CA HIS F 267 -45.10 23.96 7.84
C HIS F 267 -45.69 25.03 8.76
N ALA F 268 -45.27 25.03 10.01
CA ALA F 268 -45.58 26.11 10.94
C ALA F 268 -44.51 27.18 10.86
N VAL F 269 -44.93 28.43 10.97
CA VAL F 269 -44.06 29.59 10.95
C VAL F 269 -44.56 30.56 12.00
N ARG F 270 -43.64 31.12 12.78
CA ARG F 270 -43.97 32.12 13.77
C ARG F 270 -42.86 33.15 13.81
N VAL F 271 -43.20 34.36 14.22
CA VAL F 271 -42.26 35.48 14.24
C VAL F 271 -42.51 36.29 15.51
N SER F 272 -41.48 37.02 15.91
CA SER F 272 -41.52 37.89 17.07
C SER F 272 -40.82 39.19 16.72
N ALA F 273 -41.02 40.20 17.55
CA ALA F 273 -40.54 41.54 17.28
C ALA F 273 -39.72 42.02 18.46
N ARG F 274 -38.79 42.93 18.16
CA ARG F 274 -37.97 43.58 19.17
C ARG F 274 -37.60 44.96 18.64
N ASP F 275 -37.31 45.87 19.57
CA ASP F 275 -36.83 47.19 19.17
C ASP F 275 -35.64 47.05 18.24
N PHE F 276 -35.60 47.91 17.21
CA PHE F 276 -34.60 47.79 16.16
C PHE F 276 -33.18 48.00 16.67
N LEU F 277 -33.01 48.71 17.78
CA LEU F 277 -31.71 48.90 18.40
C LEU F 277 -31.49 47.95 19.59
N ASP F 278 -32.15 46.79 19.56
CA ASP F 278 -31.99 45.73 20.56
C ASP F 278 -32.32 46.21 21.98
N ALA F 279 -33.21 47.19 22.10
CA ALA F 279 -33.70 47.61 23.41
C ALA F 279 -34.77 46.66 23.91
N GLY F 280 -34.87 46.55 25.23
CA GLY F 280 -35.86 45.67 25.81
C GLY F 280 -35.67 44.22 25.39
N THR F 281 -36.78 43.53 25.17
CA THR F 281 -36.75 42.09 24.91
C THR F 281 -37.67 41.76 23.73
N TRP F 282 -37.47 40.57 23.19
CA TRP F 282 -38.26 40.10 22.08
C TRP F 282 -39.72 39.90 22.49
N SER F 283 -40.62 40.16 21.56
CA SER F 283 -42.04 39.95 21.82
C SER F 283 -42.33 38.45 22.00
N THR F 284 -43.55 38.17 22.44
CA THR F 284 -44.03 36.80 22.38
C THR F 284 -44.21 36.39 20.93
N TRP F 285 -44.16 35.08 20.69
CA TRP F 285 -44.38 34.57 19.34
C TRP F 285 -45.81 34.83 18.89
N SER F 286 -45.95 35.26 17.63
CA SER F 286 -47.23 35.36 16.93
C SER F 286 -47.97 34.03 16.96
N PRO F 287 -49.28 34.03 16.74
CA PRO F 287 -49.96 32.75 16.46
C PRO F 287 -49.34 32.09 15.25
N GLU F 288 -49.18 30.77 15.33
CA GLU F 288 -48.61 30.02 14.22
C GLU F 288 -49.51 30.13 12.98
N ALA F 289 -48.88 30.27 11.82
CA ALA F 289 -49.58 30.20 10.55
C ALA F 289 -48.98 29.07 9.73
N TRP F 290 -49.83 28.34 9.01
CA TRP F 290 -49.42 27.13 8.32
C TRP F 290 -49.48 27.31 6.81
N GLY F 291 -48.53 26.68 6.11
CA GLY F 291 -48.56 26.62 4.66
C GLY F 291 -47.87 25.36 4.17
N THR F 292 -48.11 25.04 2.89
CA THR F 292 -47.61 23.81 2.31
C THR F 292 -47.01 24.09 0.92
N PRO F 293 -45.76 23.70 0.68
CA PRO F 293 -45.13 24.00 -0.61
C PRO F 293 -45.84 23.36 -1.80
N SER F 294 -45.74 24.01 -2.96
CA SER F 294 -46.38 23.53 -4.18
C SER F 294 -45.73 22.25 -4.68
N ASP G 5 -75.66 7.42 19.88
CA ASP G 5 -75.28 7.22 18.49
C ASP G 5 -74.59 8.49 17.96
N PRO G 6 -73.64 8.33 17.02
CA PRO G 6 -72.92 9.50 16.49
C PRO G 6 -73.82 10.61 15.95
N CYS G 7 -73.24 11.80 15.80
CA CYS G 7 -73.94 12.97 15.28
C CYS G 7 -73.90 13.09 13.77
N GLY G 8 -72.86 12.60 13.11
CA GLY G 8 -72.79 12.74 11.67
C GLY G 8 -71.63 11.99 11.07
N TYR G 9 -71.34 12.34 9.82
CA TYR G 9 -70.25 11.70 9.08
C TYR G 9 -69.73 12.65 8.01
N ILE G 10 -68.56 12.32 7.48
CA ILE G 10 -67.92 13.05 6.41
C ILE G 10 -67.93 12.19 5.15
N SER G 11 -68.18 12.83 4.00
CA SER G 11 -68.18 12.12 2.74
C SER G 11 -67.30 12.89 1.75
N PRO G 12 -66.52 12.19 0.92
CA PRO G 12 -66.36 10.74 0.80
C PRO G 12 -65.54 10.06 1.91
N GLU G 13 -65.90 8.81 2.22
CA GLU G 13 -65.32 8.02 3.29
C GLU G 13 -63.81 8.19 3.45
N SER G 14 -63.05 7.85 2.41
CA SER G 14 -61.59 7.95 2.46
C SER G 14 -61.08 8.13 1.05
N PRO G 15 -61.16 9.34 0.52
CA PRO G 15 -60.74 9.61 -0.85
C PRO G 15 -59.23 9.68 -1.03
N VAL G 16 -58.82 9.41 -2.26
CA VAL G 16 -57.44 9.57 -2.69
C VAL G 16 -57.51 10.46 -3.93
N VAL G 17 -56.73 11.54 -3.94
CA VAL G 17 -56.75 12.48 -5.05
C VAL G 17 -55.36 12.75 -5.58
N GLN G 18 -55.31 13.34 -6.77
CA GLN G 18 -54.06 13.67 -7.44
C GLN G 18 -53.53 15.04 -6.97
N LEU G 19 -52.21 15.11 -6.83
CA LEU G 19 -51.56 16.35 -6.42
C LEU G 19 -51.92 17.50 -7.35
N HIS G 20 -52.10 18.68 -6.76
CA HIS G 20 -52.43 19.96 -7.41
C HIS G 20 -53.90 20.03 -7.84
N SER G 21 -54.72 19.07 -7.45
CA SER G 21 -56.14 19.08 -7.78
C SER G 21 -56.92 19.68 -6.61
N ASN G 22 -58.24 19.68 -6.75
CA ASN G 22 -59.10 20.19 -5.68
C ASN G 22 -59.93 19.08 -5.05
N PHE G 23 -60.21 19.26 -3.77
CA PHE G 23 -61.01 18.31 -3.00
C PHE G 23 -61.98 19.05 -2.08
N THR G 24 -63.25 18.68 -2.14
CA THR G 24 -64.27 19.28 -1.29
C THR G 24 -64.79 18.20 -0.36
N ALA G 25 -64.79 18.49 0.94
CA ALA G 25 -65.28 17.55 1.94
C ALA G 25 -66.54 18.11 2.57
N VAL G 26 -67.55 17.26 2.73
CA VAL G 26 -68.81 17.67 3.34
C VAL G 26 -69.08 16.84 4.59
N CYS G 27 -69.32 17.53 5.70
CA CYS G 27 -69.66 16.95 6.99
C CYS G 27 -71.14 17.21 7.22
N VAL G 28 -71.91 16.15 7.50
CA VAL G 28 -73.34 16.34 7.73
C VAL G 28 -73.72 15.81 9.11
N LEU G 29 -74.47 16.62 9.86
CA LEU G 29 -74.96 16.32 11.20
C LEU G 29 -76.38 15.78 11.16
N LYS G 30 -76.63 14.75 11.97
CA LYS G 30 -77.96 14.18 12.07
C LYS G 30 -78.88 15.16 12.81
N GLU G 31 -80.16 15.14 12.44
CA GLU G 31 -81.11 16.04 13.07
C GLU G 31 -81.14 15.86 14.57
N LYS G 32 -81.14 14.61 15.04
CA LYS G 32 -81.17 14.33 16.48
C LYS G 32 -80.00 14.97 17.22
N CYS G 33 -78.79 14.89 16.67
CA CYS G 33 -77.66 15.49 17.37
C CYS G 33 -77.79 17.02 17.41
N MET G 34 -78.20 17.62 16.29
CA MET G 34 -78.36 19.07 16.26
C MET G 34 -79.39 19.56 17.27
N ASP G 35 -80.49 18.79 17.43
CA ASP G 35 -81.54 19.17 18.38
C ASP G 35 -81.10 19.15 19.84
N TYR G 36 -80.47 18.06 20.30
CA TYR G 36 -80.07 18.00 21.71
C TYR G 36 -79.20 19.19 22.10
N PHE G 37 -78.17 19.50 21.32
CA PHE G 37 -77.29 20.60 21.66
C PHE G 37 -77.74 21.94 21.11
N HIS G 38 -78.78 21.98 20.25
CA HIS G 38 -79.28 23.24 19.69
C HIS G 38 -78.22 23.94 18.86
N VAL G 39 -77.69 23.22 17.87
CA VAL G 39 -76.67 23.75 16.99
C VAL G 39 -77.01 23.39 15.54
N ASN G 40 -76.21 23.89 14.62
CA ASN G 40 -76.35 23.62 13.20
C ASN G 40 -74.98 23.86 12.54
N ALA G 41 -74.95 23.68 11.23
CA ALA G 41 -73.75 23.82 10.41
C ALA G 41 -72.85 25.01 10.79
N ASN G 42 -73.45 26.13 11.15
CA ASN G 42 -72.69 27.32 11.52
C ASN G 42 -71.78 27.10 12.72
N TYR G 43 -71.99 26.04 13.51
CA TYR G 43 -71.18 25.78 14.69
C TYR G 43 -70.02 24.85 14.39
N ILE G 44 -69.89 24.36 13.16
CA ILE G 44 -68.81 23.46 12.82
C ILE G 44 -67.50 24.19 12.61
N VAL G 45 -66.45 23.69 13.25
CA VAL G 45 -65.09 24.17 13.09
C VAL G 45 -64.30 22.95 12.62
N TRP G 46 -63.36 23.14 11.71
CA TRP G 46 -62.59 22.01 11.21
C TRP G 46 -61.15 22.12 11.70
N LYS G 47 -60.57 21.01 12.16
CA LYS G 47 -59.18 21.03 12.58
C LYS G 47 -58.49 19.80 12.00
N THR G 48 -57.22 19.92 11.64
CA THR G 48 -56.46 18.77 11.16
C THR G 48 -55.04 18.73 11.70
N ASN G 49 -54.61 17.59 12.24
CA ASN G 49 -53.22 17.44 12.73
C ASN G 49 -52.72 18.63 13.52
N HIS G 50 -53.48 19.03 14.53
CA HIS G 50 -53.20 20.14 15.43
C HIS G 50 -53.22 21.51 14.77
N PHE G 51 -53.64 21.63 13.51
CA PHE G 51 -53.73 22.95 12.88
C PHE G 51 -55.18 23.32 12.67
N THR G 52 -55.58 24.48 13.18
CA THR G 52 -56.95 24.97 13.05
C THR G 52 -57.21 25.36 11.60
N ILE G 53 -58.24 24.80 10.97
CA ILE G 53 -58.54 25.20 9.60
C ILE G 53 -59.18 26.59 9.64
N PRO G 54 -58.67 27.57 8.89
CA PRO G 54 -59.29 28.90 8.94
C PRO G 54 -60.74 28.92 8.49
N LYS G 55 -61.60 29.44 9.36
CA LYS G 55 -63.05 29.60 9.15
C LYS G 55 -63.43 30.05 7.74
N GLU G 56 -62.58 30.86 7.11
CA GLU G 56 -62.86 31.39 5.77
C GLU G 56 -62.88 30.34 4.68
N GLN G 57 -62.35 29.14 4.91
CA GLN G 57 -62.37 28.12 3.88
C GLN G 57 -63.61 27.24 3.97
N TYR G 58 -64.46 27.47 4.97
CA TYR G 58 -65.68 26.69 5.14
C TYR G 58 -66.79 27.23 4.24
N THR G 59 -67.75 26.36 3.90
CA THR G 59 -68.94 26.77 3.16
C THR G 59 -70.10 26.00 3.78
N ILE G 60 -71.02 26.69 4.43
CA ILE G 60 -72.20 26.06 5.03
C ILE G 60 -73.26 25.83 3.95
N ILE G 61 -73.51 24.56 3.60
CA ILE G 61 -74.49 24.25 2.57
C ILE G 61 -75.90 24.18 3.14
N ASN G 62 -76.17 23.20 4.00
CA ASN G 62 -77.45 23.06 4.67
C ASN G 62 -77.31 23.30 6.15
N ARG G 63 -78.45 23.40 6.85
CA ARG G 63 -78.36 23.65 8.28
C ARG G 63 -77.71 22.45 8.98
N THR G 64 -77.63 21.33 8.28
CA THR G 64 -77.07 20.07 8.74
C THR G 64 -75.63 19.87 8.29
N ALA G 65 -75.18 20.60 7.27
CA ALA G 65 -73.85 20.34 6.75
C ALA G 65 -73.06 21.59 6.39
N SER G 66 -71.75 21.48 6.63
CA SER G 66 -70.71 22.46 6.36
C SER G 66 -69.72 21.80 5.42
N SER G 67 -68.99 22.61 4.64
CA SER G 67 -68.02 22.01 3.74
C SER G 67 -66.83 22.92 3.61
N VAL G 68 -65.69 22.31 3.27
CA VAL G 68 -64.43 22.99 3.06
C VAL G 68 -63.88 22.54 1.71
N THR G 69 -63.10 23.41 1.07
CA THR G 69 -62.51 23.13 -0.22
C THR G 69 -61.01 23.35 -0.16
N PHE G 70 -60.24 22.30 -0.44
CA PHE G 70 -58.78 22.36 -0.48
C PHE G 70 -58.35 22.58 -1.92
N THR G 71 -57.38 23.45 -2.13
CA THR G 71 -56.87 23.71 -3.46
C THR G 71 -55.37 23.43 -3.50
N ASP G 72 -54.91 22.95 -4.65
CA ASP G 72 -53.50 22.63 -4.88
C ASP G 72 -53.00 21.71 -3.76
N ILE G 73 -53.79 20.66 -3.49
CA ILE G 73 -53.44 19.72 -2.42
C ILE G 73 -51.98 19.32 -2.55
N ALA G 74 -51.22 19.53 -1.49
CA ALA G 74 -49.81 19.23 -1.46
C ALA G 74 -49.37 18.30 -0.35
N SER G 75 -50.24 17.89 0.56
CA SER G 75 -49.84 17.00 1.64
C SER G 75 -50.12 15.55 1.30
N LEU G 76 -49.12 14.69 1.55
CA LEU G 76 -49.25 13.26 1.25
C LEU G 76 -50.27 12.57 2.13
N ASN G 77 -50.46 13.05 3.36
CA ASN G 77 -51.38 12.41 4.28
C ASN G 77 -52.06 13.50 5.10
N ILE G 78 -53.39 13.57 5.01
CA ILE G 78 -54.18 14.54 5.75
C ILE G 78 -55.19 13.80 6.62
N GLN G 79 -55.17 14.06 7.91
CA GLN G 79 -56.13 13.49 8.84
C GLN G 79 -57.17 14.58 9.00
N LEU G 80 -58.39 14.32 8.55
CA LEU G 80 -59.46 15.30 8.61
C LEU G 80 -60.45 14.93 9.70
N THR G 81 -60.82 15.93 10.49
CA THR G 81 -61.75 15.79 11.60
C THR G 81 -62.79 16.88 11.48
N CYS G 82 -64.03 16.53 11.80
CA CYS G 82 -65.15 17.45 11.77
C CYS G 82 -65.59 17.66 13.20
N ASN G 83 -65.66 18.90 13.64
CA ASN G 83 -66.06 19.11 15.02
C ASN G 83 -67.13 20.19 15.11
N ILE G 84 -67.89 20.10 16.20
CA ILE G 84 -68.91 21.07 16.56
C ILE G 84 -68.53 21.73 17.88
N LEU G 85 -68.83 23.03 17.98
CA LEU G 85 -68.55 23.88 19.14
C LEU G 85 -69.78 23.94 20.05
N THR G 86 -69.93 22.91 20.90
CA THR G 86 -71.09 22.86 21.80
C THR G 86 -71.08 23.99 22.82
N PHE G 87 -72.30 24.44 23.15
CA PHE G 87 -72.61 25.53 24.09
C PHE G 87 -71.44 26.49 24.29
N GLY G 88 -70.79 26.82 23.17
CA GLY G 88 -69.64 27.69 23.05
C GLY G 88 -68.41 27.54 23.91
N GLN G 89 -68.23 26.43 24.67
CA GLN G 89 -67.05 26.32 25.52
C GLN G 89 -66.61 24.88 25.68
N LEU G 90 -66.76 24.10 24.62
CA LEU G 90 -66.38 22.70 24.56
C LEU G 90 -66.44 22.32 23.09
N GLU G 91 -65.83 21.18 22.77
CA GLU G 91 -65.80 20.70 21.40
C GLU G 91 -65.83 19.19 21.44
N GLN G 92 -66.71 18.61 20.63
CA GLN G 92 -66.88 17.17 20.54
C GLN G 92 -66.79 16.76 19.08
N ASN G 93 -66.18 15.60 18.87
CA ASN G 93 -65.93 15.06 17.54
C ASN G 93 -67.17 14.42 16.93
N VAL G 94 -67.48 14.86 15.71
CA VAL G 94 -68.61 14.39 14.94
C VAL G 94 -68.11 13.22 14.11
N TYR G 95 -67.10 13.47 13.29
CA TYR G 95 -66.56 12.44 12.42
C TYR G 95 -65.13 12.79 12.05
N GLY G 96 -64.49 11.86 11.35
CA GLY G 96 -63.13 12.03 10.90
C GLY G 96 -62.86 11.09 9.74
N ILE G 97 -61.90 11.47 8.92
CA ILE G 97 -61.48 10.68 7.77
C ILE G 97 -59.99 10.92 7.55
N THR G 98 -59.34 10.01 6.84
CA THR G 98 -57.95 10.18 6.49
C THR G 98 -57.86 10.41 4.99
N ILE G 99 -57.21 11.50 4.61
CA ILE G 99 -57.02 11.88 3.21
C ILE G 99 -55.62 11.50 2.77
N ILE G 100 -55.53 10.66 1.74
CA ILE G 100 -54.24 10.24 1.20
C ILE G 100 -54.14 10.84 -0.20
N SER G 101 -52.94 11.26 -0.58
CA SER G 101 -52.70 11.88 -1.87
C SER G 101 -51.46 11.31 -2.53
N GLY G 102 -51.37 11.50 -3.84
CA GLY G 102 -50.24 11.00 -4.58
C GLY G 102 -50.31 11.21 -6.08
N LEU G 103 -49.75 10.29 -6.85
CA LEU G 103 -49.73 10.39 -8.30
C LEU G 103 -50.09 9.06 -8.96
N PRO G 104 -50.61 9.08 -10.18
CA PRO G 104 -50.95 7.84 -10.87
C PRO G 104 -49.68 7.16 -11.35
N PRO G 105 -49.71 5.84 -11.56
CA PRO G 105 -48.49 5.15 -12.00
C PRO G 105 -48.08 5.52 -13.42
N GLU G 106 -46.77 5.60 -13.63
CA GLU G 106 -46.22 5.90 -14.94
C GLU G 106 -46.22 4.64 -15.80
N LYS G 107 -46.23 4.85 -17.11
CA LYS G 107 -46.23 3.71 -18.04
C LYS G 107 -44.91 2.98 -17.96
N PRO G 108 -44.88 1.72 -17.55
CA PRO G 108 -43.60 0.98 -17.49
C PRO G 108 -42.90 0.99 -18.84
N LYS G 109 -41.59 1.23 -18.82
CA LYS G 109 -40.81 1.28 -20.05
C LYS G 109 -39.56 0.42 -19.92
N ASN G 110 -38.94 0.16 -21.07
CA ASN G 110 -37.73 -0.66 -21.18
C ASN G 110 -37.96 -2.06 -20.61
N LEU G 111 -39.10 -2.66 -20.95
CA LEU G 111 -39.39 -4.01 -20.47
C LEU G 111 -38.48 -5.01 -21.16
N SER G 112 -37.81 -5.85 -20.37
CA SER G 112 -36.93 -6.89 -20.89
C SER G 112 -37.00 -8.10 -19.99
N CYS G 113 -36.79 -9.28 -20.58
CA CYS G 113 -36.83 -10.55 -19.87
C CYS G 113 -35.54 -11.33 -20.11
N ILE G 114 -35.29 -12.31 -19.24
CA ILE G 114 -34.08 -13.12 -19.30
C ILE G 114 -34.40 -14.48 -18.67
N VAL G 115 -33.88 -15.55 -19.28
CA VAL G 115 -34.08 -16.90 -18.76
C VAL G 115 -32.76 -17.47 -18.26
N ASN G 116 -32.50 -17.34 -16.96
CA ASN G 116 -31.28 -17.89 -16.38
C ASN G 116 -31.40 -19.41 -16.26
N GLU G 117 -30.45 -20.13 -16.86
CA GLU G 117 -30.44 -21.60 -16.80
C GLU G 117 -30.73 -22.10 -15.39
N GLY G 118 -31.67 -23.03 -15.27
CA GLY G 118 -32.01 -23.58 -13.97
C GLY G 118 -33.06 -22.81 -13.21
N LYS G 119 -33.42 -21.62 -13.68
CA LYS G 119 -34.42 -20.75 -13.08
C LYS G 119 -35.54 -20.51 -14.08
N LYS G 120 -36.65 -19.99 -13.57
CA LYS G 120 -37.79 -19.71 -14.40
C LYS G 120 -37.61 -18.34 -15.05
N MET G 121 -38.41 -18.07 -16.09
CA MET G 121 -38.29 -16.80 -16.78
C MET G 121 -38.41 -15.64 -15.81
N ARG G 122 -37.56 -14.62 -16.00
CA ARG G 122 -37.55 -13.43 -15.17
C ARG G 122 -37.57 -12.21 -16.07
N CYS G 123 -38.42 -11.23 -15.74
CA CYS G 123 -38.52 -10.00 -16.50
C CYS G 123 -38.23 -8.80 -15.60
N GLU G 124 -37.62 -7.79 -16.20
CA GLU G 124 -37.23 -6.57 -15.50
C GLU G 124 -37.80 -5.38 -16.25
N TRP G 125 -38.09 -4.33 -15.51
CA TRP G 125 -38.62 -3.13 -16.13
C TRP G 125 -38.25 -1.92 -15.27
N ASP G 126 -38.26 -0.76 -15.91
CA ASP G 126 -37.97 0.50 -15.24
C ASP G 126 -39.26 1.12 -14.70
N GLY G 127 -39.35 1.30 -13.39
CA GLY G 127 -40.50 1.96 -12.82
C GLY G 127 -40.33 3.46 -12.96
N GLY G 128 -41.46 4.17 -13.04
CA GLY G 128 -41.28 5.60 -13.22
C GLY G 128 -41.29 6.44 -11.95
N ARG G 129 -41.90 7.61 -12.04
CA ARG G 129 -41.99 8.53 -10.92
C ARG G 129 -42.61 7.88 -9.68
N GLU G 130 -42.09 8.26 -8.52
CA GLU G 130 -42.63 7.77 -7.26
C GLU G 130 -44.10 8.21 -7.18
N THR G 131 -44.96 7.31 -6.70
CA THR G 131 -46.37 7.62 -6.62
C THR G 131 -46.87 7.86 -5.20
N HIS G 132 -46.08 7.50 -4.19
CA HIS G 132 -46.41 7.67 -2.78
C HIS G 132 -47.59 6.82 -2.34
N LEU G 133 -48.08 5.94 -3.21
CA LEU G 133 -49.21 5.08 -2.88
C LEU G 133 -48.78 3.63 -2.97
N GLU G 134 -49.47 2.77 -2.23
CA GLU G 134 -49.19 1.35 -2.27
C GLU G 134 -49.54 0.83 -3.66
N THR G 135 -48.54 0.42 -4.44
CA THR G 135 -48.78 -0.05 -5.80
C THR G 135 -48.40 -1.51 -5.97
N ASN G 136 -49.33 -2.31 -6.48
CA ASN G 136 -49.09 -3.72 -6.74
C ASN G 136 -48.66 -3.88 -8.20
N PHE G 137 -47.73 -4.80 -8.44
CA PHE G 137 -47.23 -5.10 -9.77
C PHE G 137 -47.45 -6.57 -10.07
N THR G 138 -48.07 -6.84 -11.22
CA THR G 138 -48.38 -8.19 -11.66
C THR G 138 -47.89 -8.36 -13.09
N LEU G 139 -47.02 -9.36 -13.30
CA LEU G 139 -46.49 -9.65 -14.62
C LEU G 139 -47.45 -10.55 -15.37
N LYS G 140 -47.88 -10.12 -16.55
CA LYS G 140 -48.82 -10.87 -17.36
C LYS G 140 -48.13 -11.45 -18.59
N SER G 141 -48.51 -12.68 -18.91
CA SER G 141 -48.03 -13.43 -20.06
C SER G 141 -49.16 -14.37 -20.45
N GLU G 142 -49.44 -14.50 -21.74
CA GLU G 142 -50.54 -15.39 -22.14
C GLU G 142 -50.39 -15.80 -23.59
N TRP G 143 -50.84 -17.02 -23.90
CA TRP G 143 -50.85 -17.45 -25.29
C TRP G 143 -52.18 -17.05 -25.93
N ALA G 144 -52.22 -17.13 -27.27
CA ALA G 144 -53.42 -16.81 -28.02
C ALA G 144 -54.60 -17.74 -27.70
N THR G 145 -54.30 -18.91 -27.13
CA THR G 145 -55.27 -19.97 -26.83
C THR G 145 -55.29 -20.34 -25.36
N HIS G 146 -54.76 -19.49 -24.50
CA HIS G 146 -54.68 -19.79 -23.08
C HIS G 146 -54.26 -18.54 -22.33
N LYS G 147 -54.92 -18.26 -21.21
CA LYS G 147 -54.55 -17.07 -20.45
C LYS G 147 -53.68 -17.66 -19.35
N PHE G 148 -52.49 -17.10 -19.19
CA PHE G 148 -51.57 -17.63 -18.19
C PHE G 148 -51.64 -16.99 -16.81
N ALA G 149 -51.07 -17.71 -15.84
CA ALA G 149 -50.99 -17.30 -14.44
C ALA G 149 -50.26 -15.97 -14.24
N ASP G 150 -50.85 -15.11 -13.41
CA ASP G 150 -50.26 -13.82 -13.03
C ASP G 150 -49.00 -14.01 -12.17
N CYS G 151 -48.03 -13.10 -12.33
CA CYS G 151 -46.81 -13.12 -11.52
C CYS G 151 -46.86 -11.91 -10.59
N LYS G 152 -46.95 -12.14 -9.28
CA LYS G 152 -47.01 -11.05 -8.30
C LYS G 152 -45.62 -10.75 -7.75
N ALA G 153 -45.18 -9.50 -7.92
CA ALA G 153 -43.86 -9.09 -7.45
C ALA G 153 -43.72 -9.27 -5.94
N LYS G 154 -42.48 -9.49 -5.51
CA LYS G 154 -42.11 -9.65 -4.11
C LYS G 154 -41.83 -8.29 -3.46
N ARG G 155 -42.12 -8.20 -2.16
CA ARG G 155 -41.89 -6.94 -1.44
C ARG G 155 -40.49 -6.40 -1.65
N ASP G 156 -39.47 -7.27 -1.54
CA ASP G 156 -38.09 -6.84 -1.71
C ASP G 156 -37.82 -6.34 -3.13
N THR G 157 -38.26 -7.10 -4.13
CA THR G 157 -38.05 -6.74 -5.53
C THR G 157 -39.37 -6.35 -6.23
N PRO G 158 -39.86 -5.13 -6.01
CA PRO G 158 -41.12 -4.71 -6.65
C PRO G 158 -40.98 -4.39 -8.14
N THR G 159 -39.77 -4.24 -8.65
CA THR G 159 -39.53 -3.90 -10.05
C THR G 159 -39.13 -5.11 -10.90
N SER G 160 -39.27 -6.31 -10.34
CA SER G 160 -38.87 -7.54 -11.01
C SER G 160 -39.83 -8.65 -10.58
N CYS G 161 -40.02 -9.63 -11.45
CA CYS G 161 -40.84 -10.78 -11.14
C CYS G 161 -40.22 -12.02 -11.76
N THR G 162 -40.45 -13.16 -11.09
CA THR G 162 -39.96 -14.46 -11.54
C THR G 162 -41.16 -15.39 -11.55
N VAL G 163 -41.58 -15.77 -12.76
CA VAL G 163 -42.73 -16.63 -12.93
C VAL G 163 -42.58 -17.97 -12.19
N ASP G 164 -43.72 -18.63 -11.98
CA ASP G 164 -43.78 -19.91 -11.29
C ASP G 164 -43.91 -21.10 -12.23
N TYR G 165 -43.91 -20.87 -13.54
CA TYR G 165 -44.04 -21.91 -14.54
C TYR G 165 -42.73 -22.10 -15.29
N SER G 166 -42.44 -23.34 -15.67
CA SER G 166 -41.20 -23.62 -16.37
C SER G 166 -41.20 -23.07 -17.79
N THR G 167 -40.01 -22.67 -18.23
CA THR G 167 -39.80 -22.09 -19.56
C THR G 167 -40.09 -23.11 -20.65
N VAL G 168 -40.76 -22.66 -21.70
CA VAL G 168 -41.10 -23.49 -22.85
C VAL G 168 -40.50 -22.87 -24.10
N TYR G 169 -39.40 -23.45 -24.58
CA TYR G 169 -38.71 -22.96 -25.77
C TYR G 169 -39.50 -23.28 -27.04
N PHE G 170 -39.23 -22.51 -28.09
CA PHE G 170 -39.79 -22.68 -29.43
C PHE G 170 -41.25 -22.27 -29.56
N VAL G 171 -41.82 -21.55 -28.61
CA VAL G 171 -43.20 -21.09 -28.69
C VAL G 171 -43.25 -19.60 -28.39
N ASN G 172 -43.87 -18.83 -29.28
CA ASN G 172 -43.97 -17.40 -29.05
C ASN G 172 -44.91 -17.13 -27.88
N ILE G 173 -44.49 -16.24 -26.99
CA ILE G 173 -45.25 -15.88 -25.81
C ILE G 173 -45.45 -14.37 -25.79
N GLU G 174 -46.66 -13.94 -25.44
CA GLU G 174 -47.01 -12.53 -25.39
C GLU G 174 -46.84 -12.10 -23.92
N VAL G 175 -45.99 -11.09 -23.67
CA VAL G 175 -45.73 -10.65 -22.30
C VAL G 175 -45.87 -9.13 -22.18
N TRP G 176 -46.34 -8.69 -21.02
CA TRP G 176 -46.50 -7.28 -20.68
C TRP G 176 -46.68 -7.18 -19.18
N VAL G 177 -46.46 -5.98 -18.65
CA VAL G 177 -46.60 -5.72 -17.22
C VAL G 177 -47.75 -4.75 -17.01
N GLU G 178 -48.53 -4.99 -15.96
CA GLU G 178 -49.69 -4.16 -15.64
C GLU G 178 -49.45 -3.45 -14.32
N ALA G 179 -49.40 -2.12 -14.36
CA ALA G 179 -49.20 -1.29 -13.18
C ALA G 179 -50.54 -0.64 -12.81
N GLU G 180 -50.92 -0.77 -11.55
CA GLU G 180 -52.19 -0.19 -11.11
C GLU G 180 -52.12 0.24 -9.66
N ASN G 181 -52.71 1.40 -9.37
CA ASN G 181 -52.82 1.91 -8.01
C ASN G 181 -54.13 2.69 -7.90
N ALA G 182 -54.50 3.00 -6.66
CA ALA G 182 -55.74 3.69 -6.34
C ALA G 182 -56.11 4.85 -7.28
N LEU G 183 -55.13 5.52 -7.88
CA LEU G 183 -55.41 6.64 -8.76
C LEU G 183 -55.41 6.28 -10.25
N GLY G 184 -55.10 5.04 -10.61
CA GLY G 184 -55.10 4.72 -12.02
C GLY G 184 -54.58 3.36 -12.41
N LYS G 185 -54.98 2.90 -13.60
CA LYS G 185 -54.56 1.62 -14.13
C LYS G 185 -53.97 1.86 -15.52
N VAL G 186 -52.84 1.21 -15.80
CA VAL G 186 -52.20 1.33 -17.10
C VAL G 186 -51.39 0.07 -17.36
N THR G 187 -51.21 -0.24 -18.65
CA THR G 187 -50.49 -1.42 -19.07
C THR G 187 -49.29 -1.00 -19.90
N SER G 188 -48.19 -1.75 -19.78
CA SER G 188 -47.03 -1.45 -20.59
C SER G 188 -47.28 -1.94 -22.00
N ASP G 189 -46.35 -1.65 -22.90
CA ASP G 189 -46.52 -2.17 -24.25
C ASP G 189 -46.34 -3.68 -24.21
N HIS G 190 -47.01 -4.36 -25.14
CA HIS G 190 -46.88 -5.80 -25.22
C HIS G 190 -45.64 -6.18 -26.02
N ILE G 191 -44.94 -7.21 -25.55
CA ILE G 191 -43.79 -7.73 -26.28
C ILE G 191 -44.08 -9.17 -26.68
N ASN G 192 -43.41 -9.63 -27.74
CA ASN G 192 -43.61 -10.96 -28.27
C ASN G 192 -42.24 -11.51 -28.63
N PHE G 193 -41.95 -12.74 -28.19
CA PHE G 193 -40.64 -13.31 -28.48
C PHE G 193 -40.65 -14.80 -28.22
N ASP G 194 -39.63 -15.46 -28.78
CA ASP G 194 -39.41 -16.89 -28.58
C ASP G 194 -38.41 -17.04 -27.46
N PRO G 195 -38.75 -17.68 -26.34
CA PRO G 195 -37.79 -17.83 -25.23
C PRO G 195 -36.40 -18.28 -25.65
N VAL G 196 -36.28 -19.00 -26.77
CA VAL G 196 -35.00 -19.50 -27.23
C VAL G 196 -34.00 -18.37 -27.52
N TYR G 197 -34.47 -17.15 -27.76
CA TYR G 197 -33.59 -16.04 -28.05
C TYR G 197 -33.28 -15.18 -26.83
N LYS G 198 -33.65 -15.64 -25.62
CA LYS G 198 -33.42 -14.87 -24.41
C LYS G 198 -32.73 -15.71 -23.34
N VAL G 199 -31.98 -16.72 -23.74
CA VAL G 199 -31.31 -17.61 -22.80
C VAL G 199 -29.98 -17.01 -22.36
N LYS G 200 -29.67 -17.21 -21.07
CA LYS G 200 -28.42 -16.77 -20.45
C LYS G 200 -27.80 -18.04 -19.88
N PRO G 201 -26.99 -18.74 -20.66
CA PRO G 201 -26.37 -19.99 -20.19
C PRO G 201 -25.44 -19.77 -19.00
N ASN G 202 -25.15 -20.87 -18.32
CA ASN G 202 -24.21 -20.84 -17.22
C ASN G 202 -22.80 -20.78 -17.81
N PRO G 203 -21.80 -20.39 -17.04
CA PRO G 203 -20.45 -20.33 -17.61
C PRO G 203 -19.81 -21.70 -17.68
N PRO G 204 -18.86 -21.88 -18.60
CA PRO G 204 -18.17 -23.17 -18.71
C PRO G 204 -17.49 -23.59 -17.42
N HIS G 205 -17.48 -24.90 -17.16
CA HIS G 205 -16.85 -25.47 -15.98
C HIS G 205 -15.94 -26.61 -16.42
N ASN G 206 -15.22 -27.21 -15.46
CA ASN G 206 -14.29 -28.30 -15.74
C ASN G 206 -13.14 -27.82 -16.64
N LEU G 207 -12.67 -26.60 -16.40
CA LEU G 207 -11.60 -26.04 -17.22
C LEU G 207 -10.28 -26.73 -16.96
N SER G 208 -9.63 -27.16 -18.05
CA SER G 208 -8.36 -27.87 -18.08
C SER G 208 -7.46 -27.23 -19.12
N VAL G 209 -6.17 -27.14 -18.83
CA VAL G 209 -5.24 -26.54 -19.77
C VAL G 209 -4.31 -27.55 -20.45
N ILE G 210 -3.90 -28.63 -19.77
CA ILE G 210 -2.99 -29.66 -20.27
C ILE G 210 -1.61 -29.09 -20.65
N ASN G 211 -0.55 -29.79 -20.28
CA ASN G 211 0.78 -29.34 -20.62
C ASN G 211 1.10 -29.68 -22.08
N SER G 212 2.22 -29.12 -22.55
CA SER G 212 2.66 -29.32 -23.91
C SER G 212 3.41 -30.64 -24.12
N GLU G 213 3.27 -31.15 -25.33
CA GLU G 213 3.82 -32.37 -25.94
C GLU G 213 5.30 -32.26 -26.24
N GLU G 214 5.74 -32.89 -27.33
CA GLU G 214 7.14 -32.86 -27.73
C GLU G 214 7.40 -31.62 -28.55
N LEU G 215 6.35 -30.88 -28.86
CA LEU G 215 6.39 -29.62 -29.57
C LEU G 215 5.97 -28.60 -28.53
N SER G 216 6.61 -27.45 -28.52
CA SER G 216 6.26 -26.46 -27.53
C SER G 216 5.46 -25.37 -28.24
N SER G 217 5.13 -24.31 -27.50
CA SER G 217 4.34 -23.19 -28.00
C SER G 217 2.90 -23.57 -28.32
N ILE G 218 2.39 -24.66 -27.76
CA ILE G 218 1.02 -25.09 -28.03
C ILE G 218 0.33 -25.48 -26.73
N LEU G 219 -0.91 -25.02 -26.54
CA LEU G 219 -1.71 -25.40 -25.38
C LEU G 219 -3.12 -25.74 -25.84
N LYS G 220 -3.67 -26.85 -25.37
CA LYS G 220 -5.02 -27.28 -25.73
C LYS G 220 -5.95 -27.02 -24.55
N LEU G 221 -7.04 -26.30 -24.80
CA LEU G 221 -8.01 -26.00 -23.75
C LEU G 221 -9.16 -26.98 -23.82
N THR G 222 -9.55 -27.53 -22.67
CA THR G 222 -10.69 -28.43 -22.59
C THR G 222 -11.57 -28.00 -21.41
N TRP G 223 -12.86 -28.30 -21.52
CA TRP G 223 -13.84 -27.94 -20.53
C TRP G 223 -15.11 -28.74 -20.79
N THR G 224 -16.04 -28.68 -19.84
CA THR G 224 -17.33 -29.37 -19.98
C THR G 224 -18.39 -28.30 -20.22
N ASN G 225 -19.09 -28.43 -21.34
CA ASN G 225 -20.14 -27.51 -21.71
C ASN G 225 -21.36 -27.66 -20.81
N PRO G 226 -22.20 -26.62 -20.73
CA PRO G 226 -23.40 -26.71 -19.90
C PRO G 226 -24.46 -27.56 -20.57
N SER G 227 -25.27 -28.22 -19.73
CA SER G 227 -26.33 -29.11 -20.19
C SER G 227 -27.21 -28.49 -21.27
N ILE G 228 -27.35 -27.16 -21.26
CA ILE G 228 -28.19 -26.44 -22.22
C ILE G 228 -27.81 -26.69 -23.68
N LYS G 229 -26.72 -27.41 -23.94
CA LYS G 229 -26.32 -27.69 -25.32
C LYS G 229 -27.34 -28.56 -26.06
N SER G 230 -28.26 -29.22 -25.33
CA SER G 230 -29.27 -30.07 -25.96
C SER G 230 -30.36 -29.30 -26.68
N VAL G 231 -30.53 -28.01 -26.41
CA VAL G 231 -31.57 -27.21 -27.02
C VAL G 231 -31.02 -26.18 -28.00
N ILE G 232 -29.87 -25.57 -27.69
CA ILE G 232 -29.29 -24.56 -28.56
C ILE G 232 -27.85 -24.92 -28.90
N ILE G 233 -27.37 -24.35 -29.99
CA ILE G 233 -26.00 -24.53 -30.43
C ILE G 233 -25.17 -23.43 -29.79
N LEU G 234 -24.08 -23.81 -29.14
CA LEU G 234 -23.24 -22.84 -28.44
C LEU G 234 -22.15 -22.23 -29.31
N LYS G 235 -21.78 -21.01 -28.95
CA LYS G 235 -20.74 -20.21 -29.57
C LYS G 235 -19.85 -19.78 -28.42
N TYR G 236 -18.57 -19.53 -28.68
CA TYR G 236 -17.73 -19.17 -27.56
C TYR G 236 -16.84 -17.97 -27.86
N ASN G 237 -16.28 -17.44 -26.79
CA ASN G 237 -15.32 -16.34 -26.81
C ASN G 237 -14.20 -16.79 -25.87
N ILE G 238 -13.02 -17.04 -26.42
CA ILE G 238 -11.88 -17.48 -25.62
C ILE G 238 -10.90 -16.31 -25.53
N GLN G 239 -10.58 -15.91 -24.31
CA GLN G 239 -9.65 -14.84 -24.06
C GLN G 239 -8.42 -15.41 -23.37
N TYR G 240 -7.27 -14.80 -23.66
CA TYR G 240 -6.01 -15.25 -23.10
C TYR G 240 -5.02 -14.09 -23.07
N ARG G 241 -4.08 -14.17 -22.13
CA ARG G 241 -3.06 -13.15 -21.96
C ARG G 241 -1.91 -13.78 -21.20
N THR G 242 -0.77 -13.10 -21.21
CA THR G 242 0.38 -13.60 -20.48
C THR G 242 0.20 -13.29 -19.00
N LYS G 243 0.80 -14.14 -18.16
CA LYS G 243 0.67 -13.97 -16.71
C LYS G 243 0.98 -12.55 -16.26
N ASP G 244 1.73 -11.78 -17.04
CA ASP G 244 2.09 -10.42 -16.66
C ASP G 244 1.36 -9.35 -17.45
N ALA G 245 0.72 -9.70 -18.56
CA ALA G 245 -0.03 -8.73 -19.35
C ALA G 245 -1.13 -8.08 -18.52
N SER G 246 -1.50 -6.85 -18.91
CA SER G 246 -2.54 -6.13 -18.20
C SER G 246 -3.91 -6.25 -18.85
N THR G 247 -3.96 -6.53 -20.15
CA THR G 247 -5.21 -6.67 -20.87
C THR G 247 -5.30 -8.07 -21.48
N TRP G 248 -6.53 -8.49 -21.76
CA TRP G 248 -6.79 -9.78 -22.36
C TRP G 248 -6.86 -9.68 -23.88
N SER G 249 -6.43 -10.74 -24.54
CA SER G 249 -6.52 -10.83 -26.00
C SER G 249 -7.69 -11.77 -26.29
N GLN G 250 -8.04 -11.91 -27.58
CA GLN G 250 -9.16 -12.79 -27.87
C GLN G 250 -8.99 -13.45 -29.24
N ILE G 251 -9.35 -14.72 -29.30
CA ILE G 251 -9.32 -15.54 -30.52
C ILE G 251 -10.39 -14.98 -31.45
N PRO G 252 -10.19 -14.97 -32.76
CA PRO G 252 -11.22 -14.44 -33.67
C PRO G 252 -12.48 -15.26 -33.57
N PRO G 253 -13.60 -14.61 -33.24
CA PRO G 253 -14.89 -15.32 -33.11
C PRO G 253 -15.22 -16.31 -34.21
N GLU G 254 -14.87 -15.98 -35.46
CA GLU G 254 -15.17 -16.87 -36.58
C GLU G 254 -14.56 -18.25 -36.41
N ASP G 255 -13.40 -18.35 -35.73
CA ASP G 255 -12.77 -19.65 -35.54
C ASP G 255 -13.43 -20.47 -34.45
N THR G 256 -14.21 -19.84 -33.57
CA THR G 256 -14.92 -20.49 -32.47
C THR G 256 -16.41 -20.16 -32.54
N ALA G 257 -16.98 -20.24 -33.74
CA ALA G 257 -18.37 -19.90 -34.00
C ALA G 257 -19.34 -21.08 -33.89
N SER G 258 -18.89 -22.25 -33.41
CA SER G 258 -19.82 -23.37 -33.30
C SER G 258 -19.42 -24.28 -32.14
N THR G 259 -20.41 -25.01 -31.63
CA THR G 259 -20.27 -25.91 -30.50
C THR G 259 -19.00 -26.75 -30.58
N ARG G 260 -18.29 -26.81 -29.46
CA ARG G 260 -17.05 -27.57 -29.35
C ARG G 260 -16.73 -27.68 -27.86
N SER G 261 -15.85 -28.62 -27.53
CA SER G 261 -15.48 -28.84 -26.14
C SER G 261 -13.99 -28.74 -25.93
N SER G 262 -13.24 -28.23 -26.91
CA SER G 262 -11.80 -28.10 -26.78
C SER G 262 -11.29 -27.13 -27.84
N PHE G 263 -10.08 -26.63 -27.60
CA PHE G 263 -9.44 -25.71 -28.54
C PHE G 263 -7.96 -25.65 -28.18
N THR G 264 -7.10 -25.70 -29.20
CA THR G 264 -5.65 -25.64 -28.98
C THR G 264 -5.16 -24.23 -29.34
N VAL G 265 -4.64 -23.51 -28.36
CA VAL G 265 -4.12 -22.16 -28.56
C VAL G 265 -2.67 -22.26 -29.00
N GLN G 266 -2.33 -21.54 -30.07
CA GLN G 266 -1.00 -21.55 -30.67
C GLN G 266 -0.31 -20.20 -30.58
N ASP G 267 0.95 -20.24 -31.05
CA ASP G 267 1.89 -19.15 -31.12
C ASP G 267 2.16 -18.52 -29.75
N LEU G 268 2.20 -19.34 -28.72
CA LEU G 268 2.51 -18.87 -27.38
C LEU G 268 4.00 -19.06 -27.14
N LYS G 269 4.59 -18.18 -26.34
CA LYS G 269 6.03 -18.25 -26.08
C LYS G 269 6.39 -19.47 -25.24
N PRO G 270 7.55 -20.08 -25.50
CA PRO G 270 7.97 -21.26 -24.74
C PRO G 270 8.18 -20.95 -23.26
N PHE G 271 8.02 -22.00 -22.44
CA PHE G 271 8.15 -21.94 -20.99
C PHE G 271 7.60 -20.63 -20.40
N THR G 272 6.42 -20.25 -20.88
CA THR G 272 5.73 -19.04 -20.42
C THR G 272 4.41 -19.44 -19.79
N GLU G 273 4.00 -18.75 -18.73
CA GLU G 273 2.75 -19.06 -18.06
C GLU G 273 1.62 -18.22 -18.65
N TYR G 274 0.51 -18.87 -18.97
CA TYR G 274 -0.65 -18.23 -19.56
C TYR G 274 -1.91 -18.44 -18.73
N VAL G 275 -2.77 -17.44 -18.70
CA VAL G 275 -4.04 -17.48 -17.98
C VAL G 275 -5.16 -17.40 -19.02
N PHE G 276 -6.19 -18.24 -18.84
CA PHE G 276 -7.31 -18.29 -19.77
C PHE G 276 -8.64 -18.11 -19.05
N ARG G 277 -9.63 -17.60 -19.81
CA ARG G 277 -11.00 -17.41 -19.36
C ARG G 277 -11.90 -17.51 -20.59
N ILE G 278 -13.09 -18.10 -20.42
CA ILE G 278 -14.02 -18.32 -21.52
C ILE G 278 -15.45 -18.01 -21.11
N ARG G 279 -16.28 -17.69 -22.12
CA ARG G 279 -17.70 -17.41 -21.94
C ARG G 279 -18.43 -17.91 -23.18
N CYS G 280 -19.74 -18.14 -23.04
CA CYS G 280 -20.51 -18.66 -24.16
C CYS G 280 -21.91 -18.06 -24.19
N MET G 281 -22.54 -18.17 -25.37
CA MET G 281 -23.92 -17.71 -25.60
C MET G 281 -24.41 -18.39 -26.88
N LYS G 282 -25.70 -18.21 -27.17
CA LYS G 282 -26.29 -18.82 -28.36
C LYS G 282 -25.49 -18.41 -29.61
N GLU G 283 -25.28 -19.39 -30.49
CA GLU G 283 -24.49 -19.20 -31.71
C GLU G 283 -24.94 -18.02 -32.59
N ASP G 284 -26.23 -17.72 -32.65
CA ASP G 284 -26.67 -16.61 -33.49
C ASP G 284 -26.56 -15.24 -32.84
N GLY G 285 -25.97 -15.13 -31.65
CA GLY G 285 -25.85 -13.85 -31.00
C GLY G 285 -27.14 -13.31 -30.43
N LYS G 286 -28.22 -14.08 -30.48
CA LYS G 286 -29.53 -13.68 -29.95
C LYS G 286 -29.66 -14.28 -28.55
N GLY G 287 -29.50 -13.44 -27.55
CA GLY G 287 -29.56 -13.83 -26.16
C GLY G 287 -28.55 -13.04 -25.36
N TYR G 288 -28.16 -13.59 -24.21
CA TYR G 288 -27.21 -12.92 -23.34
C TYR G 288 -25.96 -13.76 -23.09
N TRP G 289 -24.82 -13.08 -23.06
CA TRP G 289 -23.54 -13.72 -22.79
C TRP G 289 -23.50 -14.25 -21.36
N SER G 290 -22.93 -15.45 -21.20
CA SER G 290 -22.81 -16.01 -19.88
C SER G 290 -21.68 -15.30 -19.13
N ASP G 291 -21.56 -15.59 -17.84
CA ASP G 291 -20.47 -14.99 -17.09
C ASP G 291 -19.16 -15.66 -17.46
N TRP G 292 -18.06 -15.05 -17.03
CA TRP G 292 -16.76 -15.63 -17.30
C TRP G 292 -16.53 -16.88 -16.45
N SER G 293 -15.89 -17.87 -17.04
CA SER G 293 -15.54 -19.10 -16.36
C SER G 293 -14.49 -18.84 -15.28
N GLU G 294 -14.12 -19.90 -14.58
CA GLU G 294 -13.07 -19.83 -13.59
C GLU G 294 -11.74 -19.61 -14.29
N GLU G 295 -10.82 -18.92 -13.64
CA GLU G 295 -9.53 -18.67 -14.27
C GLU G 295 -8.73 -19.97 -14.33
N ALA G 296 -7.89 -20.07 -15.35
CA ALA G 296 -7.04 -21.24 -15.55
C ALA G 296 -5.62 -20.82 -15.86
N SER G 297 -4.66 -21.57 -15.32
CA SER G 297 -3.24 -21.30 -15.49
C SER G 297 -2.60 -22.48 -16.20
N GLY G 298 -1.50 -22.20 -16.91
CA GLY G 298 -0.81 -23.26 -17.63
C GLY G 298 0.62 -22.82 -17.90
N ILE G 299 1.45 -23.81 -18.22
CA ILE G 299 2.87 -23.58 -18.50
C ILE G 299 3.27 -24.31 -19.78
N THR G 300 4.02 -23.62 -20.63
CA THR G 300 4.51 -24.21 -21.87
C THR G 300 5.64 -25.19 -21.55
N TYR G 301 5.92 -26.09 -22.49
CA TYR G 301 6.99 -27.06 -22.30
C TYR G 301 8.36 -26.39 -22.46
N GLU G 302 9.38 -27.13 -22.05
CA GLU G 302 10.77 -26.68 -22.19
C GLU G 302 11.22 -26.74 -23.65
N ARG H 16 -44.09 -26.45 -44.25
CA ARG H 16 -44.94 -25.58 -43.44
C ARG H 16 -44.20 -25.06 -42.21
N ALA H 17 -44.28 -23.75 -41.98
CA ALA H 17 -43.63 -23.15 -40.83
C ALA H 17 -44.23 -23.63 -39.51
N GLU H 18 -45.56 -23.82 -39.48
CA GLU H 18 -46.21 -24.31 -38.28
C GLU H 18 -45.78 -25.74 -37.94
N LEU H 19 -45.64 -26.59 -38.96
CA LEU H 19 -45.19 -27.95 -38.72
C LEU H 19 -43.73 -28.00 -38.25
N ASP H 20 -42.88 -27.14 -38.81
CA ASP H 20 -41.49 -27.05 -38.37
C ASP H 20 -41.39 -26.77 -36.88
N SER H 21 -42.16 -25.80 -36.38
CA SER H 21 -42.09 -25.42 -34.97
C SER H 21 -42.51 -26.55 -34.05
N THR H 22 -43.58 -27.26 -34.41
CA THR H 22 -44.07 -28.36 -33.57
C THR H 22 -43.07 -29.51 -33.50
N VAL H 23 -42.38 -29.80 -34.60
CA VAL H 23 -41.40 -30.89 -34.63
C VAL H 23 -40.21 -30.58 -33.72
N LEU H 24 -39.75 -29.32 -33.73
CA LEU H 24 -38.62 -28.93 -32.87
C LEU H 24 -38.94 -29.17 -31.39
N LEU H 25 -40.15 -28.82 -30.96
CA LEU H 25 -40.54 -29.02 -29.57
C LEU H 25 -40.69 -30.49 -29.20
N THR H 26 -41.12 -31.34 -30.13
CA THR H 26 -41.22 -32.76 -29.84
C THR H 26 -39.86 -33.39 -29.57
N ARG H 27 -38.84 -33.04 -30.37
CA ARG H 27 -37.50 -33.56 -30.11
C ARG H 27 -37.00 -33.15 -28.73
N SER H 28 -37.31 -31.92 -28.30
CA SER H 28 -36.94 -31.46 -26.97
C SER H 28 -37.57 -32.32 -25.88
N LEU H 29 -38.87 -32.61 -26.00
CA LEU H 29 -39.54 -33.42 -24.98
C LEU H 29 -39.02 -34.85 -24.97
N LEU H 30 -38.72 -35.42 -26.14
CA LEU H 30 -38.15 -36.76 -26.18
C LEU H 30 -36.84 -36.84 -25.42
N ALA H 31 -35.95 -35.85 -25.61
CA ALA H 31 -34.68 -35.83 -24.90
C ALA H 31 -34.86 -35.74 -23.39
N ASP H 32 -35.81 -34.92 -22.93
CA ASP H 32 -36.04 -34.81 -21.49
C ASP H 32 -36.52 -36.14 -20.92
N THR H 33 -37.39 -36.84 -21.65
CA THR H 33 -37.94 -38.09 -21.15
C THR H 33 -36.88 -39.18 -21.07
N ARG H 34 -36.04 -39.28 -22.10
CA ARG H 34 -34.95 -40.26 -22.09
C ARG H 34 -33.99 -40.04 -20.92
N GLN H 35 -33.64 -38.79 -20.63
CA GLN H 35 -32.69 -38.54 -19.56
C GLN H 35 -33.25 -38.94 -18.20
N LEU H 36 -34.51 -38.58 -17.94
CA LEU H 36 -35.09 -38.92 -16.64
C LEU H 36 -35.31 -40.43 -16.49
N ALA H 37 -35.74 -41.09 -17.57
CA ALA H 37 -35.86 -42.54 -17.52
C ALA H 37 -34.53 -43.23 -17.26
N ALA H 38 -33.45 -42.75 -17.86
CA ALA H 38 -32.14 -43.35 -17.65
C ALA H 38 -31.59 -43.03 -16.27
N GLN H 39 -31.83 -41.81 -15.80
CA GLN H 39 -31.48 -41.42 -14.44
C GLN H 39 -32.18 -42.30 -13.42
N LEU H 40 -33.46 -42.61 -13.65
CA LEU H 40 -34.22 -43.42 -12.71
C LEU H 40 -33.66 -44.82 -12.58
N ARG H 41 -33.32 -45.47 -13.68
CA ARG H 41 -32.80 -46.83 -13.59
C ARG H 41 -31.45 -46.86 -12.89
N ASP H 42 -30.68 -45.78 -12.97
CA ASP H 42 -29.39 -45.75 -12.27
C ASP H 42 -29.57 -45.78 -10.76
N LYS H 43 -30.60 -45.08 -10.25
CA LYS H 43 -30.85 -44.98 -8.82
C LYS H 43 -31.77 -46.07 -8.29
N PHE H 44 -32.74 -46.48 -9.10
CA PHE H 44 -33.75 -47.47 -8.72
C PHE H 44 -33.77 -48.45 -9.88
N PRO H 45 -32.83 -49.39 -9.92
CA PRO H 45 -32.78 -50.34 -11.04
C PRO H 45 -34.07 -51.11 -11.21
N ALA H 46 -34.34 -51.51 -12.46
CA ALA H 46 -35.53 -52.26 -12.82
C ALA H 46 -35.06 -53.60 -13.37
N ASP H 47 -35.75 -54.66 -12.99
CA ASP H 47 -35.43 -56.01 -13.45
C ASP H 47 -36.59 -56.60 -14.25
N GLY H 48 -36.58 -56.37 -15.56
CA GLY H 48 -37.66 -56.90 -16.36
C GLY H 48 -38.49 -55.83 -17.02
N ASP H 49 -39.17 -56.19 -18.10
CA ASP H 49 -40.03 -55.24 -18.79
C ASP H 49 -41.38 -55.17 -18.09
N HIS H 50 -41.73 -53.98 -17.63
CA HIS H 50 -42.92 -53.77 -16.82
C HIS H 50 -44.04 -53.28 -17.73
N ASN H 51 -45.26 -53.72 -17.45
CA ASN H 51 -46.41 -53.30 -18.23
C ASN H 51 -47.53 -52.90 -17.28
N LEU H 52 -48.48 -52.14 -17.82
CA LEU H 52 -49.68 -51.75 -17.09
C LEU H 52 -50.87 -51.90 -18.02
N ASP H 53 -51.96 -52.49 -17.52
CA ASP H 53 -53.12 -52.67 -18.40
C ASP H 53 -53.68 -51.32 -18.80
N SER H 54 -53.55 -50.30 -17.94
CA SER H 54 -54.15 -49.01 -18.25
C SER H 54 -53.30 -48.20 -19.22
N LEU H 55 -52.06 -48.65 -19.51
CA LEU H 55 -51.32 -47.84 -20.46
C LEU H 55 -51.67 -48.27 -21.88
N PRO H 56 -51.56 -47.39 -22.87
CA PRO H 56 -51.87 -47.83 -24.23
C PRO H 56 -50.81 -48.83 -24.64
N THR H 57 -51.20 -49.75 -25.52
CA THR H 57 -50.23 -50.64 -26.16
C THR H 57 -50.39 -50.55 -27.67
N LEU H 58 -50.51 -49.31 -28.13
CA LEU H 58 -50.72 -49.01 -29.53
C LEU H 58 -49.43 -49.04 -30.35
N ALA H 59 -48.28 -49.14 -29.71
CA ALA H 59 -46.99 -49.06 -30.40
C ALA H 59 -46.71 -50.43 -31.01
N MET H 60 -47.57 -50.77 -31.97
CA MET H 60 -47.52 -52.02 -32.71
C MET H 60 -47.30 -51.75 -34.19
N SER H 61 -46.04 -51.75 -34.63
CA SER H 61 -45.76 -51.54 -36.05
C SER H 61 -44.28 -51.78 -36.32
N ALA H 62 -43.99 -51.99 -37.60
CA ALA H 62 -42.64 -52.11 -38.12
C ALA H 62 -42.18 -50.77 -38.72
N GLY H 63 -41.10 -50.83 -39.48
CA GLY H 63 -40.47 -49.71 -40.15
C GLY H 63 -41.33 -48.97 -41.15
N ALA H 64 -41.72 -49.67 -42.21
CA ALA H 64 -42.59 -49.15 -43.27
C ALA H 64 -43.87 -48.44 -42.82
N LEU H 65 -44.24 -48.51 -41.53
CA LEU H 65 -45.50 -47.92 -41.08
C LEU H 65 -45.65 -46.46 -41.48
N GLY H 66 -44.56 -45.79 -41.88
CA GLY H 66 -44.62 -44.42 -42.38
C GLY H 66 -45.68 -44.23 -43.44
N ALA H 67 -46.03 -45.36 -44.06
CA ALA H 67 -46.90 -45.39 -45.23
C ALA H 67 -48.24 -44.74 -44.92
N LEU H 68 -48.75 -44.95 -43.71
CA LEU H 68 -50.07 -44.52 -43.29
C LEU H 68 -50.30 -43.02 -43.47
N GLN H 69 -51.58 -42.65 -43.50
CA GLN H 69 -52.09 -41.31 -43.74
C GLN H 69 -52.20 -40.44 -42.49
N LEU H 70 -52.32 -39.13 -42.76
CA LEU H 70 -52.20 -38.11 -41.73
C LEU H 70 -53.31 -38.11 -40.68
N PRO H 71 -54.60 -38.20 -41.03
CA PRO H 71 -55.63 -38.14 -39.98
C PRO H 71 -55.47 -39.20 -38.89
N GLY H 72 -55.14 -40.43 -39.26
CA GLY H 72 -55.00 -41.46 -38.25
C GLY H 72 -53.83 -41.19 -37.30
N VAL H 73 -52.69 -40.78 -37.85
CA VAL H 73 -51.51 -40.49 -37.03
C VAL H 73 -51.78 -39.39 -36.01
N LEU H 74 -52.40 -38.27 -36.43
CA LEU H 74 -52.62 -37.19 -35.47
C LEU H 74 -53.66 -37.57 -34.42
N THR H 75 -54.72 -38.25 -34.85
CA THR H 75 -55.74 -38.72 -33.91
C THR H 75 -55.13 -39.71 -32.93
N ARG H 76 -54.31 -40.63 -33.44
CA ARG H 76 -53.66 -41.64 -32.64
C ARG H 76 -52.68 -41.03 -31.65
N LEU H 77 -51.88 -40.06 -32.09
CA LEU H 77 -50.96 -39.38 -31.18
C LEU H 77 -51.70 -38.68 -30.04
N ARG H 78 -52.79 -37.98 -30.38
CA ARG H 78 -53.56 -37.24 -29.38
C ARG H 78 -54.13 -38.15 -28.29
N ALA H 79 -54.69 -39.30 -28.67
CA ALA H 79 -55.28 -40.20 -27.69
C ALA H 79 -54.23 -40.76 -26.74
N ASP H 80 -53.07 -41.17 -27.27
CA ASP H 80 -52.03 -41.76 -26.44
C ASP H 80 -51.47 -40.75 -25.44
N LEU H 81 -51.17 -39.54 -25.91
CA LEU H 81 -50.55 -38.52 -25.06
C LEU H 81 -51.47 -38.07 -23.93
N LEU H 82 -52.78 -38.00 -24.17
CA LEU H 82 -53.70 -37.66 -23.08
C LEU H 82 -53.67 -38.70 -21.98
N SER H 83 -53.60 -39.99 -22.34
CA SER H 83 -53.48 -41.03 -21.31
C SER H 83 -52.17 -40.89 -20.55
N TYR H 84 -51.07 -40.62 -21.26
CA TYR H 84 -49.77 -40.46 -20.60
C TYR H 84 -49.76 -39.25 -19.68
N LEU H 85 -50.41 -38.15 -20.06
CA LEU H 85 -50.47 -36.98 -19.19
C LEU H 85 -51.17 -37.31 -17.87
N ARG H 86 -52.31 -38.00 -17.94
CA ARG H 86 -53.00 -38.43 -16.74
C ARG H 86 -52.08 -39.26 -15.84
N HIS H 87 -51.33 -40.18 -16.45
CA HIS H 87 -50.48 -41.08 -15.68
C HIS H 87 -49.29 -40.36 -15.06
N VAL H 88 -48.69 -39.42 -15.77
CA VAL H 88 -47.57 -38.65 -15.22
C VAL H 88 -48.02 -37.80 -14.04
N GLN H 89 -49.14 -37.09 -14.19
CA GLN H 89 -49.67 -36.29 -13.08
C GLN H 89 -50.06 -37.17 -11.90
N TRP H 90 -50.68 -38.31 -12.18
CA TRP H 90 -51.02 -39.28 -11.13
C TRP H 90 -49.79 -39.71 -10.34
N LEU H 91 -48.68 -39.94 -11.03
CA LEU H 91 -47.44 -40.35 -10.36
C LEU H 91 -46.95 -39.30 -9.36
N ARG H 92 -46.98 -38.02 -9.74
CA ARG H 92 -46.44 -36.99 -8.86
C ARG H 92 -47.25 -36.85 -7.57
N ARG H 93 -48.58 -36.70 -7.68
CA ARG H 93 -49.35 -36.39 -6.48
C ARG H 93 -49.44 -37.56 -5.51
N ALA H 94 -49.28 -38.80 -5.99
CA ALA H 94 -49.56 -39.96 -5.15
C ALA H 94 -48.54 -41.09 -5.30
N GLY H 95 -47.43 -40.88 -6.00
CA GLY H 95 -46.48 -41.95 -6.19
C GLY H 95 -45.75 -42.38 -4.93
N GLY H 96 -45.76 -41.56 -3.90
CA GLY H 96 -45.06 -41.89 -2.67
C GLY H 96 -43.78 -41.08 -2.50
N SER H 97 -43.38 -40.93 -1.24
CA SER H 97 -42.20 -40.12 -0.94
C SER H 97 -40.95 -40.65 -1.62
N SER H 98 -40.95 -41.93 -2.00
CA SER H 98 -39.77 -42.53 -2.63
C SER H 98 -39.39 -41.80 -3.91
N LEU H 99 -40.36 -41.18 -4.59
CA LEU H 99 -40.14 -40.61 -5.90
C LEU H 99 -40.02 -39.09 -5.87
N LYS H 100 -39.97 -38.48 -4.68
CA LYS H 100 -39.75 -37.05 -4.61
C LYS H 100 -38.41 -36.66 -5.22
N THR H 101 -37.46 -37.59 -5.25
CA THR H 101 -36.16 -37.33 -5.86
C THR H 101 -36.25 -37.12 -7.37
N LEU H 102 -37.36 -37.49 -8.00
CA LEU H 102 -37.49 -37.30 -9.43
C LEU H 102 -38.00 -35.92 -9.78
N GLU H 103 -38.38 -35.13 -8.80
CA GLU H 103 -38.69 -33.72 -8.92
C GLU H 103 -37.42 -32.89 -8.80
N PRO H 104 -37.41 -31.65 -9.34
CA PRO H 104 -38.56 -31.02 -9.99
C PRO H 104 -38.65 -31.40 -11.45
N GLU H 105 -37.76 -32.31 -11.87
CA GLU H 105 -37.68 -32.65 -13.29
C GLU H 105 -38.97 -33.28 -13.78
N LEU H 106 -39.61 -34.09 -12.92
CA LEU H 106 -40.85 -34.74 -13.31
C LEU H 106 -41.99 -33.74 -13.48
N GLY H 107 -42.05 -32.74 -12.59
CA GLY H 107 -43.06 -31.71 -12.74
C GLY H 107 -42.84 -30.82 -13.95
N THR H 108 -41.57 -30.54 -14.27
CA THR H 108 -41.28 -29.80 -15.49
C THR H 108 -41.70 -30.58 -16.73
N LEU H 109 -41.43 -31.89 -16.73
CA LEU H 109 -41.85 -32.75 -17.84
C LEU H 109 -43.37 -32.74 -18.02
N GLN H 110 -44.13 -32.81 -16.92
CA GLN H 110 -45.59 -32.75 -17.00
C GLN H 110 -46.06 -31.45 -17.67
N ALA H 111 -45.48 -30.31 -17.28
CA ALA H 111 -45.94 -29.03 -17.81
C ALA H 111 -45.66 -28.90 -19.31
N ARG H 112 -44.53 -29.40 -19.80
CA ARG H 112 -44.25 -29.27 -21.23
C ARG H 112 -45.23 -30.08 -22.06
N LEU H 113 -45.74 -31.19 -21.51
CA LEU H 113 -46.57 -32.11 -22.27
C LEU H 113 -48.01 -31.60 -22.46
N ASP H 114 -48.61 -31.02 -21.42
CA ASP H 114 -49.94 -30.44 -21.56
C ASP H 114 -50.00 -29.38 -22.65
N ARG H 115 -49.00 -28.49 -22.71
CA ARG H 115 -48.99 -27.45 -23.74
C ARG H 115 -48.87 -28.03 -25.15
N LEU H 116 -48.04 -29.06 -25.32
CA LEU H 116 -47.88 -29.66 -26.63
C LEU H 116 -49.19 -30.28 -27.10
N LEU H 117 -49.95 -30.89 -26.18
CA LEU H 117 -51.27 -31.37 -26.57
C LEU H 117 -52.13 -30.22 -27.08
N ARG H 118 -52.04 -29.06 -26.43
CA ARG H 118 -52.77 -27.87 -26.87
C ARG H 118 -52.31 -27.47 -28.26
N ARG H 119 -50.99 -27.50 -28.50
CA ARG H 119 -50.42 -27.14 -29.79
C ARG H 119 -50.94 -28.07 -30.88
N LEU H 120 -51.14 -29.34 -30.54
CA LEU H 120 -51.65 -30.31 -31.50
C LEU H 120 -53.10 -29.99 -31.88
N GLN H 121 -53.92 -29.59 -30.90
CA GLN H 121 -55.29 -29.21 -31.22
C GLN H 121 -55.31 -27.97 -32.11
N LEU H 122 -54.37 -27.04 -31.89
CA LEU H 122 -54.31 -25.83 -32.70
C LEU H 122 -53.89 -26.16 -34.13
N LEU H 123 -52.91 -27.05 -34.29
CA LEU H 123 -52.49 -27.49 -35.61
C LEU H 123 -53.67 -28.02 -36.42
N MET H 124 -54.50 -28.86 -35.79
CA MET H 124 -55.64 -29.44 -36.49
C MET H 124 -56.65 -28.35 -36.85
N SER H 125 -56.83 -27.37 -35.97
CA SER H 125 -57.77 -26.29 -36.24
C SER H 125 -57.28 -25.41 -37.38
N ARG H 126 -56.01 -25.00 -37.34
CA ARG H 126 -55.45 -24.15 -38.38
C ARG H 126 -55.47 -24.82 -39.74
N LEU H 127 -55.28 -26.14 -39.79
CA LEU H 127 -55.35 -26.87 -41.05
C LEU H 127 -56.76 -27.33 -41.40
N ALA H 128 -57.77 -26.96 -40.60
CA ALA H 128 -59.17 -27.25 -40.92
C ALA H 128 -59.39 -28.75 -41.06
N LEU H 129 -58.68 -29.51 -40.25
CA LEU H 129 -58.85 -30.95 -40.27
C LEU H 129 -60.05 -31.37 -39.42
N PRO H 130 -60.72 -32.45 -39.79
CA PRO H 130 -61.88 -32.90 -39.03
C PRO H 130 -61.48 -33.21 -37.60
N GLN H 131 -62.26 -32.69 -36.65
CA GLN H 131 -61.68 -33.07 -35.38
C GLN H 131 -62.22 -34.42 -34.94
N PRO H 132 -61.39 -35.26 -34.32
CA PRO H 132 -61.89 -36.56 -33.89
C PRO H 132 -62.98 -36.37 -32.85
N PRO H 133 -63.87 -37.34 -32.71
CA PRO H 133 -64.88 -37.24 -31.67
C PRO H 133 -64.28 -37.39 -30.29
N PRO H 134 -64.78 -36.62 -29.34
CA PRO H 134 -64.34 -36.72 -27.95
C PRO H 134 -64.48 -38.12 -27.37
N ASP H 135 -63.37 -38.81 -27.17
CA ASP H 135 -63.46 -40.19 -26.73
C ASP H 135 -63.75 -40.21 -25.24
N PRO H 136 -64.26 -41.31 -24.71
CA PRO H 136 -64.57 -41.38 -23.29
C PRO H 136 -63.33 -41.54 -22.44
N PRO H 137 -63.08 -40.59 -21.53
CA PRO H 137 -61.87 -40.61 -20.72
C PRO H 137 -61.78 -41.88 -19.89
N ALA H 138 -60.54 -42.31 -19.67
CA ALA H 138 -60.29 -43.57 -18.98
C ALA H 138 -60.56 -43.41 -17.49
N PRO H 139 -61.07 -44.45 -16.84
CA PRO H 139 -61.36 -44.37 -15.41
C PRO H 139 -60.11 -44.10 -14.60
N PRO H 140 -60.25 -43.78 -13.31
CA PRO H 140 -59.07 -43.42 -12.52
C PRO H 140 -58.13 -44.59 -12.36
N LEU H 141 -56.85 -44.28 -12.27
CA LEU H 141 -55.88 -45.31 -12.00
C LEU H 141 -55.97 -45.58 -10.50
N ALA H 142 -56.00 -46.85 -10.12
CA ALA H 142 -55.97 -47.17 -8.70
C ALA H 142 -54.67 -46.63 -8.11
N PRO H 143 -54.69 -46.23 -6.84
CA PRO H 143 -53.43 -45.82 -6.20
C PRO H 143 -52.48 -47.00 -6.15
N PRO H 144 -51.18 -46.75 -6.06
CA PRO H 144 -50.23 -47.86 -5.94
C PRO H 144 -50.49 -48.66 -4.67
N SER H 145 -50.20 -49.96 -4.75
CA SER H 145 -50.43 -50.84 -3.62
C SER H 145 -49.32 -50.70 -2.59
N SER H 146 -48.21 -50.08 -2.97
CA SER H 146 -47.06 -49.87 -2.10
C SER H 146 -46.21 -48.78 -2.73
N ALA H 147 -45.25 -48.27 -1.95
CA ALA H 147 -44.35 -47.25 -2.47
C ALA H 147 -43.51 -47.81 -3.62
N TRP H 148 -43.05 -49.05 -3.47
CA TRP H 148 -42.25 -49.68 -4.52
C TRP H 148 -43.08 -50.04 -5.74
N GLY H 149 -44.37 -50.35 -5.55
CA GLY H 149 -45.24 -50.55 -6.70
C GLY H 149 -45.34 -49.30 -7.56
N GLY H 150 -45.30 -48.12 -6.94
CA GLY H 150 -45.29 -46.89 -7.71
C GLY H 150 -44.02 -46.73 -8.50
N ILE H 151 -42.88 -47.10 -7.90
CA ILE H 151 -41.60 -47.07 -8.61
C ILE H 151 -41.62 -48.02 -9.80
N ARG H 152 -42.13 -49.24 -9.59
CA ARG H 152 -42.22 -50.19 -10.69
C ARG H 152 -43.13 -49.66 -11.81
N ALA H 153 -44.19 -48.95 -11.43
CA ALA H 153 -45.11 -48.35 -12.39
C ALA H 153 -44.43 -47.26 -13.21
N ALA H 154 -43.56 -46.48 -12.58
CA ALA H 154 -42.79 -45.45 -13.27
C ALA H 154 -41.92 -46.00 -14.39
N HIS H 155 -41.26 -47.14 -14.17
CA HIS H 155 -40.46 -47.72 -15.26
C HIS H 155 -41.33 -48.04 -16.47
N ALA H 156 -42.52 -48.60 -16.24
CA ALA H 156 -43.41 -48.93 -17.35
C ALA H 156 -43.88 -47.68 -18.08
N ILE H 157 -44.20 -46.63 -17.31
CA ILE H 157 -44.72 -45.39 -17.87
C ILE H 157 -43.66 -44.65 -18.68
N LEU H 158 -42.46 -44.49 -18.12
CA LEU H 158 -41.41 -43.76 -18.83
C LEU H 158 -40.95 -44.51 -20.07
N GLY H 159 -40.83 -45.84 -19.98
CA GLY H 159 -40.43 -46.59 -21.17
C GLY H 159 -41.49 -46.48 -22.25
N GLY H 160 -42.77 -46.56 -21.87
CA GLY H 160 -43.83 -46.45 -22.84
C GLY H 160 -43.92 -45.05 -23.43
N LEU H 161 -43.67 -44.03 -22.61
CA LEU H 161 -43.70 -42.65 -23.08
C LEU H 161 -42.60 -42.38 -24.10
N HIS H 162 -41.35 -42.72 -23.76
CA HIS H 162 -40.26 -42.39 -24.67
C HIS H 162 -40.36 -43.18 -25.97
N LEU H 163 -40.99 -44.36 -25.94
CA LEU H 163 -41.21 -45.09 -27.18
C LEU H 163 -42.22 -44.36 -28.05
N THR H 164 -43.31 -43.89 -27.43
CA THR H 164 -44.34 -43.12 -28.13
C THR H 164 -43.74 -41.87 -28.78
N LEU H 165 -42.91 -41.16 -28.03
CA LEU H 165 -42.27 -39.94 -28.51
C LEU H 165 -41.28 -40.23 -29.62
N ASP H 166 -40.55 -41.34 -29.51
CA ASP H 166 -39.61 -41.71 -30.55
C ASP H 166 -40.33 -41.92 -31.89
N TRP H 167 -41.47 -42.60 -31.86
CA TRP H 167 -42.26 -42.83 -33.07
C TRP H 167 -43.00 -41.57 -33.52
N ALA H 168 -43.28 -40.67 -32.58
CA ALA H 168 -43.88 -39.36 -32.91
C ALA H 168 -42.95 -38.47 -33.72
N VAL H 169 -41.68 -38.34 -33.31
CA VAL H 169 -40.72 -37.54 -34.07
C VAL H 169 -40.64 -38.04 -35.51
N ARG H 170 -40.52 -39.35 -35.69
CA ARG H 170 -40.38 -39.94 -37.01
C ARG H 170 -41.60 -39.65 -37.88
N GLY H 171 -42.80 -39.86 -37.32
CA GLY H 171 -44.02 -39.71 -38.10
C GLY H 171 -44.23 -38.29 -38.59
N LEU H 172 -43.98 -37.30 -37.72
CA LEU H 172 -44.20 -35.91 -38.10
C LEU H 172 -43.26 -35.52 -39.25
N LEU H 173 -42.03 -36.03 -39.22
CA LEU H 173 -41.06 -35.75 -40.27
C LEU H 173 -41.50 -36.36 -41.61
N LEU H 174 -42.14 -37.53 -41.57
CA LEU H 174 -42.63 -38.15 -42.79
C LEU H 174 -43.72 -37.33 -43.47
N LEU H 175 -44.67 -36.77 -42.70
CA LEU H 175 -45.70 -35.96 -43.34
C LEU H 175 -45.09 -34.79 -44.11
N LYS H 176 -44.08 -34.14 -43.55
CA LYS H 176 -43.47 -33.04 -44.28
C LYS H 176 -42.99 -33.51 -45.65
N THR H 177 -42.50 -34.74 -45.71
CA THR H 177 -42.00 -35.28 -46.98
C THR H 177 -43.08 -35.41 -48.05
N ARG H 178 -44.37 -35.41 -47.68
CA ARG H 178 -45.43 -35.56 -48.67
C ARG H 178 -46.15 -34.24 -48.94
N LEU H 179 -46.89 -33.72 -47.95
CA LEU H 179 -47.45 -32.38 -48.05
C LEU H 179 -46.59 -31.34 -47.35
N PRO I 3 -39.50 -101.58 -33.03
CA PRO I 3 -38.12 -102.04 -32.86
C PRO I 3 -37.43 -101.42 -31.62
N CYS I 4 -36.47 -100.51 -31.77
CA CYS I 4 -35.84 -99.86 -30.63
C CYS I 4 -35.82 -98.36 -30.88
N PRO I 5 -35.63 -97.53 -29.81
CA PRO I 5 -35.58 -96.09 -30.04
C PRO I 5 -34.61 -95.78 -31.18
N GLN I 6 -35.11 -95.17 -32.23
CA GLN I 6 -34.25 -94.76 -33.34
C GLN I 6 -33.16 -93.77 -32.92
N ALA I 7 -32.02 -93.87 -33.60
CA ALA I 7 -30.78 -93.24 -33.16
C ALA I 7 -30.85 -91.71 -33.32
N TRP I 8 -29.76 -91.05 -32.98
CA TRP I 8 -29.66 -89.58 -33.01
C TRP I 8 -28.90 -89.12 -34.25
N GLY I 9 -27.63 -89.47 -34.29
CA GLY I 9 -26.76 -89.23 -35.42
C GLY I 9 -26.69 -90.43 -36.35
N PRO I 10 -25.52 -91.05 -36.42
CA PRO I 10 -25.35 -92.21 -37.31
C PRO I 10 -26.30 -93.33 -36.93
N PRO I 11 -26.55 -94.27 -37.84
CA PRO I 11 -27.73 -95.14 -37.69
C PRO I 11 -27.54 -96.30 -36.73
N GLY I 12 -26.31 -96.63 -36.33
CA GLY I 12 -26.11 -97.80 -35.51
C GLY I 12 -25.30 -97.56 -34.25
N VAL I 13 -25.30 -96.32 -33.75
CA VAL I 13 -24.54 -95.95 -32.57
C VAL I 13 -25.50 -95.33 -31.56
N GLN I 14 -25.29 -95.64 -30.29
CA GLN I 14 -26.06 -95.06 -29.21
C GLN I 14 -25.11 -94.43 -28.19
N TYR I 15 -25.69 -93.62 -27.31
CA TYR I 15 -24.91 -92.76 -26.43
C TYR I 15 -25.35 -92.97 -24.99
N GLY I 16 -24.48 -92.58 -24.06
CA GLY I 16 -24.83 -92.69 -22.66
C GLY I 16 -24.01 -91.76 -21.80
N GLN I 17 -24.47 -91.60 -20.56
CA GLN I 17 -23.91 -90.79 -19.50
C GLN I 17 -23.29 -91.67 -18.42
N PRO I 18 -22.11 -91.29 -17.90
CA PRO I 18 -21.51 -92.04 -16.78
C PRO I 18 -22.46 -92.11 -15.59
N GLY I 19 -22.30 -93.18 -14.80
CA GLY I 19 -23.14 -93.36 -13.64
C GLY I 19 -24.59 -93.64 -13.91
N ARG I 20 -25.03 -93.70 -15.18
CA ARG I 20 -26.41 -93.98 -15.50
C ARG I 20 -26.60 -95.45 -15.86
N SER I 21 -27.75 -95.73 -16.44
CA SER I 21 -28.05 -97.00 -17.07
C SER I 21 -28.11 -96.69 -18.55
N VAL I 22 -27.48 -97.52 -19.37
CA VAL I 22 -27.47 -97.32 -20.81
C VAL I 22 -28.01 -98.57 -21.47
N LYS I 23 -28.81 -98.38 -22.52
CA LYS I 23 -29.61 -99.45 -23.12
C LYS I 23 -29.28 -99.47 -24.60
N LEU I 24 -28.46 -100.44 -24.99
CA LEU I 24 -28.07 -100.59 -26.38
C LEU I 24 -29.10 -101.46 -27.08
N CYS I 25 -29.32 -101.19 -28.36
CA CYS I 25 -30.28 -101.97 -29.13
C CYS I 25 -29.52 -102.53 -30.33
N CYS I 26 -29.98 -103.67 -30.83
CA CYS I 26 -29.39 -104.22 -32.04
C CYS I 26 -30.08 -103.61 -33.24
N PRO I 27 -29.37 -102.83 -34.07
CA PRO I 27 -30.05 -102.04 -35.11
C PRO I 27 -30.85 -102.87 -36.10
N GLY I 28 -30.20 -103.80 -36.80
CA GLY I 28 -30.92 -104.52 -37.83
C GLY I 28 -31.53 -105.82 -37.37
N VAL I 29 -32.27 -105.77 -36.25
CA VAL I 29 -32.94 -106.95 -35.71
C VAL I 29 -34.35 -106.56 -35.28
N THR I 30 -35.34 -107.35 -35.67
CA THR I 30 -36.72 -107.12 -35.28
C THR I 30 -36.87 -107.17 -33.76
N ALA I 31 -37.56 -106.18 -33.18
CA ALA I 31 -37.80 -106.19 -31.75
C ALA I 31 -38.60 -107.43 -31.36
N GLY I 32 -38.01 -108.26 -30.50
CA GLY I 32 -38.55 -109.53 -30.11
C GLY I 32 -37.71 -110.71 -30.52
N ASP I 33 -36.78 -110.51 -31.44
CA ASP I 33 -35.87 -111.58 -31.81
C ASP I 33 -34.79 -111.69 -30.73
N PRO I 34 -34.53 -112.88 -30.20
CA PRO I 34 -33.41 -113.03 -29.28
C PRO I 34 -32.09 -112.85 -30.00
N VAL I 35 -31.16 -112.17 -29.35
CA VAL I 35 -29.87 -111.82 -29.92
C VAL I 35 -28.81 -111.97 -28.84
N SER I 36 -27.58 -112.17 -29.30
CA SER I 36 -26.43 -112.33 -28.41
C SER I 36 -25.51 -111.12 -28.51
N TRP I 37 -24.83 -110.83 -27.40
CA TRP I 37 -23.96 -109.67 -27.26
C TRP I 37 -22.54 -110.09 -26.87
N PHE I 38 -21.54 -109.41 -27.42
CA PHE I 38 -20.16 -109.65 -27.05
C PHE I 38 -19.40 -108.34 -26.93
N ARG I 39 -18.37 -108.36 -26.08
CA ARG I 39 -17.41 -107.27 -25.99
C ARG I 39 -16.31 -107.56 -27.00
N ASP I 40 -15.78 -106.51 -27.65
CA ASP I 40 -14.84 -106.75 -28.73
C ASP I 40 -13.63 -107.50 -28.19
N GLY I 41 -13.33 -108.65 -28.79
CA GLY I 41 -12.19 -109.44 -28.36
C GLY I 41 -12.48 -110.31 -27.16
N GLU I 42 -13.69 -110.25 -26.60
CA GLU I 42 -14.07 -110.99 -25.41
C GLU I 42 -15.32 -111.83 -25.66
N PRO I 43 -15.26 -113.15 -25.49
CA PRO I 43 -16.37 -114.02 -25.94
C PRO I 43 -17.58 -114.06 -25.03
N LYS I 44 -17.51 -113.45 -23.85
CA LYS I 44 -18.57 -113.58 -22.86
C LYS I 44 -19.90 -112.97 -23.29
N LEU I 45 -20.97 -113.78 -23.23
CA LEU I 45 -22.31 -113.28 -23.51
C LEU I 45 -22.70 -112.30 -22.42
N LEU I 46 -22.97 -111.05 -22.80
CA LEU I 46 -23.29 -110.08 -21.78
C LEU I 46 -24.76 -110.10 -21.40
N GLN I 47 -24.99 -109.74 -20.15
CA GLN I 47 -26.28 -109.70 -19.47
C GLN I 47 -26.55 -108.23 -19.10
N GLY I 48 -27.72 -107.95 -18.53
CA GLY I 48 -28.18 -106.62 -18.15
C GLY I 48 -29.27 -106.82 -17.12
N PRO I 49 -29.62 -105.81 -16.19
CA PRO I 49 -30.74 -105.96 -15.19
C PRO I 49 -32.11 -106.62 -15.54
N ASP I 50 -32.73 -106.51 -16.71
CA ASP I 50 -33.97 -107.25 -16.94
C ASP I 50 -33.72 -108.71 -17.39
N SER I 51 -33.38 -109.72 -16.50
CA SER I 51 -33.06 -111.22 -16.69
C SER I 51 -31.95 -111.92 -17.53
N GLY I 52 -31.76 -111.64 -18.84
CA GLY I 52 -30.75 -112.21 -19.75
C GLY I 52 -30.87 -112.57 -21.25
N LEU I 53 -31.94 -112.26 -21.99
CA LEU I 53 -31.99 -112.62 -23.42
C LEU I 53 -33.06 -111.68 -24.01
N GLY I 54 -32.64 -110.48 -24.41
CA GLY I 54 -33.67 -109.64 -24.98
C GLY I 54 -33.39 -109.18 -26.39
N HIS I 55 -33.82 -107.96 -26.68
CA HIS I 55 -33.42 -107.28 -27.89
C HIS I 55 -32.43 -106.18 -27.57
N GLU I 56 -32.15 -105.93 -26.29
CA GLU I 56 -31.35 -104.79 -25.90
C GLU I 56 -30.47 -105.10 -24.70
N LEU I 57 -29.17 -104.86 -24.85
CA LEU I 57 -28.24 -104.96 -23.73
C LEU I 57 -28.31 -103.69 -22.89
N VAL I 58 -28.21 -103.83 -21.58
CA VAL I 58 -28.21 -102.67 -20.68
C VAL I 58 -26.97 -102.73 -19.80
N LEU I 59 -26.38 -101.55 -19.55
CA LEU I 59 -25.21 -101.39 -18.68
C LEU I 59 -25.53 -100.37 -17.61
N ALA I 60 -25.66 -100.82 -16.37
CA ALA I 60 -25.70 -99.93 -15.20
C ALA I 60 -24.33 -99.45 -14.75
N GLN I 61 -23.26 -100.19 -15.04
CA GLN I 61 -21.90 -99.75 -14.79
C GLN I 61 -21.73 -98.31 -15.27
N ALA I 62 -21.81 -98.09 -16.59
CA ALA I 62 -21.40 -96.86 -17.26
C ALA I 62 -20.20 -96.14 -16.64
N ASP I 63 -19.00 -96.64 -16.89
CA ASP I 63 -17.77 -95.92 -16.60
C ASP I 63 -16.89 -95.95 -17.86
N SER I 64 -15.71 -95.32 -17.77
CA SER I 64 -14.92 -95.08 -18.97
C SER I 64 -14.45 -96.38 -19.62
N THR I 65 -14.16 -97.42 -18.82
CA THR I 65 -13.75 -98.70 -19.39
C THR I 65 -14.84 -99.33 -20.25
N ASP I 66 -16.09 -98.90 -20.07
CA ASP I 66 -17.23 -99.39 -20.84
C ASP I 66 -17.40 -98.68 -22.17
N GLU I 67 -16.53 -97.72 -22.49
CA GLU I 67 -16.60 -97.03 -23.77
C GLU I 67 -15.83 -97.82 -24.82
N GLY I 68 -16.50 -98.12 -25.93
CA GLY I 68 -15.89 -98.88 -27.01
C GLY I 68 -16.95 -99.43 -27.94
N THR I 69 -16.59 -100.51 -28.63
CA THR I 69 -17.46 -101.14 -29.62
C THR I 69 -18.08 -102.44 -29.10
N TYR I 70 -19.39 -102.58 -29.29
CA TYR I 70 -20.15 -103.74 -28.86
C TYR I 70 -20.73 -104.40 -30.10
N ILE I 71 -20.86 -105.73 -30.06
CA ILE I 71 -21.43 -106.51 -31.16
C ILE I 71 -22.66 -107.28 -30.69
N CYS I 72 -23.75 -107.18 -31.46
CA CYS I 72 -24.94 -107.99 -31.22
C CYS I 72 -25.17 -108.87 -32.44
N GLN I 73 -25.51 -110.13 -32.22
CA GLN I 73 -25.84 -111.04 -33.32
C GLN I 73 -26.95 -112.00 -32.92
N THR I 74 -27.78 -112.35 -33.90
CA THR I 74 -28.82 -113.35 -33.67
C THR I 74 -28.19 -114.73 -33.50
N LEU I 75 -28.96 -115.65 -32.89
CA LEU I 75 -28.44 -116.98 -32.58
C LEU I 75 -28.07 -117.77 -33.83
N ASP I 76 -28.54 -117.40 -35.01
CA ASP I 76 -28.15 -118.10 -36.23
C ASP I 76 -26.70 -117.84 -36.62
N GLY I 77 -26.09 -116.77 -36.10
CA GLY I 77 -24.76 -116.37 -36.47
C GLY I 77 -24.75 -115.11 -37.30
N ALA I 78 -25.91 -114.70 -37.81
CA ALA I 78 -26.01 -113.50 -38.64
C ALA I 78 -25.74 -112.26 -37.79
N LEU I 79 -24.91 -111.37 -38.33
CA LEU I 79 -24.58 -110.13 -37.65
C LEU I 79 -25.75 -109.17 -37.77
N GLY I 80 -26.48 -108.97 -36.67
CA GLY I 80 -27.65 -108.12 -36.69
C GLY I 80 -27.35 -106.65 -36.57
N GLY I 81 -26.08 -106.32 -36.36
CA GLY I 81 -25.62 -104.96 -36.25
C GLY I 81 -24.54 -104.75 -35.20
N THR I 82 -23.99 -103.53 -35.19
CA THR I 82 -22.92 -103.13 -34.30
C THR I 82 -23.30 -101.81 -33.65
N VAL I 83 -22.94 -101.63 -32.39
CA VAL I 83 -23.19 -100.36 -31.73
C VAL I 83 -21.92 -99.92 -31.00
N THR I 84 -21.70 -98.62 -30.97
CA THR I 84 -20.57 -97.99 -30.29
C THR I 84 -21.10 -97.14 -29.15
N LEU I 85 -20.62 -97.39 -27.93
CA LEU I 85 -21.02 -96.60 -26.77
C LEU I 85 -19.95 -95.52 -26.57
N GLN I 86 -20.34 -94.27 -26.80
CA GLN I 86 -19.53 -93.11 -26.49
C GLN I 86 -20.14 -92.36 -25.32
N LEU I 87 -19.33 -92.10 -24.30
CA LEU I 87 -19.81 -91.48 -23.07
C LEU I 87 -19.59 -89.97 -23.12
N GLY I 88 -20.47 -89.25 -22.46
CA GLY I 88 -20.41 -87.80 -22.47
C GLY I 88 -21.29 -87.22 -21.39
N TYR I 89 -21.64 -85.95 -21.58
CA TYR I 89 -22.39 -85.17 -20.62
C TYR I 89 -23.40 -84.33 -21.37
N PRO I 90 -24.53 -83.99 -20.74
CA PRO I 90 -25.51 -83.12 -21.39
C PRO I 90 -24.89 -81.79 -21.77
N PRO I 91 -25.50 -81.07 -22.71
CA PRO I 91 -24.91 -79.81 -23.17
C PRO I 91 -24.99 -78.75 -22.09
N ALA I 92 -24.01 -77.86 -22.09
CA ALA I 92 -24.11 -76.66 -21.28
C ALA I 92 -24.97 -75.61 -21.97
N ARG I 93 -25.38 -74.63 -21.16
CA ARG I 93 -26.16 -73.51 -21.66
C ARG I 93 -25.34 -72.79 -22.73
N PRO I 94 -25.87 -72.57 -23.92
CA PRO I 94 -25.10 -71.84 -24.94
C PRO I 94 -25.05 -70.35 -24.68
N VAL I 95 -24.09 -69.70 -25.34
CA VAL I 95 -23.87 -68.27 -25.21
C VAL I 95 -24.44 -67.61 -26.46
N VAL I 96 -25.35 -66.67 -26.28
CA VAL I 96 -26.09 -66.10 -27.40
C VAL I 96 -25.92 -64.58 -27.39
N SER I 97 -25.69 -64.02 -28.57
CA SER I 97 -25.65 -62.58 -28.80
C SER I 97 -26.47 -62.27 -30.05
N CYS I 98 -27.07 -61.09 -30.06
CA CYS I 98 -27.75 -60.57 -31.23
C CYS I 98 -27.16 -59.22 -31.62
N GLN I 99 -27.46 -58.80 -32.84
CA GLN I 99 -27.03 -57.50 -33.35
C GLN I 99 -27.97 -57.05 -34.45
N ALA I 100 -27.82 -55.78 -34.83
CA ALA I 100 -28.63 -55.20 -35.90
C ALA I 100 -27.94 -53.93 -36.40
N ALA I 101 -27.62 -53.90 -37.69
CA ALA I 101 -27.01 -52.74 -38.31
C ALA I 101 -28.00 -51.90 -39.10
N ASP I 102 -29.28 -52.26 -39.09
CA ASP I 102 -30.31 -51.46 -39.73
C ASP I 102 -31.57 -51.49 -38.88
N TYR I 103 -32.57 -50.69 -39.28
CA TYR I 103 -33.77 -50.53 -38.49
C TYR I 103 -34.88 -51.50 -38.88
N GLU I 104 -34.68 -52.34 -39.89
CA GLU I 104 -35.73 -53.24 -40.36
C GLU I 104 -35.53 -54.67 -39.89
N ASN I 105 -34.36 -55.24 -40.15
CA ASN I 105 -34.06 -56.63 -39.88
C ASN I 105 -32.98 -56.71 -38.80
N PHE I 106 -32.96 -57.81 -38.06
CA PHE I 106 -31.82 -58.10 -37.19
C PHE I 106 -31.50 -59.58 -37.23
N SER I 107 -30.36 -59.94 -36.63
CA SER I 107 -29.81 -61.29 -36.72
C SER I 107 -29.04 -61.58 -35.44
N CYS I 108 -29.01 -62.86 -35.08
CA CYS I 108 -28.41 -63.36 -33.84
C CYS I 108 -27.50 -64.53 -34.17
N THR I 109 -26.49 -64.73 -33.33
CA THR I 109 -25.56 -65.83 -33.46
C THR I 109 -25.35 -66.49 -32.11
N TRP I 110 -24.81 -67.71 -32.14
CA TRP I 110 -24.65 -68.47 -30.91
C TRP I 110 -23.42 -69.37 -31.00
N SER I 111 -22.83 -69.62 -29.83
CA SER I 111 -21.67 -70.47 -29.61
C SER I 111 -21.94 -71.39 -28.44
N PRO I 112 -21.44 -72.63 -28.48
CA PRO I 112 -21.45 -73.46 -27.26
C PRO I 112 -20.58 -72.83 -26.18
N SER I 113 -21.05 -72.91 -24.94
CA SER I 113 -20.25 -72.48 -23.79
C SER I 113 -19.31 -73.58 -23.32
N GLN I 114 -19.47 -74.78 -23.83
CA GLN I 114 -18.67 -75.95 -23.48
C GLN I 114 -18.89 -76.97 -24.59
N ILE I 115 -17.81 -77.63 -24.99
CA ILE I 115 -17.86 -78.63 -26.05
C ILE I 115 -17.92 -80.01 -25.39
N SER I 116 -18.84 -80.84 -25.85
CA SER I 116 -19.02 -82.17 -25.30
C SER I 116 -18.30 -83.25 -26.08
N GLY I 117 -17.94 -83.00 -27.33
CA GLY I 117 -17.36 -84.03 -28.16
C GLY I 117 -18.39 -84.92 -28.81
N LEU I 118 -19.66 -84.59 -28.67
CA LEU I 118 -20.83 -85.29 -29.17
C LEU I 118 -21.50 -84.43 -30.25
N PRO I 119 -22.20 -85.05 -31.20
CA PRO I 119 -22.86 -84.22 -32.23
C PRO I 119 -23.90 -83.34 -31.57
N THR I 120 -24.06 -82.13 -32.11
CA THR I 120 -24.81 -81.09 -31.45
C THR I 120 -25.59 -80.34 -32.51
N ARG I 121 -26.78 -79.87 -32.15
CA ARG I 121 -27.50 -78.98 -33.04
C ARG I 121 -28.46 -78.11 -32.24
N TYR I 122 -28.91 -77.02 -32.88
CA TYR I 122 -29.64 -75.96 -32.22
C TYR I 122 -31.00 -75.74 -32.87
N LEU I 123 -32.01 -75.56 -32.03
CA LEU I 123 -33.34 -75.13 -32.47
C LEU I 123 -33.52 -73.69 -32.02
N THR I 124 -33.95 -72.85 -32.96
CA THR I 124 -34.09 -71.42 -32.70
C THR I 124 -35.50 -70.97 -33.05
N SER I 125 -36.03 -70.08 -32.22
CA SER I 125 -37.39 -69.57 -32.34
C SER I 125 -37.50 -68.32 -31.48
N TYR I 126 -38.62 -67.63 -31.61
CA TYR I 126 -38.83 -66.41 -30.84
C TYR I 126 -40.30 -66.06 -30.81
N ARG I 127 -40.67 -65.27 -29.80
CA ARG I 127 -42.04 -64.81 -29.65
C ARG I 127 -42.05 -63.36 -29.18
N LYS I 128 -43.19 -62.71 -29.36
CA LYS I 128 -43.41 -61.34 -28.94
C LYS I 128 -44.21 -61.36 -27.65
N LYS I 129 -43.62 -60.90 -26.54
CA LYS I 129 -44.39 -60.80 -25.32
C LYS I 129 -45.36 -59.63 -25.45
N THR I 130 -46.60 -59.83 -24.98
CA THR I 130 -47.61 -58.79 -25.06
C THR I 130 -47.86 -58.08 -23.72
N VAL I 131 -48.33 -58.82 -22.72
CA VAL I 131 -48.65 -58.25 -21.42
C VAL I 131 -47.97 -59.05 -20.32
N PRO I 141 -53.47 -62.28 -35.47
CA PRO I 141 -52.01 -62.18 -35.41
C PRO I 141 -51.39 -63.12 -34.38
N SER I 142 -50.97 -64.29 -34.85
CA SER I 142 -50.36 -65.31 -34.00
C SER I 142 -49.00 -64.83 -33.51
N THR I 143 -48.98 -64.08 -32.40
CA THR I 143 -47.73 -63.63 -31.80
C THR I 143 -47.08 -64.70 -30.92
N GLY I 144 -47.45 -65.96 -31.10
CA GLY I 144 -46.93 -67.07 -30.34
C GLY I 144 -45.49 -67.34 -30.73
N PRO I 145 -45.07 -68.60 -30.67
CA PRO I 145 -43.68 -68.94 -31.01
C PRO I 145 -43.53 -69.01 -32.53
N TRP I 146 -42.58 -68.27 -33.06
CA TRP I 146 -42.29 -68.26 -34.49
C TRP I 146 -40.88 -68.77 -34.74
N PRO I 147 -40.68 -69.71 -35.66
CA PRO I 147 -39.32 -70.23 -35.88
C PRO I 147 -38.40 -69.18 -36.48
N CYS I 148 -37.13 -69.22 -36.07
CA CYS I 148 -36.09 -68.39 -36.65
C CYS I 148 -35.25 -69.21 -37.63
N PRO I 149 -35.47 -69.12 -38.93
CA PRO I 149 -34.82 -70.07 -39.84
C PRO I 149 -33.35 -69.74 -39.97
N GLN I 150 -32.51 -70.78 -40.01
CA GLN I 150 -31.07 -70.60 -40.15
C GLN I 150 -30.69 -70.55 -41.62
N ASP I 151 -30.27 -69.37 -42.09
CA ASP I 151 -30.26 -69.10 -43.52
C ASP I 151 -29.35 -70.02 -44.36
N PRO I 152 -27.98 -69.94 -44.36
CA PRO I 152 -27.23 -70.95 -45.12
C PRO I 152 -26.99 -72.22 -44.34
N LEU I 153 -27.37 -73.38 -44.89
CA LEU I 153 -27.01 -74.70 -44.37
C LEU I 153 -27.64 -74.80 -42.98
N GLY I 154 -26.86 -74.90 -41.91
CA GLY I 154 -27.40 -74.81 -40.57
C GLY I 154 -26.45 -73.97 -39.73
N ALA I 155 -26.11 -72.78 -40.25
CA ALA I 155 -25.10 -71.93 -39.66
C ALA I 155 -25.56 -71.43 -38.29
N ALA I 156 -24.63 -70.81 -37.57
CA ALA I 156 -24.95 -70.22 -36.27
C ALA I 156 -25.51 -68.81 -36.43
N ARG I 157 -26.54 -68.64 -37.28
CA ARG I 157 -27.11 -67.33 -37.52
C ARG I 157 -28.50 -67.50 -38.11
N CYS I 158 -29.47 -66.75 -37.58
CA CYS I 158 -30.79 -66.64 -38.18
C CYS I 158 -31.16 -65.16 -38.33
N VAL I 159 -32.05 -64.88 -39.27
CA VAL I 159 -32.45 -63.52 -39.58
C VAL I 159 -33.97 -63.38 -39.44
N VAL I 160 -34.40 -62.28 -38.86
CA VAL I 160 -35.80 -61.92 -38.72
C VAL I 160 -36.06 -60.66 -39.56
N HIS I 161 -36.92 -60.79 -40.56
CA HIS I 161 -37.23 -59.66 -41.41
C HIS I 161 -38.55 -59.03 -40.97
N GLY I 162 -38.66 -57.73 -41.20
CA GLY I 162 -39.87 -56.99 -40.90
C GLY I 162 -40.26 -57.12 -39.44
N ALA I 163 -39.29 -56.89 -38.55
CA ALA I 163 -39.55 -56.92 -37.12
C ALA I 163 -40.15 -55.60 -36.67
N GLU I 164 -41.00 -55.65 -35.66
CA GLU I 164 -41.51 -54.42 -35.06
C GLU I 164 -40.41 -53.68 -34.30
N PHE I 165 -40.25 -52.39 -34.63
CA PHE I 165 -39.09 -51.67 -34.12
C PHE I 165 -39.18 -51.46 -32.61
N TRP I 166 -40.38 -51.16 -32.11
CA TRP I 166 -40.58 -50.81 -30.71
C TRP I 166 -41.00 -51.99 -29.84
N SER I 167 -41.48 -53.07 -30.45
CA SER I 167 -41.92 -54.22 -29.68
C SER I 167 -40.73 -54.97 -29.11
N GLN I 168 -41.00 -55.79 -28.10
CA GLN I 168 -39.96 -56.58 -27.45
C GLN I 168 -40.15 -58.03 -27.87
N TYR I 169 -39.03 -58.69 -28.11
CA TYR I 169 -38.96 -60.04 -28.59
C TYR I 169 -38.16 -60.86 -27.61
N ARG I 170 -38.54 -62.10 -27.42
CA ARG I 170 -37.83 -63.01 -26.55
C ARG I 170 -37.24 -64.04 -27.52
N ILE I 171 -35.92 -64.01 -27.66
CA ILE I 171 -35.25 -64.87 -28.61
C ILE I 171 -34.94 -66.16 -27.88
N ASN I 172 -35.18 -67.26 -28.58
CA ASN I 172 -35.08 -68.59 -28.01
C ASN I 172 -34.10 -69.49 -28.75
N VAL I 173 -32.92 -69.69 -28.20
CA VAL I 173 -31.99 -70.69 -28.72
C VAL I 173 -31.98 -71.85 -27.74
N THR I 174 -32.36 -73.05 -28.20
CA THR I 174 -32.42 -74.21 -27.33
C THR I 174 -31.45 -75.24 -27.89
N GLU I 175 -30.46 -75.62 -27.07
CA GLU I 175 -29.54 -76.69 -27.41
C GLU I 175 -30.07 -78.03 -26.93
N VAL I 176 -29.99 -79.04 -27.79
CA VAL I 176 -30.43 -80.40 -27.50
C VAL I 176 -29.32 -81.35 -27.95
N ASN I 177 -29.05 -82.36 -27.12
CA ASN I 177 -28.16 -83.41 -27.58
C ASN I 177 -28.83 -84.77 -27.35
N PRO I 178 -28.19 -85.92 -27.70
CA PRO I 178 -28.91 -87.19 -27.56
C PRO I 178 -29.26 -87.57 -26.13
N LEU I 179 -28.81 -86.78 -25.16
CA LEU I 179 -29.02 -87.11 -23.76
C LEU I 179 -29.85 -86.07 -23.00
N GLY I 180 -30.23 -84.97 -23.64
CA GLY I 180 -31.03 -83.96 -22.97
C GLY I 180 -30.96 -82.64 -23.73
N ALA I 181 -31.45 -81.60 -23.07
CA ALA I 181 -31.60 -80.30 -23.71
C ALA I 181 -31.31 -79.16 -22.74
N SER I 182 -30.94 -78.01 -23.30
CA SER I 182 -30.80 -76.78 -22.54
C SER I 182 -31.14 -75.62 -23.47
N THR I 183 -32.00 -74.72 -23.01
CA THR I 183 -32.56 -73.64 -23.82
C THR I 183 -31.97 -72.33 -23.31
N ARG I 184 -31.33 -71.56 -24.20
CA ARG I 184 -30.98 -70.16 -23.92
C ARG I 184 -32.04 -69.19 -24.44
N LEU I 185 -32.55 -68.33 -23.55
CA LEU I 185 -33.48 -67.26 -23.91
C LEU I 185 -32.85 -65.88 -23.73
N LEU I 186 -32.98 -65.05 -24.77
CA LEU I 186 -32.36 -63.73 -24.84
C LEU I 186 -33.43 -62.72 -25.26
N ASP I 187 -33.72 -61.76 -24.39
CA ASP I 187 -34.62 -60.68 -24.73
C ASP I 187 -33.91 -59.65 -25.60
N VAL I 188 -34.60 -59.20 -26.65
CA VAL I 188 -34.03 -58.29 -27.63
C VAL I 188 -35.13 -57.36 -28.14
N SER I 189 -34.88 -56.05 -28.06
CA SER I 189 -35.73 -55.04 -28.68
C SER I 189 -34.93 -54.28 -29.73
N LEU I 190 -35.49 -54.17 -30.94
CA LEU I 190 -34.83 -53.49 -32.05
C LEU I 190 -34.37 -52.08 -31.69
N GLN I 191 -35.12 -51.37 -30.84
CA GLN I 191 -34.77 -50.00 -30.50
C GLN I 191 -33.56 -49.94 -29.58
N SER I 192 -33.30 -50.99 -28.80
CA SER I 192 -32.15 -51.01 -27.91
C SER I 192 -30.90 -51.58 -28.56
N ILE I 193 -31.05 -52.66 -29.35
CA ILE I 193 -29.89 -53.36 -29.89
C ILE I 193 -29.25 -52.66 -31.09
N LEU I 194 -29.93 -51.70 -31.71
CA LEU I 194 -29.46 -51.18 -33.00
C LEU I 194 -28.12 -50.47 -32.86
N ARG I 195 -27.21 -50.76 -33.80
CA ARG I 195 -25.93 -50.07 -33.94
C ARG I 195 -25.55 -49.96 -35.42
N PRO I 196 -25.56 -48.77 -36.00
CA PRO I 196 -25.28 -48.65 -37.44
C PRO I 196 -23.81 -48.87 -37.72
N ASP I 197 -23.49 -49.13 -39.00
CA ASP I 197 -22.10 -49.20 -39.39
C ASP I 197 -21.49 -47.81 -39.47
N PRO I 198 -20.16 -47.68 -39.39
CA PRO I 198 -19.52 -46.36 -39.47
C PRO I 198 -19.71 -45.73 -40.85
N PRO I 199 -19.64 -44.41 -40.96
CA PRO I 199 -19.63 -43.77 -42.28
C PRO I 199 -18.45 -44.25 -43.12
N GLN I 200 -18.62 -44.11 -44.44
CA GLN I 200 -17.63 -44.54 -45.40
C GLN I 200 -17.04 -43.33 -46.12
N GLY I 201 -15.87 -43.54 -46.74
CA GLY I 201 -15.27 -42.54 -47.60
C GLY I 201 -14.78 -41.28 -46.92
N LEU I 202 -14.39 -41.34 -45.65
CA LEU I 202 -13.85 -40.17 -44.98
C LEU I 202 -12.64 -39.65 -45.73
N ARG I 203 -12.69 -38.38 -46.13
CA ARG I 203 -11.61 -37.70 -46.81
C ARG I 203 -11.28 -36.37 -46.12
N VAL I 204 -10.00 -36.03 -46.12
CA VAL I 204 -9.50 -34.77 -45.56
C VAL I 204 -8.81 -33.97 -46.64
N GLU I 205 -9.11 -32.67 -46.69
CA GLU I 205 -8.61 -31.74 -47.69
C GLU I 205 -8.11 -30.48 -47.01
N SER I 206 -7.07 -29.88 -47.58
CA SER I 206 -6.62 -28.58 -47.12
C SER I 206 -7.64 -27.50 -47.47
N VAL I 207 -7.58 -26.41 -46.73
CA VAL I 207 -8.41 -25.23 -46.96
C VAL I 207 -7.50 -24.07 -47.33
N PRO I 208 -7.34 -23.78 -48.62
CA PRO I 208 -6.48 -22.67 -49.04
C PRO I 208 -6.86 -21.36 -48.36
N GLY I 209 -5.84 -20.55 -48.09
CA GLY I 209 -5.99 -19.31 -47.36
C GLY I 209 -6.02 -19.41 -45.85
N TYR I 210 -6.29 -20.60 -45.30
CA TYR I 210 -6.44 -20.77 -43.85
C TYR I 210 -5.48 -21.85 -43.36
N PRO I 211 -4.34 -21.46 -42.76
CA PRO I 211 -3.31 -22.44 -42.42
C PRO I 211 -3.68 -23.38 -41.29
N ARG I 212 -4.86 -23.23 -40.67
CA ARG I 212 -5.23 -24.03 -39.51
C ARG I 212 -6.66 -24.56 -39.62
N ARG I 213 -7.20 -24.64 -40.83
CA ARG I 213 -8.49 -25.24 -41.11
C ARG I 213 -8.36 -26.46 -42.03
N LEU I 214 -9.12 -27.51 -41.71
CA LEU I 214 -9.33 -28.61 -42.64
C LEU I 214 -10.82 -28.90 -42.76
N ARG I 215 -11.21 -29.32 -43.96
CA ARG I 215 -12.59 -29.69 -44.25
C ARG I 215 -12.67 -31.21 -44.32
N ALA I 216 -13.51 -31.80 -43.48
CA ALA I 216 -13.78 -33.23 -43.56
C ALA I 216 -15.15 -33.45 -44.18
N SER I 217 -15.24 -34.43 -45.07
CA SER I 217 -16.51 -34.81 -45.67
C SER I 217 -16.60 -36.33 -45.66
N TRP I 218 -17.83 -36.83 -45.73
CA TRP I 218 -18.09 -38.25 -45.69
C TRP I 218 -19.53 -38.48 -46.14
N THR I 219 -19.88 -39.75 -46.32
CA THR I 219 -21.21 -40.15 -46.72
C THR I 219 -21.76 -41.14 -45.70
N TYR I 220 -23.06 -41.39 -45.80
CA TYR I 220 -23.68 -42.48 -45.07
C TYR I 220 -22.98 -43.81 -45.36
N PRO I 221 -23.07 -44.77 -44.45
CA PRO I 221 -22.65 -46.14 -44.77
C PRO I 221 -23.65 -46.77 -45.73
N ALA I 222 -23.15 -47.70 -46.55
CA ALA I 222 -24.02 -48.30 -47.54
C ALA I 222 -25.10 -49.16 -46.88
N SER I 223 -24.81 -49.75 -45.71
CA SER I 223 -25.81 -50.54 -45.01
C SER I 223 -26.94 -49.70 -44.42
N TRP I 224 -26.86 -48.38 -44.48
CA TRP I 224 -27.90 -47.49 -43.98
C TRP I 224 -28.51 -46.77 -45.17
N PRO I 225 -29.70 -47.13 -45.62
CA PRO I 225 -30.33 -46.36 -46.70
C PRO I 225 -30.75 -44.98 -46.22
N SER I 226 -30.31 -43.95 -46.94
CA SER I 226 -30.65 -42.58 -46.60
C SER I 226 -32.15 -42.39 -46.68
N GLN I 227 -32.76 -42.02 -45.56
CA GLN I 227 -34.20 -41.84 -45.57
C GLN I 227 -34.60 -40.76 -44.57
N PRO I 228 -35.66 -39.99 -44.87
CA PRO I 228 -35.99 -38.83 -44.04
C PRO I 228 -36.52 -39.25 -42.69
N HIS I 229 -36.86 -40.53 -42.54
CA HIS I 229 -37.53 -41.09 -41.38
C HIS I 229 -36.52 -41.47 -40.31
N PHE I 230 -35.40 -42.06 -40.72
CA PHE I 230 -34.30 -42.41 -39.83
C PHE I 230 -33.05 -41.70 -40.37
N LEU I 231 -32.77 -40.51 -39.84
CA LEU I 231 -31.46 -39.91 -40.09
C LEU I 231 -30.42 -40.60 -39.22
N LEU I 232 -29.19 -40.10 -39.26
CA LEU I 232 -28.20 -40.44 -38.26
C LEU I 232 -27.56 -39.17 -37.74
N LYS I 233 -27.27 -39.13 -36.44
CA LYS I 233 -26.43 -38.07 -35.91
C LYS I 233 -24.99 -38.55 -35.94
N PHE I 234 -24.07 -37.61 -35.84
CA PHE I 234 -22.66 -37.96 -35.96
C PHE I 234 -21.85 -37.37 -34.82
N ARG I 235 -20.72 -38.01 -34.55
CA ARG I 235 -19.79 -37.59 -33.51
C ARG I 235 -18.41 -37.73 -34.10
N LEU I 236 -17.69 -36.61 -34.17
CA LEU I 236 -16.37 -36.60 -34.80
C LEU I 236 -15.29 -36.42 -33.74
N GLN I 237 -14.19 -37.12 -33.92
CA GLN I 237 -13.03 -36.96 -33.06
C GLN I 237 -11.84 -36.73 -33.98
N TYR I 238 -10.92 -35.88 -33.55
CA TYR I 238 -9.75 -35.61 -34.38
C TYR I 238 -8.53 -35.47 -33.49
N ARG I 239 -7.39 -35.81 -34.06
CA ARG I 239 -6.15 -35.82 -33.29
C ARG I 239 -4.97 -35.68 -34.22
N PRO I 240 -4.08 -34.72 -33.96
CA PRO I 240 -2.87 -34.60 -34.77
C PRO I 240 -1.89 -35.73 -34.48
N ALA I 241 -1.11 -36.11 -35.49
CA ALA I 241 -0.11 -37.16 -35.32
C ALA I 241 0.76 -36.82 -34.12
N GLN I 242 1.12 -37.85 -33.36
CA GLN I 242 1.94 -37.75 -32.16
C GLN I 242 1.14 -37.18 -30.99
N HIS I 243 -0.15 -36.69 -31.24
CA HIS I 243 -0.84 -36.21 -30.06
C HIS I 243 -1.60 -37.34 -29.36
N PRO I 244 -1.69 -37.28 -28.02
CA PRO I 244 -2.23 -38.43 -27.28
C PRO I 244 -3.72 -38.33 -27.05
N ALA I 245 -4.26 -37.11 -27.08
CA ALA I 245 -5.63 -36.84 -26.66
C ALA I 245 -6.50 -36.49 -27.86
N TRP I 246 -7.68 -37.10 -27.93
CA TRP I 246 -8.64 -36.74 -28.96
C TRP I 246 -9.40 -35.48 -28.59
N SER I 247 -9.78 -34.73 -29.61
CA SER I 247 -10.72 -33.62 -29.50
C SER I 247 -12.04 -34.06 -30.10
N THR I 248 -13.15 -33.67 -29.48
CA THR I 248 -14.47 -34.14 -29.90
C THR I 248 -15.34 -32.97 -30.31
N VAL I 249 -16.01 -33.10 -31.45
CA VAL I 249 -17.06 -32.20 -31.91
C VAL I 249 -18.29 -33.01 -32.29
N GLU I 250 -19.43 -32.32 -32.38
CA GLU I 250 -20.72 -32.93 -32.70
C GLU I 250 -21.19 -32.25 -33.99
N PRO I 251 -20.71 -32.70 -35.15
CA PRO I 251 -20.97 -31.94 -36.39
C PRO I 251 -22.43 -31.95 -36.78
N ALA I 252 -22.90 -30.82 -37.32
CA ALA I 252 -24.12 -30.78 -38.09
C ALA I 252 -23.86 -31.25 -39.53
N GLY I 253 -24.65 -32.20 -40.00
CA GLY I 253 -24.52 -32.64 -41.38
C GLY I 253 -23.32 -33.53 -41.60
N LEU I 254 -22.95 -33.65 -42.89
CA LEU I 254 -21.94 -34.60 -43.32
C LEU I 254 -20.57 -33.95 -43.48
N GLU I 255 -20.39 -32.77 -42.90
CA GLU I 255 -19.16 -32.01 -43.07
C GLU I 255 -18.87 -31.27 -41.77
N GLU I 256 -17.59 -30.98 -41.55
CA GLU I 256 -17.18 -30.22 -40.37
C GLU I 256 -15.86 -29.56 -40.72
N VAL I 257 -15.79 -28.25 -40.59
CA VAL I 257 -14.54 -27.51 -40.74
C VAL I 257 -13.87 -27.39 -39.39
N ILE I 258 -12.71 -28.03 -39.25
CA ILE I 258 -11.87 -27.89 -38.08
C ILE I 258 -11.11 -26.58 -38.21
N THR I 259 -11.04 -25.81 -37.12
CA THR I 259 -10.44 -24.49 -37.16
C THR I 259 -9.22 -24.37 -36.27
N ASP I 260 -8.90 -25.40 -35.50
CA ASP I 260 -7.75 -25.39 -34.59
C ASP I 260 -6.75 -26.47 -34.98
N ALA I 261 -6.58 -26.72 -36.28
CA ALA I 261 -5.56 -27.68 -36.69
C ALA I 261 -4.19 -27.08 -36.46
N VAL I 262 -3.27 -27.87 -35.90
CA VAL I 262 -1.92 -27.39 -35.68
C VAL I 262 -1.23 -27.26 -37.04
N ALA I 263 -0.57 -26.12 -37.26
CA ALA I 263 0.01 -25.86 -38.57
C ALA I 263 1.13 -26.84 -38.86
N GLY I 264 1.16 -27.32 -40.10
CA GLY I 264 2.23 -28.14 -40.61
C GLY I 264 2.27 -29.57 -40.13
N LEU I 265 1.18 -30.09 -39.58
CA LEU I 265 1.17 -31.41 -38.95
C LEU I 265 0.05 -32.27 -39.51
N PRO I 266 0.35 -33.54 -39.80
CA PRO I 266 -0.71 -34.50 -40.13
C PRO I 266 -1.72 -34.59 -38.98
N HIS I 267 -3.00 -34.68 -39.34
CA HIS I 267 -4.08 -34.81 -38.37
C HIS I 267 -4.89 -36.06 -38.67
N ALA I 268 -5.17 -36.84 -37.62
CA ALA I 268 -6.10 -37.95 -37.72
C ALA I 268 -7.51 -37.47 -37.41
N VAL I 269 -8.49 -38.01 -38.12
CA VAL I 269 -9.90 -37.70 -37.96
C VAL I 269 -10.66 -39.00 -38.06
N ARG I 270 -11.62 -39.20 -37.16
CA ARG I 270 -12.48 -40.36 -37.21
C ARG I 270 -13.87 -39.94 -36.77
N VAL I 271 -14.87 -40.69 -37.24
CA VAL I 271 -16.27 -40.37 -36.98
C VAL I 271 -17.02 -41.67 -36.73
N SER I 272 -18.14 -41.54 -36.02
CA SER I 272 -19.02 -42.65 -35.71
C SER I 272 -20.46 -42.19 -35.90
N ALA I 273 -21.37 -43.17 -35.96
CA ALA I 273 -22.76 -42.89 -36.28
C ALA I 273 -23.64 -43.48 -35.18
N ARG I 274 -24.82 -42.87 -35.03
CA ARG I 274 -25.83 -43.34 -34.10
C ARG I 274 -27.19 -42.94 -34.66
N ASP I 275 -28.22 -43.68 -34.28
CA ASP I 275 -29.58 -43.32 -34.65
C ASP I 275 -29.86 -41.86 -34.29
N PHE I 276 -30.56 -41.16 -35.19
CA PHE I 276 -30.75 -39.73 -35.03
C PHE I 276 -31.57 -39.37 -33.80
N LEU I 277 -32.39 -40.30 -33.31
CA LEU I 277 -33.15 -40.10 -32.07
C LEU I 277 -32.48 -40.77 -30.87
N ASP I 278 -31.15 -40.92 -30.92
CA ASP I 278 -30.35 -41.45 -29.82
C ASP I 278 -30.78 -42.86 -29.41
N ALA I 279 -31.31 -43.64 -30.35
CA ALA I 279 -31.62 -45.04 -30.09
C ALA I 279 -30.36 -45.89 -30.20
N GLY I 280 -30.33 -46.99 -29.46
CA GLY I 280 -29.18 -47.86 -29.51
C GLY I 280 -27.91 -47.16 -29.06
N THR I 281 -26.80 -47.49 -29.71
CA THR I 281 -25.49 -47.02 -29.31
C THR I 281 -24.72 -46.53 -30.53
N TRP I 282 -23.66 -45.77 -30.24
CA TRP I 282 -22.80 -45.23 -31.29
C TRP I 282 -22.08 -46.36 -32.01
N SER I 283 -21.85 -46.17 -33.31
CA SER I 283 -21.10 -47.13 -34.09
C SER I 283 -19.64 -47.19 -33.64
N THR I 284 -18.92 -48.19 -34.14
CA THR I 284 -17.49 -48.17 -34.00
C THR I 284 -16.91 -47.02 -34.81
N TRP I 285 -15.71 -46.58 -34.42
CA TRP I 285 -15.03 -45.52 -35.17
C TRP I 285 -14.65 -46.01 -36.57
N SER I 286 -14.87 -45.15 -37.56
CA SER I 286 -14.38 -45.32 -38.93
C SER I 286 -12.87 -45.53 -38.93
N PRO I 287 -12.31 -46.09 -40.00
CA PRO I 287 -10.85 -46.03 -40.17
C PRO I 287 -10.39 -44.58 -40.18
N GLU I 288 -9.27 -44.33 -39.51
CA GLU I 288 -8.71 -42.98 -39.47
C GLU I 288 -8.34 -42.51 -40.87
N ALA I 289 -8.63 -41.23 -41.16
CA ALA I 289 -8.16 -40.59 -42.38
C ALA I 289 -7.30 -39.40 -41.99
N TRP I 290 -6.23 -39.17 -42.74
CA TRP I 290 -5.24 -38.17 -42.39
C TRP I 290 -5.23 -37.02 -43.39
N GLY I 291 -5.00 -35.80 -42.88
CA GLY I 291 -4.78 -34.65 -43.72
C GLY I 291 -3.88 -33.65 -43.03
N THR I 292 -3.38 -32.69 -43.82
CA THR I 292 -2.42 -31.72 -43.34
C THR I 292 -2.80 -30.32 -43.82
N PRO I 293 -2.92 -29.35 -42.92
CA PRO I 293 -3.35 -28.00 -43.34
C PRO I 293 -2.36 -27.33 -44.29
N SER I 294 -2.89 -26.46 -45.15
CA SER I 294 -2.08 -25.75 -46.14
C SER I 294 -1.13 -24.76 -45.48
N ASP J 5 -50.75 -59.28 -10.71
CA ASP J 5 -50.44 -58.81 -9.37
C ASP J 5 -49.01 -59.21 -9.02
N PRO J 6 -48.32 -58.40 -8.19
CA PRO J 6 -46.93 -58.70 -7.83
C PRO J 6 -46.71 -60.08 -7.24
N CYS J 7 -45.46 -60.53 -7.24
CA CYS J 7 -45.06 -61.83 -6.71
C CYS J 7 -44.75 -61.82 -5.21
N GLY J 8 -44.27 -60.71 -4.67
CA GLY J 8 -43.94 -60.69 -3.27
C GLY J 8 -43.58 -59.32 -2.76
N TYR J 9 -42.96 -59.30 -1.58
CA TYR J 9 -42.55 -58.05 -0.96
C TYR J 9 -41.38 -58.32 -0.02
N ILE J 10 -40.72 -57.24 0.38
CA ILE J 10 -39.61 -57.26 1.32
C ILE J 10 -40.05 -56.60 2.63
N SER J 11 -39.63 -57.18 3.75
CA SER J 11 -39.96 -56.61 5.05
C SER J 11 -38.68 -56.50 5.86
N PRO J 12 -38.50 -55.41 6.63
CA PRO J 12 -39.40 -54.26 6.82
C PRO J 12 -39.44 -53.26 5.65
N GLU J 13 -40.60 -52.62 5.47
CA GLU J 13 -40.89 -51.70 4.36
C GLU J 13 -39.72 -50.78 4.02
N SER J 14 -39.28 -49.96 4.97
CA SER J 14 -38.19 -49.00 4.72
C SER J 14 -37.53 -48.71 6.06
N PRO J 15 -36.68 -49.62 6.51
CA PRO J 15 -36.01 -49.45 7.80
C PRO J 15 -34.87 -48.43 7.78
N VAL J 16 -34.61 -47.89 8.97
CA VAL J 16 -33.48 -47.02 9.22
C VAL J 16 -32.74 -47.64 10.39
N VAL J 17 -31.44 -47.87 10.25
CA VAL J 17 -30.65 -48.52 11.29
C VAL J 17 -29.40 -47.70 11.62
N GLN J 18 -28.81 -48.03 12.77
CA GLN J 18 -27.60 -47.37 13.24
C GLN J 18 -26.35 -47.99 12.63
N LEU J 19 -25.38 -47.13 12.32
CA LEU J 19 -24.11 -47.57 11.76
C LEU J 19 -23.44 -48.60 12.66
N HIS J 20 -22.82 -49.60 12.03
CA HIS J 20 -22.07 -50.71 12.64
C HIS J 20 -22.99 -51.77 13.25
N SER J 21 -24.30 -51.68 13.03
CA SER J 21 -25.25 -52.66 13.53
C SER J 21 -25.53 -53.69 12.43
N ASN J 22 -26.45 -54.61 12.73
CA ASN J 22 -26.82 -55.62 11.76
C ASN J 22 -28.27 -55.43 11.30
N PHE J 23 -28.52 -55.83 10.06
CA PHE J 23 -29.84 -55.74 9.46
C PHE J 23 -30.12 -56.98 8.63
N THR J 24 -31.27 -57.61 8.87
CA THR J 24 -31.68 -58.79 8.12
C THR J 24 -32.92 -58.42 7.32
N ALA J 25 -32.90 -58.69 6.02
CA ALA J 25 -34.03 -58.41 5.14
C ALA J 25 -34.61 -59.73 4.66
N VAL J 26 -35.93 -59.84 4.67
CA VAL J 26 -36.61 -61.03 4.20
C VAL J 26 -37.53 -60.69 3.05
N CYS J 27 -37.37 -61.41 1.94
CA CYS J 27 -38.19 -61.28 0.73
C CYS J 27 -39.08 -62.51 0.68
N VAL J 28 -40.40 -62.32 0.56
CA VAL J 28 -41.30 -63.46 0.50
C VAL J 28 -42.12 -63.41 -0.79
N LEU J 29 -42.18 -64.54 -1.47
CA LEU J 29 -42.91 -64.74 -2.72
C LEU J 29 -44.29 -65.35 -2.49
N LYS J 30 -45.28 -64.83 -3.18
CA LYS J 30 -46.63 -65.35 -3.09
C LYS J 30 -46.69 -66.72 -3.75
N GLU J 31 -47.55 -67.59 -3.23
CA GLU J 31 -47.68 -68.94 -3.79
C GLU J 31 -48.02 -68.89 -5.27
N LYS J 32 -48.96 -68.02 -5.65
CA LYS J 32 -49.36 -67.91 -7.05
C LYS J 32 -48.19 -67.59 -7.97
N CYS J 33 -47.32 -66.65 -7.58
CA CYS J 33 -46.19 -66.33 -8.45
C CYS J 33 -45.23 -67.50 -8.56
N MET J 34 -44.95 -68.17 -7.44
CA MET J 34 -44.04 -69.31 -7.46
C MET J 34 -44.57 -70.43 -8.37
N ASP J 35 -45.89 -70.66 -8.35
CA ASP J 35 -46.49 -71.72 -9.16
C ASP J 35 -46.39 -71.46 -10.67
N TYR J 36 -46.77 -70.26 -11.14
CA TYR J 36 -46.71 -70.01 -12.59
C TYR J 36 -45.31 -70.27 -13.16
N PHE J 37 -44.28 -69.73 -12.52
CA PHE J 37 -42.93 -69.92 -13.05
C PHE J 37 -42.24 -71.17 -12.51
N HIS J 38 -42.83 -71.86 -11.55
CA HIS J 38 -42.24 -73.09 -11.00
C HIS J 38 -40.88 -72.81 -10.35
N VAL J 39 -40.88 -71.88 -9.39
CA VAL J 39 -39.68 -71.51 -8.68
C VAL J 39 -39.98 -71.41 -7.19
N ASN J 40 -38.94 -71.17 -6.40
CA ASN J 40 -39.05 -71.01 -4.95
C ASN J 40 -37.85 -70.20 -4.50
N ALA J 41 -37.76 -69.97 -3.19
CA ALA J 41 -36.70 -69.21 -2.54
C ALA J 41 -35.31 -69.44 -3.10
N ASN J 42 -34.98 -70.68 -3.44
CA ASN J 42 -33.67 -71.01 -3.98
C ASN J 42 -33.34 -70.28 -5.27
N TYR J 43 -34.33 -69.72 -5.96
CA TYR J 43 -34.10 -69.01 -7.21
C TYR J 43 -33.89 -67.51 -7.01
N ILE J 44 -33.98 -67.03 -5.78
CA ILE J 44 -33.80 -65.60 -5.53
C ILE J 44 -32.34 -65.20 -5.53
N VAL J 45 -32.03 -64.15 -6.26
CA VAL J 45 -30.72 -63.52 -6.30
C VAL J 45 -30.96 -62.08 -5.87
N TRP J 46 -30.05 -61.51 -5.09
CA TRP J 46 -30.23 -60.14 -4.63
C TRP J 46 -29.21 -59.24 -5.31
N LYS J 47 -29.64 -58.07 -5.77
CA LYS J 47 -28.71 -57.13 -6.37
C LYS J 47 -29.00 -55.75 -5.80
N THR J 48 -27.96 -54.93 -5.62
CA THR J 48 -28.18 -53.55 -5.17
C THR J 48 -27.27 -52.55 -5.87
N ASN J 49 -27.84 -51.46 -6.41
CA ASN J 49 -27.04 -50.41 -7.05
C ASN J 49 -25.94 -50.94 -7.97
N HIS J 50 -26.34 -51.81 -8.89
CA HIS J 50 -25.48 -52.45 -9.89
C HIS J 50 -24.46 -53.42 -9.31
N PHE J 51 -24.50 -53.73 -8.02
CA PHE J 51 -23.56 -54.69 -7.46
C PHE J 51 -24.30 -55.97 -7.09
N THR J 52 -23.83 -57.10 -7.62
CA THR J 52 -24.43 -58.40 -7.34
C THR J 52 -24.16 -58.80 -5.89
N ILE J 53 -25.20 -59.09 -5.11
CA ILE J 53 -24.93 -59.52 -3.74
C ILE J 53 -24.43 -60.96 -3.78
N PRO J 54 -23.30 -61.27 -3.16
CA PRO J 54 -22.80 -62.66 -3.20
C PRO J 54 -23.75 -63.66 -2.57
N LYS J 55 -24.11 -64.68 -3.36
CA LYS J 55 -24.98 -65.79 -2.98
C LYS J 55 -24.76 -66.31 -1.57
N GLU J 56 -23.51 -66.26 -1.09
CA GLU J 56 -23.16 -66.77 0.23
C GLU J 56 -23.76 -65.99 1.39
N GLN J 57 -24.26 -64.77 1.15
CA GLN J 57 -24.85 -64.02 2.24
C GLN J 57 -26.35 -64.25 2.35
N TYR J 58 -26.91 -65.06 1.46
CA TYR J 58 -28.34 -65.36 1.50
C TYR J 58 -28.63 -66.48 2.48
N THR J 59 -29.86 -66.51 3.00
CA THR J 59 -30.33 -67.61 3.86
C THR J 59 -31.76 -67.90 3.44
N ILE J 60 -32.00 -69.07 2.87
CA ILE J 60 -33.35 -69.47 2.47
C ILE J 60 -34.12 -70.00 3.68
N ILE J 61 -35.12 -69.24 4.13
CA ILE J 61 -35.91 -69.66 5.29
C ILE J 61 -37.03 -70.63 4.90
N ASN J 62 -38.01 -70.15 4.15
CA ASN J 62 -39.11 -70.99 3.67
C ASN J 62 -39.03 -71.13 2.15
N ARG J 63 -39.85 -72.02 1.60
CA ARG J 63 -39.80 -72.21 0.16
C ARG J 63 -40.27 -70.94 -0.55
N THR J 64 -40.90 -70.05 0.21
CA THR J 64 -41.44 -68.77 -0.25
C THR J 64 -40.52 -67.60 0.02
N ALA J 65 -39.55 -67.76 0.93
CA ALA J 65 -38.73 -66.62 1.31
C ALA J 65 -37.25 -66.94 1.48
N SER J 66 -36.45 -65.97 1.09
CA SER J 66 -34.99 -65.92 1.18
C SER J 66 -34.64 -64.71 2.02
N SER J 67 -33.46 -64.74 2.64
CA SER J 67 -33.09 -63.60 3.45
C SER J 67 -31.57 -63.40 3.38
N VAL J 68 -31.16 -62.16 3.60
CA VAL J 68 -29.77 -61.75 3.61
C VAL J 68 -29.53 -60.99 4.91
N THR J 69 -28.29 -61.03 5.38
CA THR J 69 -27.90 -60.35 6.61
C THR J 69 -26.69 -59.47 6.34
N PHE J 70 -26.85 -58.17 6.59
CA PHE J 70 -25.77 -57.20 6.44
C PHE J 70 -25.13 -56.98 7.80
N THR J 71 -23.81 -56.90 7.83
CA THR J 71 -23.10 -56.67 9.07
C THR J 71 -22.24 -55.43 8.94
N ASP J 72 -22.09 -54.70 10.05
CA ASP J 72 -21.29 -53.48 10.11
C ASP J 72 -21.74 -52.54 9.00
N ILE J 73 -23.05 -52.34 8.89
CA ILE J 73 -23.61 -51.48 7.84
C ILE J 73 -22.84 -50.17 7.81
N ALA J 74 -22.29 -49.84 6.64
CA ALA J 74 -21.51 -48.64 6.47
C ALA J 74 -22.00 -47.71 5.36
N SER J 75 -23.03 -48.09 4.59
CA SER J 75 -23.51 -47.22 3.53
C SER J 75 -24.67 -46.35 3.99
N LEU J 76 -24.60 -45.05 3.66
CA LEU J 76 -25.64 -44.12 4.06
C LEU J 76 -26.97 -44.38 3.35
N ASN J 77 -26.92 -44.91 2.13
CA ASN J 77 -28.14 -45.14 1.37
C ASN J 77 -27.96 -46.43 0.59
N ILE J 78 -28.84 -47.39 0.83
CA ILE J 78 -28.82 -48.68 0.15
C ILE J 78 -30.15 -48.90 -0.53
N GLN J 79 -30.13 -49.13 -1.84
CA GLN J 79 -31.32 -49.45 -2.61
C GLN J 79 -31.31 -50.96 -2.70
N LEU J 80 -32.30 -51.60 -2.08
CA LEU J 80 -32.37 -53.05 -2.07
C LEU J 80 -33.47 -53.54 -3.00
N THR J 81 -33.14 -54.55 -3.78
CA THR J 81 -34.03 -55.14 -4.75
C THR J 81 -33.99 -56.64 -4.57
N CYS J 82 -35.14 -57.27 -4.72
CA CYS J 82 -35.29 -58.72 -4.60
C CYS J 82 -35.65 -59.23 -5.97
N ASN J 83 -34.88 -60.20 -6.47
CA ASN J 83 -35.20 -60.69 -7.79
C ASN J 83 -35.21 -62.21 -7.83
N ILE J 84 -35.95 -62.73 -8.78
CA ILE J 84 -36.04 -64.14 -9.08
C ILE J 84 -35.48 -64.42 -10.48
N LEU J 85 -34.79 -65.55 -10.61
CA LEU J 85 -34.16 -66.02 -11.84
C LEU J 85 -35.10 -66.96 -12.60
N THR J 86 -36.04 -66.38 -13.36
CA THR J 86 -37.01 -67.19 -14.10
C THR J 86 -36.35 -68.04 -15.17
N PHE J 87 -36.93 -69.24 -15.37
CA PHE J 87 -36.51 -70.27 -16.33
C PHE J 87 -35.05 -70.14 -16.73
N GLY J 88 -34.22 -69.87 -15.74
CA GLY J 88 -32.78 -69.68 -15.80
C GLY J 88 -32.14 -68.75 -16.81
N GLN J 89 -32.87 -67.88 -17.51
CA GLN J 89 -32.24 -67.02 -18.49
C GLN J 89 -32.96 -65.69 -18.62
N LEU J 90 -33.46 -65.18 -17.50
CA LEU J 90 -34.17 -63.92 -17.41
C LEU J 90 -34.28 -63.62 -15.93
N GLU J 91 -34.60 -62.37 -15.63
CA GLU J 91 -34.74 -61.94 -14.25
C GLU J 91 -35.83 -60.88 -14.19
N GLN J 92 -36.74 -61.05 -13.25
CA GLN J 92 -37.86 -60.13 -13.04
C GLN J 92 -37.87 -59.71 -11.59
N ASN J 93 -38.24 -58.45 -11.39
CA ASN J 93 -38.27 -57.83 -10.07
C ASN J 93 -39.50 -58.21 -9.28
N VAL J 94 -39.26 -58.67 -8.06
CA VAL J 94 -40.28 -59.10 -7.11
C VAL J 94 -40.63 -57.87 -6.30
N TYR J 95 -39.64 -57.32 -5.62
CA TYR J 95 -39.87 -56.15 -4.77
C TYR J 95 -38.56 -55.38 -4.61
N GLY J 96 -38.68 -54.24 -3.94
CA GLY J 96 -37.54 -53.40 -3.67
C GLY J 96 -37.86 -52.49 -2.51
N ILE J 97 -36.80 -52.04 -1.84
CA ILE J 97 -36.91 -51.12 -0.70
C ILE J 97 -35.67 -50.26 -0.68
N THR J 98 -35.77 -49.12 -0.01
CA THR J 98 -34.61 -48.24 0.14
C THR J 98 -34.20 -48.28 1.61
N ILE J 99 -32.92 -48.58 1.84
CA ILE J 99 -32.34 -48.65 3.17
C ILE J 99 -31.56 -47.38 3.46
N ILE J 100 -31.95 -46.67 4.52
CA ILE J 100 -31.26 -45.45 4.92
C ILE J 100 -30.59 -45.74 6.26
N SER J 101 -29.40 -45.18 6.45
CA SER J 101 -28.63 -45.40 7.66
C SER J 101 -28.07 -44.09 8.19
N GLY J 102 -27.69 -44.10 9.47
CA GLY J 102 -27.15 -42.91 10.10
C GLY J 102 -26.87 -43.05 11.58
N LEU J 103 -27.00 -41.96 12.32
CA LEU J 103 -26.74 -41.95 13.75
C LEU J 103 -27.83 -41.22 14.52
N PRO J 104 -28.02 -41.55 15.80
CA PRO J 104 -29.03 -40.87 16.59
C PRO J 104 -28.56 -39.47 16.95
N PRO J 105 -29.47 -38.54 17.24
CA PRO J 105 -29.04 -37.18 17.56
C PRO J 105 -28.30 -37.10 18.89
N GLU J 106 -27.31 -36.21 18.93
CA GLU J 106 -26.53 -35.99 20.14
C GLU J 106 -27.29 -35.04 21.06
N LYS J 107 -26.99 -35.14 22.36
CA LYS J 107 -27.67 -34.29 23.33
C LYS J 107 -27.26 -32.84 23.15
N PRO J 108 -28.17 -31.93 22.79
CA PRO J 108 -27.80 -30.53 22.62
C PRO J 108 -27.12 -29.98 23.87
N LYS J 109 -26.03 -29.23 23.67
CA LYS J 109 -25.29 -28.67 24.78
C LYS J 109 -25.03 -27.18 24.55
N ASN J 110 -24.62 -26.52 25.63
CA ASN J 110 -24.32 -25.08 25.63
C ASN J 110 -25.54 -24.26 25.18
N LEU J 111 -26.72 -24.62 25.70
CA LEU J 111 -27.93 -23.88 25.34
C LEU J 111 -27.89 -22.49 25.96
N SER J 112 -28.11 -21.47 25.14
CA SER J 112 -28.15 -20.10 25.61
C SER J 112 -29.17 -19.31 24.80
N CYS J 113 -29.77 -18.31 25.42
CA CYS J 113 -30.77 -17.46 24.79
C CYS J 113 -30.37 -16.00 24.93
N ILE J 114 -30.98 -15.15 24.09
CA ILE J 114 -30.71 -13.72 24.04
C ILE J 114 -31.96 -13.00 23.54
N VAL J 115 -32.26 -11.86 24.14
CA VAL J 115 -33.41 -11.06 23.74
C VAL J 115 -32.94 -9.75 23.11
N ASN J 116 -32.85 -9.72 21.78
CA ASN J 116 -32.45 -8.50 21.09
C ASN J 116 -33.60 -7.51 21.06
N GLU J 117 -33.37 -6.30 21.57
CA GLU J 117 -34.39 -5.26 21.60
C GLU J 117 -35.13 -5.15 20.27
N GLY J 118 -36.46 -5.17 20.32
CA GLY J 118 -37.25 -5.06 19.11
C GLY J 118 -37.55 -6.39 18.45
N LYS J 119 -36.91 -7.46 18.89
CA LYS J 119 -37.09 -8.81 18.37
C LYS J 119 -37.57 -9.72 19.49
N LYS J 120 -38.06 -10.88 19.09
CA LYS J 120 -38.56 -11.85 20.05
C LYS J 120 -37.39 -12.67 20.58
N MET J 121 -37.63 -13.36 21.70
CA MET J 121 -36.56 -14.16 22.30
C MET J 121 -35.96 -15.12 21.28
N ARG J 122 -34.64 -15.25 21.30
CA ARG J 122 -33.90 -16.12 20.41
C ARG J 122 -32.94 -16.97 21.23
N CYS J 123 -32.91 -18.28 20.96
CA CYS J 123 -32.01 -19.18 21.65
C CYS J 123 -31.10 -19.88 20.65
N GLU J 124 -29.88 -20.15 21.10
CA GLU J 124 -28.85 -20.77 20.30
C GLU J 124 -28.32 -21.99 21.04
N TRP J 125 -27.89 -22.99 20.27
CA TRP J 125 -27.34 -24.19 20.89
C TRP J 125 -26.34 -24.82 19.93
N ASP J 126 -25.45 -25.63 20.48
CA ASP J 126 -24.46 -26.36 19.71
C ASP J 126 -25.01 -27.72 19.31
N GLY J 127 -25.12 -27.96 18.01
CA GLY J 127 -25.54 -29.27 17.55
C GLY J 127 -24.37 -30.22 17.58
N GLY J 128 -24.64 -31.51 17.76
CA GLY J 128 -23.49 -32.40 17.83
C GLY J 128 -23.08 -33.06 16.53
N ARG J 129 -22.68 -34.33 16.63
CA ARG J 129 -22.24 -35.10 15.46
C ARG J 129 -23.30 -35.12 14.36
N GLU J 130 -22.82 -35.09 13.12
CA GLU J 130 -23.71 -35.18 11.98
C GLU J 130 -24.45 -36.50 12.05
N THR J 131 -25.74 -36.49 11.74
CA THR J 131 -26.54 -37.71 11.82
C THR J 131 -26.90 -38.29 10.46
N HIS J 132 -26.73 -37.54 9.38
CA HIS J 132 -27.03 -37.95 8.01
C HIS J 132 -28.51 -38.19 7.78
N LEU J 133 -29.35 -37.88 8.75
CA LEU J 133 -30.79 -38.06 8.62
C LEU J 133 -31.49 -36.72 8.75
N GLU J 134 -32.68 -36.63 8.15
CA GLU J 134 -33.46 -35.40 8.24
C GLU J 134 -33.89 -35.22 9.69
N THR J 135 -33.37 -34.19 10.36
CA THR J 135 -33.70 -33.96 11.76
C THR J 135 -34.42 -32.64 11.96
N ASN J 136 -35.57 -32.70 12.64
CA ASN J 136 -36.35 -31.50 12.94
C ASN J 136 -35.96 -31.03 14.34
N PHE J 137 -35.92 -29.71 14.52
CA PHE J 137 -35.61 -29.09 15.80
C PHE J 137 -36.74 -28.18 16.20
N THR J 138 -37.22 -28.36 17.44
CA THR J 138 -38.33 -27.59 18.00
C THR J 138 -37.92 -27.06 19.35
N LEU J 139 -37.96 -25.74 19.51
CA LEU J 139 -37.62 -25.09 20.77
C LEU J 139 -38.83 -25.09 21.69
N LYS J 140 -38.68 -25.65 22.88
CA LYS J 140 -39.76 -25.73 23.85
C LYS J 140 -39.52 -24.77 25.01
N SER J 141 -40.60 -24.14 25.46
CA SER J 141 -40.63 -23.22 26.58
C SER J 141 -42.03 -23.32 27.16
N GLU J 142 -42.16 -23.37 28.48
CA GLU J 142 -43.49 -23.48 29.06
C GLU J 142 -43.49 -23.02 30.51
N TRP J 143 -44.61 -22.44 30.94
CA TRP J 143 -44.75 -22.08 32.34
C TRP J 143 -45.31 -23.26 33.13
N ALA J 144 -45.22 -23.17 34.46
CA ALA J 144 -45.75 -24.21 35.34
C ALA J 144 -47.26 -24.38 35.22
N THR J 145 -47.95 -23.36 34.69
CA THR J 145 -49.40 -23.31 34.58
C THR J 145 -49.88 -23.12 33.15
N HIS J 146 -49.02 -23.40 32.17
CA HIS J 146 -49.36 -23.19 30.77
C HIS J 146 -48.30 -23.83 29.91
N LYS J 147 -48.71 -24.55 28.87
CA LYS J 147 -47.72 -25.17 28.00
C LYS J 147 -47.66 -24.19 26.84
N PHE J 148 -46.45 -23.76 26.49
CA PHE J 148 -46.30 -22.79 25.43
C PHE J 148 -46.08 -23.36 24.01
N ALA J 149 -46.32 -22.49 23.03
CA ALA J 149 -46.16 -22.79 21.61
C ALA J 149 -44.75 -23.26 21.24
N ASP J 150 -44.66 -24.32 20.43
CA ASP J 150 -43.40 -24.83 19.92
C ASP J 150 -42.76 -23.86 18.93
N CYS J 151 -41.42 -23.82 18.90
CA CYS J 151 -40.68 -22.99 17.94
C CYS J 151 -39.99 -23.94 16.96
N LYS J 152 -40.38 -23.90 15.69
CA LYS J 152 -39.81 -24.76 14.67
C LYS J 152 -38.68 -24.03 13.92
N ALA J 153 -37.48 -24.60 13.96
CA ALA J 153 -36.32 -23.99 13.31
C ALA J 153 -36.54 -23.83 11.80
N LYS J 154 -35.88 -22.83 11.23
CA LYS J 154 -35.92 -22.52 9.81
C LYS J 154 -34.86 -23.33 9.05
N ARG J 155 -35.17 -23.66 7.79
CA ARG J 155 -34.23 -24.43 6.97
C ARG J 155 -32.83 -23.83 6.97
N ASP J 156 -32.74 -22.50 6.79
CA ASP J 156 -31.44 -21.84 6.76
C ASP J 156 -30.72 -21.94 8.10
N THR J 157 -31.43 -21.66 9.20
CA THR J 157 -30.85 -21.71 10.53
C THR J 157 -31.41 -22.86 11.37
N PRO J 158 -30.93 -24.09 11.15
CA PRO J 158 -31.44 -25.24 11.92
C PRO J 158 -30.93 -25.30 13.34
N THR J 159 -29.90 -24.53 13.70
CA THR J 159 -29.32 -24.54 15.03
C THR J 159 -29.76 -23.36 15.88
N SER J 160 -30.77 -22.63 15.43
CA SER J 160 -31.27 -21.45 16.12
C SER J 160 -32.77 -21.34 15.87
N CYS J 161 -33.48 -20.74 16.82
CA CYS J 161 -34.90 -20.50 16.69
C CYS J 161 -35.25 -19.15 17.29
N THR J 162 -36.29 -18.53 16.73
CA THR J 162 -36.79 -17.25 17.18
C THR J 162 -38.28 -17.42 17.40
N VAL J 163 -38.68 -17.39 18.67
CA VAL J 163 -40.08 -17.58 19.04
C VAL J 163 -41.00 -16.55 18.37
N ASP J 164 -42.29 -16.88 18.34
CA ASP J 164 -43.32 -16.05 17.73
C ASP J 164 -44.12 -15.24 18.75
N TYR J 165 -43.79 -15.34 20.03
CA TYR J 165 -44.48 -14.64 21.11
C TYR J 165 -43.58 -13.55 21.68
N SER J 166 -44.20 -12.45 22.11
CA SER J 166 -43.42 -11.34 22.66
C SER J 166 -42.86 -11.68 24.03
N THR J 167 -41.68 -11.11 24.29
CA THR J 167 -40.96 -11.32 25.54
C THR J 167 -41.73 -10.74 26.72
N VAL J 168 -41.75 -11.48 27.83
CA VAL J 168 -42.42 -11.06 29.05
C VAL J 168 -41.40 -11.03 30.18
N TYR J 169 -40.96 -9.83 30.55
CA TYR J 169 -39.98 -9.65 31.61
C TYR J 169 -40.60 -9.91 32.98
N PHE J 170 -39.72 -10.21 33.96
CA PHE J 170 -40.07 -10.42 35.36
C PHE J 170 -40.80 -11.73 35.65
N VAL J 171 -40.81 -12.69 34.72
CA VAL J 171 -41.45 -13.98 34.96
C VAL J 171 -40.49 -15.10 34.58
N ASN J 172 -40.27 -16.03 35.49
CA ASN J 172 -39.37 -17.14 35.19
C ASN J 172 -40.01 -18.03 34.14
N ILE J 173 -39.20 -18.42 33.16
CA ILE J 173 -39.64 -19.26 32.05
C ILE J 173 -38.73 -20.48 31.97
N GLU J 174 -39.32 -21.65 31.75
CA GLU J 174 -38.58 -22.91 31.65
C GLU J 174 -38.36 -23.16 30.17
N VAL J 175 -37.11 -23.30 29.75
CA VAL J 175 -36.78 -23.50 28.34
C VAL J 175 -35.83 -24.68 28.15
N TRP J 176 -36.01 -25.38 27.03
CA TRP J 176 -35.18 -26.50 26.64
C TRP J 176 -35.43 -26.78 25.16
N VAL J 177 -34.51 -27.51 24.54
CA VAL J 177 -34.61 -27.86 23.12
C VAL J 177 -34.78 -29.36 23.01
N GLU J 178 -35.64 -29.79 22.08
CA GLU J 178 -35.91 -31.21 21.86
C GLU J 178 -35.41 -31.61 20.48
N ALA J 179 -34.45 -32.53 20.45
CA ALA J 179 -33.89 -33.03 19.20
C ALA J 179 -34.42 -34.43 18.97
N GLU J 180 -34.95 -34.68 17.77
CA GLU J 180 -35.50 -36.00 17.46
C GLU J 180 -35.33 -36.32 15.98
N ASN J 181 -34.98 -37.58 15.71
CA ASN J 181 -34.88 -38.08 14.35
C ASN J 181 -35.27 -39.55 14.35
N ALA J 182 -35.47 -40.10 13.16
CA ALA J 182 -35.90 -41.48 12.95
C ALA J 182 -35.24 -42.51 13.86
N LEU J 183 -34.00 -42.27 14.30
CA LEU J 183 -33.28 -43.23 15.15
C LEU J 183 -33.35 -42.91 16.63
N GLY J 184 -33.94 -41.78 17.02
CA GLY J 184 -33.99 -41.49 18.45
C GLY J 184 -34.53 -40.14 18.84
N LYS J 185 -34.97 -40.04 20.09
CA LYS J 185 -35.49 -38.80 20.64
C LYS J 185 -34.74 -38.49 21.92
N VAL J 186 -34.36 -37.23 22.11
CA VAL J 186 -33.65 -36.81 23.30
C VAL J 186 -33.93 -35.33 23.54
N THR J 187 -33.85 -34.93 24.80
CA THR J 187 -34.12 -33.55 25.20
C THR J 187 -32.86 -32.98 25.84
N SER J 188 -32.63 -31.69 25.63
CA SER J 188 -31.50 -31.04 26.26
C SER J 188 -31.82 -30.79 27.72
N ASP J 189 -30.85 -30.31 28.48
CA ASP J 189 -31.16 -30.01 29.87
C ASP J 189 -32.09 -28.80 29.91
N HIS J 190 -32.91 -28.74 30.95
CA HIS J 190 -33.82 -27.61 31.09
C HIS J 190 -33.12 -26.43 31.74
N ILE J 191 -33.39 -25.23 31.26
CA ILE J 191 -32.86 -24.03 31.86
C ILE J 191 -34.02 -23.19 32.39
N ASN J 192 -33.72 -22.35 33.37
CA ASN J 192 -34.73 -21.51 34.00
C ASN J 192 -34.10 -20.15 34.22
N PHE J 193 -34.81 -19.09 33.81
CA PHE J 193 -34.24 -17.75 33.97
C PHE J 193 -35.33 -16.70 33.81
N ASP J 194 -35.00 -15.49 34.26
CA ASP J 194 -35.87 -14.34 34.13
C ASP J 194 -35.42 -13.57 32.89
N PRO J 195 -36.26 -13.41 31.86
CA PRO J 195 -35.82 -12.68 30.66
C PRO J 195 -35.10 -11.37 30.93
N VAL J 196 -35.38 -10.72 32.06
CA VAL J 196 -34.76 -9.44 32.39
C VAL J 196 -33.24 -9.54 32.48
N TYR J 197 -32.69 -10.72 32.72
CA TYR J 197 -31.24 -10.89 32.82
C TYR J 197 -30.59 -11.35 31.51
N LYS J 198 -31.32 -11.34 30.40
CA LYS J 198 -30.79 -11.78 29.11
C LYS J 198 -31.04 -10.75 28.02
N VAL J 199 -31.16 -9.48 28.39
CA VAL J 199 -31.44 -8.42 27.43
C VAL J 199 -30.14 -7.94 26.77
N LYS J 200 -30.22 -7.64 25.48
CA LYS J 200 -29.12 -7.11 24.68
C LYS J 200 -29.63 -5.80 24.10
N PRO J 201 -29.46 -4.69 24.83
CA PRO J 201 -29.95 -3.40 24.36
C PRO J 201 -29.30 -2.96 23.05
N ASN J 202 -29.97 -2.00 22.39
CA ASN J 202 -29.42 -1.40 21.19
C ASN J 202 -28.31 -0.44 21.60
N PRO J 203 -27.43 -0.05 20.69
CA PRO J 203 -26.37 0.86 21.08
C PRO J 203 -26.87 2.29 21.14
N PRO J 204 -26.21 3.13 21.94
CA PRO J 204 -26.60 4.54 22.04
C PRO J 204 -26.59 5.26 20.70
N HIS J 205 -27.53 6.18 20.53
CA HIS J 205 -27.64 6.97 19.30
C HIS J 205 -27.74 8.44 19.69
N ASN J 206 -27.77 9.33 18.68
CA ASN J 206 -27.84 10.78 18.92
C ASN J 206 -26.59 11.28 19.63
N LEU J 207 -25.43 10.73 19.26
CA LEU J 207 -24.19 11.11 19.91
C LEU J 207 -23.77 12.53 19.52
N SER J 208 -23.47 13.32 20.54
CA SER J 208 -23.07 14.72 20.45
C SER J 208 -21.85 14.94 21.33
N VAL J 209 -20.91 15.77 20.87
CA VAL J 209 -19.72 16.05 21.66
C VAL J 209 -19.68 17.44 22.26
N ILE J 210 -20.24 18.46 21.60
CA ILE J 210 -20.25 19.87 22.06
C ILE J 210 -18.83 20.43 22.22
N ASN J 211 -18.63 21.66 21.75
CA ASN J 211 -17.33 22.28 21.91
C ASN J 211 -17.15 22.82 23.32
N SER J 212 -15.91 23.23 23.61
CA SER J 212 -15.57 23.75 24.92
C SER J 212 -15.93 25.22 25.11
N GLU J 213 -16.22 25.54 26.36
CA GLU J 213 -16.60 26.81 26.96
C GLU J 213 -15.44 27.78 27.07
N GLU J 214 -15.44 28.60 28.13
CA GLU J 214 -14.38 29.57 28.35
C GLU J 214 -13.22 28.92 29.05
N LEU J 215 -13.41 27.66 29.45
CA LEU J 215 -12.40 26.83 30.07
C LEU J 215 -12.12 25.75 29.04
N SER J 216 -10.87 25.39 28.87
CA SER J 216 -10.56 24.38 27.88
C SER J 216 -10.26 23.08 28.61
N SER J 217 -9.86 22.06 27.87
CA SER J 217 -9.56 20.74 28.39
C SER J 217 -10.79 20.01 28.92
N ILE J 218 -12.00 20.40 28.49
CA ILE J 218 -13.22 19.77 28.96
C ILE J 218 -14.16 19.50 27.78
N LEU J 219 -14.72 18.30 27.72
CA LEU J 219 -15.70 17.96 26.70
C LEU J 219 -16.88 17.23 27.36
N LYS J 220 -18.10 17.62 27.02
CA LYS J 220 -19.30 17.00 27.57
C LYS J 220 -19.93 16.10 26.50
N LEU J 221 -20.17 14.84 26.85
CA LEU J 221 -20.77 13.90 25.92
C LEU J 221 -22.27 13.80 26.18
N THR J 222 -23.07 13.86 25.13
CA THR J 222 -24.51 13.70 25.24
C THR J 222 -24.98 12.73 24.17
N TRP J 223 -26.08 12.05 24.46
CA TRP J 223 -26.65 11.05 23.57
C TRP J 223 -28.07 10.75 24.04
N THR J 224 -28.81 10.02 23.22
CA THR J 224 -30.17 9.62 23.55
C THR J 224 -30.15 8.12 23.86
N ASN J 225 -30.57 7.77 25.07
CA ASN J 225 -30.62 6.40 25.52
C ASN J 225 -31.71 5.61 24.79
N PRO J 226 -31.58 4.28 24.75
CA PRO J 226 -32.60 3.46 24.09
C PRO J 226 -33.86 3.37 24.93
N SER J 227 -34.99 3.22 24.24
CA SER J 227 -36.30 3.15 24.89
C SER J 227 -36.34 2.13 26.03
N ILE J 228 -35.51 1.09 25.97
CA ILE J 228 -35.48 0.03 26.97
C ILE J 228 -35.19 0.54 28.39
N LYS J 229 -34.90 1.84 28.55
CA LYS J 229 -34.64 2.37 29.89
C LYS J 229 -35.86 2.32 30.79
N SER J 230 -37.05 2.11 30.23
CA SER J 230 -38.28 2.04 31.02
C SER J 230 -38.41 0.76 31.84
N VAL J 231 -37.67 -0.29 31.51
CA VAL J 231 -37.77 -1.56 32.20
C VAL J 231 -36.52 -1.87 33.04
N ILE J 232 -35.33 -1.51 32.55
CA ILE J 232 -34.10 -1.78 33.27
C ILE J 232 -33.30 -0.50 33.45
N ILE J 233 -32.42 -0.53 34.44
CA ILE J 233 -31.52 0.59 34.71
C ILE J 233 -30.25 0.35 33.91
N LEU J 234 -29.84 1.36 33.15
CA LEU J 234 -28.67 1.23 32.30
C LEU J 234 -27.36 1.59 32.99
N LYS J 235 -26.29 0.94 32.51
CA LYS J 235 -24.92 1.14 32.95
C LYS J 235 -24.15 1.41 31.67
N TYR J 236 -23.04 2.14 31.75
CA TYR J 236 -22.34 2.41 30.51
C TYR J 236 -20.84 2.19 30.63
N ASN J 237 -20.21 2.15 29.46
CA ASN J 237 -18.76 2.04 29.29
C ASN J 237 -18.42 3.10 28.26
N ILE J 238 -17.69 4.13 28.66
CA ILE J 238 -17.29 5.20 27.76
C ILE J 238 -15.81 5.05 27.47
N GLN J 239 -15.47 4.93 26.20
CA GLN J 239 -14.09 4.81 25.77
C GLN J 239 -13.70 6.04 24.96
N TYR J 240 -12.44 6.42 25.07
CA TYR J 240 -11.94 7.60 24.39
C TYR J 240 -10.44 7.46 24.16
N ARG J 241 -9.96 8.13 23.12
CA ARG J 241 -8.54 8.11 22.76
C ARG J 241 -8.28 9.34 21.91
N THR J 242 -7.00 9.64 21.72
CA THR J 242 -6.64 10.77 20.89
C THR J 242 -6.75 10.35 19.44
N LYS J 243 -7.03 11.34 18.57
CA LYS J 243 -7.18 11.07 17.14
C LYS J 243 -6.04 10.24 16.56
N ASP J 244 -4.86 10.25 17.20
CA ASP J 244 -3.71 9.52 16.70
C ASP J 244 -3.37 8.27 17.52
N ALA J 245 -3.93 8.13 18.72
CA ALA J 245 -3.67 6.96 19.53
C ALA J 245 -4.09 5.68 18.82
N SER J 246 -3.45 4.57 19.18
CA SER J 246 -3.76 3.29 18.56
C SER J 246 -4.73 2.45 19.38
N THR J 247 -4.79 2.68 20.69
CA THR J 247 -5.68 1.94 21.58
C THR J 247 -6.64 2.90 22.27
N TRP J 248 -7.76 2.35 22.74
CA TRP J 248 -8.77 3.11 23.44
C TRP J 248 -8.55 3.07 24.94
N SER J 249 -8.89 4.16 25.61
CA SER J 249 -8.84 4.22 27.06
C SER J 249 -10.28 4.10 27.56
N GLN J 250 -10.45 4.01 28.87
CA GLN J 250 -11.82 3.87 29.37
C GLN J 250 -11.98 4.52 30.73
N ILE J 251 -13.11 5.19 30.92
CA ILE J 251 -13.49 5.84 32.18
C ILE J 251 -13.75 4.73 33.19
N PRO J 252 -13.42 4.93 34.47
CA PRO J 252 -13.65 3.88 35.47
C PRO J 252 -15.13 3.57 35.57
N PRO J 253 -15.51 2.31 35.35
CA PRO J 253 -16.92 1.91 35.42
C PRO J 253 -17.71 2.44 36.62
N GLU J 254 -17.07 2.50 37.79
CA GLU J 254 -17.75 2.98 39.00
C GLU J 254 -18.30 4.39 38.82
N ASP J 255 -17.65 5.24 38.02
CA ASP J 255 -18.13 6.59 37.81
C ASP J 255 -19.33 6.67 36.87
N THR J 256 -19.54 5.63 36.06
CA THR J 256 -20.65 5.54 35.10
C THR J 256 -21.46 4.27 35.34
N ALA J 257 -21.75 3.99 36.61
CA ALA J 257 -22.46 2.79 37.02
C ALA J 257 -23.98 2.95 37.10
N SER J 258 -24.55 4.06 36.64
CA SER J 258 -25.99 4.21 36.70
C SER J 258 -26.49 5.09 35.56
N THR J 259 -27.77 4.89 35.23
CA THR J 259 -28.46 5.58 34.14
C THR J 259 -28.14 7.07 34.11
N ARG J 260 -27.83 7.56 32.91
CA ARG J 260 -27.49 8.95 32.69
C ARG J 260 -27.54 9.20 31.19
N SER J 261 -27.63 10.46 30.80
CA SER J 261 -27.70 10.81 29.40
C SER J 261 -26.60 11.78 28.99
N SER J 262 -25.60 11.98 29.84
CA SER J 262 -24.51 12.89 29.52
C SER J 262 -23.33 12.61 30.44
N PHE J 263 -22.16 13.08 30.02
CA PHE J 263 -20.94 12.92 30.82
C PHE J 263 -19.90 13.90 30.27
N THR J 264 -19.21 14.58 31.18
CA THR J 264 -18.17 15.53 30.78
C THR J 264 -16.80 14.89 30.99
N VAL J 265 -16.05 14.70 29.91
CA VAL J 265 -14.72 14.11 29.97
C VAL J 265 -13.72 15.22 30.22
N GLN J 266 -12.83 14.98 31.18
CA GLN J 266 -11.82 15.95 31.62
C GLN J 266 -10.41 15.47 31.36
N ASP J 267 -9.49 16.40 31.67
CA ASP J 267 -8.05 16.28 31.55
C ASP J 267 -7.60 15.96 30.13
N LEU J 268 -8.29 16.53 29.15
CA LEU J 268 -7.92 16.33 27.75
C LEU J 268 -7.03 17.51 27.35
N LYS J 269 -6.10 17.25 26.43
CA LYS J 269 -5.18 18.29 25.99
C LYS J 269 -5.89 19.39 25.19
N PRO J 270 -5.46 20.63 25.34
CA PRO J 270 -6.07 21.75 24.60
C PRO J 270 -5.91 21.60 23.09
N PHE J 271 -6.87 22.19 22.37
CA PHE J 271 -6.93 22.17 20.90
C PHE J 271 -6.48 20.83 20.31
N THR J 272 -6.98 19.75 20.91
CA THR J 272 -6.67 18.39 20.47
C THR J 272 -7.97 17.73 20.04
N GLU J 273 -7.91 16.90 19.00
CA GLU J 273 -9.10 16.21 18.51
C GLU J 273 -9.23 14.85 19.19
N TYR J 274 -10.43 14.55 19.68
CA TYR J 274 -10.73 13.31 20.38
C TYR J 274 -11.87 12.54 19.73
N VAL J 275 -11.76 11.22 19.75
CA VAL J 275 -12.78 10.33 19.20
C VAL J 275 -13.39 9.54 20.36
N PHE J 276 -14.71 9.42 20.36
CA PHE J 276 -15.42 8.71 21.42
C PHE J 276 -16.33 7.60 20.88
N ARG J 277 -16.56 6.59 21.72
CA ARG J 277 -17.45 5.48 21.44
C ARG J 277 -17.99 4.97 22.78
N ILE J 278 -19.26 4.56 22.79
CA ILE J 278 -19.93 4.11 24.02
C ILE J 278 -20.78 2.87 23.77
N ARG J 279 -21.01 2.12 24.85
CA ARG J 279 -21.82 0.91 24.85
C ARG J 279 -22.54 0.81 26.19
N CYS J 280 -23.63 0.07 26.24
CA CYS J 280 -24.39 -0.06 27.47
C CYS J 280 -24.95 -1.46 27.64
N MET J 281 -25.32 -1.77 28.89
CA MET J 281 -25.93 -3.05 29.27
C MET J 281 -26.59 -2.85 30.63
N LYS J 282 -27.33 -3.87 31.07
CA LYS J 282 -28.01 -3.79 32.37
C LYS J 282 -27.01 -3.46 33.48
N GLU J 283 -27.42 -2.58 34.38
CA GLU J 283 -26.57 -2.11 35.48
C GLU J 283 -25.95 -3.22 36.33
N ASP J 284 -26.65 -4.33 36.53
CA ASP J 284 -26.06 -5.39 37.37
C ASP J 284 -25.11 -6.32 36.62
N GLY J 285 -24.78 -6.04 35.36
CA GLY J 285 -23.88 -6.90 34.63
C GLY J 285 -24.49 -8.21 34.19
N LYS J 286 -25.78 -8.42 34.43
CA LYS J 286 -26.50 -9.63 34.04
C LYS J 286 -27.20 -9.37 32.71
N GLY J 287 -26.62 -9.90 31.65
CA GLY J 287 -27.12 -9.74 30.31
C GLY J 287 -25.97 -9.63 29.34
N TYR J 288 -26.22 -9.02 28.19
CA TYR J 288 -25.20 -8.88 27.17
C TYR J 288 -24.94 -7.41 26.81
N TRP J 289 -23.67 -7.10 26.60
CA TRP J 289 -23.25 -5.76 26.20
C TRP J 289 -23.77 -5.42 24.81
N SER J 290 -24.23 -4.18 24.65
CA SER J 290 -24.72 -3.75 23.35
C SER J 290 -23.53 -3.52 22.44
N ASP J 291 -23.81 -3.28 21.16
CA ASP J 291 -22.73 -2.99 20.25
C ASP J 291 -22.22 -1.57 20.49
N TRP J 292 -21.08 -1.25 19.88
CA TRP J 292 -20.53 0.09 20.02
C TRP J 292 -21.36 1.09 19.22
N SER J 293 -21.51 2.28 19.79
CA SER J 293 -22.23 3.37 19.14
C SER J 293 -21.44 3.86 17.92
N GLU J 294 -22.01 4.85 17.24
CA GLU J 294 -21.35 5.48 16.12
C GLU J 294 -20.17 6.29 16.65
N GLU J 295 -19.13 6.41 15.84
CA GLU J 295 -17.97 7.17 16.29
C GLU J 295 -18.31 8.65 16.32
N ALA J 296 -17.64 9.37 17.24
CA ALA J 296 -17.84 10.80 17.40
C ALA J 296 -16.50 11.51 17.49
N SER J 297 -16.42 12.69 16.88
CA SER J 297 -15.21 13.49 16.85
C SER J 297 -15.50 14.82 17.55
N GLY J 298 -14.44 15.42 18.10
CA GLY J 298 -14.59 16.70 18.78
C GLY J 298 -13.25 17.40 18.86
N ILE J 299 -13.31 18.70 19.12
CA ILE J 299 -12.12 19.54 19.21
C ILE J 299 -12.17 20.39 20.46
N THR J 300 -11.05 20.47 21.17
CA THR J 300 -10.97 21.29 22.37
C THR J 300 -10.89 22.76 21.96
N TYR J 301 -11.20 23.65 22.91
CA TYR J 301 -11.15 25.07 22.64
C TYR J 301 -9.70 25.56 22.59
N GLU J 302 -9.54 26.79 22.10
CA GLU J 302 -8.24 27.44 22.04
C GLU J 302 -7.77 27.87 23.43
N ARG K 16 -44.31 -10.61 50.47
CA ARG K 16 -44.42 -11.84 49.70
C ARG K 16 -43.68 -11.74 48.38
N ALA K 17 -42.87 -12.75 48.07
CA ALA K 17 -42.11 -12.76 46.83
C ALA K 17 -43.04 -12.87 45.61
N GLU K 18 -44.12 -13.65 45.73
CA GLU K 18 -45.06 -13.78 44.64
C GLU K 18 -45.78 -12.47 44.35
N LEU K 19 -46.15 -11.72 45.39
CA LEU K 19 -46.80 -10.43 45.19
C LEU K 19 -45.85 -9.41 44.57
N ASP K 20 -44.58 -9.43 44.99
CA ASP K 20 -43.58 -8.54 44.39
C ASP K 20 -43.49 -8.72 42.89
N SER K 21 -43.42 -9.97 42.42
CA SER K 21 -43.27 -10.23 41.00
C SER K 21 -44.47 -9.72 40.19
N THR K 22 -45.68 -9.96 40.70
CA THR K 22 -46.89 -9.52 39.99
C THR K 22 -46.98 -7.99 39.89
N VAL K 23 -46.56 -7.28 40.93
CA VAL K 23 -46.61 -5.81 40.90
C VAL K 23 -45.64 -5.24 39.86
N LEU K 24 -44.45 -5.82 39.75
CA LEU K 24 -43.48 -5.36 38.75
C LEU K 24 -44.04 -5.45 37.33
N LEU K 25 -44.72 -6.55 37.02
CA LEU K 25 -45.30 -6.72 35.68
C LEU K 25 -46.46 -5.76 35.43
N THR K 26 -47.24 -5.42 36.45
CA THR K 26 -48.33 -4.47 36.26
C THR K 26 -47.83 -3.09 35.89
N ARG K 27 -46.76 -2.62 36.54
CA ARG K 27 -46.19 -1.32 36.18
C ARG K 27 -45.72 -1.30 34.73
N SER K 28 -45.14 -2.41 34.27
CA SER K 28 -44.72 -2.53 32.88
C SER K 28 -45.89 -2.39 31.91
N LEU K 29 -47.01 -3.07 32.19
CA LEU K 29 -48.16 -2.98 31.30
C LEU K 29 -48.78 -1.59 31.31
N LEU K 30 -48.82 -0.94 32.47
CA LEU K 30 -49.33 0.43 32.55
C LEU K 30 -48.54 1.37 31.65
N ALA K 31 -47.20 1.27 31.69
CA ALA K 31 -46.37 2.13 30.85
C ALA K 31 -46.61 1.88 29.37
N ASP K 32 -46.78 0.63 28.96
CA ASP K 32 -47.04 0.34 27.55
C ASP K 32 -48.37 0.95 27.11
N THR K 33 -49.38 0.89 27.98
CA THR K 33 -50.70 1.39 27.61
C THR K 33 -50.70 2.90 27.49
N ARG K 34 -50.05 3.59 28.44
CA ARG K 34 -49.95 5.05 28.37
C ARG K 34 -49.26 5.52 27.09
N GLN K 35 -48.17 4.85 26.68
CA GLN K 35 -47.45 5.30 25.50
C GLN K 35 -48.28 5.16 24.25
N LEU K 36 -48.97 4.02 24.09
CA LEU K 36 -49.77 3.83 22.89
C LEU K 36 -50.98 4.75 22.86
N ALA K 37 -51.62 4.98 24.01
CA ALA K 37 -52.72 5.93 24.07
C ALA K 37 -52.27 7.34 23.70
N ALA K 38 -51.09 7.76 24.16
CA ALA K 38 -50.60 9.10 23.85
C ALA K 38 -50.16 9.20 22.40
N GLN K 39 -49.53 8.14 21.88
CA GLN K 39 -49.17 8.07 20.47
C GLN K 39 -50.41 8.19 19.59
N LEU K 40 -51.50 7.53 19.97
CA LEU K 40 -52.72 7.56 19.17
C LEU K 40 -53.31 8.96 19.06
N ARG K 41 -53.37 9.69 20.17
CA ARG K 41 -53.95 11.03 20.11
C ARG K 41 -53.10 11.97 19.27
N ASP K 42 -51.78 11.72 19.19
CA ASP K 42 -50.93 12.58 18.37
C ASP K 42 -51.25 12.42 16.89
N LYS K 43 -51.58 11.20 16.45
CA LYS K 43 -51.85 10.90 15.05
C LYS K 43 -53.33 11.04 14.69
N PHE K 44 -54.20 10.68 15.62
CA PHE K 44 -55.65 10.70 15.41
C PHE K 44 -56.21 11.41 16.63
N PRO K 45 -56.17 12.75 16.63
CA PRO K 45 -56.66 13.50 17.79
C PRO K 45 -58.10 13.17 18.14
N ALA K 46 -58.41 13.30 19.43
CA ALA K 46 -59.75 13.03 19.95
C ALA K 46 -60.27 14.33 20.54
N ASP K 47 -61.53 14.61 20.30
CA ASP K 47 -62.18 15.82 20.80
C ASP K 47 -63.31 15.47 21.75
N GLY K 48 -63.01 15.35 23.04
CA GLY K 48 -64.04 15.01 23.98
C GLY K 48 -63.83 13.68 24.66
N ASP K 49 -64.43 13.51 25.83
CA ASP K 49 -64.30 12.24 26.54
C ASP K 49 -65.31 11.23 25.98
N HIS K 50 -64.79 10.13 25.49
CA HIS K 50 -65.59 9.13 24.81
C HIS K 50 -65.95 8.02 25.78
N ASN K 51 -67.16 7.49 25.67
CA ASN K 51 -67.58 6.40 26.53
C ASN K 51 -68.23 5.31 25.69
N LEU K 52 -68.31 4.13 26.27
CA LEU K 52 -68.99 3.00 25.66
C LEU K 52 -69.83 2.31 26.71
N ASP K 53 -71.07 1.97 26.37
CA ASP K 53 -71.92 1.31 27.37
C ASP K 53 -71.35 -0.04 27.75
N SER K 54 -70.65 -0.70 26.81
CA SER K 54 -70.15 -2.04 27.11
C SER K 54 -68.87 -2.01 27.93
N LEU K 55 -68.26 -0.82 28.12
CA LEU K 55 -67.06 -0.86 28.94
C LEU K 55 -67.44 -0.76 30.40
N PRO K 56 -66.64 -1.28 31.32
CA PRO K 56 -67.00 -1.15 32.73
C PRO K 56 -66.89 0.32 33.09
N THR K 57 -67.70 0.75 34.05
CA THR K 57 -67.53 2.07 34.65
C THR K 57 -67.42 1.94 36.15
N LEU K 58 -66.59 0.98 36.55
CA LEU K 58 -66.36 0.66 37.95
C LEU K 58 -65.38 1.59 38.63
N ALA K 59 -64.68 2.44 37.87
CA ALA K 59 -63.63 3.30 38.41
C ALA K 59 -64.30 4.49 39.08
N MET K 60 -65.05 4.18 40.14
CA MET K 60 -65.78 5.13 40.95
C MET K 60 -65.26 5.12 42.39
N SER K 61 -64.32 6.02 42.69
CA SER K 61 -63.81 6.10 44.04
C SER K 61 -62.88 7.30 44.18
N ALA K 62 -62.66 7.70 45.42
CA ALA K 62 -61.71 8.73 45.80
C ALA K 62 -60.39 8.10 46.27
N GLY K 63 -59.58 8.92 46.92
CA GLY K 63 -58.27 8.57 47.44
C GLY K 63 -58.26 7.46 48.49
N ALA K 64 -58.89 7.73 49.62
CA ALA K 64 -59.03 6.78 50.73
C ALA K 64 -59.51 5.37 50.38
N LEU K 65 -59.97 5.14 49.14
CA LEU K 65 -60.52 3.82 48.79
C LEU K 65 -59.57 2.67 49.11
N GLY K 66 -58.28 2.95 49.36
CA GLY K 66 -57.32 1.94 49.77
C GLY K 66 -57.81 1.11 50.93
N ALA K 67 -58.77 1.69 51.64
CA ALA K 67 -59.29 1.14 52.90
C ALA K 67 -59.82 -0.27 52.69
N LEU K 68 -60.47 -0.50 51.56
CA LEU K 68 -61.18 -1.74 51.26
C LEU K 68 -60.27 -2.97 51.37
N GLN K 69 -60.94 -4.12 51.50
CA GLN K 69 -60.35 -5.43 51.72
C GLN K 69 -59.98 -6.18 50.44
N LEU K 70 -59.12 -7.19 50.63
CA LEU K 70 -58.46 -7.88 49.53
C LEU K 70 -59.37 -8.68 48.61
N PRO K 71 -60.31 -9.49 49.11
CA PRO K 71 -61.15 -10.28 48.16
C PRO K 71 -61.88 -9.44 47.14
N GLY K 72 -62.45 -8.31 47.54
CA GLY K 72 -63.18 -7.50 46.58
C GLY K 72 -62.28 -6.91 45.51
N VAL K 73 -61.10 -6.40 45.91
CA VAL K 73 -60.16 -5.82 44.94
C VAL K 73 -59.72 -6.84 43.89
N LEU K 74 -59.35 -8.05 44.31
CA LEU K 74 -58.87 -9.01 43.30
C LEU K 74 -59.99 -9.48 42.41
N THR K 75 -61.17 -9.73 42.98
CA THR K 75 -62.33 -10.11 42.20
C THR K 75 -62.69 -9.01 41.21
N ARG K 76 -62.68 -7.77 41.70
CA ARG K 76 -63.01 -6.61 40.89
C ARG K 76 -62.01 -6.39 39.77
N LEU K 77 -60.72 -6.53 40.06
CA LEU K 77 -59.69 -6.40 39.01
C LEU K 77 -59.87 -7.45 37.92
N ARG K 78 -60.13 -8.70 38.32
CA ARG K 78 -60.29 -9.79 37.37
C ARG K 78 -61.45 -9.57 36.41
N ALA K 79 -62.61 -9.12 36.91
CA ALA K 79 -63.76 -8.90 36.06
C ALA K 79 -63.51 -7.80 35.04
N ASP K 80 -62.91 -6.68 35.48
CA ASP K 80 -62.66 -5.56 34.57
C ASP K 80 -61.68 -5.94 33.45
N LEU K 81 -60.58 -6.59 33.82
CA LEU K 81 -59.55 -6.92 32.84
C LEU K 81 -60.02 -7.92 31.79
N LEU K 82 -60.88 -8.86 32.17
CA LEU K 82 -61.42 -9.77 31.17
C LEU K 82 -62.26 -9.03 30.12
N SER K 83 -63.05 -8.06 30.55
CA SER K 83 -63.80 -7.25 29.59
C SER K 83 -62.86 -6.47 28.68
N TYR K 84 -61.81 -5.87 29.25
CA TYR K 84 -60.85 -5.12 28.46
C TYR K 84 -60.11 -6.00 27.46
N LEU K 85 -59.77 -7.23 27.84
CA LEU K 85 -59.12 -8.15 26.91
C LEU K 85 -60.00 -8.42 25.70
N ARG K 86 -61.27 -8.72 25.94
CA ARG K 86 -62.21 -8.93 24.84
C ARG K 86 -62.24 -7.71 23.91
N HIS K 87 -62.26 -6.51 24.48
CA HIS K 87 -62.36 -5.29 23.67
C HIS K 87 -61.09 -5.01 22.89
N VAL K 88 -59.93 -5.25 23.48
CA VAL K 88 -58.67 -5.05 22.77
C VAL K 88 -58.54 -6.01 21.58
N GLN K 89 -58.83 -7.29 21.81
CA GLN K 89 -58.79 -8.26 20.73
C GLN K 89 -59.80 -7.93 19.65
N TRP K 90 -61.01 -7.53 20.06
CA TRP K 90 -62.04 -7.10 19.12
C TRP K 90 -61.55 -5.96 18.24
N LEU K 91 -60.84 -5.00 18.82
CA LEU K 91 -60.32 -3.87 18.04
C LEU K 91 -59.37 -4.32 16.94
N ARG K 92 -58.46 -5.25 17.24
CA ARG K 92 -57.47 -5.65 16.23
C ARG K 92 -58.10 -6.34 15.04
N ARG K 93 -58.93 -7.36 15.27
CA ARG K 93 -59.41 -8.16 14.15
C ARG K 93 -60.41 -7.40 13.27
N ALA K 94 -61.08 -6.39 13.80
CA ALA K 94 -62.18 -5.77 13.07
C ALA K 94 -62.21 -4.25 13.17
N GLY K 95 -61.19 -3.61 13.74
CA GLY K 95 -61.23 -2.17 13.89
C GLY K 95 -61.15 -1.39 12.59
N GLY K 96 -60.71 -2.02 11.52
CA GLY K 96 -60.59 -1.33 10.25
C GLY K 96 -59.15 -1.05 9.90
N SER K 97 -58.90 -0.90 8.60
CA SER K 97 -57.54 -0.68 8.12
C SER K 97 -56.93 0.58 8.70
N SER K 98 -57.76 1.53 9.16
CA SER K 98 -57.26 2.79 9.70
C SER K 98 -56.34 2.56 10.88
N LEU K 99 -56.52 1.46 11.61
CA LEU K 99 -55.81 1.24 12.87
C LEU K 99 -54.68 0.23 12.73
N LYS K 100 -54.37 -0.21 11.51
CA LYS K 100 -53.23 -1.09 11.32
C LYS K 100 -51.93 -0.43 11.75
N THR K 101 -51.89 0.91 11.75
CA THR K 101 -50.71 1.63 12.20
C THR K 101 -50.45 1.46 13.69
N LEU K 102 -51.42 0.98 14.46
CA LEU K 102 -51.21 0.79 15.89
C LEU K 102 -50.59 -0.55 16.20
N GLU K 103 -50.44 -1.41 15.21
CA GLU K 103 -49.67 -2.64 15.28
C GLU K 103 -48.20 -2.36 14.98
N PRO K 104 -47.28 -3.24 15.44
CA PRO K 104 -47.58 -4.47 16.17
C PRO K 104 -47.73 -4.20 17.65
N GLU K 105 -47.68 -2.93 18.03
CA GLU K 105 -47.69 -2.59 19.45
C GLU K 105 -49.00 -3.01 20.10
N LEU K 106 -50.11 -2.89 19.37
CA LEU K 106 -51.40 -3.27 19.93
C LEU K 106 -51.49 -4.77 20.16
N GLY K 107 -50.95 -5.57 19.23
CA GLY K 107 -50.94 -7.00 19.41
C GLY K 107 -50.03 -7.45 20.53
N THR K 108 -48.89 -6.77 20.70
CA THR K 108 -48.03 -7.07 21.83
C THR K 108 -48.72 -6.76 23.15
N LEU K 109 -49.43 -5.63 23.22
CA LEU K 109 -50.20 -5.28 24.40
C LEU K 109 -51.26 -6.32 24.74
N GLN K 110 -51.98 -6.82 23.74
CA GLN K 110 -52.96 -7.88 23.97
C GLN K 110 -52.33 -9.11 24.60
N ALA K 111 -51.18 -9.55 24.09
CA ALA K 111 -50.55 -10.77 24.58
C ALA K 111 -50.09 -10.64 26.03
N ARG K 112 -49.57 -9.48 26.43
CA ARG K 112 -49.10 -9.34 27.81
C ARG K 112 -50.27 -9.40 28.80
N LEU K 113 -51.46 -8.98 28.37
CA LEU K 113 -52.60 -8.88 29.26
C LEU K 113 -53.25 -10.22 29.57
N ASP K 114 -53.40 -11.09 28.56
CA ASP K 114 -53.95 -12.42 28.81
C ASP K 114 -53.12 -13.20 29.84
N ARG K 115 -51.79 -13.16 29.74
CA ARG K 115 -50.94 -13.86 30.69
C ARG K 115 -51.08 -13.31 32.11
N LEU K 116 -51.18 -11.99 32.25
CA LEU K 116 -51.33 -11.41 33.58
C LEU K 116 -52.64 -11.86 34.22
N LEU K 117 -53.71 -11.98 33.43
CA LEU K 117 -54.94 -12.53 33.98
C LEU K 117 -54.69 -13.94 34.51
N ARG K 118 -53.91 -14.74 33.77
CA ARG K 118 -53.56 -16.08 34.22
C ARG K 118 -52.78 -16.01 35.53
N ARG K 119 -51.85 -15.07 35.62
CA ARG K 119 -51.03 -14.90 36.83
C ARG K 119 -51.92 -14.56 38.02
N LEU K 120 -52.98 -13.78 37.78
CA LEU K 120 -53.90 -13.42 38.85
C LEU K 120 -54.66 -14.64 39.36
N GLN K 121 -55.09 -15.52 38.45
CA GLN K 121 -55.76 -16.73 38.89
C GLN K 121 -54.82 -17.61 39.70
N LEU K 122 -53.54 -17.64 39.31
CA LEU K 122 -52.56 -18.45 40.04
C LEU K 122 -52.33 -17.88 41.44
N LEU K 123 -52.21 -16.56 41.55
CA LEU K 123 -52.06 -15.91 42.85
C LEU K 123 -53.18 -16.32 43.80
N MET K 124 -54.42 -16.31 43.31
CA MET K 124 -55.55 -16.67 44.17
C MET K 124 -55.47 -18.13 44.57
N SER K 125 -55.04 -18.99 43.65
CA SER K 125 -54.93 -20.42 43.95
C SER K 125 -53.83 -20.68 44.98
N ARG K 126 -52.65 -20.10 44.77
CA ARG K 126 -51.55 -20.30 45.70
C ARG K 126 -51.86 -19.77 47.10
N LEU K 127 -52.62 -18.70 47.21
CA LEU K 127 -53.03 -18.19 48.50
C LEU K 127 -54.32 -18.82 49.02
N ALA K 128 -54.88 -19.81 48.32
CA ALA K 128 -56.03 -20.56 48.81
C ALA K 128 -57.21 -19.63 49.05
N LEU K 129 -57.32 -18.61 48.23
CA LEU K 129 -58.44 -17.69 48.35
C LEU K 129 -59.68 -18.24 47.66
N PRO K 130 -60.86 -17.91 48.17
CA PRO K 130 -62.10 -18.41 47.56
C PRO K 130 -62.19 -17.96 46.11
N GLN K 131 -62.51 -18.89 45.23
CA GLN K 131 -62.50 -18.26 43.92
C GLN K 131 -63.87 -17.67 43.63
N PRO K 132 -63.94 -16.51 42.98
CA PRO K 132 -65.23 -15.93 42.68
C PRO K 132 -66.00 -16.84 41.75
N PRO K 133 -67.33 -16.77 41.77
CA PRO K 133 -68.10 -17.58 40.84
C PRO K 133 -67.94 -17.08 39.42
N PRO K 134 -67.87 -18.02 38.48
CA PRO K 134 -67.80 -17.68 37.05
C PRO K 134 -68.93 -16.78 36.57
N ASP K 135 -68.64 -15.52 36.31
CA ASP K 135 -69.71 -14.60 35.96
C ASP K 135 -70.10 -14.84 34.52
N PRO K 136 -71.30 -14.41 34.12
CA PRO K 136 -71.74 -14.62 32.74
C PRO K 136 -71.05 -13.66 31.78
N PRO K 137 -70.33 -14.21 30.80
CA PRO K 137 -69.58 -13.37 29.86
C PRO K 137 -70.49 -12.42 29.10
N ALA K 138 -69.93 -11.25 28.78
CA ALA K 138 -70.70 -10.19 28.14
C ALA K 138 -70.96 -10.54 26.68
N PRO K 139 -72.11 -10.15 26.16
CA PRO K 139 -72.43 -10.47 24.76
C PRO K 139 -71.45 -9.82 23.81
N PRO K 140 -71.48 -10.18 22.53
CA PRO K 140 -70.48 -9.65 21.59
C PRO K 140 -70.64 -8.16 21.41
N LEU K 141 -69.52 -7.50 21.16
CA LEU K 141 -69.57 -6.09 20.85
C LEU K 141 -70.00 -6.00 19.39
N ALA K 142 -70.94 -5.11 19.10
CA ALA K 142 -71.30 -4.91 17.71
C ALA K 142 -70.09 -4.41 16.94
N PRO K 143 -69.96 -4.74 15.67
CA PRO K 143 -68.87 -4.19 14.88
C PRO K 143 -69.00 -2.68 14.79
N PRO K 144 -67.90 -1.97 14.55
CA PRO K 144 -68.02 -0.51 14.41
C PRO K 144 -68.91 -0.15 13.23
N SER K 145 -69.58 0.99 13.36
CA SER K 145 -70.48 1.43 12.30
C SER K 145 -69.73 2.07 11.16
N SER K 146 -68.46 2.40 11.38
CA SER K 146 -67.59 3.02 10.38
C SER K 146 -66.16 2.84 10.85
N ALA K 147 -65.22 3.11 9.95
CA ALA K 147 -63.81 3.02 10.31
C ALA K 147 -63.47 4.03 11.39
N TRP K 148 -64.00 5.24 11.27
CA TRP K 148 -63.75 6.29 12.26
C TRP K 148 -64.44 6.00 13.59
N GLY K 149 -65.58 5.32 13.56
CA GLY K 149 -66.21 4.89 14.80
C GLY K 149 -65.32 3.96 15.59
N GLY K 150 -64.56 3.12 14.89
CA GLY K 150 -63.61 2.26 15.58
C GLY K 150 -62.50 3.05 16.22
N ILE K 151 -62.01 4.08 15.53
CA ILE K 151 -60.99 4.97 16.10
C ILE K 151 -61.52 5.68 17.33
N ARG K 152 -62.75 6.19 17.27
CA ARG K 152 -63.35 6.85 18.42
C ARG K 152 -63.50 5.87 19.59
N ALA K 153 -63.81 4.61 19.29
CA ALA K 153 -63.93 3.57 20.31
C ALA K 153 -62.61 3.28 20.98
N ALA K 154 -61.51 3.29 20.20
CA ALA K 154 -60.18 3.10 20.75
C ALA K 154 -59.81 4.13 21.81
N HIS K 155 -60.14 5.41 21.59
CA HIS K 155 -59.84 6.41 22.62
C HIS K 155 -60.54 6.08 23.94
N ALA K 156 -61.80 5.65 23.87
CA ALA K 156 -62.54 5.32 25.08
C ALA K 156 -61.92 4.10 25.78
N ILE K 157 -61.51 3.11 24.99
CA ILE K 157 -60.97 1.85 25.52
C ILE K 157 -59.61 2.08 26.16
N LEU K 158 -58.69 2.78 25.47
CA LEU K 158 -57.36 3.01 26.02
C LEU K 158 -57.40 3.91 27.25
N GLY K 159 -58.24 4.95 27.23
CA GLY K 159 -58.34 5.79 28.41
C GLY K 159 -58.90 5.02 29.59
N GLY K 160 -59.90 4.17 29.35
CA GLY K 160 -60.46 3.39 30.44
C GLY K 160 -59.50 2.33 30.94
N LEU K 161 -58.72 1.74 30.02
CA LEU K 161 -57.73 0.74 30.41
C LEU K 161 -56.63 1.33 31.29
N HIS K 162 -56.02 2.44 30.85
CA HIS K 162 -54.90 2.98 31.61
C HIS K 162 -55.37 3.51 32.96
N LEU K 163 -56.63 3.93 33.07
CA LEU K 163 -57.14 4.34 34.37
C LEU K 163 -57.27 3.14 35.29
N THR K 164 -57.79 2.03 34.77
CA THR K 164 -57.91 0.79 35.52
C THR K 164 -56.56 0.32 36.02
N LEU K 165 -55.55 0.37 35.15
CA LEU K 165 -54.20 -0.07 35.49
C LEU K 165 -53.55 0.86 36.49
N ASP K 166 -53.82 2.17 36.39
CA ASP K 166 -53.28 3.11 37.35
C ASP K 166 -53.78 2.80 38.76
N TRP K 167 -55.07 2.50 38.88
CA TRP K 167 -55.64 2.16 40.19
C TRP K 167 -55.24 0.76 40.63
N ALA K 168 -54.93 -0.13 39.68
CA ALA K 168 -54.42 -1.47 39.99
C ALA K 168 -53.04 -1.45 40.64
N VAL K 169 -52.10 -0.68 40.09
CA VAL K 169 -50.77 -0.56 40.70
C VAL K 169 -50.89 -0.11 42.15
N ARG K 170 -51.69 0.93 42.39
CA ARG K 170 -51.84 1.48 43.73
C ARG K 170 -52.41 0.46 44.70
N GLY K 171 -53.48 -0.23 44.28
CA GLY K 171 -54.16 -1.17 45.17
C GLY K 171 -53.26 -2.32 45.59
N LEU K 172 -52.51 -2.88 44.65
CA LEU K 172 -51.66 -4.03 44.96
C LEU K 172 -50.58 -3.64 45.97
N LEU K 173 -50.06 -2.41 45.85
CA LEU K 173 -49.05 -1.91 46.78
C LEU K 173 -49.62 -1.75 48.18
N LEU K 174 -50.90 -1.34 48.28
CA LEU K 174 -51.53 -1.19 49.59
C LEU K 174 -51.66 -2.53 50.32
N LEU K 175 -52.04 -3.59 49.63
CA LEU K 175 -52.14 -4.88 50.33
C LEU K 175 -50.82 -5.28 50.95
N LYS K 176 -49.70 -5.07 50.25
CA LYS K 176 -48.42 -5.42 50.84
C LYS K 176 -48.25 -4.71 52.18
N THR K 177 -48.73 -3.47 52.27
CA THR K 177 -48.60 -2.70 53.50
C THR K 177 -49.33 -3.33 54.68
N ARG K 178 -50.30 -4.22 54.46
CA ARG K 178 -51.04 -4.83 55.56
C ARG K 178 -50.62 -6.27 55.82
N LEU K 179 -50.90 -7.19 54.89
CA LEU K 179 -50.37 -8.54 54.96
C LEU K 179 -49.12 -8.72 54.11
N PRO L 3 -94.75 46.29 43.53
CA PRO L 3 -94.13 47.59 43.23
C PRO L 3 -93.35 47.59 41.90
N CYS L 4 -92.03 47.63 41.88
CA CYS L 4 -91.27 47.58 40.64
C CYS L 4 -90.19 46.54 40.78
N PRO L 5 -89.60 46.06 39.64
CA PRO L 5 -88.52 45.07 39.76
C PRO L 5 -87.49 45.55 40.76
N GLN L 6 -87.28 44.79 41.82
CA GLN L 6 -86.25 45.11 42.80
C GLN L 6 -84.84 45.18 42.20
N ALA L 7 -84.03 46.07 42.76
CA ALA L 7 -82.77 46.47 42.15
C ALA L 7 -81.73 45.34 42.22
N TRP L 8 -80.54 45.63 41.71
CA TRP L 8 -79.45 44.65 41.64
C TRP L 8 -78.43 44.88 42.75
N GLY L 9 -77.77 46.04 42.68
CA GLY L 9 -76.86 46.50 43.69
C GLY L 9 -77.53 47.41 44.69
N PRO L 10 -77.13 48.68 44.69
CA PRO L 10 -77.70 49.65 45.63
C PRO L 10 -79.21 49.78 45.43
N PRO L 11 -79.93 50.29 46.42
CA PRO L 11 -81.38 50.07 46.46
C PRO L 11 -82.18 51.01 45.57
N GLY L 12 -81.59 52.10 45.07
CA GLY L 12 -82.37 53.05 44.31
C GLY L 12 -81.78 53.42 42.97
N VAL L 13 -80.98 52.53 42.38
CA VAL L 13 -80.33 52.76 41.11
C VAL L 13 -80.70 51.63 40.17
N GLN L 14 -80.92 51.97 38.90
CA GLN L 14 -81.19 50.99 37.87
C GLN L 14 -80.22 51.18 36.72
N TYR L 15 -80.17 50.18 35.84
CA TYR L 15 -79.13 50.09 34.83
C TYR L 15 -79.76 49.89 33.46
N GLY L 16 -78.99 50.21 32.42
CA GLY L 16 -79.49 50.01 31.07
C GLY L 16 -78.36 49.90 30.07
N GLN L 17 -78.74 49.44 28.88
CA GLN L 17 -77.90 49.24 27.72
C GLN L 17 -78.22 50.27 26.63
N PRO L 18 -77.19 50.81 25.97
CA PRO L 18 -77.42 51.72 24.85
C PRO L 18 -78.29 51.10 23.77
N GLY L 19 -79.02 51.95 23.05
CA GLY L 19 -79.88 51.46 22.01
C GLY L 19 -81.07 50.65 22.45
N ARG L 20 -81.25 50.42 23.75
CA ARG L 20 -82.39 49.65 24.22
C ARG L 20 -83.50 50.58 24.71
N SER L 21 -84.44 49.98 25.43
CA SER L 21 -85.46 50.69 26.17
C SER L 21 -85.09 50.46 27.63
N VAL L 22 -85.14 51.52 28.43
CA VAL L 22 -84.81 51.41 29.84
C VAL L 22 -85.99 51.94 30.64
N LYS L 23 -86.29 51.27 31.75
CA LYS L 23 -87.51 51.48 32.51
C LYS L 23 -87.12 51.77 33.95
N LEU L 24 -87.17 53.04 34.31
CA LEU L 24 -86.83 53.46 35.66
C LEU L 24 -88.07 53.36 36.52
N CYS L 25 -87.88 53.04 37.79
CA CYS L 25 -89.00 52.95 38.72
C CYS L 25 -88.72 53.90 39.86
N CYS L 26 -89.78 54.41 40.49
CA CYS L 26 -89.59 55.25 41.66
C CYS L 26 -89.51 54.35 42.89
N PRO L 27 -88.36 54.31 43.59
CA PRO L 27 -88.16 53.30 44.63
C PRO L 27 -89.18 53.36 45.75
N GLY L 28 -89.29 54.48 46.45
CA GLY L 28 -90.17 54.52 47.59
C GLY L 28 -91.56 55.00 47.29
N VAL L 29 -92.19 54.43 46.26
CA VAL L 29 -93.55 54.79 45.88
C VAL L 29 -94.32 53.50 45.56
N THR L 30 -95.53 53.39 46.11
CA THR L 30 -96.39 52.24 45.85
C THR L 30 -96.72 52.14 44.36
N ALA L 31 -96.59 50.95 43.80
CA ALA L 31 -96.94 50.74 42.40
C ALA L 31 -98.41 51.06 42.18
N GLY L 32 -98.67 52.04 41.32
CA GLY L 32 -100.01 52.55 41.09
C GLY L 32 -100.17 53.99 41.48
N ASP L 33 -99.26 54.53 42.28
CA ASP L 33 -99.32 55.94 42.64
C ASP L 33 -98.78 56.76 41.46
N PRO L 34 -99.50 57.77 40.99
CA PRO L 34 -98.93 58.64 39.96
C PRO L 34 -97.78 59.45 40.54
N VAL L 35 -96.72 59.60 39.73
CA VAL L 35 -95.51 60.27 40.15
C VAL L 35 -94.99 61.09 38.98
N SER L 36 -94.21 62.11 39.31
CA SER L 36 -93.63 63.00 38.33
C SER L 36 -92.12 62.81 38.25
N TRP L 37 -91.58 63.04 37.05
CA TRP L 37 -90.16 62.82 36.74
C TRP L 37 -89.51 64.10 36.23
N PHE L 38 -88.26 64.34 36.63
CA PHE L 38 -87.50 65.48 36.14
C PHE L 38 -86.06 65.06 35.84
N ARG L 39 -85.45 65.78 34.90
CA ARG L 39 -84.03 65.68 34.64
C ARG L 39 -83.32 66.68 35.54
N ASP L 40 -82.14 66.32 36.04
CA ASP L 40 -81.51 67.18 37.04
C ASP L 40 -81.26 68.56 36.43
N GLY L 41 -81.76 69.59 37.08
CA GLY L 41 -81.57 70.93 36.58
C GLY L 41 -82.52 71.33 35.48
N GLU L 42 -83.41 70.42 35.05
CA GLU L 42 -84.34 70.67 33.96
C GLU L 42 -85.77 70.38 34.42
N PRO L 43 -86.69 71.36 34.32
CA PRO L 43 -88.01 71.21 34.94
C PRO L 43 -89.00 70.38 34.17
N LYS L 44 -88.67 69.96 32.95
CA LYS L 44 -89.64 69.28 32.08
C LYS L 44 -90.10 67.93 32.61
N LEU L 45 -91.42 67.75 32.72
CA LEU L 45 -91.99 66.47 33.10
C LEU L 45 -91.71 65.47 32.00
N LEU L 46 -90.98 64.40 32.32
CA LEU L 46 -90.65 63.46 31.27
C LEU L 46 -91.76 62.43 31.04
N GLN L 47 -91.83 61.98 29.79
CA GLN L 47 -92.78 61.03 29.26
C GLN L 47 -91.99 59.79 28.81
N GLY L 48 -92.70 58.75 28.35
CA GLY L 48 -92.13 57.48 27.93
C GLY L 48 -93.17 56.82 27.04
N PRO L 49 -92.82 55.84 26.08
CA PRO L 49 -93.85 55.15 25.22
C PRO L 49 -95.22 54.66 25.75
N ASP L 50 -95.44 54.17 26.97
CA ASP L 50 -96.82 53.84 27.38
C ASP L 50 -97.60 55.06 27.90
N SER L 51 -98.18 55.99 27.05
CA SER L 51 -98.96 57.29 27.31
C SER L 51 -98.57 58.59 28.07
N GLY L 52 -98.09 58.55 29.34
CA GLY L 52 -97.65 59.69 30.18
C GLY L 52 -97.80 59.91 31.70
N LEU L 53 -98.25 58.94 32.53
CA LEU L 53 -98.37 59.19 33.99
C LEU L 53 -98.39 57.79 34.61
N GLY L 54 -97.21 57.24 34.88
CA GLY L 54 -97.27 55.93 35.49
C GLY L 54 -96.58 55.84 36.82
N HIS L 55 -96.00 54.67 37.08
CA HIS L 55 -95.08 54.50 38.19
C HIS L 55 -93.65 54.40 37.70
N GLU L 56 -93.45 54.40 36.38
CA GLU L 56 -92.13 54.13 35.82
C GLU L 56 -91.87 54.95 34.57
N LEU L 57 -90.77 55.68 34.55
CA LEU L 57 -90.33 56.38 33.35
C LEU L 57 -89.59 55.40 32.44
N VAL L 58 -89.78 55.54 31.14
CA VAL L 58 -89.09 54.70 30.17
C VAL L 58 -88.36 55.59 29.17
N LEU L 59 -87.16 55.16 28.77
CA LEU L 59 -86.33 55.85 27.79
C LEU L 59 -85.97 54.86 26.68
N ALA L 60 -86.53 55.08 25.48
CA ALA L 60 -86.08 54.38 24.29
C ALA L 60 -84.84 54.99 23.66
N GLN L 61 -84.57 56.27 23.89
CA GLN L 61 -83.33 56.91 23.47
C GLN L 61 -82.14 56.01 23.81
N ALA L 62 -81.88 55.84 25.11
CA ALA L 62 -80.65 55.26 25.65
C ALA L 62 -79.38 55.57 24.86
N ASP L 63 -78.85 56.78 25.02
CA ASP L 63 -77.51 57.12 24.55
C ASP L 63 -76.76 57.78 25.71
N SER L 64 -75.50 58.16 25.46
CA SER L 64 -74.64 58.58 26.56
C SER L 64 -75.12 59.85 27.24
N THR L 65 -75.74 60.77 26.50
CA THR L 65 -76.28 61.98 27.09
C THR L 65 -77.37 61.69 28.11
N ASP L 66 -77.99 60.51 28.03
CA ASP L 66 -79.03 60.06 28.94
C ASP L 66 -78.49 59.47 30.24
N GLU L 67 -77.18 59.40 30.40
CA GLU L 67 -76.58 58.90 31.62
C GLU L 67 -76.45 60.03 32.64
N GLY L 68 -76.99 59.80 33.84
CA GLY L 68 -76.97 60.79 34.89
C GLY L 68 -77.99 60.46 35.96
N THR L 69 -78.40 61.49 36.69
CA THR L 69 -79.33 61.36 37.81
C THR L 69 -80.73 61.84 37.45
N TYR L 70 -81.73 61.03 37.78
CA TYR L 70 -83.14 61.31 37.51
C TYR L 70 -83.86 61.41 38.85
N ILE L 71 -84.88 62.26 38.92
CA ILE L 71 -85.69 62.44 40.12
C ILE L 71 -87.15 62.11 39.84
N CYS L 72 -87.76 61.30 40.70
CA CYS L 72 -89.20 61.04 40.66
C CYS L 72 -89.81 61.53 41.96
N GLN L 73 -90.97 62.18 41.86
CA GLN L 73 -91.69 62.62 43.05
C GLN L 73 -93.19 62.52 42.84
N THR L 74 -93.91 62.21 43.92
CA THR L 74 -95.36 62.18 43.86
C THR L 74 -95.91 63.61 43.72
N LEU L 75 -97.17 63.70 43.27
CA LEU L 75 -97.77 65.01 43.01
C LEU L 75 -97.91 65.88 44.25
N ASP L 76 -97.84 65.29 45.45
CA ASP L 76 -97.90 66.10 46.67
C ASP L 76 -96.64 66.93 46.89
N GLY L 77 -95.54 66.59 46.23
CA GLY L 77 -94.27 67.25 46.43
C GLY L 77 -93.27 66.38 47.17
N ALA L 78 -93.74 65.29 47.76
CA ALA L 78 -92.89 64.38 48.51
C ALA L 78 -91.92 63.67 47.56
N LEU L 79 -90.66 63.63 47.93
CA LEU L 79 -89.64 62.96 47.14
C LEU L 79 -89.79 61.45 47.33
N GLY L 80 -90.28 60.78 46.29
CA GLY L 80 -90.52 59.34 46.38
C GLY L 80 -89.29 58.52 46.13
N GLY L 81 -88.19 59.16 45.76
CA GLY L 81 -86.93 58.52 45.49
C GLY L 81 -86.16 59.09 44.33
N THR L 82 -84.92 58.62 44.18
CA THR L 82 -83.99 59.06 43.15
C THR L 82 -83.42 57.84 42.46
N VAL L 83 -83.19 57.94 41.15
CA VAL L 83 -82.56 56.83 40.43
C VAL L 83 -81.45 57.40 39.55
N THR L 84 -80.38 56.62 39.41
CA THR L 84 -79.25 56.95 38.57
C THR L 84 -79.16 55.95 37.43
N LEU L 85 -79.15 56.44 36.20
CA LEU L 85 -79.02 55.56 35.02
C LEU L 85 -77.54 55.54 34.65
N GLN L 86 -76.92 54.38 34.83
CA GLN L 86 -75.57 54.12 34.35
C GLN L 86 -75.62 53.13 33.20
N LEU L 87 -75.00 53.48 32.09
CA LEU L 87 -75.05 52.67 30.87
C LEU L 87 -73.84 51.76 30.80
N GLY L 88 -74.04 50.60 30.18
CA GLY L 88 -72.99 49.62 30.09
C GLY L 88 -73.32 48.57 29.06
N TYR L 89 -72.66 47.42 29.20
CA TYR L 89 -72.77 46.32 28.26
C TYR L 89 -72.80 45.02 29.06
N PRO L 90 -73.43 43.99 28.53
CA PRO L 90 -73.44 42.69 29.22
C PRO L 90 -72.03 42.17 29.44
N PRO L 91 -71.84 41.26 30.38
CA PRO L 91 -70.49 40.80 30.69
C PRO L 91 -69.94 39.95 29.55
N ALA L 92 -68.62 40.00 29.39
CA ALA L 92 -67.96 39.06 28.51
C ALA L 92 -67.74 37.72 29.20
N ARG L 93 -67.45 36.72 28.38
CA ARG L 93 -67.16 35.39 28.88
C ARG L 93 -65.94 35.47 29.80
N PRO L 94 -66.02 34.97 31.03
CA PRO L 94 -64.84 35.02 31.90
C PRO L 94 -63.80 33.98 31.53
N VAL L 95 -62.58 34.22 32.04
CA VAL L 95 -61.44 33.35 31.79
C VAL L 95 -61.23 32.51 33.04
N VAL L 96 -61.23 31.19 32.90
CA VAL L 96 -61.22 30.30 34.05
C VAL L 96 -60.05 29.33 33.91
N SER L 97 -59.34 29.12 35.02
CA SER L 97 -58.29 28.13 35.14
C SER L 97 -58.48 27.37 36.44
N CYS L 98 -58.08 26.10 36.43
CA CYS L 98 -58.06 25.30 37.64
C CYS L 98 -56.65 24.74 37.85
N GLN L 99 -56.41 24.26 39.08
CA GLN L 99 -55.14 23.66 39.44
C GLN L 99 -55.35 22.69 40.60
N ALA L 100 -54.31 21.90 40.88
CA ALA L 100 -54.34 20.95 41.98
C ALA L 100 -52.92 20.55 42.31
N ALA L 101 -52.51 20.78 43.56
CA ALA L 101 -51.19 20.39 44.03
C ALA L 101 -51.20 19.11 44.86
N ASP L 102 -52.36 18.47 45.01
CA ASP L 102 -52.45 17.20 45.69
C ASP L 102 -53.46 16.31 44.98
N TYR L 103 -53.55 15.06 45.42
CA TYR L 103 -54.40 14.08 44.76
C TYR L 103 -55.80 13.99 45.32
N GLU L 104 -56.12 14.76 46.36
CA GLU L 104 -57.43 14.67 47.01
C GLU L 104 -58.35 15.82 46.62
N ASN L 105 -57.88 17.05 46.80
CA ASN L 105 -58.68 18.24 46.59
C ASN L 105 -58.11 19.04 45.42
N PHE L 106 -58.96 19.82 44.75
CA PHE L 106 -58.46 20.81 43.80
C PHE L 106 -59.27 22.09 43.91
N SER L 107 -58.79 23.13 43.22
CA SER L 107 -59.33 24.47 43.34
C SER L 107 -59.16 25.20 42.02
N CYS L 108 -60.08 26.12 41.74
CA CYS L 108 -60.15 26.86 40.49
C CYS L 108 -60.28 28.35 40.80
N THR L 109 -59.82 29.18 39.87
CA THR L 109 -59.91 30.62 39.99
C THR L 109 -60.40 31.20 38.67
N TRP L 110 -60.85 32.46 38.72
CA TRP L 110 -61.43 33.08 37.55
C TRP L 110 -61.19 34.58 37.57
N SER L 111 -61.08 35.15 36.36
CA SER L 111 -60.88 36.56 36.08
C SER L 111 -61.86 37.00 35.01
N PRO L 112 -62.37 38.24 35.09
CA PRO L 112 -63.10 38.79 33.94
C PRO L 112 -62.19 38.94 32.73
N SER L 113 -62.73 38.63 31.55
CA SER L 113 -62.01 38.85 30.30
C SER L 113 -62.16 40.28 29.82
N GLN L 114 -63.07 41.04 30.43
CA GLN L 114 -63.35 42.43 30.08
C GLN L 114 -64.08 43.03 31.27
N ILE L 115 -63.73 44.26 31.59
CA ILE L 115 -64.34 44.97 32.72
C ILE L 115 -65.43 45.89 32.17
N SER L 116 -66.60 45.84 32.79
CA SER L 116 -67.73 46.65 32.35
C SER L 116 -67.88 47.95 33.12
N GLY L 117 -67.29 48.05 34.31
CA GLY L 117 -67.49 49.21 35.15
C GLY L 117 -68.76 49.14 35.96
N LEU L 118 -69.44 48.01 35.93
CA LEU L 118 -70.68 47.69 36.61
C LEU L 118 -70.43 46.65 37.68
N PRO L 119 -71.23 46.61 38.74
CA PRO L 119 -71.01 45.59 39.76
C PRO L 119 -71.20 44.21 39.17
N THR L 120 -70.41 43.26 39.64
CA THR L 120 -70.28 41.96 38.97
C THR L 120 -70.18 40.91 40.07
N ARG L 121 -70.74 39.73 39.80
CA ARG L 121 -70.50 38.62 40.70
C ARG L 121 -70.68 37.30 39.94
N TYR L 122 -70.17 36.23 40.54
CA TYR L 122 -70.00 34.94 39.89
C TYR L 122 -70.73 33.85 40.66
N LEU L 123 -71.43 32.99 39.92
CA LEU L 123 -72.01 31.77 40.46
C LEU L 123 -71.19 30.60 39.94
N THR L 124 -70.78 29.72 40.85
CA THR L 124 -69.92 28.60 40.51
C THR L 124 -70.55 27.30 40.98
N SER L 125 -70.42 26.27 40.15
CA SER L 125 -71.00 24.96 40.38
C SER L 125 -70.31 23.98 39.44
N TYR L 126 -70.60 22.69 39.64
CA TYR L 126 -69.99 21.66 38.82
C TYR L 126 -70.78 20.37 38.91
N ARG L 127 -70.63 19.54 37.89
CA ARG L 127 -71.28 18.24 37.86
C ARG L 127 -70.34 17.20 37.29
N LYS L 128 -70.67 15.94 37.54
CA LYS L 128 -69.91 14.79 37.05
C LYS L 128 -70.65 14.21 35.85
N LYS L 129 -70.05 14.28 34.66
CA LYS L 129 -70.68 13.64 33.52
C LYS L 129 -70.53 12.12 33.67
N THR L 130 -71.60 11.39 33.36
CA THR L 130 -71.58 9.93 33.46
C THR L 130 -71.42 9.23 32.11
N VAL L 131 -72.40 9.40 31.22
CA VAL L 131 -72.38 8.74 29.93
C VAL L 131 -72.59 9.76 28.81
N PRO L 141 -76.86 8.56 44.65
CA PRO L 141 -75.76 9.51 44.42
C PRO L 141 -76.10 10.59 43.41
N SER L 142 -76.58 11.73 43.91
CA SER L 142 -76.96 12.86 43.08
C SER L 142 -75.73 13.47 42.42
N THR L 143 -75.33 12.93 41.26
CA THR L 143 -74.21 13.47 40.51
C THR L 143 -74.61 14.66 39.64
N GLY L 144 -75.73 15.30 39.95
CA GLY L 144 -76.22 16.44 39.21
C GLY L 144 -75.34 17.65 39.46
N PRO L 145 -75.95 18.85 39.45
CA PRO L 145 -75.16 20.07 39.66
C PRO L 145 -74.93 20.26 41.16
N TRP L 146 -73.65 20.40 41.54
CA TRP L 146 -73.28 20.64 42.93
C TRP L 146 -72.60 22.00 43.06
N PRO L 147 -73.00 22.83 44.02
CA PRO L 147 -72.38 24.15 44.13
C PRO L 147 -70.93 24.07 44.55
N CYS L 148 -70.11 24.99 44.02
CA CYS L 148 -68.72 25.14 44.43
C CYS L 148 -68.59 26.33 45.37
N PRO L 149 -68.52 26.14 46.69
CA PRO L 149 -68.61 27.29 47.58
C PRO L 149 -67.32 28.10 47.53
N GLN L 150 -67.45 29.42 47.55
CA GLN L 150 -66.30 30.31 47.52
C GLN L 150 -65.81 30.58 48.95
N ASP L 151 -64.63 30.05 49.27
CA ASP L 151 -64.26 29.89 50.68
C ASP L 151 -64.16 31.20 51.48
N PRO L 152 -63.14 32.11 51.33
CA PRO L 152 -63.21 33.36 52.09
C PRO L 152 -64.03 34.43 51.38
N LEU L 153 -65.04 34.99 52.04
CA LEU L 153 -65.78 36.17 51.58
C LEU L 153 -66.47 35.77 50.28
N GLY L 154 -66.12 36.36 49.14
CA GLY L 154 -66.59 35.89 47.85
C GLY L 154 -65.45 35.94 46.87
N ALA L 155 -64.32 35.34 47.26
CA ALA L 155 -63.09 35.43 46.50
C ALA L 155 -63.22 34.72 45.17
N ALA L 156 -62.23 34.91 44.30
CA ALA L 156 -62.19 34.23 43.02
C ALA L 156 -61.58 32.84 43.13
N ARG L 157 -62.09 32.03 44.07
CA ARG L 157 -61.55 30.69 44.28
C ARG L 157 -62.57 29.85 45.03
N CYS L 158 -62.80 28.63 44.54
CA CYS L 158 -63.58 27.63 45.26
C CYS L 158 -62.78 26.33 45.35
N VAL L 159 -63.10 25.52 46.37
CA VAL L 159 -62.40 24.28 46.61
C VAL L 159 -63.39 23.12 46.63
N VAL L 160 -62.99 22.02 46.01
CA VAL L 160 -63.74 20.76 45.99
C VAL L 160 -62.95 19.72 46.76
N HIS L 161 -63.52 19.23 47.86
CA HIS L 161 -62.85 18.22 48.67
C HIS L 161 -63.39 16.85 48.31
N GLY L 162 -62.53 15.84 48.46
CA GLY L 162 -62.91 14.46 48.23
C GLY L 162 -63.45 14.24 46.84
N ALA L 163 -62.72 14.74 45.84
CA ALA L 163 -63.10 14.54 44.45
C ALA L 163 -62.65 13.18 43.98
N GLU L 164 -63.42 12.59 43.06
CA GLU L 164 -62.99 11.34 42.43
C GLU L 164 -61.80 11.56 41.52
N PHE L 165 -60.74 10.77 41.74
CA PHE L 165 -59.47 11.06 41.06
C PHE L 165 -59.58 10.81 39.56
N TRP L 166 -60.28 9.73 39.16
CA TRP L 166 -60.35 9.32 37.77
C TRP L 166 -61.58 9.85 37.04
N SER L 167 -62.59 10.29 37.77
CA SER L 167 -63.80 10.78 37.12
C SER L 167 -63.56 12.14 36.49
N GLN L 168 -64.44 12.51 35.58
CA GLN L 168 -64.34 13.78 34.88
C GLN L 168 -65.44 14.70 35.40
N TYR L 169 -65.08 15.95 35.58
CA TYR L 169 -65.92 16.98 36.15
C TYR L 169 -66.04 18.10 35.15
N ARG L 170 -67.20 18.70 35.09
CA ARG L 170 -67.43 19.85 34.22
C ARG L 170 -67.63 21.01 35.18
N ILE L 171 -66.66 21.92 35.19
CA ILE L 171 -66.67 23.03 36.13
C ILE L 171 -67.45 24.15 35.46
N ASN L 172 -68.29 24.78 36.24
CA ASN L 172 -69.22 25.78 35.76
C ASN L 172 -69.07 27.12 36.46
N VAL L 173 -68.44 28.09 35.80
CA VAL L 173 -68.42 29.46 36.29
C VAL L 173 -69.35 30.27 35.40
N THR L 174 -70.38 30.87 35.98
CA THR L 174 -71.35 31.63 35.21
C THR L 174 -71.32 33.07 35.73
N GLU L 175 -70.99 34.01 34.85
CA GLU L 175 -71.05 35.42 35.16
C GLU L 175 -72.42 36.00 34.83
N VAL L 176 -72.96 36.79 35.75
CA VAL L 176 -74.25 37.44 35.61
C VAL L 176 -74.08 38.91 35.99
N ASN L 177 -74.69 39.81 35.21
CA ASN L 177 -74.74 41.19 35.66
C ASN L 177 -76.19 41.68 35.59
N PRO L 178 -76.50 42.95 35.96
CA PRO L 178 -77.92 43.35 35.99
C PRO L 178 -78.60 43.34 34.63
N LEU L 179 -77.86 43.07 33.56
CA LEU L 179 -78.40 43.11 32.21
C LEU L 179 -78.37 41.78 31.48
N GLY L 180 -77.78 40.75 32.06
CA GLY L 180 -77.73 39.45 31.43
C GLY L 180 -76.66 38.58 32.08
N ALA L 181 -76.36 37.48 31.40
CA ALA L 181 -75.48 36.46 31.96
C ALA L 181 -74.60 35.84 30.88
N SER L 182 -73.46 35.29 31.32
CA SER L 182 -72.61 34.49 30.47
C SER L 182 -71.91 33.44 31.34
N THR L 183 -71.96 32.19 30.91
CA THR L 183 -71.49 31.05 31.70
C THR L 183 -70.22 30.51 31.05
N ARG L 184 -69.12 30.44 31.81
CA ARG L 184 -67.94 29.68 31.39
C ARG L 184 -67.94 28.25 31.95
N LEU L 185 -67.80 27.27 31.07
CA LEU L 185 -67.67 25.86 31.44
C LEU L 185 -66.29 25.31 31.10
N LEU L 186 -65.66 24.65 32.09
CA LEU L 186 -64.30 24.15 31.99
C LEU L 186 -64.29 22.70 32.45
N ASP L 187 -63.94 21.79 31.54
CA ASP L 187 -63.79 20.39 31.91
C ASP L 187 -62.46 20.17 32.62
N VAL L 188 -62.49 19.40 33.71
CA VAL L 188 -61.33 19.17 34.56
C VAL L 188 -61.40 17.74 35.11
N SER L 189 -60.32 16.99 34.92
CA SER L 189 -60.14 15.69 35.56
C SER L 189 -58.91 15.74 36.45
N LEU L 190 -59.08 15.29 37.70
CA LEU L 190 -57.99 15.28 38.69
C LEU L 190 -56.73 14.60 38.19
N GLN L 191 -56.88 13.55 37.38
CA GLN L 191 -55.71 12.82 36.90
C GLN L 191 -54.92 13.60 35.85
N SER L 192 -55.59 14.51 35.13
CA SER L 192 -54.89 15.31 34.12
C SER L 192 -54.33 16.61 34.68
N ILE L 193 -55.08 17.29 35.55
CA ILE L 193 -54.69 18.61 36.03
C ILE L 193 -53.60 18.59 37.10
N LEU L 194 -53.33 17.45 37.71
CA LEU L 194 -52.48 17.44 38.90
C LEU L 194 -51.05 17.87 38.59
N ARG L 195 -50.51 18.74 39.43
CA ARG L 195 -49.11 19.16 39.39
C ARG L 195 -48.58 19.37 40.81
N PRO L 196 -47.68 18.53 41.31
CA PRO L 196 -47.23 18.67 42.70
C PRO L 196 -46.30 19.87 42.84
N ASP L 197 -46.10 20.30 44.08
CA ASP L 197 -45.12 21.34 44.34
C ASP L 197 -43.71 20.77 44.26
N PRO L 198 -42.70 21.62 44.03
CA PRO L 198 -41.31 21.12 43.95
C PRO L 198 -40.84 20.59 45.29
N PRO L 199 -39.85 19.69 45.29
CA PRO L 199 -39.23 19.27 46.56
C PRO L 199 -38.64 20.46 47.31
N GLN L 200 -38.48 20.27 48.62
CA GLN L 200 -37.97 21.30 49.51
C GLN L 200 -36.62 20.87 50.07
N GLY L 201 -35.88 21.85 50.58
CA GLY L 201 -34.65 21.58 51.30
C GLY L 201 -33.49 21.01 50.49
N LEU L 202 -33.43 21.31 49.19
CA LEU L 202 -32.31 20.82 48.38
C LEU L 202 -30.99 21.33 48.96
N ARG L 203 -30.10 20.39 49.29
CA ARG L 203 -28.77 20.68 49.80
C ARG L 203 -27.71 19.95 48.98
N VAL L 204 -26.55 20.61 48.82
CA VAL L 204 -25.41 20.04 48.13
C VAL L 204 -24.22 19.98 49.08
N GLU L 205 -23.51 18.85 49.06
CA GLU L 205 -22.39 18.56 49.94
C GLU L 205 -21.25 18.00 49.12
N SER L 206 -20.02 18.32 49.53
CA SER L 206 -18.85 17.69 48.93
C SER L 206 -18.78 16.22 49.32
N VAL L 207 -18.07 15.46 48.50
CA VAL L 207 -17.79 14.05 48.73
C VAL L 207 -16.29 13.86 48.92
N PRO L 208 -15.82 13.81 50.17
CA PRO L 208 -14.38 13.63 50.41
C PRO L 208 -13.83 12.41 49.69
N GLY L 209 -12.57 12.55 49.25
CA GLY L 209 -11.90 11.53 48.46
C GLY L 209 -12.20 11.55 46.97
N TYR L 210 -13.27 12.19 46.54
CA TYR L 210 -13.67 12.18 45.13
C TYR L 210 -13.81 13.60 44.62
N PRO L 211 -12.82 14.11 43.88
CA PRO L 211 -12.81 15.53 43.51
C PRO L 211 -13.86 15.91 42.48
N ARG L 212 -14.67 14.96 41.99
CA ARG L 212 -15.64 15.24 40.93
C ARG L 212 -17.01 14.64 41.23
N ARG L 213 -17.29 14.34 42.49
CA ARG L 213 -18.58 13.87 42.95
C ARG L 213 -19.22 14.84 43.92
N LEU L 214 -20.53 15.05 43.76
CA LEU L 214 -21.34 15.71 44.78
C LEU L 214 -22.58 14.88 45.07
N ARG L 215 -23.00 14.92 46.34
CA ARG L 215 -24.20 14.23 46.80
C ARG L 215 -25.30 15.26 46.98
N ALA L 216 -26.41 15.07 46.28
CA ALA L 216 -27.59 15.90 46.48
C ALA L 216 -28.64 15.10 47.26
N SER L 217 -29.27 15.76 48.22
CA SER L 217 -30.36 15.16 48.98
C SER L 217 -31.49 16.18 49.08
N TRP L 218 -32.69 15.67 49.31
CA TRP L 218 -33.88 16.50 49.40
C TRP L 218 -34.99 15.67 50.01
N THR L 219 -36.09 16.34 50.32
CA THR L 219 -37.27 15.69 50.88
C THR L 219 -38.47 15.98 49.99
N TYR L 220 -39.55 15.25 50.25
CA TYR L 220 -40.84 15.58 49.66
C TYR L 220 -41.24 17.02 49.98
N PRO L 221 -42.08 17.62 49.15
CA PRO L 221 -42.71 18.90 49.53
C PRO L 221 -43.74 18.67 50.61
N ALA L 222 -43.92 19.70 51.45
CA ALA L 222 -44.84 19.54 52.56
C ALA L 222 -46.28 19.38 52.08
N SER L 223 -46.63 19.97 50.93
CA SER L 223 -47.98 19.82 50.40
C SER L 223 -48.26 18.42 49.86
N TRP L 224 -47.27 17.54 49.83
CA TRP L 224 -47.45 16.17 49.38
C TRP L 224 -47.23 15.24 50.57
N PRO L 225 -48.27 14.68 51.17
CA PRO L 225 -48.03 13.72 52.26
C PRO L 225 -47.43 12.43 51.72
N SER L 226 -46.31 12.02 52.31
CA SER L 226 -45.63 10.80 51.92
C SER L 226 -46.55 9.61 52.14
N GLN L 227 -46.86 8.88 51.07
CA GLN L 227 -47.75 7.75 51.22
C GLN L 227 -47.40 6.68 50.19
N PRO L 228 -47.57 5.40 50.55
CA PRO L 228 -47.09 4.32 49.67
C PRO L 228 -47.93 4.21 48.42
N HIS L 229 -49.07 4.89 48.40
CA HIS L 229 -50.09 4.79 47.36
C HIS L 229 -49.79 5.74 46.22
N PHE L 230 -49.34 6.95 46.55
CA PHE L 230 -48.92 7.95 45.58
C PHE L 230 -47.49 8.33 45.92
N LEU L 231 -46.52 7.68 45.30
CA LEU L 231 -45.15 8.17 45.37
C LEU L 231 -45.00 9.37 44.44
N LEU L 232 -43.77 9.88 44.32
CA LEU L 232 -43.44 10.80 43.24
C LEU L 232 -42.17 10.32 42.57
N LYS L 233 -42.10 10.47 41.25
CA LYS L 233 -40.84 10.29 40.56
C LYS L 233 -40.15 11.65 40.48
N PHE L 234 -38.86 11.62 40.20
CA PHE L 234 -38.09 12.86 40.21
C PHE L 234 -37.25 12.97 38.94
N ARG L 235 -36.93 14.22 38.62
CA ARG L 235 -36.12 14.55 37.45
C ARG L 235 -35.16 15.63 37.90
N LEU L 236 -33.86 15.35 37.82
CA LEU L 236 -32.86 16.27 38.30
C LEU L 236 -32.10 16.88 37.13
N GLN L 237 -31.78 18.16 37.23
CA GLN L 237 -30.96 18.84 36.25
C GLN L 237 -29.85 19.52 37.02
N TYR L 238 -28.66 19.56 36.44
CA TYR L 238 -27.54 20.21 37.12
C TYR L 238 -26.70 20.94 36.11
N ARG L 239 -26.05 22.00 36.57
CA ARG L 239 -25.30 22.85 35.68
C ARG L 239 -24.24 23.61 36.47
N PRO L 240 -22.98 23.55 36.05
CA PRO L 240 -21.94 24.33 36.72
C PRO L 240 -22.08 25.80 36.40
N ALA L 241 -21.67 26.64 37.36
CA ALA L 241 -21.72 28.09 37.17
C ALA L 241 -21.02 28.43 35.85
N GLN L 242 -21.58 29.40 35.13
CA GLN L 242 -21.07 29.87 33.85
C GLN L 242 -21.38 28.88 32.74
N HIS L 243 -21.92 27.63 33.08
CA HIS L 243 -22.22 26.77 31.95
C HIS L 243 -23.63 27.04 31.41
N PRO L 244 -23.81 26.90 30.09
CA PRO L 244 -25.08 27.32 29.48
C PRO L 244 -26.10 26.19 29.41
N ALA L 245 -25.63 24.95 29.42
CA ALA L 245 -26.45 23.78 29.12
C ALA L 245 -26.67 22.96 30.37
N TRP L 246 -27.92 22.58 30.62
CA TRP L 246 -28.23 21.67 31.71
C TRP L 246 -27.93 20.23 31.33
N SER L 247 -27.54 19.45 32.34
CA SER L 247 -27.44 18.00 32.24
C SER L 247 -28.61 17.40 33.01
N THR L 248 -29.19 16.33 32.49
CA THR L 248 -30.40 15.75 33.08
C THR L 248 -30.15 14.30 33.48
N VAL L 249 -30.58 13.96 34.70
CA VAL L 249 -30.62 12.59 35.19
C VAL L 249 -32.02 12.32 35.76
N GLU L 250 -32.33 11.03 35.92
CA GLU L 250 -33.62 10.56 36.43
C GLU L 250 -33.31 9.78 37.70
N PRO L 251 -33.14 10.46 38.84
CA PRO L 251 -32.64 9.77 40.03
C PRO L 251 -33.63 8.76 40.57
N ALA L 252 -33.11 7.64 41.07
CA ALA L 252 -33.85 6.77 41.97
C ALA L 252 -33.81 7.33 43.40
N GLY L 253 -34.98 7.46 44.01
CA GLY L 253 -35.02 7.88 45.40
C GLY L 253 -34.76 9.37 45.56
N LEU L 254 -34.44 9.74 46.80
CA LEU L 254 -34.33 11.15 47.19
C LEU L 254 -32.89 11.64 47.16
N GLU L 255 -32.01 10.91 46.49
CA GLU L 255 -30.59 11.25 46.48
C GLU L 255 -30.04 10.88 45.11
N GLU L 256 -28.96 11.58 44.73
CA GLU L 256 -28.28 11.30 43.46
C GLU L 256 -26.85 11.77 43.61
N VAL L 257 -25.89 10.87 43.40
CA VAL L 257 -24.48 11.23 43.37
C VAL L 257 -24.09 11.58 41.94
N ILE L 258 -23.74 12.84 41.74
CA ILE L 258 -23.19 13.30 40.47
C ILE L 258 -21.72 12.91 40.44
N THR L 259 -21.27 12.39 39.30
CA THR L 259 -19.92 11.86 39.17
C THR L 259 -19.08 12.62 38.15
N ASP L 260 -19.67 13.56 37.43
CA ASP L 260 -18.97 14.33 36.42
C ASP L 260 -18.97 15.82 36.77
N ALA L 261 -18.87 16.14 38.06
CA ALA L 261 -18.77 17.55 38.42
C ALA L 261 -17.40 18.08 38.01
N VAL L 262 -17.39 19.27 37.40
CA VAL L 262 -16.12 19.88 37.02
C VAL L 262 -15.37 20.30 38.28
N ALA L 263 -14.10 19.95 38.35
CA ALA L 263 -13.34 20.20 39.57
C ALA L 263 -13.21 21.69 39.82
N GLY L 264 -13.36 22.08 41.07
CA GLY L 264 -13.10 23.44 41.53
C GLY L 264 -14.14 24.47 41.15
N LEU L 265 -15.34 24.06 40.75
CA LEU L 265 -16.35 24.98 40.22
C LEU L 265 -17.67 24.83 40.95
N PRO L 266 -18.32 25.95 41.30
CA PRO L 266 -19.69 25.88 41.81
C PRO L 266 -20.60 25.22 40.78
N HIS L 267 -21.52 24.39 41.27
CA HIS L 267 -22.50 23.71 40.43
C HIS L 267 -23.90 24.04 40.90
N ALA L 268 -24.77 24.37 39.95
CA ALA L 268 -26.20 24.50 40.22
C ALA L 268 -26.89 23.16 40.02
N VAL L 269 -27.87 22.89 40.88
CA VAL L 269 -28.66 21.67 40.83
C VAL L 269 -30.11 22.07 41.11
N ARG L 270 -31.03 21.52 40.34
CA ARG L 270 -32.45 21.75 40.55
C ARG L 270 -33.18 20.46 40.23
N VAL L 271 -34.35 20.30 40.85
CA VAL L 271 -35.15 19.09 40.71
C VAL L 271 -36.62 19.47 40.64
N SER L 272 -37.40 18.58 40.05
CA SER L 272 -38.83 18.75 39.91
C SER L 272 -39.51 17.42 40.21
N ALA L 273 -40.82 17.47 40.43
CA ALA L 273 -41.57 16.32 40.88
C ALA L 273 -42.73 16.08 39.92
N ARG L 274 -43.16 14.82 39.84
CA ARG L 274 -44.31 14.42 39.07
C ARG L 274 -44.92 13.20 39.74
N ASP L 275 -46.21 12.99 39.52
CA ASP L 275 -46.87 11.79 40.01
C ASP L 275 -46.10 10.55 39.58
N PHE L 276 -45.99 9.58 40.49
CA PHE L 276 -45.14 8.43 40.26
C PHE L 276 -45.63 7.57 39.10
N LEU L 277 -46.91 7.64 38.75
CA LEU L 277 -47.46 6.94 37.60
C LEU L 277 -47.61 7.85 36.38
N ASP L 278 -46.77 8.89 36.30
CA ASP L 278 -46.71 9.81 35.16
C ASP L 278 -48.05 10.50 34.90
N ALA L 279 -48.85 10.70 35.94
CA ALA L 279 -50.08 11.48 35.81
C ALA L 279 -49.77 12.96 35.86
N GLY L 280 -50.62 13.75 35.20
CA GLY L 280 -50.40 15.19 35.19
C GLY L 280 -49.07 15.57 34.55
N THR L 281 -48.44 16.59 35.11
CA THR L 281 -47.24 17.17 34.54
C THR L 281 -46.19 17.40 35.63
N TRP L 282 -44.95 17.59 35.19
CA TRP L 282 -43.84 17.83 36.09
C TRP L 282 -44.03 19.16 36.82
N SER L 283 -43.59 19.21 38.07
CA SER L 283 -43.62 20.44 38.83
C SER L 283 -42.70 21.49 38.23
N THR L 284 -42.83 22.72 38.72
CA THR L 284 -41.82 23.72 38.43
C THR L 284 -40.51 23.32 39.11
N TRP L 285 -39.40 23.83 38.56
CA TRP L 285 -38.10 23.57 39.16
C TRP L 285 -38.00 24.22 40.54
N SER L 286 -37.42 23.48 41.48
CA SER L 286 -37.03 23.99 42.79
C SER L 286 -36.11 25.19 42.67
N PRO L 287 -35.98 26.01 43.70
CA PRO L 287 -34.89 26.99 43.72
C PRO L 287 -33.54 26.28 43.57
N GLU L 288 -32.66 26.87 42.78
CA GLU L 288 -31.33 26.30 42.58
C GLU L 288 -30.57 26.26 43.91
N ALA L 289 -29.84 25.16 44.12
CA ALA L 289 -28.92 25.06 45.24
C ALA L 289 -27.52 24.80 44.69
N TRP L 290 -26.51 25.41 45.30
CA TRP L 290 -25.17 25.38 44.79
C TRP L 290 -24.23 24.59 45.68
N GLY L 291 -23.28 23.88 45.07
CA GLY L 291 -22.22 23.22 45.80
C GLY L 291 -20.97 23.12 44.96
N THR L 292 -19.86 22.81 45.63
CA THR L 292 -18.55 22.79 44.97
C THR L 292 -17.78 21.54 45.40
N PRO L 293 -17.30 20.73 44.44
CA PRO L 293 -16.60 19.49 44.80
C PRO L 293 -15.33 19.73 45.60
N SER L 294 -14.98 18.76 46.44
CA SER L 294 -13.79 18.84 47.30
C SER L 294 -12.52 18.77 46.47
N ASP M 5 21.44 -58.61 -48.65
CA ASP M 5 21.61 -57.23 -49.05
C ASP M 5 20.25 -56.60 -49.34
N PRO M 6 20.11 -55.28 -49.10
CA PRO M 6 18.82 -54.61 -49.33
C PRO M 6 18.25 -54.80 -50.72
N CYS M 7 16.95 -54.53 -50.85
CA CYS M 7 16.23 -54.64 -52.12
C CYS M 7 16.27 -53.38 -52.97
N GLY M 8 16.37 -52.20 -52.37
CA GLY M 8 16.38 -51.00 -53.15
C GLY M 8 16.66 -49.75 -52.33
N TYR M 9 16.36 -48.60 -52.93
CA TYR M 9 16.59 -47.33 -52.29
C TYR M 9 15.64 -46.29 -52.86
N ILE M 10 15.52 -45.17 -52.15
CA ILE M 10 14.71 -44.03 -52.57
C ILE M 10 15.63 -42.87 -52.93
N SER M 11 15.29 -42.15 -53.98
CA SER M 11 16.07 -41.00 -54.39
C SER M 11 15.14 -39.81 -54.59
N PRO M 12 15.56 -38.60 -54.18
CA PRO M 12 16.82 -38.22 -53.55
C PRO M 12 16.97 -38.60 -52.07
N GLU M 13 18.21 -38.87 -51.67
CA GLU M 13 18.57 -39.35 -50.33
C GLU M 13 17.77 -38.67 -49.20
N SER M 14 17.89 -37.36 -49.07
CA SER M 14 17.20 -36.62 -48.01
C SER M 14 16.99 -35.20 -48.47
N PRO M 15 15.99 -34.98 -49.32
CA PRO M 15 15.73 -33.65 -49.86
C PRO M 15 15.06 -32.70 -48.88
N VAL M 16 15.28 -31.42 -49.13
CA VAL M 16 14.63 -30.33 -48.42
C VAL M 16 13.99 -29.47 -49.50
N VAL M 17 12.69 -29.18 -49.37
CA VAL M 17 11.98 -28.41 -50.37
C VAL M 17 11.22 -27.25 -49.73
N GLN M 18 10.81 -26.32 -50.60
CA GLN M 18 10.07 -25.14 -50.17
C GLN M 18 8.57 -25.43 -50.07
N LEU M 19 7.95 -24.85 -49.06
CA LEU M 19 6.51 -25.00 -48.84
C LEU M 19 5.72 -24.59 -50.08
N HIS M 20 4.65 -25.34 -50.36
CA HIS M 20 3.71 -25.15 -51.47
C HIS M 20 4.29 -25.60 -52.82
N SER M 21 5.46 -26.23 -52.83
CA SER M 21 6.06 -26.73 -54.05
C SER M 21 5.71 -28.20 -54.23
N ASN M 22 6.26 -28.81 -55.28
CA ASN M 22 6.02 -30.22 -55.53
C ASN M 22 7.29 -31.03 -55.35
N PHE M 23 7.11 -32.28 -54.93
CA PHE M 23 8.20 -33.22 -54.73
C PHE M 23 7.83 -34.60 -55.23
N THR M 24 8.69 -35.19 -56.05
CA THR M 24 8.47 -36.52 -56.57
C THR M 24 9.55 -37.44 -56.01
N ALA M 25 9.14 -38.56 -55.42
CA ALA M 25 10.07 -39.52 -54.86
C ALA M 25 10.02 -40.80 -55.68
N VAL M 26 11.18 -41.36 -55.98
CA VAL M 26 11.25 -42.60 -56.75
C VAL M 26 11.96 -43.67 -55.93
N CYS M 27 11.30 -44.82 -55.78
CA CYS M 27 11.83 -45.99 -55.09
C CYS M 27 12.18 -47.02 -56.16
N VAL M 28 13.41 -47.52 -56.16
CA VAL M 28 13.80 -48.52 -57.15
C VAL M 28 14.28 -49.79 -56.47
N LEU M 29 13.76 -50.92 -56.94
CA LEU M 29 14.09 -52.26 -56.45
C LEU M 29 15.16 -52.93 -57.30
N LYS M 30 16.09 -53.58 -56.63
CA LYS M 30 17.14 -54.31 -57.32
C LYS M 30 16.56 -55.54 -57.99
N GLU M 31 17.14 -55.93 -59.12
CA GLU M 31 16.63 -57.09 -59.85
C GLU M 31 16.63 -58.34 -58.96
N LYS M 32 17.72 -58.55 -58.21
CA LYS M 32 17.82 -59.72 -57.34
C LYS M 32 16.66 -59.80 -56.34
N CYS M 33 16.32 -58.67 -55.70
CA CYS M 33 15.23 -58.72 -54.73
C CYS M 33 13.89 -59.04 -55.42
N MET M 34 13.64 -58.42 -56.56
CA MET M 34 12.40 -58.67 -57.29
C MET M 34 12.28 -60.14 -57.70
N ASP M 35 13.38 -60.77 -58.10
CA ASP M 35 13.37 -62.17 -58.53
C ASP M 35 13.05 -63.15 -57.39
N TYR M 36 13.72 -63.03 -56.24
CA TYR M 36 13.44 -63.98 -55.15
C TYR M 36 11.96 -64.00 -54.77
N PHE M 37 11.36 -62.83 -54.56
CA PHE M 37 9.95 -62.80 -54.17
C PHE M 37 8.99 -62.78 -55.35
N HIS M 38 9.48 -62.63 -56.58
CA HIS M 38 8.62 -62.60 -57.77
C HIS M 38 7.63 -61.43 -57.73
N VAL M 39 8.18 -60.24 -57.59
CA VAL M 39 7.39 -59.02 -57.53
C VAL M 39 8.02 -57.96 -58.42
N ASN M 40 7.34 -56.83 -58.53
CA ASN M 40 7.81 -55.68 -59.31
C ASN M 40 7.12 -54.43 -58.76
N ALA M 41 7.41 -53.30 -59.38
CA ALA M 41 6.88 -51.99 -58.99
C ALA M 41 5.40 -51.98 -58.60
N ASN M 42 4.59 -52.77 -59.30
CA ASN M 42 3.16 -52.83 -59.01
C ASN M 42 2.85 -53.30 -57.60
N TYR M 43 3.81 -53.93 -56.91
CA TYR M 43 3.58 -54.43 -55.56
C TYR M 43 3.98 -53.42 -54.49
N ILE M 44 4.50 -52.26 -54.87
CA ILE M 44 4.93 -51.27 -53.89
C ILE M 44 3.73 -50.49 -53.35
N VAL M 45 3.70 -50.39 -52.02
CA VAL M 45 2.73 -49.58 -51.30
C VAL M 45 3.56 -48.60 -50.49
N TRP M 46 3.10 -47.36 -50.37
CA TRP M 46 3.87 -46.38 -49.62
C TRP M 46 3.13 -46.03 -48.34
N LYS M 47 3.84 -45.95 -47.22
CA LYS M 47 3.21 -45.54 -45.96
C LYS M 47 4.11 -44.53 -45.29
N THR M 48 3.52 -43.55 -44.60
CA THR M 48 4.31 -42.58 -43.84
C THR M 48 3.70 -42.25 -42.48
N ASN M 49 4.49 -42.33 -41.41
CA ASN M 49 4.01 -41.95 -40.07
C ASN M 49 2.63 -42.51 -39.74
N HIS M 50 2.47 -43.81 -39.92
CA HIS M 50 1.24 -44.56 -39.66
C HIS M 50 0.09 -44.21 -40.59
N PHE M 51 0.29 -43.40 -41.63
CA PHE M 51 -0.78 -43.12 -42.56
C PHE M 51 -0.51 -43.78 -43.90
N THR M 52 -1.46 -44.58 -44.37
CA THR M 52 -1.33 -45.27 -45.66
C THR M 52 -1.40 -44.26 -46.79
N ILE M 53 -0.40 -44.23 -47.66
CA ILE M 53 -0.49 -43.30 -48.80
C ILE M 53 -1.49 -43.87 -49.80
N PRO M 54 -2.49 -43.12 -50.24
CA PRO M 54 -3.46 -43.67 -51.20
C PRO M 54 -2.83 -44.08 -52.52
N LYS M 55 -3.04 -45.34 -52.88
CA LYS M 55 -2.57 -45.97 -54.12
C LYS M 55 -2.66 -45.07 -55.35
N GLU M 56 -3.67 -44.19 -55.40
CA GLU M 56 -3.89 -43.31 -56.54
C GLU M 56 -2.80 -42.27 -56.74
N GLN M 57 -1.97 -42.01 -55.74
CA GLN M 57 -0.90 -41.02 -55.91
C GLN M 57 0.39 -41.65 -56.42
N TYR M 58 0.41 -42.97 -56.60
CA TYR M 58 1.60 -43.66 -57.08
C TYR M 58 1.66 -43.59 -58.60
N THR M 59 2.88 -43.70 -59.14
CA THR M 59 3.08 -43.78 -60.59
C THR M 59 4.19 -44.81 -60.80
N ILE M 60 3.86 -45.96 -61.41
CA ILE M 60 4.84 -47.00 -61.69
C ILE M 60 5.61 -46.64 -62.97
N ILE M 61 6.89 -46.31 -62.83
CA ILE M 61 7.71 -45.95 -63.98
C ILE M 61 8.28 -47.17 -64.69
N ASN M 62 9.19 -47.89 -64.02
CA ASN M 62 9.75 -49.11 -64.54
C ASN M 62 9.30 -50.31 -63.73
N ARG M 63 9.60 -51.51 -64.23
CA ARG M 63 9.18 -52.70 -63.48
C ARG M 63 9.91 -52.76 -62.15
N THR M 64 10.97 -51.97 -62.01
CA THR M 64 11.82 -51.88 -60.85
C THR M 64 11.47 -50.71 -59.95
N ALA M 65 10.75 -49.72 -60.46
CA ALA M 65 10.49 -48.52 -59.68
C ALA M 65 9.08 -47.98 -59.78
N SER M 66 8.62 -47.45 -58.65
CA SER M 66 7.34 -46.80 -58.42
C SER M 66 7.65 -45.38 -57.94
N SER M 67 6.71 -44.47 -58.15
CA SER M 67 6.95 -43.11 -57.70
C SER M 67 5.65 -42.49 -57.25
N VAL M 68 5.79 -41.51 -56.35
CA VAL M 68 4.67 -40.74 -55.82
C VAL M 68 5.02 -39.27 -55.96
N THR M 69 3.98 -38.44 -56.08
CA THR M 69 4.14 -37.00 -56.24
C THR M 69 3.31 -36.28 -55.20
N PHE M 70 3.98 -35.47 -54.36
CA PHE M 70 3.33 -34.67 -53.34
C PHE M 70 3.13 -33.26 -53.89
N THR M 71 1.97 -32.69 -53.63
CA THR M 71 1.68 -31.35 -54.09
C THR M 71 1.33 -30.47 -52.90
N ASP M 72 1.71 -29.19 -52.99
CA ASP M 72 1.44 -28.20 -51.95
C ASP M 72 1.94 -28.73 -50.61
N ILE M 73 3.18 -29.24 -50.61
CA ILE M 73 3.78 -29.80 -49.40
C ILE M 73 3.54 -28.86 -48.24
N ALA M 74 2.93 -29.37 -47.18
CA ALA M 74 2.62 -28.58 -46.01
C ALA M 74 3.16 -29.13 -44.69
N SER M 75 3.78 -30.31 -44.69
CA SER M 75 4.30 -30.86 -43.45
C SER M 75 5.77 -30.52 -43.26
N LEU M 76 6.10 -30.08 -42.03
CA LEU M 76 7.47 -29.69 -41.73
C LEU M 76 8.43 -30.89 -41.72
N ASN M 77 7.93 -32.07 -41.38
CA ASN M 77 8.77 -33.26 -41.29
C ASN M 77 7.98 -34.44 -41.79
N ILE M 78 8.47 -35.11 -42.83
CA ILE M 78 7.83 -36.27 -43.41
C ILE M 78 8.81 -37.43 -43.38
N GLN M 79 8.42 -38.53 -42.76
CA GLN M 79 9.21 -39.75 -42.74
C GLN M 79 8.64 -40.60 -43.85
N LEU M 80 9.43 -40.84 -44.89
CA LEU M 80 8.96 -41.61 -46.04
C LEU M 80 9.58 -42.99 -46.03
N THR M 81 8.74 -43.98 -46.27
CA THR M 81 9.12 -45.38 -46.29
C THR M 81 8.57 -46.00 -47.57
N CYS M 82 9.36 -46.89 -48.16
CA CYS M 82 8.98 -47.60 -49.37
C CYS M 82 8.81 -49.06 -49.00
N ASN M 83 7.66 -49.63 -49.31
CA ASN M 83 7.48 -51.02 -48.94
C ASN M 83 6.93 -51.82 -50.10
N ILE M 84 7.20 -53.11 -50.04
CA ILE M 84 6.70 -54.11 -50.97
C ILE M 84 5.79 -55.09 -50.24
N LEU M 85 4.72 -55.51 -50.92
CA LEU M 85 3.70 -56.44 -50.43
C LEU M 85 4.05 -57.88 -50.86
N THR M 86 4.94 -58.52 -50.09
CA THR M 86 5.36 -59.88 -50.44
C THR M 86 4.22 -60.87 -50.34
N PHE M 87 4.27 -61.87 -51.24
CA PHE M 87 3.30 -62.97 -51.38
C PHE M 87 1.94 -62.63 -50.79
N GLY M 88 1.50 -61.41 -51.05
CA GLY M 88 0.26 -60.80 -50.63
C GLY M 88 -0.20 -60.83 -49.18
N GLN M 89 0.63 -61.22 -48.21
CA GLN M 89 0.15 -61.27 -46.83
C GLN M 89 1.26 -60.96 -45.85
N LEU M 90 2.15 -60.05 -46.21
CA LEU M 90 3.27 -59.60 -45.41
C LEU M 90 3.80 -58.36 -46.10
N GLU M 91 4.62 -57.61 -45.37
CA GLU M 91 5.20 -56.40 -45.90
C GLU M 91 6.58 -56.23 -45.29
N GLN M 92 7.56 -55.96 -46.15
CA GLN M 92 8.94 -55.78 -45.75
C GLN M 92 9.43 -54.45 -46.31
N ASN M 93 10.26 -53.79 -45.51
CA ASN M 93 10.80 -52.48 -45.84
C ASN M 93 11.96 -52.55 -46.82
N VAL M 94 11.83 -51.77 -47.89
CA VAL M 94 12.81 -51.67 -48.96
C VAL M 94 13.76 -50.55 -48.57
N TYR M 95 13.20 -49.36 -48.38
CA TYR M 95 14.02 -48.20 -48.04
C TYR M 95 13.17 -47.18 -47.33
N GLY M 96 13.83 -46.12 -46.87
CA GLY M 96 13.16 -45.04 -46.18
C GLY M 96 14.04 -43.81 -46.24
N ILE M 97 13.39 -42.64 -46.13
CA ILE M 97 14.08 -41.36 -46.12
C ILE M 97 13.27 -40.40 -45.25
N THR M 98 13.92 -39.34 -44.80
CA THR M 98 13.23 -38.32 -44.02
C THR M 98 13.15 -37.07 -44.88
N ILE M 99 11.95 -36.54 -45.05
CA ILE M 99 11.69 -35.33 -45.81
C ILE M 99 11.51 -34.15 -44.88
N ILE M 100 12.35 -33.13 -45.03
CA ILE M 100 12.27 -31.93 -44.22
C ILE M 100 11.84 -30.80 -45.15
N SER M 101 11.01 -29.89 -44.64
CA SER M 101 10.50 -28.78 -45.42
C SER M 101 10.58 -27.49 -44.62
N GLY M 102 10.52 -26.38 -45.35
CA GLY M 102 10.60 -25.06 -44.72
C GLY M 102 10.62 -23.89 -45.69
N LEU M 103 11.30 -22.83 -45.32
CA LEU M 103 11.37 -21.62 -46.14
C LEU M 103 12.80 -21.09 -46.22
N PRO M 104 13.13 -20.36 -47.28
CA PRO M 104 14.47 -19.80 -47.41
C PRO M 104 14.64 -18.62 -46.47
N PRO M 105 15.86 -18.28 -46.07
CA PRO M 105 16.04 -17.16 -45.14
C PRO M 105 15.70 -15.82 -45.77
N GLU M 106 15.12 -14.95 -44.94
CA GLU M 106 14.77 -13.60 -45.37
C GLU M 106 16.00 -12.71 -45.33
N LYS M 107 15.98 -11.65 -46.14
CA LYS M 107 17.11 -10.74 -46.20
C LYS M 107 17.22 -9.97 -44.88
N PRO M 108 18.30 -10.13 -44.12
CA PRO M 108 18.45 -9.39 -42.86
C PRO M 108 18.31 -7.89 -43.08
N LYS M 109 17.55 -7.23 -42.21
CA LYS M 109 17.33 -5.80 -42.32
C LYS M 109 17.58 -5.11 -40.99
N ASN M 110 17.70 -3.78 -41.06
CA ASN M 110 17.95 -2.93 -39.89
C ASN M 110 19.25 -3.33 -39.19
N LEU M 111 20.30 -3.58 -39.97
CA LEU M 111 21.59 -3.95 -39.38
C LEU M 111 22.20 -2.74 -38.69
N SER M 112 22.58 -2.93 -37.43
CA SER M 112 23.23 -1.87 -36.66
C SER M 112 24.26 -2.49 -35.72
N CYS M 113 25.31 -1.73 -35.42
CA CYS M 113 26.39 -2.17 -34.55
C CYS M 113 26.59 -1.15 -33.43
N ILE M 114 27.27 -1.60 -32.37
CA ILE M 114 27.53 -0.80 -31.18
C ILE M 114 28.82 -1.30 -30.52
N VAL M 115 29.64 -0.37 -30.06
CA VAL M 115 30.89 -0.72 -29.37
C VAL M 115 30.81 -0.34 -27.90
N ASN M 116 30.43 -1.30 -27.06
CA ASN M 116 30.37 -1.05 -25.62
C ASN M 116 31.78 -1.00 -25.03
N GLU M 117 32.12 0.11 -24.37
CA GLU M 117 33.43 0.26 -23.74
C GLU M 117 33.83 -0.99 -22.98
N GLY M 118 35.05 -1.47 -23.24
CA GLY M 118 35.54 -2.66 -22.55
C GLY M 118 35.19 -3.96 -23.22
N LYS M 119 34.31 -3.92 -24.21
CA LYS M 119 33.87 -5.08 -24.97
C LYS M 119 34.22 -4.89 -26.45
N LYS M 120 34.14 -5.98 -27.18
CA LYS M 120 34.45 -5.95 -28.60
C LYS M 120 33.21 -5.51 -29.38
N MET M 121 33.41 -5.11 -30.63
CA MET M 121 32.29 -4.65 -31.43
C MET M 121 31.17 -5.68 -31.45
N ARG M 122 29.93 -5.20 -31.35
CA ARG M 122 28.76 -6.06 -31.36
C ARG M 122 27.75 -5.49 -32.35
N CYS M 123 27.19 -6.35 -33.20
CA CYS M 123 26.20 -5.94 -34.18
C CYS M 123 24.90 -6.70 -33.95
N GLU M 124 23.80 -6.02 -34.24
CA GLU M 124 22.46 -6.55 -34.05
C GLU M 124 21.70 -6.41 -35.36
N TRP M 125 20.76 -7.33 -35.60
CA TRP M 125 19.97 -7.27 -36.81
C TRP M 125 18.64 -7.94 -36.56
N ASP M 126 17.65 -7.58 -37.37
CA ASP M 126 16.32 -8.16 -37.30
C ASP M 126 16.23 -9.38 -38.20
N GLY M 127 15.95 -10.54 -37.61
CA GLY M 127 15.76 -11.73 -38.42
C GLY M 127 14.35 -11.73 -38.98
N GLY M 128 14.17 -12.37 -40.13
CA GLY M 128 12.83 -12.33 -40.67
C GLY M 128 11.93 -13.49 -40.33
N ARG M 129 11.11 -13.91 -41.30
CA ARG M 129 10.19 -15.02 -41.11
C ARG M 129 10.89 -16.28 -40.65
N GLU M 130 10.21 -17.03 -39.78
CA GLU M 130 10.73 -18.30 -39.30
C GLU M 130 10.92 -19.22 -40.50
N THR M 131 12.04 -19.96 -40.51
CA THR M 131 12.33 -20.83 -41.64
C THR M 131 12.14 -22.30 -41.33
N HIS M 132 12.03 -22.68 -40.05
CA HIS M 132 11.84 -24.05 -39.59
C HIS M 132 13.05 -24.93 -39.88
N LEU M 133 14.15 -24.36 -40.36
CA LEU M 133 15.34 -25.11 -40.66
C LEU M 133 16.49 -24.61 -39.82
N GLU M 134 17.47 -25.47 -39.59
CA GLU M 134 18.65 -25.08 -38.82
C GLU M 134 19.42 -24.06 -39.63
N THR M 135 19.47 -22.81 -39.16
CA THR M 135 20.15 -21.75 -39.88
C THR M 135 21.34 -21.20 -39.10
N ASN M 136 22.50 -21.16 -39.75
CA ASN M 136 23.72 -20.62 -39.15
C ASN M 136 23.85 -19.16 -39.56
N PHE M 137 24.33 -18.34 -38.64
CA PHE M 137 24.55 -16.91 -38.89
C PHE M 137 26.00 -16.57 -38.61
N THR M 138 26.63 -15.93 -39.59
CA THR M 138 28.04 -15.54 -39.52
C THR M 138 28.16 -14.06 -39.87
N LEU M 139 28.72 -13.28 -38.95
CA LEU M 139 28.91 -11.86 -39.15
C LEU M 139 30.22 -11.64 -39.91
N LYS M 140 30.13 -10.95 -41.05
CA LYS M 140 31.29 -10.67 -41.88
C LYS M 140 31.68 -9.20 -41.80
N SER M 141 32.99 -8.97 -41.77
CA SER M 141 33.60 -7.64 -41.75
C SER M 141 34.95 -7.80 -42.41
N GLU M 142 35.34 -6.87 -43.27
CA GLU M 142 36.63 -7.01 -43.93
C GLU M 142 37.11 -5.66 -44.45
N TRP M 143 38.43 -5.48 -44.47
CA TRP M 143 38.99 -4.27 -45.05
C TRP M 143 39.24 -4.51 -46.55
N ALA M 144 39.49 -3.41 -47.27
CA ALA M 144 39.77 -3.48 -48.70
C ALA M 144 41.06 -4.25 -49.01
N THR M 145 41.94 -4.41 -48.01
CA THR M 145 43.25 -5.03 -48.14
C THR M 145 43.43 -6.21 -47.19
N HIS M 146 42.34 -6.76 -46.68
CA HIS M 146 42.41 -7.85 -45.73
C HIS M 146 41.04 -8.42 -45.52
N LYS M 147 40.92 -9.75 -45.50
CA LYS M 147 39.61 -10.34 -45.30
C LYS M 147 39.66 -10.69 -43.81
N PHE M 148 38.64 -10.28 -43.07
CA PHE M 148 38.64 -10.53 -41.65
C PHE M 148 37.92 -11.80 -41.19
N ALA M 149 38.24 -12.20 -39.96
CA ALA M 149 37.67 -13.38 -39.30
C ALA M 149 36.14 -13.34 -39.20
N ASP M 150 35.50 -14.46 -39.52
CA ASP M 150 34.06 -14.63 -39.39
C ASP M 150 33.61 -14.64 -37.92
N CYS M 151 32.41 -14.11 -37.66
CA CYS M 151 31.84 -14.13 -36.30
C CYS M 151 30.66 -15.09 -36.33
N LYS M 152 30.75 -16.19 -35.59
CA LYS M 152 29.68 -17.19 -35.54
C LYS M 152 28.78 -16.95 -34.33
N ALA M 153 27.48 -16.74 -34.60
CA ALA M 153 26.52 -16.47 -33.53
C ALA M 153 26.44 -17.62 -32.54
N LYS M 154 26.09 -17.28 -31.30
CA LYS M 154 25.92 -18.21 -30.20
C LYS M 154 24.51 -18.79 -30.20
N ARG M 155 24.39 -20.04 -29.72
CA ARG M 155 23.08 -20.69 -29.67
C ARG M 155 22.03 -19.84 -28.97
N ASP M 156 22.39 -19.26 -27.81
CA ASP M 156 21.45 -18.43 -27.06
C ASP M 156 21.06 -17.18 -27.83
N THR M 157 22.05 -16.49 -28.41
CA THR M 157 21.80 -15.26 -29.16
C THR M 157 22.06 -15.43 -30.66
N PRO M 158 21.14 -16.05 -31.40
CA PRO M 158 21.34 -16.26 -32.83
C PRO M 158 21.16 -15.00 -33.68
N THR M 159 20.60 -13.93 -33.12
CA THR M 159 20.35 -12.69 -33.85
C THR M 159 21.38 -11.61 -33.53
N SER M 160 22.46 -11.97 -32.85
CA SER M 160 23.49 -11.03 -32.43
C SER M 160 24.83 -11.76 -32.44
N CYS M 161 25.90 -11.00 -32.68
CA CYS M 161 27.24 -11.54 -32.65
C CYS M 161 28.19 -10.52 -32.03
N THR M 162 29.22 -11.04 -31.38
CA THR M 162 30.25 -10.22 -30.74
C THR M 162 31.59 -10.73 -31.26
N VAL M 163 32.24 -9.91 -32.08
CA VAL M 163 33.52 -10.26 -32.68
C VAL M 163 34.57 -10.62 -31.62
N ASP M 164 35.62 -11.30 -32.08
CA ASP M 164 36.71 -11.74 -31.23
C ASP M 164 37.96 -10.87 -31.36
N TYR M 165 37.91 -9.81 -32.17
CA TYR M 165 39.02 -8.90 -32.40
C TYR M 165 38.73 -7.55 -31.75
N SER M 166 39.78 -6.90 -31.25
CA SER M 166 39.61 -5.61 -30.61
C SER M 166 39.27 -4.51 -31.61
N THR M 167 38.47 -3.56 -31.13
CA THR M 167 38.02 -2.43 -31.94
C THR M 167 39.19 -1.53 -32.33
N VAL M 168 39.17 -1.08 -33.59
CA VAL M 168 40.19 -0.20 -34.11
C VAL M 168 39.53 1.09 -34.61
N TYR M 169 39.66 2.15 -33.84
CA TYR M 169 39.06 3.44 -34.18
C TYR M 169 39.83 4.11 -35.32
N PHE M 170 39.15 5.04 -36.00
CA PHE M 170 39.68 5.87 -37.07
C PHE M 170 39.93 5.12 -38.38
N VAL M 171 39.38 3.92 -38.57
CA VAL M 171 39.55 3.19 -39.82
C VAL M 171 38.18 2.70 -40.29
N ASN M 172 37.85 3.00 -41.55
CA ASN M 172 36.56 2.55 -42.07
C ASN M 172 36.58 1.04 -42.23
N ILE M 173 35.49 0.41 -41.78
CA ILE M 173 35.34 -1.05 -41.85
C ILE M 173 34.05 -1.37 -42.59
N GLU M 174 34.11 -2.38 -43.46
CA GLU M 174 32.97 -2.80 -44.25
C GLU M 174 32.35 -3.98 -43.51
N VAL M 175 31.07 -3.88 -43.15
CA VAL M 175 30.39 -4.92 -42.39
C VAL M 175 29.06 -5.31 -43.04
N TRP M 176 28.73 -6.59 -42.92
CA TRP M 176 27.48 -7.15 -43.42
C TRP M 176 27.28 -8.52 -42.77
N VAL M 177 26.04 -9.01 -42.80
CA VAL M 177 25.70 -10.30 -42.22
C VAL M 177 25.28 -11.23 -43.36
N GLU M 178 25.69 -12.49 -43.27
CA GLU M 178 25.38 -13.50 -44.27
C GLU M 178 24.48 -14.57 -43.66
N ALA M 179 23.26 -14.69 -44.18
CA ALA M 179 22.30 -15.68 -43.73
C ALA M 179 22.22 -16.78 -44.76
N GLU M 180 22.34 -18.04 -44.31
CA GLU M 180 22.29 -19.16 -45.24
C GLU M 180 21.69 -20.39 -44.56
N ASN M 181 20.86 -21.10 -45.31
CA ASN M 181 20.28 -22.37 -44.85
C ASN M 181 20.11 -23.27 -46.06
N ALA M 182 19.82 -24.55 -45.79
CA ALA M 182 19.67 -25.58 -46.81
C ALA M 182 18.89 -25.16 -48.05
N LEU M 183 17.95 -24.22 -47.92
CA LEU M 183 17.14 -23.78 -49.06
C LEU M 183 17.64 -22.51 -49.73
N GLY M 184 18.68 -21.87 -49.20
CA GLY M 184 19.13 -20.66 -49.85
C GLY M 184 20.20 -19.86 -49.12
N LYS M 185 20.91 -19.04 -49.88
CA LYS M 185 21.96 -18.18 -49.34
C LYS M 185 21.66 -16.75 -49.76
N VAL M 186 21.82 -15.81 -48.83
CA VAL M 186 21.60 -14.41 -49.12
C VAL M 186 22.44 -13.57 -48.16
N THR M 187 22.79 -12.37 -48.60
CA THR M 187 23.62 -11.47 -47.83
C THR M 187 22.84 -10.18 -47.57
N SER M 188 23.06 -9.59 -46.40
CA SER M 188 22.40 -8.33 -46.09
C SER M 188 23.11 -7.22 -46.85
N ASP M 189 22.57 -6.01 -46.77
CA ASP M 189 23.26 -4.92 -47.43
C ASP M 189 24.55 -4.64 -46.68
N HIS M 190 25.54 -4.13 -47.40
CA HIS M 190 26.81 -3.80 -46.76
C HIS M 190 26.74 -2.41 -46.14
N ILE M 191 27.34 -2.28 -44.95
CA ILE M 191 27.42 -0.98 -44.30
C ILE M 191 28.89 -0.61 -44.16
N ASN M 192 29.14 0.69 -44.06
CA ASN M 192 30.50 1.21 -43.96
C ASN M 192 30.48 2.32 -42.93
N PHE M 193 31.42 2.29 -41.98
CA PHE M 193 31.43 3.32 -40.95
C PHE M 193 32.76 3.30 -40.22
N ASP M 194 33.00 4.40 -39.50
CA ASP M 194 34.18 4.56 -38.66
C ASP M 194 33.78 4.19 -37.24
N PRO M 195 34.38 3.15 -36.62
CA PRO M 195 33.98 2.78 -35.26
C PRO M 195 33.87 3.95 -34.28
N VAL M 196 34.61 5.03 -34.52
CA VAL M 196 34.59 6.19 -33.63
C VAL M 196 33.20 6.80 -33.49
N TYR M 197 32.31 6.58 -34.47
CA TYR M 197 30.97 7.14 -34.42
C TYR M 197 29.93 6.17 -33.87
N LYS M 198 30.35 5.03 -33.31
CA LYS M 198 29.43 4.04 -32.78
C LYS M 198 29.79 3.64 -31.35
N VAL M 199 30.44 4.53 -30.61
CA VAL M 199 30.86 4.23 -29.25
C VAL M 199 29.73 4.49 -28.28
N LYS M 200 29.63 3.63 -27.26
CA LYS M 200 28.65 3.72 -26.18
C LYS M 200 29.48 3.76 -24.90
N PRO M 201 29.88 4.95 -24.46
CA PRO M 201 30.69 5.06 -23.24
C PRO M 201 29.98 4.55 -22.00
N ASN M 202 30.79 4.28 -20.97
CA ASN M 202 30.25 3.88 -19.68
C ASN M 202 29.70 5.12 -19.01
N PRO M 203 28.84 4.97 -18.00
CA PRO M 203 28.29 6.16 -17.35
C PRO M 203 29.28 6.76 -16.36
N PRO M 204 29.16 8.06 -16.08
CA PRO M 204 30.06 8.70 -15.12
C PRO M 204 30.01 8.05 -13.74
N HIS M 205 31.16 8.03 -13.08
CA HIS M 205 31.29 7.46 -11.74
C HIS M 205 32.00 8.48 -10.86
N ASN M 206 32.13 8.15 -9.56
CA ASN M 206 32.77 9.05 -8.59
C ASN M 206 31.98 10.34 -8.42
N LEU M 207 30.66 10.23 -8.44
CA LEU M 207 29.80 11.40 -8.33
C LEU M 207 29.86 12.01 -6.93
N SER M 208 30.11 13.30 -6.88
CA SER M 208 30.24 14.12 -5.67
C SER M 208 29.40 15.38 -5.83
N VAL M 209 28.76 15.82 -4.76
CA VAL M 209 27.94 17.03 -4.82
C VAL M 209 28.56 18.23 -4.11
N ILE M 210 29.30 18.04 -3.01
CA ILE M 210 29.91 19.10 -2.19
C ILE M 210 28.87 20.07 -1.62
N ASN M 211 29.04 20.42 -0.35
CA ASN M 211 28.12 21.37 0.25
C ASN M 211 28.46 22.80 -0.16
N SER M 212 27.56 23.72 0.18
CA SER M 212 27.72 25.12 -0.16
C SER M 212 28.62 25.87 0.81
N GLU M 213 29.28 26.88 0.24
CA GLU M 213 30.23 27.84 0.80
C GLU M 213 29.55 28.89 1.68
N GLU M 214 30.08 30.12 1.67
CA GLU M 214 29.53 31.19 2.47
C GLU M 214 28.38 31.84 1.73
N LEU M 215 28.19 31.43 0.48
CA LEU M 215 27.11 31.87 -0.38
C LEU M 215 26.24 30.64 -0.53
N SER M 216 24.93 30.82 -0.51
CA SER M 216 24.06 29.66 -0.64
C SER M 216 23.49 29.66 -2.04
N SER M 217 22.57 28.73 -2.31
CA SER M 217 21.94 28.57 -3.60
C SER M 217 22.91 28.11 -4.69
N ILE M 218 24.04 27.51 -4.32
CA ILE M 218 25.03 27.07 -5.32
C ILE M 218 25.51 25.67 -4.96
N LEU M 219 25.57 24.77 -5.94
CA LEU M 219 26.12 23.43 -5.75
C LEU M 219 27.05 23.09 -6.91
N LYS M 220 28.23 22.56 -6.60
CA LYS M 220 29.21 22.19 -7.62
C LYS M 220 29.22 20.68 -7.77
N LEU M 221 29.04 20.19 -8.99
CA LEU M 221 29.05 18.76 -9.26
C LEU M 221 30.43 18.33 -9.75
N THR M 222 30.94 17.24 -9.20
CA THR M 222 32.21 16.68 -9.62
C THR M 222 32.05 15.18 -9.80
N TRP M 223 32.87 14.62 -10.69
CA TRP M 223 32.82 13.20 -11.02
C TRP M 223 34.09 12.85 -11.77
N THR M 224 34.31 11.55 -11.97
CA THR M 224 35.47 11.06 -12.70
C THR M 224 34.97 10.54 -14.05
N ASN M 225 35.50 11.12 -15.12
CA ASN M 225 35.13 10.73 -16.47
C ASN M 225 35.67 9.34 -16.82
N PRO M 226 35.05 8.68 -17.79
CA PRO M 226 35.54 7.35 -18.20
C PRO M 226 36.82 7.45 -19.01
N SER M 227 37.65 6.41 -18.88
CA SER M 227 38.95 6.35 -19.55
C SER M 227 38.86 6.68 -21.04
N ILE M 228 37.71 6.41 -21.67
CA ILE M 228 37.52 6.65 -23.10
C ILE M 228 37.76 8.10 -23.52
N LYS M 229 37.99 9.02 -22.57
CA LYS M 229 38.25 10.41 -22.91
C LYS M 229 39.53 10.59 -23.72
N SER M 230 40.42 9.59 -23.73
CA SER M 230 41.68 9.69 -24.47
C SER M 230 41.50 9.58 -25.98
N VAL M 231 40.37 9.09 -26.47
CA VAL M 231 40.15 8.92 -27.90
C VAL M 231 39.10 9.90 -28.43
N ILE M 232 38.04 10.17 -27.67
CA ILE M 232 36.99 11.06 -28.11
C ILE M 232 36.77 12.18 -27.10
N ILE M 233 36.18 13.26 -27.57
CA ILE M 233 35.83 14.39 -26.72
C ILE M 233 34.42 14.16 -26.21
N LEU M 234 34.24 14.26 -24.90
CA LEU M 234 32.96 13.99 -24.29
C LEU M 234 32.05 15.22 -24.21
N LYS M 235 30.75 14.95 -24.24
CA LYS M 235 29.68 15.92 -24.13
C LYS M 235 28.79 15.39 -23.01
N TYR M 236 28.07 16.26 -22.31
CA TYR M 236 27.27 15.73 -21.22
C TYR M 236 25.86 16.30 -21.23
N ASN M 237 25.02 15.63 -20.44
CA ASN M 237 23.64 16.01 -20.18
C ASN M 237 23.49 15.90 -18.67
N ILE M 238 23.29 17.03 -18.00
CA ILE M 238 23.13 17.05 -16.55
C ILE M 238 21.66 17.33 -16.24
N GLN M 239 21.03 16.43 -15.50
CA GLN M 239 19.65 16.58 -15.11
C GLN M 239 19.58 16.75 -13.60
N TYR M 240 18.59 17.52 -13.15
CA TYR M 240 18.42 17.81 -11.75
C TYR M 240 16.96 18.15 -11.47
N ARG M 241 16.55 17.90 -10.23
CA ARG M 241 15.19 18.16 -9.80
C ARG M 241 15.20 18.25 -8.28
N THR M 242 14.12 18.77 -7.72
CA THR M 242 14.02 18.86 -6.28
C THR M 242 13.65 17.49 -5.72
N LYS M 243 14.07 17.23 -4.49
CA LYS M 243 13.80 15.94 -3.86
C LYS M 243 12.33 15.53 -3.95
N ASP M 244 11.41 16.47 -4.13
CA ASP M 244 10.00 16.17 -4.21
C ASP M 244 9.42 16.28 -5.61
N ALA M 245 10.13 16.91 -6.54
CA ALA M 245 9.64 17.02 -7.92
C ALA M 245 9.41 15.65 -8.53
N SER M 246 8.50 15.61 -9.51
CA SER M 246 8.17 14.36 -10.18
C SER M 246 8.92 14.17 -11.49
N THR M 247 9.34 15.26 -12.13
CA THR M 247 10.07 15.21 -13.38
C THR M 247 11.45 15.85 -13.22
N TRP M 248 12.35 15.48 -14.11
CA TRP M 248 13.70 16.01 -14.12
C TRP M 248 13.82 17.22 -15.03
N SER M 249 14.68 18.16 -14.65
CA SER M 249 14.96 19.32 -15.48
C SER M 249 16.33 19.08 -16.11
N GLN M 250 16.74 19.97 -17.02
CA GLN M 250 18.02 19.74 -17.65
C GLN M 250 18.71 21.04 -18.01
N ILE M 251 20.03 21.09 -17.80
CA ILE M 251 20.88 22.23 -18.11
C ILE M 251 20.92 22.35 -19.64
N PRO M 252 20.98 23.54 -20.21
CA PRO M 252 21.03 23.68 -21.66
C PRO M 252 22.28 23.01 -22.22
N PRO M 253 22.11 22.04 -23.12
CA PRO M 253 23.26 21.34 -23.71
C PRO M 253 24.43 22.22 -24.16
N GLU M 254 24.12 23.40 -24.71
CA GLU M 254 25.17 24.29 -25.19
C GLU M 254 26.16 24.67 -24.09
N ASP M 255 25.70 24.74 -22.84
CA ASP M 255 26.59 25.10 -21.74
C ASP M 255 27.49 23.94 -21.30
N THR M 256 27.13 22.71 -21.64
CA THR M 256 27.88 21.51 -21.31
C THR M 256 28.20 20.72 -22.58
N ALA M 257 28.64 21.42 -23.62
CA ALA M 257 28.94 20.84 -24.92
C ALA M 257 30.38 20.38 -25.10
N SER M 258 31.20 20.39 -24.05
CA SER M 258 32.58 19.95 -24.22
C SER M 258 33.11 19.33 -22.92
N THR M 259 34.12 18.48 -23.09
CA THR M 259 34.76 17.73 -22.00
C THR M 259 35.00 18.61 -20.77
N ARG M 260 34.65 18.07 -19.61
CA ARG M 260 34.80 18.74 -18.34
C ARG M 260 34.61 17.69 -17.24
N SER M 261 35.06 18.02 -16.04
CA SER M 261 34.94 17.10 -14.93
C SER M 261 34.22 17.72 -13.74
N SER M 262 33.57 18.87 -13.94
CA SER M 262 32.85 19.52 -12.87
C SER M 262 31.88 20.54 -13.44
N PHE M 263 30.90 20.92 -12.64
CA PHE M 263 29.91 21.92 -13.04
C PHE M 263 29.22 22.42 -11.77
N THR M 264 29.03 23.74 -11.68
CA THR M 264 28.36 24.32 -10.52
C THR M 264 26.92 24.70 -10.92
N VAL M 265 25.95 24.06 -10.28
CA VAL M 265 24.53 24.32 -10.56
C VAL M 265 24.08 25.49 -9.69
N GLN M 266 23.40 26.46 -10.31
CA GLN M 266 22.94 27.67 -9.66
C GLN M 266 21.43 27.79 -9.64
N ASP M 267 21.02 28.86 -8.96
CA ASP M 267 19.64 29.27 -8.74
C ASP M 267 18.80 28.19 -8.05
N LEU M 268 19.42 27.47 -7.12
CA LEU M 268 18.71 26.46 -6.36
C LEU M 268 18.24 27.09 -5.05
N LYS M 269 17.11 26.63 -4.54
CA LYS M 269 16.57 27.20 -3.31
C LYS M 269 17.42 26.86 -2.09
N PRO M 270 17.53 27.79 -1.14
CA PRO M 270 18.33 27.56 0.06
C PRO M 270 17.80 26.40 0.90
N PHE M 271 18.71 25.77 1.64
CA PHE M 271 18.45 24.62 2.50
C PHE M 271 17.42 23.65 1.90
N THR M 272 17.61 23.37 0.62
CA THR M 272 16.74 22.46 -0.13
C THR M 272 17.58 21.27 -0.59
N GLU M 273 16.99 20.08 -0.59
CA GLU M 273 17.71 18.88 -1.02
C GLU M 273 17.48 18.65 -2.52
N TYR M 274 18.56 18.40 -3.24
CA TYR M 274 18.54 18.18 -4.68
C TYR M 274 19.14 16.84 -5.06
N VAL M 275 18.57 16.21 -6.08
CA VAL M 275 19.04 14.94 -6.61
C VAL M 275 19.57 15.18 -8.02
N PHE M 276 20.72 14.59 -8.34
CA PHE M 276 21.32 14.76 -9.66
C PHE M 276 21.62 13.42 -10.33
N ARG M 277 21.65 13.45 -11.67
CA ARG M 277 21.98 12.32 -12.51
C ARG M 277 22.59 12.85 -13.81
N ILE M 278 23.59 12.15 -14.35
CA ILE M 278 24.29 12.60 -15.55
C ILE M 278 24.55 11.44 -16.50
N ARG M 279 24.71 11.78 -17.78
CA ARG M 279 25.02 10.84 -18.85
C ARG M 279 25.92 11.54 -19.85
N CYS M 280 26.64 10.75 -20.66
CA CYS M 280 27.56 11.34 -21.63
C CYS M 280 27.58 10.52 -22.93
N MET M 281 28.08 11.17 -23.98
CA MET M 281 28.26 10.56 -25.29
C MET M 281 29.22 11.45 -26.09
N LYS M 282 29.62 10.97 -27.26
CA LYS M 282 30.54 11.73 -28.11
C LYS M 282 30.00 13.14 -28.36
N GLU M 283 30.90 14.12 -28.30
CA GLU M 283 30.54 15.53 -28.47
C GLU M 283 29.75 15.85 -29.73
N ASP M 284 30.01 15.16 -30.85
CA ASP M 284 29.29 15.47 -32.07
C ASP M 284 27.92 14.80 -32.18
N GLY M 285 27.46 14.12 -31.14
CA GLY M 285 26.17 13.46 -31.21
C GLY M 285 26.14 12.22 -32.06
N LYS M 286 27.29 11.78 -32.59
CA LYS M 286 27.40 10.59 -33.41
C LYS M 286 27.84 9.43 -32.52
N GLY M 287 26.89 8.58 -32.18
CA GLY M 287 27.11 7.44 -31.32
C GLY M 287 25.90 7.22 -30.45
N TYR M 288 26.10 6.55 -29.32
CA TYR M 288 25.00 6.25 -28.41
C TYR M 288 25.23 6.82 -27.02
N TRP M 289 24.14 7.33 -26.43
CA TRP M 289 24.17 7.87 -25.08
C TRP M 289 24.47 6.79 -24.06
N SER M 290 25.30 7.12 -23.09
CA SER M 290 25.61 6.17 -22.04
C SER M 290 24.41 6.05 -21.10
N ASP M 291 24.49 5.09 -20.18
CA ASP M 291 23.41 4.97 -19.21
C ASP M 291 23.52 6.09 -18.18
N TRP M 292 22.48 6.24 -17.38
CA TRP M 292 22.50 7.25 -16.34
C TRP M 292 23.43 6.83 -15.21
N SER M 293 24.14 7.82 -14.66
CA SER M 293 25.03 7.59 -13.53
C SER M 293 24.24 7.23 -12.29
N GLU M 294 24.98 7.00 -11.20
CA GLU M 294 24.36 6.73 -9.91
C GLU M 294 23.70 8.02 -9.41
N GLU M 295 22.61 7.86 -8.65
CA GLU M 295 21.95 9.05 -8.15
C GLU M 295 22.80 9.71 -7.07
N ALA M 296 22.66 11.04 -6.97
CA ALA M 296 23.40 11.83 -5.98
C ALA M 296 22.47 12.79 -5.27
N SER M 297 22.69 12.95 -3.97
CA SER M 297 21.89 13.82 -3.13
C SER M 297 22.78 14.92 -2.57
N GLY M 298 22.17 16.07 -2.26
CA GLY M 298 22.92 17.18 -1.71
C GLY M 298 21.98 18.12 -1.00
N ILE M 299 22.56 18.97 -0.16
CA ILE M 299 21.81 19.94 0.64
C ILE M 299 22.45 21.32 0.53
N THR M 300 21.62 22.33 0.34
CA THR M 300 22.10 23.70 0.26
C THR M 300 22.49 24.19 1.66
N TYR M 301 23.30 25.25 1.71
CA TYR M 301 23.71 25.79 3.00
C TYR M 301 22.57 26.58 3.65
N GLU M 302 22.76 26.90 4.92
CA GLU M 302 21.81 27.70 5.69
C GLU M 302 21.85 29.16 5.24
N ARG N 16 46.04 16.17 -47.19
CA ARG N 16 45.52 14.91 -47.69
C ARG N 16 44.63 14.24 -46.65
N ALA N 17 43.46 13.78 -47.08
CA ALA N 17 42.53 13.11 -46.18
C ALA N 17 43.10 11.77 -45.70
N GLU N 18 43.79 11.04 -46.57
CA GLU N 18 44.40 9.78 -46.18
C GLU N 18 45.48 9.96 -45.14
N LEU N 19 46.30 11.01 -45.28
CA LEU N 19 47.34 11.28 -44.29
C LEU N 19 46.75 11.70 -42.95
N ASP N 20 45.68 12.49 -42.97
CA ASP N 20 45.00 12.88 -41.74
C ASP N 20 44.57 11.66 -40.93
N SER N 21 43.94 10.69 -41.59
CA SER N 21 43.43 9.51 -40.88
C SER N 21 44.55 8.70 -40.24
N THR N 22 45.66 8.51 -40.95
CA THR N 22 46.79 7.74 -40.42
C THR N 22 47.42 8.40 -39.21
N VAL N 23 47.51 9.75 -39.22
CA VAL N 23 48.10 10.47 -38.09
C VAL N 23 47.25 10.33 -36.83
N LEU N 24 45.93 10.40 -36.98
CA LEU N 24 45.05 10.24 -35.82
C LEU N 24 45.24 8.90 -35.12
N LEU N 25 45.38 7.81 -35.90
CA LEU N 25 45.58 6.49 -35.33
C LEU N 25 46.95 6.34 -34.66
N THR N 26 47.98 7.01 -35.19
CA THR N 26 49.30 6.94 -34.55
C THR N 26 49.29 7.57 -33.16
N ARG N 27 48.62 8.72 -33.00
CA ARG N 27 48.54 9.33 -31.68
C ARG N 27 47.84 8.42 -30.68
N SER N 28 46.81 7.70 -31.14
CA SER N 28 46.12 6.73 -30.28
C SER N 28 47.05 5.62 -29.81
N LEU N 29 47.85 5.06 -30.71
CA LEU N 29 48.76 3.99 -30.32
C LEU N 29 49.85 4.48 -29.38
N LEU N 30 50.35 5.69 -29.61
CA LEU N 30 51.36 6.27 -28.71
C LEU N 30 50.82 6.37 -27.28
N ALA N 31 49.59 6.86 -27.13
CA ALA N 31 49.00 6.97 -25.79
C ALA N 31 48.84 5.62 -25.12
N ASP N 32 48.43 4.60 -25.86
CA ASP N 32 48.30 3.27 -25.26
C ASP N 32 49.64 2.74 -24.78
N THR N 33 50.70 2.98 -25.56
CA THR N 33 52.01 2.46 -25.21
C THR N 33 52.57 3.16 -23.97
N ARG N 34 52.42 4.49 -23.89
CA ARG N 34 52.87 5.23 -22.72
C ARG N 34 52.18 4.75 -21.44
N GLN N 35 50.87 4.51 -21.50
CA GLN N 35 50.16 4.12 -20.29
C GLN N 35 50.62 2.76 -19.79
N LEU N 36 50.78 1.79 -20.69
CA LEU N 36 51.19 0.46 -20.26
C LEU N 36 52.64 0.46 -19.76
N ALA N 37 53.52 1.22 -20.42
CA ALA N 37 54.89 1.33 -19.94
C ALA N 37 54.96 1.96 -18.54
N ALA N 38 54.14 2.98 -18.29
CA ALA N 38 54.15 3.62 -16.98
C ALA N 38 53.50 2.73 -15.92
N GLN N 39 52.43 2.03 -16.30
CA GLN N 39 51.81 1.05 -15.41
C GLN N 39 52.81 -0.05 -15.02
N LEU N 40 53.62 -0.51 -15.97
CA LEU N 40 54.58 -1.58 -15.69
C LEU N 40 55.62 -1.15 -14.66
N ARG N 41 56.18 0.05 -14.80
CA ARG N 41 57.19 0.48 -13.85
C ARG N 41 56.62 0.66 -12.44
N ASP N 42 55.32 0.96 -12.33
CA ASP N 42 54.72 1.10 -11.01
C ASP N 42 54.66 -0.24 -10.28
N LYS N 43 54.40 -1.33 -11.01
CA LYS N 43 54.27 -2.66 -10.43
C LYS N 43 55.60 -3.42 -10.39
N PHE N 44 56.44 -3.23 -11.41
CA PHE N 44 57.71 -3.94 -11.54
C PHE N 44 58.72 -2.84 -11.84
N PRO N 45 59.19 -2.13 -10.82
CA PRO N 45 60.14 -1.05 -11.05
C PRO N 45 61.38 -1.49 -11.80
N ALA N 46 61.97 -0.56 -12.54
CA ALA N 46 63.17 -0.79 -13.34
C ALA N 46 64.24 0.12 -12.80
N ASP N 47 65.46 -0.40 -12.67
CA ASP N 47 66.59 0.38 -12.19
C ASP N 47 67.67 0.48 -13.26
N GLY N 48 67.59 1.52 -14.07
CA GLY N 48 68.58 1.67 -15.12
C GLY N 48 68.00 1.58 -16.51
N ASP N 49 68.71 2.17 -17.48
CA ASP N 49 68.25 2.10 -18.85
C ASP N 49 68.66 0.78 -19.48
N HIS N 50 67.67 0.01 -19.92
CA HIS N 50 67.90 -1.34 -20.42
C HIS N 50 67.98 -1.30 -21.94
N ASN N 51 68.84 -2.13 -22.51
CA ASN N 51 68.99 -2.18 -23.96
C ASN N 51 69.00 -3.64 -24.40
N LEU N 52 68.72 -3.84 -25.68
CA LEU N 52 68.80 -5.16 -26.29
C LEU N 52 69.50 -5.02 -27.63
N ASP N 53 70.43 -5.94 -27.92
CA ASP N 53 71.13 -5.83 -29.20
C ASP N 53 70.17 -6.03 -30.36
N SER N 54 69.11 -6.82 -30.16
CA SER N 54 68.20 -7.10 -31.27
C SER N 54 67.21 -5.96 -31.50
N LEU N 55 67.16 -4.97 -30.59
CA LEU N 55 66.21 -3.92 -30.89
C LEU N 55 66.87 -2.88 -31.79
N PRO N 56 66.12 -2.14 -32.59
CA PRO N 56 66.77 -1.13 -33.43
C PRO N 56 67.31 -0.04 -32.50
N THR N 57 68.38 0.61 -32.93
CA THR N 57 68.85 1.81 -32.25
C THR N 57 68.97 2.94 -33.25
N LEU N 58 67.94 3.06 -34.07
CA LEU N 58 67.88 4.04 -35.14
C LEU N 58 67.47 5.42 -34.64
N ALA N 59 67.03 5.55 -33.38
CA ALA N 59 66.50 6.81 -32.86
C ALA N 59 67.70 7.68 -32.49
N MET N 60 68.45 8.04 -33.52
CA MET N 60 69.64 8.89 -33.43
C MET N 60 69.43 10.18 -34.22
N SER N 61 68.98 11.22 -33.54
CA SER N 61 68.80 12.51 -34.21
C SER N 61 68.44 13.59 -33.20
N ALA N 62 68.64 14.83 -33.61
CA ALA N 62 68.25 16.02 -32.88
C ALA N 62 66.91 16.55 -33.39
N GLY N 63 66.60 17.78 -33.01
CA GLY N 63 65.39 18.50 -33.35
C GLY N 63 65.15 18.73 -34.82
N ALA N 64 66.05 19.50 -35.45
CA ALA N 64 66.03 19.80 -36.87
C ALA N 64 65.85 18.61 -37.83
N LEU N 65 65.94 17.36 -37.34
CA LEU N 65 65.87 16.20 -38.24
C LEU N 65 64.64 16.22 -39.13
N GLY N 66 63.63 17.04 -38.82
CA GLY N 66 62.45 17.20 -39.66
C GLY N 66 62.81 17.47 -41.11
N ALA N 67 64.03 17.95 -41.29
CA ALA N 67 64.52 18.44 -42.57
C ALA N 67 64.43 17.34 -43.63
N LEU N 68 64.71 16.10 -43.24
CA LEU N 68 64.82 14.97 -44.14
C LEU N 68 63.56 14.75 -44.97
N GLN N 69 63.74 14.01 -46.06
CA GLN N 69 62.75 13.72 -47.09
C GLN N 69 61.88 12.50 -46.80
N LEU N 70 60.77 12.45 -47.53
CA LEU N 70 59.69 11.49 -47.25
C LEU N 70 60.03 10.03 -47.48
N PRO N 71 60.68 9.62 -48.58
CA PRO N 71 60.94 8.18 -48.76
C PRO N 71 61.73 7.55 -47.64
N GLY N 72 62.76 8.23 -47.13
CA GLY N 72 63.54 7.64 -46.06
C GLY N 72 62.74 7.46 -44.78
N VAL N 73 61.95 8.48 -44.40
CA VAL N 73 61.14 8.40 -43.19
C VAL N 73 60.15 7.23 -43.23
N LEU N 74 59.43 7.07 -44.35
CA LEU N 74 58.44 5.99 -44.38
C LEU N 74 59.10 4.62 -44.40
N THR N 75 60.19 4.49 -45.17
CA THR N 75 60.94 3.24 -45.20
C THR N 75 61.49 2.92 -43.82
N ARG N 76 62.05 3.94 -43.16
CA ARG N 76 62.64 3.80 -41.85
C ARG N 76 61.61 3.44 -40.80
N LEU N 77 60.43 4.08 -40.84
CA LEU N 77 59.36 3.73 -39.90
C LEU N 77 58.91 2.29 -40.07
N ARG N 78 58.75 1.85 -41.32
CA ARG N 78 58.29 0.49 -41.61
C ARG N 78 59.25 -0.58 -41.06
N ALA N 79 60.56 -0.40 -41.26
CA ALA N 79 61.53 -1.37 -40.78
C ALA N 79 61.52 -1.48 -39.26
N ASP N 80 61.48 -0.35 -38.56
CA ASP N 80 61.51 -0.36 -37.11
C ASP N 80 60.28 -1.03 -36.51
N LEU N 81 59.10 -0.67 -37.02
CA LEU N 81 57.85 -1.20 -36.49
C LEU N 81 57.70 -2.70 -36.69
N LEU N 82 58.18 -3.24 -37.81
CA LEU N 82 58.14 -4.69 -38.00
C LEU N 82 58.97 -5.41 -36.95
N SER N 83 60.16 -4.88 -36.61
CA SER N 83 60.95 -5.48 -35.55
C SER N 83 60.22 -5.41 -34.21
N TYR N 84 59.61 -4.27 -33.91
CA TYR N 84 58.88 -4.12 -32.66
C TYR N 84 57.68 -5.06 -32.58
N LEU N 85 56.98 -5.28 -33.70
CA LEU N 85 55.86 -6.22 -33.69
C LEU N 85 56.32 -7.62 -33.33
N ARG N 86 57.40 -8.08 -33.95
CA ARG N 86 57.96 -9.39 -33.61
C ARG N 86 58.27 -9.48 -32.12
N HIS N 87 58.86 -8.43 -31.56
CA HIS N 87 59.26 -8.45 -30.16
C HIS N 87 58.08 -8.42 -29.20
N VAL N 88 57.04 -7.65 -29.53
CA VAL N 88 55.84 -7.61 -28.69
C VAL N 88 55.13 -8.97 -28.68
N GLN N 89 54.95 -9.56 -29.86
CA GLN N 89 54.34 -10.88 -29.93
C GLN N 89 55.18 -11.93 -29.20
N TRP N 90 56.50 -11.87 -29.38
CA TRP N 90 57.41 -12.75 -28.68
C TRP N 90 57.24 -12.65 -27.16
N LEU N 91 57.07 -11.44 -26.64
CA LEU N 91 56.88 -11.25 -25.20
C LEU N 91 55.64 -11.96 -24.68
N ARG N 92 54.51 -11.88 -25.41
CA ARG N 92 53.28 -12.47 -24.91
C ARG N 92 53.36 -13.99 -24.82
N ARG N 93 53.76 -14.65 -25.91
CA ARG N 93 53.68 -16.11 -25.92
C ARG N 93 54.70 -16.78 -25.00
N ALA N 94 55.80 -16.10 -24.67
CA ALA N 94 56.89 -16.74 -23.97
C ALA N 94 57.52 -15.90 -22.87
N GLY N 95 56.95 -14.74 -22.54
CA GLY N 95 57.56 -13.90 -21.53
C GLY N 95 57.53 -14.45 -20.12
N GLY N 96 56.69 -15.43 -19.87
CA GLY N 96 56.61 -16.00 -18.53
C GLY N 96 55.34 -15.56 -17.82
N SER N 97 54.91 -16.40 -16.86
CA SER N 97 53.67 -16.13 -16.14
C SER N 97 53.72 -14.80 -15.41
N SER N 98 54.93 -14.28 -15.13
CA SER N 98 55.05 -13.03 -14.40
C SER N 98 54.36 -11.89 -15.12
N LEU N 99 54.25 -11.96 -16.45
CA LEU N 99 53.76 -10.85 -17.25
C LEU N 99 52.33 -11.05 -17.72
N LYS N 100 51.65 -12.09 -17.25
CA LYS N 100 50.24 -12.26 -17.59
C LYS N 100 49.40 -11.09 -17.10
N THR N 101 49.88 -10.39 -16.07
CA THR N 101 49.17 -9.21 -15.57
C THR N 101 49.15 -8.07 -16.55
N LEU N 102 49.99 -8.10 -17.58
CA LEU N 102 50.01 -7.02 -18.56
C LEU N 102 48.99 -7.23 -19.66
N GLU N 103 48.34 -8.38 -19.69
CA GLU N 103 47.18 -8.67 -20.52
C GLU N 103 45.91 -8.21 -19.84
N PRO N 104 44.83 -7.96 -20.61
CA PRO N 104 44.78 -8.15 -22.06
C PRO N 104 45.29 -6.93 -22.80
N GLU N 105 45.80 -5.96 -22.04
CA GLU N 105 46.21 -4.70 -22.66
C GLU N 105 47.36 -4.91 -23.63
N LEU N 106 48.28 -5.84 -23.31
CA LEU N 106 49.40 -6.10 -24.18
C LEU N 106 48.95 -6.74 -25.49
N GLY N 107 47.98 -7.66 -25.42
CA GLY N 107 47.47 -8.26 -26.64
C GLY N 107 46.69 -7.28 -27.50
N THR N 108 45.96 -6.37 -26.86
CA THR N 108 45.27 -5.34 -27.62
C THR N 108 46.26 -4.43 -28.33
N LEU N 109 47.35 -4.06 -27.63
CA LEU N 109 48.41 -3.26 -28.24
C LEU N 109 49.03 -3.94 -29.45
N GLN N 110 49.30 -5.24 -29.36
CA GLN N 110 49.83 -5.99 -30.49
C GLN N 110 48.91 -5.91 -31.71
N ALA N 111 47.60 -6.09 -31.50
CA ALA N 111 46.67 -6.11 -32.63
C ALA N 111 46.58 -4.75 -33.33
N ARG N 112 46.62 -3.65 -32.58
CA ARG N 112 46.52 -2.34 -33.23
C ARG N 112 47.74 -2.07 -34.11
N LEU N 113 48.89 -2.62 -33.75
CA LEU N 113 50.14 -2.32 -34.44
C LEU N 113 50.27 -3.03 -35.79
N ASP N 114 49.89 -4.30 -35.86
CA ASP N 114 49.91 -5.01 -37.13
C ASP N 114 49.07 -4.32 -38.21
N ARG N 115 47.87 -3.86 -37.85
CA ARG N 115 47.01 -3.18 -38.81
C ARG N 115 47.62 -1.87 -39.30
N LEU N 116 48.23 -1.11 -38.39
CA LEU N 116 48.85 0.16 -38.80
C LEU N 116 49.99 -0.08 -39.77
N LEU N 117 50.75 -1.16 -39.59
CA LEU N 117 51.77 -1.49 -40.59
C LEU N 117 51.11 -1.73 -41.94
N ARG N 118 49.95 -2.40 -41.95
CA ARG N 118 49.21 -2.63 -43.19
C ARG N 118 48.79 -1.29 -43.80
N ARG N 119 48.31 -0.37 -42.94
CA ARG N 119 47.87 0.94 -43.39
C ARG N 119 49.02 1.71 -44.04
N LEU N 120 50.23 1.52 -43.51
CA LEU N 120 51.41 2.17 -44.06
C LEU N 120 51.73 1.64 -45.44
N GLN N 121 51.61 0.33 -45.65
CA GLN N 121 51.85 -0.22 -46.98
C GLN N 121 50.82 0.30 -47.96
N LEU N 122 49.57 0.48 -47.50
CA LEU N 122 48.52 0.98 -48.38
C LEU N 122 48.78 2.44 -48.76
N LEU N 123 49.21 3.26 -47.79
CA LEU N 123 49.56 4.64 -48.06
C LEU N 123 50.60 4.73 -49.17
N MET N 124 51.64 3.89 -49.11
CA MET N 124 52.69 3.94 -50.13
C MET N 124 52.14 3.51 -51.48
N SER N 125 51.24 2.53 -51.49
CA SER N 125 50.65 2.05 -52.74
C SER N 125 49.76 3.12 -53.37
N ARG N 126 48.87 3.72 -52.56
CA ARG N 126 47.98 4.74 -53.07
C ARG N 126 48.72 5.97 -53.58
N LEU N 127 49.85 6.31 -52.97
CA LEU N 127 50.66 7.42 -53.47
C LEU N 127 51.68 7.01 -54.52
N ALA N 128 51.67 5.74 -54.94
CA ALA N 128 52.53 5.28 -56.05
C ALA N 128 54.00 5.51 -55.72
N LEU N 129 54.33 5.36 -54.45
CA LEU N 129 55.72 5.51 -54.03
C LEU N 129 56.49 4.22 -54.27
N PRO N 130 57.78 4.33 -54.55
CA PRO N 130 58.59 3.13 -54.80
C PRO N 130 58.58 2.23 -53.58
N GLN N 131 58.34 0.94 -53.81
CA GLN N 131 58.32 0.28 -52.53
C GLN N 131 59.74 -0.16 -52.17
N PRO N 132 60.11 -0.08 -50.89
CA PRO N 132 61.44 -0.51 -50.51
C PRO N 132 61.62 -1.98 -50.79
N PRO N 133 62.85 -2.44 -50.99
CA PRO N 133 63.07 -3.85 -51.20
C PRO N 133 62.83 -4.64 -49.91
N PRO N 134 62.24 -5.81 -50.04
CA PRO N 134 62.03 -6.70 -48.89
C PRO N 134 63.30 -7.03 -48.13
N ASP N 135 63.47 -6.47 -46.95
CA ASP N 135 64.71 -6.66 -46.23
C ASP N 135 64.70 -8.05 -45.59
N PRO N 136 65.87 -8.58 -45.25
CA PRO N 136 65.92 -9.91 -44.65
C PRO N 136 65.48 -9.89 -43.21
N PRO N 137 64.44 -10.65 -42.88
CA PRO N 137 63.89 -10.66 -41.51
C PRO N 137 64.94 -11.08 -40.49
N ALA N 138 64.82 -10.51 -39.30
CA ALA N 138 65.80 -10.73 -38.25
C ALA N 138 65.61 -12.14 -37.66
N PRO N 139 66.70 -12.78 -37.27
CA PRO N 139 66.61 -14.13 -36.71
C PRO N 139 65.78 -14.15 -35.44
N PRO N 140 65.43 -15.33 -34.94
CA PRO N 140 64.56 -15.39 -33.77
C PRO N 140 65.23 -14.82 -32.54
N LEU N 141 64.42 -14.24 -31.68
CA LEU N 141 64.94 -13.76 -30.41
C LEU N 141 65.09 -15.00 -29.53
N ALA N 142 66.23 -15.12 -28.85
CA ALA N 142 66.36 -16.22 -27.91
C ALA N 142 65.31 -16.08 -26.82
N PRO N 143 64.82 -17.19 -26.27
CA PRO N 143 63.89 -17.09 -25.16
C PRO N 143 64.57 -16.43 -23.98
N PRO N 144 63.81 -15.83 -23.07
CA PRO N 144 64.42 -15.23 -21.88
C PRO N 144 65.15 -16.28 -21.06
N SER N 145 66.21 -15.84 -20.39
CA SER N 145 67.00 -16.75 -19.58
C SER N 145 66.33 -17.02 -18.24
N SER N 146 65.35 -16.20 -17.88
CA SER N 146 64.62 -16.31 -16.64
C SER N 146 63.34 -15.50 -16.78
N ALA N 147 62.42 -15.69 -15.84
CA ALA N 147 61.18 -14.93 -15.86
C ALA N 147 61.46 -13.44 -15.68
N TRP N 148 62.40 -13.11 -14.78
CA TRP N 148 62.74 -11.71 -14.54
C TRP N 148 63.52 -11.11 -15.71
N GLY N 149 64.30 -11.92 -16.43
CA GLY N 149 64.94 -11.43 -17.64
C GLY N 149 63.93 -10.97 -18.67
N GLY N 150 62.78 -11.65 -18.74
CA GLY N 150 61.72 -11.21 -19.64
C GLY N 150 61.14 -9.88 -19.21
N ILE N 151 60.97 -9.69 -17.90
CA ILE N 151 60.48 -8.41 -17.38
C ILE N 151 61.47 -7.29 -17.69
N ARG N 152 62.76 -7.55 -17.49
CA ARG N 152 63.78 -6.55 -17.82
C ARG N 152 63.76 -6.22 -19.31
N ALA N 153 63.51 -7.22 -20.15
CA ALA N 153 63.41 -7.04 -21.60
C ALA N 153 62.23 -6.16 -21.98
N ALA N 154 61.10 -6.34 -21.29
CA ALA N 154 59.92 -5.51 -21.51
C ALA N 154 60.19 -4.02 -21.30
N HIS N 155 60.93 -3.64 -20.24
CA HIS N 155 61.24 -2.23 -20.05
C HIS N 155 62.00 -1.66 -21.25
N ALA N 156 62.96 -2.42 -21.78
CA ALA N 156 63.73 -1.94 -22.92
C ALA N 156 62.85 -1.80 -24.16
N ILE N 157 61.94 -2.76 -24.36
CA ILE N 157 61.08 -2.80 -25.54
C ILE N 157 60.06 -1.67 -25.50
N LEU N 158 59.37 -1.50 -24.37
CA LEU N 158 58.36 -0.45 -24.27
C LEU N 158 58.96 0.94 -24.35
N GLY N 159 60.12 1.15 -23.70
CA GLY N 159 60.76 2.45 -23.80
C GLY N 159 61.18 2.75 -25.22
N GLY N 160 61.72 1.74 -25.91
CA GLY N 160 62.15 1.95 -27.29
C GLY N 160 60.97 2.15 -28.22
N LEU N 161 59.86 1.45 -27.96
CA LEU N 161 58.66 1.61 -28.78
C LEU N 161 58.06 3.00 -28.65
N HIS N 162 57.85 3.46 -27.41
CA HIS N 162 57.20 4.76 -27.24
C HIS N 162 58.07 5.89 -27.76
N LEU N 163 59.39 5.71 -27.76
CA LEU N 163 60.26 6.72 -28.33
C LEU N 163 60.09 6.76 -29.85
N THR N 164 60.03 5.58 -30.47
CA THR N 164 59.83 5.47 -31.91
C THR N 164 58.51 6.13 -32.32
N LEU N 165 57.45 5.86 -31.55
CA LEU N 165 56.12 6.41 -31.83
C LEU N 165 56.09 7.91 -31.61
N ASP N 166 56.81 8.40 -30.60
CA ASP N 166 56.87 9.83 -30.36
C ASP N 166 57.47 10.55 -31.55
N TRP N 167 58.55 10.01 -32.11
CA TRP N 167 59.18 10.61 -33.28
C TRP N 167 58.37 10.38 -34.56
N ALA N 168 57.57 9.32 -34.59
CA ALA N 168 56.66 9.04 -35.70
C ALA N 168 55.54 10.08 -35.83
N VAL N 169 54.88 10.41 -34.71
CA VAL N 169 53.84 11.44 -34.75
C VAL N 169 54.39 12.74 -35.31
N ARG N 170 55.55 13.16 -34.82
CA ARG N 170 56.16 14.42 -35.24
C ARG N 170 56.48 14.42 -36.74
N GLY N 171 57.10 13.33 -37.21
CA GLY N 171 57.52 13.27 -38.61
C GLY N 171 56.36 13.34 -39.58
N LEU N 172 55.27 12.61 -39.28
CA LEU N 172 54.13 12.58 -40.19
C LEU N 172 53.50 13.96 -40.29
N LEU N 173 53.48 14.71 -39.19
CA LEU N 173 52.92 16.06 -39.19
C LEU N 173 53.78 17.00 -40.02
N LEU N 174 55.10 16.81 -40.02
CA LEU N 174 55.98 17.64 -40.84
C LEU N 174 55.73 17.47 -42.33
N LEU N 175 55.53 16.23 -42.80
CA LEU N 175 55.27 16.06 -44.23
C LEU N 175 54.03 16.83 -44.66
N LYS N 176 52.98 16.83 -43.85
CA LYS N 176 51.80 17.58 -44.24
C LYS N 176 52.17 19.04 -44.48
N THR N 177 53.10 19.57 -43.69
CA THR N 177 53.51 20.97 -43.83
C THR N 177 54.16 21.27 -45.18
N ARG N 178 54.65 20.26 -45.91
CA ARG N 178 55.30 20.51 -47.20
C ARG N 178 54.42 20.11 -48.38
N LEU N 179 54.14 18.83 -48.55
CA LEU N 179 53.16 18.39 -49.54
C LEU N 179 51.80 18.12 -48.91
N PRO O 3 111.52 21.53 -8.81
CA PRO O 3 111.37 22.21 -7.51
C PRO O 3 110.43 21.47 -6.55
N CYS O 4 109.22 21.98 -6.27
CA CYS O 4 108.28 21.27 -5.41
C CYS O 4 106.93 21.24 -6.09
N PRO O 5 106.01 20.33 -5.66
CA PRO O 5 104.68 20.31 -6.29
C PRO O 5 104.11 21.72 -6.33
N GLN O 6 103.85 22.23 -7.53
CA GLN O 6 103.22 23.53 -7.68
C GLN O 6 101.84 23.62 -7.01
N ALA O 7 101.54 24.83 -6.51
CA ALA O 7 100.43 25.03 -5.59
C ALA O 7 99.09 24.88 -6.31
N TRP O 8 98.00 25.08 -5.55
CA TRP O 8 96.64 24.93 -6.06
C TRP O 8 96.01 26.28 -6.37
N GLY O 9 95.82 27.07 -5.31
CA GLY O 9 95.36 28.44 -5.40
C GLY O 9 96.50 29.43 -5.43
N PRO O 10 96.61 30.24 -4.38
CA PRO O 10 97.67 31.25 -4.32
C PRO O 10 99.04 30.60 -4.39
N PRO O 11 100.08 31.36 -4.73
CA PRO O 11 101.33 30.73 -5.18
C PRO O 11 102.24 30.23 -4.08
N GLY O 12 102.01 30.64 -2.83
CA GLY O 12 102.92 30.26 -1.77
C GLY O 12 102.27 29.63 -0.56
N VAL O 13 101.11 29.02 -0.74
CA VAL O 13 100.36 28.41 0.36
C VAL O 13 100.09 26.95 -0.02
N GLN O 14 100.18 26.08 0.98
CA GLN O 14 99.87 24.67 0.79
C GLN O 14 98.83 24.25 1.83
N TYR O 15 98.25 23.07 1.60
CA TYR O 15 97.08 22.63 2.35
C TYR O 15 97.32 21.25 2.91
N GLY O 16 96.54 20.90 3.94
CA GLY O 16 96.66 19.58 4.52
C GLY O 16 95.41 19.17 5.25
N GLN O 17 95.34 17.87 5.55
CA GLN O 17 94.29 17.18 6.27
C GLN O 17 94.76 16.78 7.66
N PRO O 18 93.89 16.92 8.67
CA PRO O 18 94.24 16.45 10.02
C PRO O 18 94.59 14.97 10.03
N GLY O 19 95.44 14.59 10.99
CA GLY O 19 95.83 13.20 11.10
C GLY O 19 96.70 12.68 9.97
N ARG O 20 97.03 13.49 8.97
CA ARG O 20 97.87 13.04 7.88
C ARG O 20 99.31 13.48 8.08
N SER O 21 100.08 13.37 7.00
CA SER O 21 101.41 13.93 6.91
C SER O 21 101.27 15.07 5.92
N VAL O 22 101.85 16.22 6.23
CA VAL O 22 101.79 17.37 5.35
C VAL O 22 103.21 17.83 5.04
N LYS O 23 103.44 18.21 3.80
CA LYS O 23 104.78 18.44 3.27
C LYS O 23 104.80 19.85 2.68
N LEU O 24 105.39 20.78 3.42
CA LEU O 24 105.49 22.15 2.99
C LEU O 24 106.74 22.31 2.16
N CYS O 25 106.70 23.18 1.17
CA CYS O 25 107.85 23.43 0.33
C CYS O 25 108.17 24.92 0.41
N CYS O 26 109.43 25.26 0.21
CA CYS O 26 109.80 26.67 0.18
C CYS O 26 109.62 27.17 -1.24
N PRO O 27 108.70 28.12 -1.47
CA PRO O 27 108.33 28.47 -2.86
C PRO O 27 109.50 28.99 -3.69
N GLY O 28 110.15 30.07 -3.27
CA GLY O 28 111.18 30.63 -4.10
C GLY O 28 112.57 30.13 -3.80
N VAL O 29 112.73 28.81 -3.74
CA VAL O 29 114.03 28.19 -3.49
C VAL O 29 114.19 27.00 -4.42
N THR O 30 115.34 26.90 -5.07
CA THR O 30 115.66 25.79 -5.95
C THR O 30 115.63 24.47 -5.19
N ALA O 31 114.96 23.47 -5.74
CA ALA O 31 114.94 22.15 -5.11
C ALA O 31 116.36 21.59 -5.01
N GLY O 32 116.79 21.36 -3.78
CA GLY O 32 118.15 20.94 -3.49
C GLY O 32 118.91 21.93 -2.65
N ASP O 33 118.44 23.17 -2.56
CA ASP O 33 119.08 24.14 -1.69
C ASP O 33 118.66 23.87 -0.26
N PRO O 34 119.61 23.76 0.67
CA PRO O 34 119.22 23.64 2.08
C PRO O 34 118.59 24.93 2.57
N VAL O 35 117.53 24.79 3.37
CA VAL O 35 116.76 25.91 3.87
C VAL O 35 116.37 25.63 5.31
N SER O 36 116.11 26.71 6.04
CA SER O 36 115.72 26.64 7.44
C SER O 36 114.25 27.02 7.61
N TRP O 37 113.62 26.43 8.63
CA TRP O 37 112.20 26.61 8.91
C TRP O 37 111.99 27.12 10.33
N PHE O 38 111.02 28.02 10.49
CA PHE O 38 110.65 28.51 11.82
C PHE O 38 109.14 28.60 11.95
N ARG O 39 108.68 28.48 13.19
CA ARG O 39 107.29 28.76 13.55
C ARG O 39 107.19 30.24 13.90
N ASP O 40 106.08 30.88 13.53
CA ASP O 40 106.02 32.32 13.70
C ASP O 40 106.18 32.66 15.18
N GLY O 41 107.15 33.51 15.49
CA GLY O 41 107.37 33.90 16.86
C GLY O 41 108.19 32.90 17.66
N GLU O 42 108.57 31.78 17.05
CA GLU O 42 109.30 30.71 17.73
C GLU O 42 110.58 30.38 16.98
N PRO O 43 111.75 30.47 17.61
CA PRO O 43 113.03 30.38 16.88
C PRO O 43 113.47 28.98 16.52
N LYS O 44 112.79 27.95 16.99
CA LYS O 44 113.25 26.58 16.83
C LYS O 44 113.26 26.10 15.38
N LEU O 45 114.42 25.60 14.93
CA LEU O 45 114.53 25.02 13.60
C LEU O 45 113.69 23.75 13.55
N LEU O 46 112.69 23.72 12.68
CA LEU O 46 111.85 22.54 12.65
C LEU O 46 112.42 21.42 11.80
N GLN O 47 112.08 20.20 12.20
CA GLN O 47 112.49 18.94 11.60
C GLN O 47 111.22 18.25 11.07
N GLY O 48 111.40 17.10 10.43
CA GLY O 48 110.33 16.31 9.81
C GLY O 48 110.87 14.91 9.65
N PRO O 49 110.00 13.78 9.55
CA PRO O 49 110.52 12.38 9.35
C PRO O 49 111.68 12.03 8.39
N ASP O 50 111.93 12.63 7.23
CA ASP O 50 113.13 12.26 6.47
C ASP O 50 114.40 13.00 6.94
N SER O 51 115.11 12.63 8.07
CA SER O 51 116.36 13.20 8.76
C SER O 51 116.62 14.61 9.37
N GLY O 52 116.41 15.74 8.67
CA GLY O 52 116.60 17.14 9.11
C GLY O 52 117.11 18.36 8.31
N LEU O 53 117.31 18.33 6.98
CA LEU O 53 117.79 19.54 6.26
C LEU O 53 117.40 19.29 4.80
N GLY O 54 116.18 19.65 4.44
CA GLY O 54 115.87 19.41 3.05
C GLY O 54 115.45 20.65 2.29
N HIS O 55 114.54 20.45 1.34
CA HIS O 55 113.85 21.55 0.69
C HIS O 55 112.42 21.67 1.19
N GLU O 56 111.98 20.72 2.03
CA GLU O 56 110.58 20.64 2.42
C GLU O 56 110.41 20.20 3.86
N LEU O 57 109.68 20.99 4.64
CA LEU O 57 109.31 20.60 5.99
C LEU O 57 108.11 19.66 5.94
N VAL O 58 108.08 18.65 6.80
CA VAL O 58 106.96 17.73 6.88
C VAL O 58 106.43 17.70 8.31
N LEU O 59 105.11 17.62 8.44
CA LEU O 59 104.42 17.53 9.73
C LEU O 59 103.51 16.30 9.72
N ALA O 60 103.88 15.28 10.51
CA ALA O 60 103.00 14.17 10.78
C ALA O 60 101.97 14.46 11.87
N GLN O 61 102.25 15.41 12.77
CA GLN O 61 101.27 15.88 13.75
C GLN O 61 99.92 16.13 13.07
N ALA O 62 99.88 17.13 12.18
CA ALA O 62 98.64 17.70 11.65
C ALA O 62 97.45 17.72 12.60
N ASP O 63 97.45 18.67 13.54
CA ASP O 63 96.28 18.99 14.34
C ASP O 63 96.06 20.50 14.28
N SER O 64 95.00 20.98 14.96
CA SER O 64 94.58 22.36 14.77
C SER O 64 95.63 23.37 15.24
N THR O 65 96.39 23.03 16.29
CA THR O 65 97.44 23.93 16.77
C THR O 65 98.52 24.15 15.71
N ASP O 66 98.62 23.24 14.73
CA ASP O 66 99.58 23.33 13.64
C ASP O 66 99.11 24.22 12.49
N GLU O 67 97.93 24.80 12.59
CA GLU O 67 97.42 25.70 11.56
C GLU O 67 97.93 27.11 11.84
N GLY O 68 98.56 27.71 10.83
CA GLY O 68 99.11 29.05 10.96
C GLY O 68 100.11 29.32 9.85
N THR O 69 101.01 30.26 10.13
CA THR O 69 102.02 30.70 9.16
C THR O 69 103.40 30.15 9.49
N TYR O 70 104.07 29.61 8.47
CA TYR O 70 105.40 29.03 8.59
C TYR O 70 106.35 29.85 7.71
N ILE O 71 107.61 29.95 8.14
CA ILE O 71 108.64 30.67 7.39
C ILE O 71 109.80 29.75 7.05
N CYS O 72 110.21 29.76 5.77
CA CYS O 72 111.40 29.05 5.33
C CYS O 72 112.39 30.07 4.80
N GLN O 73 113.67 29.91 5.15
CA GLN O 73 114.72 30.78 4.62
C GLN O 73 116.00 30.01 4.39
N THR O 74 116.74 30.41 3.36
CA THR O 74 118.05 29.81 3.10
C THR O 74 119.04 30.24 4.18
N LEU O 75 120.13 29.47 4.29
CA LEU O 75 121.11 29.72 5.34
C LEU O 75 121.80 31.08 5.23
N ASP O 76 121.75 31.73 4.05
CA ASP O 76 122.33 33.05 3.92
C ASP O 76 121.55 34.13 4.67
N GLY O 77 120.29 33.85 5.01
CA GLY O 77 119.42 34.83 5.64
C GLY O 77 118.33 35.31 4.70
N ALA O 78 118.46 35.03 3.41
CA ALA O 78 117.48 35.45 2.42
C ALA O 78 116.17 34.71 2.64
N LEU O 79 115.07 35.46 2.60
CA LEU O 79 113.75 34.86 2.77
C LEU O 79 113.36 34.17 1.47
N GLY O 80 113.36 32.84 1.49
CA GLY O 80 113.06 32.08 0.29
C GLY O 80 111.59 31.91 0.03
N GLY O 81 110.76 32.37 0.96
CA GLY O 81 109.32 32.30 0.86
C GLY O 81 108.61 32.00 2.16
N THR O 82 107.29 32.10 2.12
CA THR O 82 106.41 31.89 3.25
C THR O 82 105.31 30.93 2.84
N VAL O 83 104.88 30.06 3.77
CA VAL O 83 103.76 29.17 3.48
C VAL O 83 102.80 29.20 4.66
N THR O 84 101.52 29.09 4.34
CA THR O 84 100.44 29.04 5.33
C THR O 84 99.78 27.67 5.27
N LEU O 85 99.72 26.97 6.39
CA LEU O 85 99.05 25.67 6.46
C LEU O 85 97.63 25.92 6.95
N GLN O 86 96.66 25.69 6.06
CA GLN O 86 95.25 25.69 6.41
C GLN O 86 94.72 24.27 6.34
N LEU O 87 94.06 23.83 7.40
CA LEU O 87 93.58 22.46 7.52
C LEU O 87 92.12 22.38 7.08
N GLY O 88 91.76 21.23 6.54
CA GLY O 88 90.42 21.03 6.04
C GLY O 88 90.15 19.57 5.78
N TYR O 89 89.15 19.33 4.94
CA TYR O 89 88.66 18.00 4.65
C TYR O 89 88.35 17.93 3.16
N PRO O 90 88.43 16.75 2.56
CA PRO O 90 88.09 16.60 1.15
C PRO O 90 86.67 17.03 0.88
N PRO O 91 86.33 17.35 -0.37
CA PRO O 91 84.99 17.85 -0.66
C PRO O 91 83.96 16.74 -0.51
N ALA O 92 82.75 17.14 -0.13
CA ALA O 92 81.64 16.22 -0.19
C ALA O 92 81.07 16.13 -1.60
N ARG O 93 80.28 15.10 -1.82
CA ARG O 93 79.61 14.89 -3.08
C ARG O 93 78.70 16.09 -3.36
N PRO O 94 78.83 16.76 -4.51
CA PRO O 94 77.94 17.89 -4.79
C PRO O 94 76.53 17.46 -5.16
N VAL O 95 75.62 18.42 -5.07
CA VAL O 95 74.20 18.21 -5.36
C VAL O 95 73.94 18.81 -6.74
N VAL O 96 73.42 18.02 -7.67
CA VAL O 96 73.29 18.43 -9.05
C VAL O 96 71.85 18.27 -9.49
N SER O 97 71.34 19.27 -10.20
CA SER O 97 70.03 19.24 -10.83
C SER O 97 70.17 19.77 -12.25
N CYS O 98 69.33 19.26 -13.14
CA CYS O 98 69.24 19.77 -14.49
C CYS O 98 67.81 20.19 -14.79
N GLN O 99 67.64 20.96 -15.87
CA GLN O 99 66.33 21.40 -16.31
C GLN O 99 66.38 21.72 -17.80
N ALA O 100 65.20 21.91 -18.39
CA ALA O 100 65.07 22.24 -19.80
C ALA O 100 63.69 22.82 -20.05
N ALA O 101 63.65 24.06 -20.55
CA ALA O 101 62.39 24.71 -20.89
C ALA O 101 62.09 24.68 -22.38
N ASP O 102 62.93 24.02 -23.18
CA ASP O 102 62.67 23.85 -24.60
C ASP O 102 63.13 22.47 -25.03
N TYR O 103 62.82 22.13 -26.28
CA TYR O 103 63.10 20.79 -26.80
C TYR O 103 64.46 20.66 -27.47
N GLU O 104 65.23 21.74 -27.57
CA GLU O 104 66.51 21.70 -28.27
C GLU O 104 67.70 21.66 -27.32
N ASN O 105 67.76 22.61 -26.40
CA ASN O 105 68.89 22.77 -25.50
C ASN O 105 68.45 22.50 -24.07
N PHE O 106 69.38 22.07 -23.23
CA PHE O 106 69.11 22.03 -21.79
C PHE O 106 70.35 22.48 -21.01
N SER O 107 70.17 22.67 -19.71
CA SER O 107 71.18 23.26 -18.85
C SER O 107 71.04 22.69 -17.45
N CYS O 108 72.17 22.62 -16.74
CA CYS O 108 72.27 22.01 -15.42
C CYS O 108 72.99 22.97 -14.49
N THR O 109 72.70 22.85 -13.20
CA THR O 109 73.35 23.66 -12.17
C THR O 109 73.76 22.77 -11.02
N TRP O 110 74.65 23.29 -10.17
CA TRP O 110 75.18 22.49 -9.08
C TRP O 110 75.53 23.38 -7.89
N SER O 111 75.41 22.79 -6.71
CA SER O 111 75.71 23.38 -5.41
C SER O 111 76.56 22.42 -4.60
N PRO O 112 77.49 22.93 -3.79
CA PRO O 112 78.15 22.07 -2.81
C PRO O 112 77.14 21.54 -1.78
N SER O 113 77.29 20.27 -1.41
CA SER O 113 76.49 19.71 -0.33
C SER O 113 77.06 20.02 1.04
N GLN O 114 78.28 20.55 1.09
CA GLN O 114 78.99 20.88 2.31
C GLN O 114 80.10 21.85 1.91
N ILE O 115 80.30 22.87 2.72
CA ILE O 115 81.34 23.87 2.47
C ILE O 115 82.56 23.52 3.30
N SER O 116 83.72 23.53 2.67
CA SER O 116 84.97 23.20 3.35
C SER O 116 85.73 24.42 3.85
N GLY O 117 85.47 25.59 3.31
CA GLY O 117 86.24 26.76 3.66
C GLY O 117 87.51 26.89 2.87
N LEU O 118 87.71 26.02 1.88
CA LEU O 118 88.86 25.91 1.01
C LEU O 118 88.43 26.28 -0.41
N PRO O 119 89.36 26.78 -1.24
CA PRO O 119 88.96 27.12 -2.61
C PRO O 119 88.50 25.86 -3.34
N THR O 120 87.52 26.04 -4.21
CA THR O 120 86.81 24.90 -4.78
C THR O 120 86.53 25.24 -6.24
N ARG O 121 86.55 24.21 -7.09
CA ARG O 121 86.09 24.41 -8.45
C ARG O 121 85.61 23.07 -9.03
N TYR O 122 84.86 23.17 -10.13
CA TYR O 122 84.12 22.06 -10.69
C TYR O 122 84.52 21.82 -12.13
N LEU O 123 84.69 20.54 -12.48
CA LEU O 123 84.87 20.11 -13.85
C LEU O 123 83.59 19.41 -14.28
N THR O 124 83.06 19.81 -15.44
CA THR O 124 81.80 19.28 -15.94
C THR O 124 81.98 18.73 -17.34
N SER O 125 81.31 17.60 -17.60
CA SER O 125 81.41 16.88 -18.85
C SER O 125 80.24 15.91 -18.91
N TYR O 126 80.06 15.29 -20.07
CA TYR O 126 78.95 14.35 -20.25
C TYR O 126 79.22 13.46 -21.45
N ARG O 127 78.59 12.29 -21.43
CA ARG O 127 78.68 11.35 -22.54
C ARG O 127 77.33 10.73 -22.82
N LYS O 128 77.21 10.14 -24.01
CA LYS O 128 76.00 9.46 -24.44
C LYS O 128 76.23 7.95 -24.29
N LYS O 129 75.48 7.30 -23.40
CA LYS O 129 75.60 5.85 -23.32
C LYS O 129 74.94 5.23 -24.55
N THR O 130 75.57 4.21 -25.12
CA THR O 130 75.03 3.54 -26.31
C THR O 130 74.37 2.20 -25.99
N VAL O 131 75.15 1.24 -25.50
CA VAL O 131 74.64 -0.09 -25.21
C VAL O 131 75.01 -0.50 -23.79
N PRO O 141 81.45 9.46 -35.18
CA PRO O 141 80.75 10.19 -34.11
C PRO O 141 81.28 9.85 -32.71
N SER O 142 82.22 10.64 -32.24
CA SER O 142 82.84 10.45 -30.93
C SER O 142 81.81 10.72 -29.82
N THR O 143 81.03 9.70 -29.47
CA THR O 143 80.07 9.81 -28.38
C THR O 143 80.71 9.62 -27.00
N GLY O 144 82.02 9.77 -26.91
CA GLY O 144 82.76 9.62 -25.68
C GLY O 144 82.47 10.77 -24.74
N PRO O 145 83.45 11.15 -23.92
CA PRO O 145 83.23 12.24 -22.97
C PRO O 145 83.37 13.58 -23.68
N TRP O 146 82.34 14.43 -23.57
CA TRP O 146 82.34 15.75 -24.16
C TRP O 146 82.26 16.81 -23.07
N PRO O 147 83.11 17.83 -23.09
CA PRO O 147 83.07 18.84 -22.02
C PRO O 147 81.79 19.66 -22.07
N CYS O 148 81.29 20.03 -20.89
CA CYS O 148 80.17 20.94 -20.76
C CYS O 148 80.67 22.33 -20.39
N PRO O 149 80.78 23.27 -21.33
CA PRO O 149 81.46 24.53 -21.01
C PRO O 149 80.58 25.38 -20.12
N GLN O 150 81.21 26.05 -19.14
CA GLN O 150 80.48 26.91 -18.22
C GLN O 150 80.40 28.32 -18.79
N ASP O 151 79.20 28.74 -19.18
CA ASP O 151 79.06 29.88 -20.09
C ASP O 151 79.61 31.21 -19.55
N PRO O 152 78.99 31.95 -18.57
CA PRO O 152 79.67 33.15 -18.09
C PRO O 152 80.67 32.85 -16.98
N LEU O 153 81.93 33.28 -17.14
CA LEU O 153 82.95 33.27 -16.08
C LEU O 153 83.18 31.80 -15.73
N GLY O 154 82.87 31.36 -14.51
CA GLY O 154 82.87 29.95 -14.18
C GLY O 154 81.67 29.65 -13.32
N ALA O 155 80.50 30.06 -13.82
CA ALA O 155 79.26 29.99 -13.05
C ALA O 155 78.88 28.53 -12.82
N ALA O 156 77.87 28.34 -11.95
CA ALA O 156 77.35 27.01 -11.68
C ALA O 156 76.29 26.61 -12.71
N ARG O 157 76.63 26.72 -13.99
CA ARG O 157 75.69 26.38 -15.05
C ARG O 157 76.44 26.14 -16.35
N CYS O 158 76.10 25.05 -17.04
CA CYS O 158 76.58 24.79 -18.39
C CYS O 158 75.40 24.48 -19.29
N VAL O 159 75.57 24.72 -20.59
CA VAL O 159 74.51 24.53 -21.58
C VAL O 159 74.99 23.57 -22.66
N VAL O 160 74.09 22.67 -23.06
CA VAL O 160 74.31 21.73 -24.16
C VAL O 160 73.35 22.08 -25.28
N HIS O 161 73.89 22.44 -26.43
CA HIS O 161 73.06 22.80 -27.57
C HIS O 161 72.97 21.61 -28.51
N GLY O 162 71.85 21.52 -29.22
CA GLY O 162 71.63 20.49 -30.21
C GLY O 162 71.78 19.10 -29.63
N ALA O 163 71.12 18.86 -28.51
CA ALA O 163 71.12 17.55 -27.88
C ALA O 163 70.12 16.65 -28.55
N GLU O 164 70.42 15.35 -28.59
CA GLU O 164 69.45 14.38 -29.09
C GLU O 164 68.27 14.24 -28.14
N PHE O 165 67.06 14.39 -28.68
CA PHE O 165 65.89 14.49 -27.81
C PHE O 165 65.61 13.16 -27.10
N TRP O 166 65.77 12.04 -27.82
CA TRP O 166 65.42 10.73 -27.30
C TRP O 166 66.59 9.99 -26.68
N SER O 167 67.81 10.39 -26.97
CA SER O 167 68.97 9.70 -26.43
C SER O 167 69.14 10.01 -24.95
N GLN O 168 69.90 9.17 -24.27
CA GLN O 168 70.16 9.34 -22.86
C GLN O 168 71.59 9.81 -22.67
N TYR O 169 71.76 10.73 -21.74
CA TYR O 169 73.02 11.38 -21.47
C TYR O 169 73.36 11.15 -20.01
N ARG O 170 74.63 10.99 -19.72
CA ARG O 170 75.09 10.82 -18.36
C ARG O 170 75.88 12.09 -18.09
N ILE O 171 75.34 12.93 -17.21
CA ILE O 171 75.95 14.22 -16.94
C ILE O 171 76.94 14.01 -15.81
N ASN O 172 78.09 14.62 -15.96
CA ASN O 172 79.22 14.42 -15.07
C ASN O 172 79.71 15.71 -14.43
N VAL O 173 79.37 15.95 -13.18
CA VAL O 173 79.96 17.04 -12.41
C VAL O 173 80.93 16.43 -11.42
N THR O 174 82.21 16.80 -11.51
CA THR O 174 83.23 16.24 -10.63
C THR O 174 83.83 17.40 -9.85
N GLU O 175 83.71 17.33 -8.52
CA GLU O 175 84.34 18.29 -7.63
C GLU O 175 85.74 17.82 -7.23
N VAL O 176 86.70 18.74 -7.29
CA VAL O 176 88.09 18.49 -6.94
C VAL O 176 88.56 19.61 -6.02
N ASN O 177 89.29 19.25 -4.97
CA ASN O 177 89.94 20.28 -4.19
C ASN O 177 91.42 19.95 -4.04
N PRO O 178 92.26 20.78 -3.35
CA PRO O 178 93.70 20.47 -3.32
C PRO O 178 94.05 19.17 -2.63
N LEU O 179 93.07 18.48 -2.05
CA LEU O 179 93.33 17.27 -1.29
C LEU O 179 92.66 16.03 -1.85
N GLY O 180 91.85 16.16 -2.89
CA GLY O 180 91.20 15.03 -3.50
C GLY O 180 90.04 15.47 -4.36
N ALA O 181 89.22 14.47 -4.75
CA ALA O 181 88.15 14.71 -5.71
C ALA O 181 86.91 13.88 -5.36
N SER O 182 85.77 14.37 -5.85
CA SER O 182 84.52 13.62 -5.78
C SER O 182 83.67 14.00 -6.98
N THR O 183 83.16 13.00 -7.69
CA THR O 183 82.46 13.20 -8.96
C THR O 183 80.98 12.88 -8.73
N ARG O 184 80.10 13.83 -9.06
CA ARG O 184 78.67 13.56 -9.16
C ARG O 184 78.25 13.26 -10.59
N LEU O 185 77.59 12.11 -10.80
CA LEU O 185 77.02 11.72 -12.08
C LEU O 185 75.49 11.69 -12.04
N LEU O 186 74.87 12.34 -13.03
CA LEU O 186 73.42 12.51 -13.10
C LEU O 186 72.97 12.12 -14.50
N ASP O 187 72.13 11.08 -14.58
CA ASP O 187 71.53 10.69 -15.85
C ASP O 187 70.38 11.62 -16.20
N VAL O 188 70.34 12.04 -17.47
CA VAL O 188 69.36 13.01 -17.95
C VAL O 188 69.00 12.67 -19.39
N SER O 189 67.69 12.52 -19.65
CA SER O 189 67.16 12.41 -21.01
C SER O 189 66.24 13.58 -21.30
N LEU O 190 66.47 14.25 -22.43
CA LEU O 190 65.67 15.41 -22.83
C LEU O 190 64.17 15.14 -22.81
N GLN O 191 63.75 13.92 -23.16
CA GLN O 191 62.33 13.61 -23.21
C GLN O 191 61.71 13.49 -21.82
N SER O 192 62.51 13.17 -20.81
CA SER O 192 61.99 13.07 -19.45
C SER O 192 62.07 14.38 -18.68
N ILE O 193 63.17 15.13 -18.83
CA ILE O 193 63.41 16.32 -18.02
C ILE O 193 62.61 17.54 -18.50
N LEU O 194 62.05 17.53 -19.70
CA LEU O 194 61.51 18.76 -20.28
C LEU O 194 60.31 19.26 -19.47
N ARG O 195 60.29 20.57 -19.22
CA ARG O 195 59.16 21.28 -18.62
C ARG O 195 59.03 22.67 -19.22
N PRO O 196 57.99 22.95 -20.01
CA PRO O 196 57.90 24.26 -20.66
C PRO O 196 57.53 25.34 -19.65
N ASP O 197 57.75 26.60 -20.04
CA ASP O 197 57.29 27.69 -19.21
C ASP O 197 55.78 27.87 -19.34
N PRO O 198 55.13 28.50 -18.35
CA PRO O 198 53.67 28.71 -18.43
C PRO O 198 53.30 29.64 -19.57
N PRO O 199 52.06 29.55 -20.07
CA PRO O 199 51.59 30.54 -21.05
C PRO O 199 51.63 31.95 -20.49
N GLN O 200 51.68 32.91 -21.40
CA GLN O 200 51.76 34.32 -21.06
C GLN O 200 50.48 35.03 -21.48
N GLY O 201 50.27 36.21 -20.89
CA GLY O 201 49.18 37.08 -21.32
C GLY O 201 47.77 36.59 -21.04
N LEU O 202 47.57 35.77 -20.01
CA LEU O 202 46.23 35.31 -19.67
C LEU O 202 45.32 36.52 -19.40
N ARG O 203 44.22 36.61 -20.15
CA ARG O 203 43.22 37.65 -19.99
C ARG O 203 41.83 37.04 -19.85
N VAL O 204 41.00 37.69 -19.04
CA VAL O 204 39.61 37.29 -18.84
C VAL O 204 38.69 38.43 -19.23
N GLU O 205 37.63 38.09 -19.97
CA GLU O 205 36.66 39.04 -20.51
C GLU O 205 35.26 38.54 -20.22
N SER O 206 34.35 39.49 -20.00
CA SER O 206 32.93 39.14 -19.91
C SER O 206 32.39 38.70 -21.26
N VAL O 207 31.30 37.94 -21.21
CA VAL O 207 30.58 37.49 -22.38
C VAL O 207 29.19 38.10 -22.36
N PRO O 208 28.97 39.19 -23.08
CA PRO O 208 27.65 39.83 -23.09
C PRO O 208 26.55 38.85 -23.49
N GLY O 209 25.37 39.05 -22.88
CA GLY O 209 24.24 38.16 -23.05
C GLY O 209 24.22 36.93 -22.19
N TYR O 210 25.36 36.52 -21.62
CA TYR O 210 25.45 35.28 -20.85
C TYR O 210 26.01 35.58 -19.47
N PRO O 211 25.16 35.64 -18.45
CA PRO O 211 25.61 36.10 -17.12
C PRO O 211 26.52 35.11 -16.39
N ARG O 212 26.80 33.93 -16.97
CA ARG O 212 27.58 32.91 -16.30
C ARG O 212 28.66 32.31 -17.21
N ARG O 213 29.04 33.03 -18.26
CA ARG O 213 30.13 32.65 -19.14
C ARG O 213 31.27 33.66 -19.11
N LEU O 214 32.50 33.16 -19.09
CA LEU O 214 33.67 33.98 -19.37
C LEU O 214 34.54 33.32 -20.42
N ARG O 215 35.18 34.16 -21.22
CA ARG O 215 36.09 33.70 -22.27
C ARG O 215 37.52 33.96 -21.79
N ALA O 216 38.33 32.92 -21.71
CA ALA O 216 39.74 33.06 -21.43
C ALA O 216 40.54 32.85 -22.71
N SER O 217 41.55 33.69 -22.91
CA SER O 217 42.46 33.56 -24.04
C SER O 217 43.88 33.76 -23.53
N TRP O 218 44.83 33.22 -24.28
CA TRP O 218 46.23 33.27 -23.92
C TRP O 218 47.05 32.89 -25.15
N THR O 219 48.36 33.06 -25.02
CA THR O 219 49.30 32.72 -26.09
C THR O 219 50.33 31.74 -25.54
N TYR O 220 51.09 31.16 -26.46
CA TYR O 220 52.28 30.39 -26.10
C TYR O 220 53.23 31.24 -25.25
N PRO O 221 54.06 30.60 -24.44
CA PRO O 221 55.17 31.32 -23.80
C PRO O 221 56.23 31.66 -24.84
N ALA O 222 56.94 32.76 -24.59
CA ALA O 222 57.93 33.19 -25.56
C ALA O 222 59.09 32.20 -25.66
N SER O 223 59.41 31.50 -24.57
CA SER O 223 60.47 30.51 -24.62
C SER O 223 60.11 29.26 -25.42
N TRP O 224 58.88 29.15 -25.89
CA TRP O 224 58.44 28.01 -26.71
C TRP O 224 58.12 28.54 -28.10
N PRO O 225 58.98 28.32 -29.09
CA PRO O 225 58.61 28.75 -30.46
C PRO O 225 57.48 27.89 -31.00
N SER O 226 56.42 28.55 -31.47
CA SER O 226 55.27 27.86 -32.04
C SER O 226 55.71 27.07 -33.27
N GLN O 227 55.51 25.76 -33.23
CA GLN O 227 55.94 24.94 -34.36
C GLN O 227 55.02 23.74 -34.49
N PRO O 228 54.77 23.29 -35.72
CA PRO O 228 53.77 22.23 -35.93
C PRO O 228 54.25 20.89 -35.41
N HIS O 229 55.54 20.80 -35.09
CA HIS O 229 56.23 19.57 -34.73
C HIS O 229 56.09 19.31 -33.23
N PHE O 230 56.20 20.36 -32.42
CA PHE O 230 56.01 20.29 -30.98
C PHE O 230 54.91 21.28 -30.63
N LEU O 231 53.67 20.82 -30.57
CA LEU O 231 52.62 21.64 -29.98
C LEU O 231 52.75 21.61 -28.46
N LEU O 232 51.81 22.23 -27.76
CA LEU O 232 51.64 22.01 -26.34
C LEU O 232 50.18 21.72 -26.04
N LYS O 233 49.92 20.81 -25.12
CA LYS O 233 48.57 20.65 -24.60
C LYS O 233 48.44 21.55 -23.37
N PHE O 234 47.20 21.81 -22.99
CA PHE O 234 46.96 22.74 -21.90
C PHE O 234 46.01 22.14 -20.88
N ARG O 235 46.11 22.65 -19.66
CA ARG O 235 45.28 22.23 -18.55
C ARG O 235 44.90 23.51 -17.81
N LEU O 236 43.60 23.78 -17.73
CA LEU O 236 43.11 25.00 -17.12
C LEU O 236 42.43 24.70 -15.80
N GLN O 237 42.64 25.56 -14.82
CA GLN O 237 41.96 25.46 -13.54
C GLN O 237 41.35 26.82 -13.29
N TYR O 238 40.17 26.85 -12.67
CA TYR O 238 39.53 28.12 -12.39
C TYR O 238 38.84 28.03 -11.04
N ARG O 239 38.74 29.18 -10.39
CA ARG O 239 38.20 29.21 -9.05
C ARG O 239 37.67 30.61 -8.74
N PRO O 240 36.42 30.73 -8.31
CA PRO O 240 35.89 32.04 -7.92
C PRO O 240 36.51 32.51 -6.61
N ALA O 241 36.63 33.83 -6.48
CA ALA O 241 37.17 34.41 -5.25
C ALA O 241 36.41 33.84 -4.07
N GLN O 242 37.14 33.59 -2.97
CA GLN O 242 36.61 33.04 -1.73
C GLN O 242 36.32 31.55 -1.88
N HIS O 243 36.41 30.97 -3.14
CA HIS O 243 36.15 29.53 -3.17
C HIS O 243 37.42 28.74 -2.90
N PRO O 244 37.29 27.58 -2.24
CA PRO O 244 38.49 26.86 -1.79
C PRO O 244 38.98 25.83 -2.80
N ALA O 245 38.09 25.37 -3.67
CA ALA O 245 38.35 24.22 -4.54
C ALA O 245 38.47 24.69 -5.98
N TRP O 246 39.52 24.20 -6.66
CA TRP O 246 39.66 24.46 -8.08
C TRP O 246 38.78 23.54 -8.91
N SER O 247 38.34 24.05 -10.05
CA SER O 247 37.68 23.26 -11.08
C SER O 247 38.67 23.10 -12.23
N THR O 248 38.71 21.92 -12.85
CA THR O 248 39.70 21.62 -13.88
C THR O 248 39.01 21.28 -15.19
N VAL O 249 39.50 21.88 -16.29
CA VAL O 249 39.13 21.53 -17.64
C VAL O 249 40.39 21.30 -18.46
N GLU O 250 40.23 20.64 -19.61
CA GLU O 250 41.33 20.30 -20.52
C GLU O 250 41.00 20.99 -21.84
N PRO O 251 41.32 22.28 -21.98
CA PRO O 251 40.83 23.03 -23.15
C PRO O 251 41.46 22.56 -24.45
N ALA O 252 40.66 22.56 -25.50
CA ALA O 252 41.17 22.52 -26.87
C ALA O 252 41.62 23.92 -27.30
N GLY O 253 42.85 24.03 -27.80
CA GLY O 253 43.30 25.30 -28.33
C GLY O 253 43.66 26.29 -27.23
N LEU O 254 43.74 27.56 -27.64
CA LEU O 254 44.24 28.63 -26.78
C LEU O 254 43.11 29.40 -26.11
N GLU O 255 41.90 28.84 -26.09
CA GLU O 255 40.74 29.52 -25.56
C GLU O 255 39.84 28.49 -24.89
N GLU O 256 39.04 28.96 -23.94
CA GLU O 256 38.08 28.09 -23.25
C GLU O 256 36.99 28.99 -22.72
N VAL O 257 35.75 28.71 -23.09
CA VAL O 257 34.59 29.40 -22.54
C VAL O 257 34.09 28.64 -21.31
N ILE O 258 34.21 29.26 -20.16
CA ILE O 258 33.64 28.73 -18.92
C ILE O 258 32.15 29.05 -18.93
N THR O 259 31.33 28.07 -18.55
CA THR O 259 29.89 28.20 -18.63
C THR O 259 29.21 28.12 -17.27
N ASP O 260 29.96 27.83 -16.21
CA ASP O 260 29.42 27.72 -14.87
C ASP O 260 30.04 28.77 -13.94
N ALA O 261 30.30 29.97 -14.46
CA ALA O 261 30.82 31.00 -13.58
C ALA O 261 29.70 31.48 -12.66
N VAL O 262 30.00 31.64 -11.38
CA VAL O 262 29.00 32.13 -10.44
C VAL O 262 28.72 33.60 -10.74
N ALA O 263 27.45 33.94 -10.82
CA ALA O 263 27.08 35.30 -11.22
C ALA O 263 27.56 36.31 -10.20
N GLY O 264 28.09 37.43 -10.70
CA GLY O 264 28.44 38.57 -9.88
C GLY O 264 29.69 38.43 -9.04
N LEU O 265 30.56 37.46 -9.34
CA LEU O 265 31.71 37.16 -8.50
C LEU O 265 33.00 37.15 -9.32
N PRO O 266 34.07 37.75 -8.79
CA PRO O 266 35.39 37.60 -9.41
C PRO O 266 35.77 36.13 -9.46
N HIS O 267 36.39 35.73 -10.58
CA HIS O 267 36.87 34.36 -10.77
C HIS O 267 38.35 34.37 -11.06
N ALA O 268 39.10 33.48 -10.39
CA ALA O 268 40.49 33.24 -10.72
C ALA O 268 40.58 32.12 -11.75
N VAL O 269 41.53 32.28 -12.67
CA VAL O 269 41.79 31.31 -13.73
C VAL O 269 43.30 31.20 -13.86
N ARG O 270 43.78 29.97 -13.99
CA ARG O 270 45.20 29.72 -14.21
C ARG O 270 45.34 28.53 -15.13
N VAL O 271 46.45 28.49 -15.87
CA VAL O 271 46.70 27.46 -16.87
C VAL O 271 48.17 27.06 -16.79
N SER O 272 48.43 25.85 -17.26
CA SER O 272 49.78 25.29 -17.32
C SER O 272 49.95 24.58 -18.65
N ALA O 273 51.20 24.29 -18.99
CA ALA O 273 51.54 23.75 -20.29
C ALA O 273 52.32 22.46 -20.12
N ARG O 274 52.23 21.59 -21.11
CA ARG O 274 52.99 20.36 -21.17
C ARG O 274 53.21 20.02 -22.63
N ASP O 275 54.26 19.25 -22.89
CA ASP O 275 54.51 18.76 -24.24
C ASP O 275 53.27 18.07 -24.79
N PHE O 276 52.99 18.31 -26.07
CA PHE O 276 51.74 17.85 -26.66
C PHE O 276 51.64 16.32 -26.71
N LEU O 277 52.77 15.61 -26.67
CA LEU O 277 52.79 14.16 -26.62
C LEU O 277 53.02 13.65 -25.20
N ASP O 278 52.63 14.45 -24.19
CA ASP O 278 52.71 14.06 -22.77
C ASP O 278 54.13 13.73 -22.33
N ALA O 279 55.13 14.33 -22.97
CA ALA O 279 56.51 14.17 -22.53
C ALA O 279 56.80 15.10 -21.34
N GLY O 280 57.72 14.68 -20.49
CA GLY O 280 58.07 15.50 -19.35
C GLY O 280 56.88 15.71 -18.42
N THR O 281 56.80 16.90 -17.85
CA THR O 281 55.81 17.21 -16.84
C THR O 281 55.15 18.55 -17.13
N TRP O 282 54.01 18.78 -16.48
CA TRP O 282 53.26 20.02 -16.64
C TRP O 282 54.07 21.20 -16.09
N SER O 283 53.91 22.35 -16.73
CA SER O 283 54.56 23.56 -16.27
C SER O 283 53.99 23.99 -14.91
N THR O 284 54.65 24.96 -14.29
CA THR O 284 54.04 25.62 -13.15
C THR O 284 52.84 26.42 -13.62
N TRP O 285 51.92 26.68 -12.69
CA TRP O 285 50.76 27.50 -13.01
C TRP O 285 51.17 28.93 -13.34
N SER O 286 50.55 29.49 -14.38
CA SER O 286 50.62 30.91 -14.72
C SER O 286 50.22 31.77 -13.54
N PRO O 287 50.60 33.05 -13.52
CA PRO O 287 49.97 33.97 -12.57
C PRO O 287 48.47 34.00 -12.77
N GLU O 288 47.72 34.01 -11.67
CA GLU O 288 46.27 34.07 -11.74
C GLU O 288 45.81 35.35 -12.44
N ALA O 289 44.79 35.22 -13.27
CA ALA O 289 44.12 36.37 -13.87
C ALA O 289 42.65 36.33 -13.45
N TRP O 290 42.08 37.50 -13.18
CA TRP O 290 40.74 37.58 -12.63
C TRP O 290 39.77 38.20 -13.62
N GLY O 291 38.53 37.72 -13.61
CA GLY O 291 37.46 38.34 -14.37
C GLY O 291 36.12 38.11 -13.70
N THR O 292 35.12 38.88 -14.13
CA THR O 292 33.81 38.85 -13.50
C THR O 292 32.71 38.81 -14.58
N PRO O 293 31.81 37.85 -14.53
CA PRO O 293 30.78 37.74 -15.58
C PRO O 293 29.86 38.94 -15.64
N SER O 294 29.34 39.22 -16.84
CA SER O 294 28.46 40.36 -17.07
C SER O 294 27.11 40.16 -16.38
N ASP P 5 75.65 -9.28 -20.65
CA ASP P 5 74.98 -10.31 -19.88
C ASP P 5 74.73 -9.81 -18.46
N PRO P 6 73.63 -10.27 -17.82
CA PRO P 6 73.32 -9.81 -16.47
C PRO P 6 74.45 -9.99 -15.45
N CYS P 7 74.34 -9.28 -14.34
CA CYS P 7 75.31 -9.33 -13.26
C CYS P 7 75.03 -10.43 -12.23
N GLY P 8 73.78 -10.80 -12.01
CA GLY P 8 73.51 -11.81 -11.01
C GLY P 8 72.06 -12.25 -11.00
N TYR P 9 71.69 -12.92 -9.92
CA TYR P 9 70.33 -13.42 -9.76
C TYR P 9 70.01 -13.56 -8.28
N ILE P 10 68.73 -13.71 -7.99
CA ILE P 10 68.22 -13.92 -6.64
C ILE P 10 67.68 -15.35 -6.53
N SER P 11 67.93 -15.99 -5.40
CA SER P 11 67.43 -17.34 -5.18
C SER P 11 66.73 -17.37 -3.83
N PRO P 12 65.60 -18.09 -3.72
CA PRO P 12 64.89 -18.87 -4.73
C PRO P 12 64.10 -18.05 -5.76
N GLU P 13 64.02 -18.60 -6.98
CA GLU P 13 63.40 -17.95 -8.14
C GLU P 13 62.12 -17.19 -7.80
N SER P 14 61.10 -17.88 -7.29
CA SER P 14 59.82 -17.26 -6.97
C SER P 14 59.16 -18.07 -5.87
N PRO P 15 59.60 -17.89 -4.64
CA PRO P 15 59.06 -18.65 -3.51
C PRO P 15 57.68 -18.19 -3.06
N VAL P 16 56.98 -19.13 -2.44
CA VAL P 16 55.70 -18.87 -1.79
C VAL P 16 55.87 -19.40 -0.37
N VAL P 17 55.55 -18.56 0.62
CA VAL P 17 55.73 -18.94 2.01
C VAL P 17 54.45 -18.68 2.82
N GLN P 18 54.41 -19.29 4.00
CA GLN P 18 53.28 -19.18 4.91
C GLN P 18 53.39 -17.92 5.77
N LEU P 19 52.25 -17.28 6.00
CA LEU P 19 52.19 -16.08 6.83
C LEU P 19 52.77 -16.34 8.22
N HIS P 20 53.49 -15.34 8.74
CA HIS P 20 54.15 -15.31 10.05
C HIS P 20 55.42 -16.15 10.09
N SER P 21 55.89 -16.64 8.95
CA SER P 21 57.12 -17.42 8.88
C SER P 21 58.27 -16.50 8.48
N ASN P 22 59.45 -17.08 8.31
CA ASN P 22 60.62 -16.32 7.89
C ASN P 22 61.07 -16.71 6.50
N PHE P 23 61.64 -15.74 5.80
CA PHE P 23 62.15 -15.92 4.45
C PHE P 23 63.47 -15.19 4.27
N THR P 24 64.49 -15.90 3.78
CA THR P 24 65.79 -15.31 3.54
C THR P 24 66.03 -15.34 2.03
N ALA P 25 66.38 -14.19 1.47
CA ALA P 25 66.66 -14.08 0.04
C ALA P 25 68.14 -13.77 -0.15
N VAL P 26 68.77 -14.46 -1.10
CA VAL P 26 70.18 -14.24 -1.39
C VAL P 26 70.34 -13.80 -2.84
N CYS P 27 71.04 -12.68 -3.02
CA CYS P 27 71.37 -12.11 -4.32
C CYS P 27 72.85 -12.34 -4.55
N VAL P 28 73.21 -12.96 -5.68
CA VAL P 28 74.62 -13.21 -5.95
C VAL P 28 75.02 -12.56 -7.27
N LEU P 29 76.14 -11.85 -7.24
CA LEU P 29 76.73 -11.14 -8.39
C LEU P 29 77.81 -11.97 -9.06
N LYS P 30 77.80 -11.97 -10.38
CA LYS P 30 78.82 -12.68 -11.14
C LYS P 30 80.16 -11.94 -11.01
N GLU P 31 81.24 -12.71 -11.05
CA GLU P 31 82.57 -12.12 -10.92
C GLU P 31 82.79 -11.05 -11.98
N LYS P 32 82.42 -11.34 -13.23
CA LYS P 32 82.62 -10.38 -14.32
C LYS P 32 81.93 -9.05 -14.04
N CYS P 33 80.69 -9.07 -13.55
CA CYS P 33 80.03 -7.79 -13.28
C CYS P 33 80.71 -7.03 -12.16
N MET P 34 81.11 -7.73 -11.10
CA MET P 34 81.79 -7.07 -9.98
C MET P 34 83.10 -6.42 -10.43
N ASP P 35 83.84 -7.09 -11.32
CA ASP P 35 85.11 -6.56 -11.80
C ASP P 35 84.98 -5.28 -12.62
N TYR P 36 84.09 -5.25 -13.63
CA TYR P 36 83.97 -4.04 -14.44
C TYR P 36 83.69 -2.80 -13.59
N PHE P 37 82.72 -2.87 -12.69
CA PHE P 37 82.39 -1.70 -11.88
C PHE P 37 83.21 -1.61 -10.60
N HIS P 38 84.00 -2.63 -10.25
CA HIS P 38 84.82 -2.62 -9.04
C HIS P 38 83.96 -2.50 -7.78
N VAL P 39 83.03 -3.44 -7.63
CA VAL P 39 82.13 -3.47 -6.50
C VAL P 39 82.04 -4.90 -5.97
N ASN P 40 81.32 -5.05 -4.86
CA ASN P 40 81.09 -6.35 -4.23
C ASN P 40 79.82 -6.23 -3.39
N ALA P 41 79.47 -7.32 -2.72
CA ALA P 41 78.28 -7.44 -1.88
C ALA P 41 77.98 -6.20 -1.03
N ASN P 42 79.01 -5.56 -0.50
CA ASN P 42 78.83 -4.38 0.33
C ASN P 42 78.15 -3.23 -0.39
N TYR P 43 78.10 -3.25 -1.71
CA TYR P 43 77.48 -2.17 -2.48
C TYR P 43 76.02 -2.45 -2.80
N ILE P 44 75.49 -3.61 -2.39
CA ILE P 44 74.10 -3.94 -2.68
C ILE P 44 73.15 -3.23 -1.73
N VAL P 45 72.13 -2.61 -2.30
CA VAL P 45 71.03 -1.98 -1.58
C VAL P 45 69.78 -2.68 -2.08
N TRP P 46 68.82 -2.94 -1.19
CA TRP P 46 67.61 -3.62 -1.62
C TRP P 46 66.43 -2.65 -1.56
N LYS P 47 65.58 -2.65 -2.59
CA LYS P 47 64.40 -1.80 -2.56
C LYS P 47 63.21 -2.64 -3.02
N THR P 48 62.03 -2.37 -2.46
CA THR P 48 60.82 -3.06 -2.91
C THR P 48 59.61 -2.14 -2.99
N ASN P 49 58.90 -2.15 -4.12
CA ASN P 49 57.68 -1.34 -4.27
C ASN P 49 57.81 0.08 -3.72
N HIS P 50 58.84 0.77 -4.18
CA HIS P 50 59.16 2.15 -3.82
C HIS P 50 59.58 2.33 -2.36
N PHE P 51 59.76 1.27 -1.59
CA PHE P 51 60.22 1.43 -0.22
C PHE P 51 61.65 0.92 -0.08
N THR P 52 62.53 1.77 0.44
CA THR P 52 63.93 1.42 0.64
C THR P 52 64.05 0.39 1.76
N ILE P 53 64.66 -0.76 1.51
CA ILE P 53 64.82 -1.72 2.60
C ILE P 53 65.93 -1.21 3.51
N PRO P 54 65.70 -1.10 4.82
CA PRO P 54 66.76 -0.60 5.71
C PRO P 54 68.00 -1.48 5.72
N LYS P 55 69.15 -0.86 5.42
CA LYS P 55 70.48 -1.47 5.39
C LYS P 55 70.73 -2.47 6.52
N GLU P 56 70.14 -2.22 7.70
CA GLU P 56 70.34 -3.08 8.87
C GLU P 56 69.76 -4.48 8.71
N GLN P 57 68.88 -4.72 7.75
CA GLN P 57 68.33 -6.05 7.58
C GLN P 57 69.14 -6.89 6.61
N TYR P 58 70.19 -6.33 6.02
CA TYR P 58 71.04 -7.04 5.08
C TYR P 58 72.08 -7.86 5.83
N THR P 59 72.56 -8.93 5.18
CA THR P 59 73.67 -9.74 5.71
C THR P 59 74.54 -10.09 4.51
N ILE P 60 75.77 -9.56 4.48
CA ILE P 60 76.71 -9.87 3.40
C ILE P 60 77.38 -11.21 3.67
N ILE P 61 77.06 -12.22 2.86
CA ILE P 61 77.66 -13.55 3.05
C ILE P 61 79.02 -13.66 2.38
N ASN P 62 79.06 -13.61 1.05
CA ASN P 62 80.29 -13.64 0.29
C ASN P 62 80.53 -12.31 -0.39
N ARG P 63 81.74 -12.14 -0.96
CA ARG P 63 82.01 -10.88 -1.62
C ARG P 63 81.12 -10.71 -2.84
N THR P 64 80.48 -11.80 -3.26
CA THR P 64 79.59 -11.89 -4.40
C THR P 64 78.13 -11.80 -4.02
N ALA P 65 77.80 -12.05 -2.74
CA ALA P 65 76.39 -12.10 -2.36
C ALA P 65 76.07 -11.43 -1.03
N SER P 66 74.88 -10.82 -1.01
CA SER P 66 74.25 -10.15 0.11
C SER P 66 72.93 -10.84 0.36
N SER P 67 72.43 -10.76 1.59
CA SER P 67 71.17 -11.41 1.86
C SER P 67 70.39 -10.59 2.87
N VAL P 68 69.07 -10.75 2.83
CA VAL P 68 68.14 -10.09 3.73
C VAL P 68 67.22 -11.16 4.30
N THR P 69 66.71 -10.91 5.50
CA THR P 69 65.82 -11.85 6.18
C THR P 69 64.56 -11.12 6.62
N PHE P 70 63.42 -11.60 6.13
CA PHE P 70 62.11 -11.06 6.48
C PHE P 70 61.53 -11.91 7.60
N THR P 71 60.93 -11.26 8.58
CA THR P 71 60.31 -11.96 9.69
C THR P 71 58.84 -11.58 9.79
N ASP P 72 58.03 -12.55 10.21
CA ASP P 72 56.58 -12.37 10.36
C ASP P 72 56.00 -11.79 9.07
N ILE P 73 56.37 -12.42 7.94
CA ILE P 73 55.90 -11.95 6.64
C ILE P 73 54.41 -11.72 6.70
N ALA P 74 53.99 -10.50 6.36
CA ALA P 74 52.60 -10.12 6.38
C ALA P 74 52.06 -9.58 5.07
N SER P 75 52.87 -9.40 4.04
CA SER P 75 52.38 -8.88 2.77
C SER P 75 52.02 -10.00 1.81
N LEU P 76 50.84 -9.87 1.17
CA LEU P 76 50.36 -10.89 0.25
C LEU P 76 51.20 -10.94 -1.03
N ASN P 77 51.79 -9.81 -1.44
CA ASN P 77 52.55 -9.77 -2.67
C ASN P 77 53.73 -8.83 -2.44
N ILE P 78 54.94 -9.35 -2.61
CA ILE P 78 56.16 -8.58 -2.46
C ILE P 78 56.96 -8.67 -3.75
N GLN P 79 57.28 -7.52 -4.32
CA GLN P 79 58.12 -7.45 -5.51
C GLN P 79 59.51 -7.14 -4.97
N LEU P 80 60.43 -8.09 -5.14
CA LEU P 80 61.78 -7.93 -4.62
C LEU P 80 62.75 -7.65 -5.76
N THR P 81 63.61 -6.66 -5.53
CA THR P 81 64.60 -6.22 -6.50
C THR P 81 65.93 -6.14 -5.78
N CYS P 82 66.98 -6.52 -6.48
CA CYS P 82 68.34 -6.48 -5.97
C CYS P 82 69.09 -5.44 -6.77
N ASN P 83 69.70 -4.48 -6.08
CA ASN P 83 70.39 -3.46 -6.83
C ASN P 83 71.78 -3.22 -6.27
N ILE P 84 72.65 -2.71 -7.14
CA ILE P 84 74.00 -2.31 -6.81
C ILE P 84 74.15 -0.80 -7.03
N LEU P 85 74.91 -0.17 -6.14
CA LEU P 85 75.21 1.27 -6.14
C LEU P 85 76.51 1.55 -6.88
N THR P 86 76.42 1.62 -8.22
CA THR P 86 77.63 1.86 -9.03
C THR P 86 78.23 3.23 -8.77
N PHE P 87 79.57 3.27 -8.85
CA PHE P 87 80.43 4.44 -8.65
C PHE P 87 79.76 5.51 -7.81
N GLY P 88 79.08 5.07 -6.76
CA GLY P 88 78.34 5.85 -5.78
C GLY P 88 77.32 6.90 -6.20
N GLN P 89 76.91 6.97 -7.46
CA GLN P 89 75.94 8.02 -7.83
C GLN P 89 75.03 7.55 -8.96
N LEU P 90 74.67 6.28 -8.95
CA LEU P 90 73.80 5.65 -9.91
C LEU P 90 73.44 4.29 -9.33
N GLU P 91 72.40 3.70 -9.89
CA GLU P 91 71.94 2.40 -9.43
C GLU P 91 71.41 1.63 -10.63
N GLN P 92 71.85 0.39 -10.75
CA GLN P 92 71.45 -0.50 -11.84
C GLN P 92 70.93 -1.79 -11.25
N ASN P 93 69.91 -2.34 -11.90
CA ASN P 93 69.23 -3.54 -11.47
C ASN P 93 70.01 -4.80 -11.83
N VAL P 94 70.23 -5.64 -10.81
CA VAL P 94 70.94 -6.90 -10.92
C VAL P 94 69.89 -7.96 -11.23
N TYR P 95 68.92 -8.09 -10.34
CA TYR P 95 67.87 -9.09 -10.50
C TYR P 95 66.63 -8.66 -9.74
N GLY P 96 65.57 -9.44 -9.90
CA GLY P 96 64.32 -9.20 -9.23
C GLY P 96 63.51 -10.48 -9.20
N ILE P 97 62.62 -10.57 -8.22
CA ILE P 97 61.73 -11.70 -8.06
C ILE P 97 60.43 -11.21 -7.45
N THR P 98 59.37 -11.99 -7.61
CA THR P 98 58.09 -11.64 -7.00
C THR P 98 57.84 -12.65 -5.89
N ILE P 99 57.57 -12.15 -4.69
CA ILE P 99 57.28 -12.96 -3.51
C ILE P 99 55.78 -12.99 -3.26
N ILE P 100 55.19 -14.18 -3.27
CA ILE P 100 53.77 -14.34 -3.02
C ILE P 100 53.64 -15.07 -1.68
N SER P 101 52.64 -14.70 -0.90
CA SER P 101 52.42 -15.29 0.41
C SER P 101 50.95 -15.64 0.60
N GLY P 102 50.69 -16.51 1.56
CA GLY P 102 49.33 -16.93 1.85
C GLY P 102 49.21 -18.01 2.90
N LEU P 103 48.20 -18.87 2.77
CA LEU P 103 47.95 -19.94 3.73
C LEU P 103 47.66 -21.25 3.03
N PRO P 104 47.91 -22.38 3.69
CA PRO P 104 47.63 -23.69 3.09
C PRO P 104 46.14 -23.94 3.09
N PRO P 105 45.63 -24.79 2.20
CA PRO P 105 44.18 -25.03 2.17
C PRO P 105 43.69 -25.79 3.40
N GLU P 106 42.49 -25.42 3.83
CA GLU P 106 41.85 -26.07 4.97
C GLU P 106 41.22 -27.38 4.52
N LYS P 107 41.06 -28.30 5.47
CA LYS P 107 40.47 -29.60 5.15
C LYS P 107 39.01 -29.44 4.81
N PRO P 108 38.58 -29.75 3.58
CA PRO P 108 37.17 -29.62 3.23
C PRO P 108 36.28 -30.39 4.19
N LYS P 109 35.18 -29.77 4.61
CA LYS P 109 34.27 -30.41 5.55
C LYS P 109 32.83 -30.29 5.04
N ASN P 110 31.95 -31.09 5.66
CA ASN P 110 30.53 -31.14 5.33
C ASN P 110 30.31 -31.50 3.86
N LEU P 111 31.06 -32.50 3.38
CA LEU P 111 30.91 -32.93 2.00
C LEU P 111 29.58 -33.64 1.81
N SER P 112 28.81 -33.21 0.82
CA SER P 112 27.53 -33.83 0.51
C SER P 112 27.30 -33.79 -1.00
N CYS P 113 26.57 -34.78 -1.50
CA CYS P 113 26.26 -34.89 -2.92
C CYS P 113 24.76 -35.00 -3.12
N ILE P 114 24.32 -34.74 -4.35
CA ILE P 114 22.91 -34.76 -4.73
C ILE P 114 22.80 -35.09 -6.21
N VAL P 115 21.83 -35.92 -6.57
CA VAL P 115 21.60 -36.29 -7.95
C VAL P 115 20.28 -35.72 -8.45
N ASN P 116 20.33 -34.55 -9.08
CA ASN P 116 19.13 -33.93 -9.64
C ASN P 116 18.69 -34.66 -10.90
N GLU P 117 17.45 -35.15 -10.91
CA GLU P 117 16.90 -35.85 -12.07
C GLU P 117 17.24 -35.13 -13.38
N GLY P 118 17.77 -35.86 -14.35
CA GLY P 118 18.12 -35.27 -15.63
C GLY P 118 19.50 -34.67 -15.70
N LYS P 119 20.18 -34.55 -14.56
CA LYS P 119 21.52 -34.02 -14.44
C LYS P 119 22.45 -35.07 -13.86
N LYS P 120 23.74 -34.82 -14.00
CA LYS P 120 24.74 -35.75 -13.49
C LYS P 120 24.96 -35.47 -12.01
N MET P 121 25.59 -36.43 -11.32
CA MET P 121 25.83 -36.27 -9.90
C MET P 121 26.56 -34.95 -9.61
N ARG P 122 26.12 -34.27 -8.55
CA ARG P 122 26.72 -33.01 -8.13
C ARG P 122 27.02 -33.08 -6.64
N CYS P 123 28.22 -32.64 -6.26
CA CYS P 123 28.63 -32.63 -4.87
C CYS P 123 28.98 -31.22 -4.43
N GLU P 124 28.69 -30.92 -3.17
CA GLU P 124 28.92 -29.62 -2.58
C GLU P 124 29.75 -29.79 -1.31
N TRP P 125 30.55 -28.78 -1.00
CA TRP P 125 31.36 -28.83 0.20
C TRP P 125 31.63 -27.42 0.67
N ASP P 126 31.96 -27.31 1.95
CA ASP P 126 32.29 -26.03 2.57
C ASP P 126 33.79 -25.79 2.47
N GLY P 127 34.17 -24.71 1.79
CA GLY P 127 35.58 -24.36 1.74
C GLY P 127 35.96 -23.63 3.01
N GLY P 128 37.23 -23.74 3.40
CA GLY P 128 37.57 -23.07 4.64
C GLY P 128 38.13 -21.67 4.52
N ARG P 129 39.10 -21.36 5.37
CA ARG P 129 39.74 -20.04 5.37
C ARG P 129 40.29 -19.66 4.01
N GLU P 130 40.18 -18.37 3.69
CA GLU P 130 40.72 -17.85 2.45
C GLU P 130 42.23 -18.10 2.45
N THR P 131 42.77 -18.52 1.30
CA THR P 131 44.19 -18.82 1.22
C THR P 131 44.99 -17.78 0.46
N HIS P 132 44.32 -16.90 -0.29
CA HIS P 132 44.95 -15.83 -1.08
C HIS P 132 45.78 -16.37 -2.22
N LEU P 133 45.75 -17.67 -2.47
CA LEU P 133 46.51 -18.29 -3.55
C LEU P 133 45.56 -18.94 -4.54
N GLU P 134 46.01 -19.07 -5.78
CA GLU P 134 45.21 -19.74 -6.80
C GLU P 134 45.08 -21.20 -6.42
N THR P 135 43.87 -21.64 -6.07
CA THR P 135 43.66 -23.03 -5.66
C THR P 135 42.73 -23.77 -6.61
N ASN P 136 43.18 -24.93 -7.09
CA ASN P 136 42.39 -25.76 -7.98
C ASN P 136 41.68 -26.81 -7.14
N PHE P 137 40.44 -27.12 -7.52
CA PHE P 137 39.63 -28.13 -6.84
C PHE P 137 39.22 -29.19 -7.84
N THR P 138 39.47 -30.45 -7.47
CA THR P 138 39.16 -31.61 -8.30
C THR P 138 38.39 -32.62 -7.48
N LEU P 139 37.19 -32.97 -7.95
CA LEU P 139 36.35 -33.95 -7.27
C LEU P 139 36.76 -35.35 -7.69
N LYS P 140 37.10 -36.19 -6.73
CA LYS P 140 37.50 -37.56 -7.00
C LYS P 140 36.43 -38.55 -6.57
N SER P 141 36.27 -39.58 -7.40
CA SER P 141 35.33 -40.68 -7.18
C SER P 141 35.94 -41.87 -7.88
N GLU P 142 35.90 -43.05 -7.25
CA GLU P 142 36.49 -44.21 -7.92
C GLU P 142 35.93 -45.49 -7.32
N TRP P 143 35.83 -46.52 -8.16
CA TRP P 143 35.42 -47.83 -7.65
C TRP P 143 36.65 -48.62 -7.21
N ALA P 144 36.41 -49.70 -6.47
CA ALA P 144 37.49 -50.56 -5.99
C ALA P 144 38.26 -51.23 -7.14
N THR P 145 37.66 -51.28 -8.33
CA THR P 145 38.21 -51.95 -9.51
C THR P 145 38.36 -51.01 -10.70
N HIS P 146 38.36 -49.71 -10.45
CA HIS P 146 38.43 -48.74 -11.54
C HIS P 146 38.66 -47.36 -10.95
N LYS P 147 39.58 -46.60 -11.53
CA LYS P 147 39.83 -45.27 -11.01
C LYS P 147 39.01 -44.40 -11.96
N PHE P 148 38.17 -43.54 -11.40
CA PHE P 148 37.33 -42.70 -12.23
C PHE P 148 37.88 -41.32 -12.60
N ALA P 149 37.27 -40.74 -13.64
CA ALA P 149 37.62 -39.42 -14.15
C ALA P 149 37.50 -38.31 -13.10
N ASP P 150 38.50 -37.43 -13.06
CA ASP P 150 38.52 -36.27 -12.17
C ASP P 150 37.47 -35.23 -12.60
N CYS P 151 36.90 -34.52 -11.62
CA CYS P 151 35.93 -33.45 -11.89
C CYS P 151 36.60 -32.14 -11.53
N LYS P 152 36.83 -31.28 -12.51
CA LYS P 152 37.48 -29.99 -12.28
C LYS P 152 36.44 -28.89 -12.11
N ALA P 153 36.46 -28.21 -10.97
CA ALA P 153 35.50 -27.14 -10.69
C ALA P 153 35.59 -26.01 -11.71
N LYS P 154 34.46 -25.34 -11.90
CA LYS P 154 34.32 -24.21 -12.80
C LYS P 154 34.71 -22.91 -12.10
N ARG P 155 35.24 -21.95 -12.87
CA ARG P 155 35.64 -20.66 -12.30
C ARG P 155 34.52 -20.02 -11.48
N ASP P 156 33.30 -20.01 -12.02
CA ASP P 156 32.17 -19.41 -11.31
C ASP P 156 31.85 -20.15 -10.02
N THR P 157 31.79 -21.48 -10.08
CA THR P 157 31.47 -22.30 -8.91
C THR P 157 32.67 -23.13 -8.44
N PRO P 158 33.62 -22.51 -7.73
CA PRO P 158 34.80 -23.25 -7.27
C PRO P 158 34.52 -24.18 -6.09
N THR P 159 33.37 -24.07 -5.43
CA THR P 159 33.03 -24.88 -4.27
C THR P 159 32.05 -26.00 -4.61
N SER P 160 31.83 -26.25 -5.90
CA SER P 160 30.89 -27.26 -6.37
C SER P 160 31.42 -27.84 -7.67
N CYS P 161 31.07 -29.09 -7.93
CA CYS P 161 31.45 -29.75 -9.17
C CYS P 161 30.30 -30.65 -9.63
N THR P 162 30.21 -30.80 -10.95
CA THR P 162 29.20 -31.63 -11.59
C THR P 162 29.94 -32.57 -12.53
N VAL P 163 29.96 -33.85 -12.17
CA VAL P 163 30.65 -34.85 -12.95
C VAL P 163 30.16 -34.92 -14.40
N ASP P 164 30.98 -35.52 -15.25
CA ASP P 164 30.68 -35.65 -16.68
C ASP P 164 30.18 -37.05 -17.05
N TYR P 165 30.03 -37.94 -16.08
CA TYR P 165 29.57 -39.31 -16.30
C TYR P 165 28.16 -39.48 -15.74
N SER P 166 27.37 -40.32 -16.41
CA SER P 166 26.00 -40.54 -15.97
C SER P 166 25.94 -41.36 -14.68
N THR P 167 24.93 -41.05 -13.87
CA THR P 167 24.71 -41.70 -12.59
C THR P 167 24.40 -43.17 -12.76
N VAL P 168 24.98 -44.01 -11.90
CA VAL P 168 24.75 -45.45 -11.92
C VAL P 168 24.21 -45.88 -10.56
N TYR P 169 22.90 -46.14 -10.50
CA TYR P 169 22.25 -46.54 -9.27
C TYR P 169 22.61 -47.99 -8.90
N PHE P 170 22.43 -48.30 -7.62
CA PHE P 170 22.65 -49.63 -7.04
C PHE P 170 24.10 -50.06 -6.93
N VAL P 171 25.06 -49.15 -7.06
CA VAL P 171 26.48 -49.50 -6.92
C VAL P 171 27.14 -48.52 -5.97
N ASN P 172 27.83 -49.04 -4.95
CA ASN P 172 28.49 -48.16 -4.01
C ASN P 172 29.66 -47.47 -4.70
N ILE P 173 29.78 -46.17 -4.46
CA ILE P 173 30.83 -45.34 -5.05
C ILE P 173 31.57 -44.63 -3.93
N GLU P 174 32.90 -44.58 -4.05
CA GLU P 174 33.75 -43.93 -3.06
C GLU P 174 34.03 -42.53 -3.58
N VAL P 175 33.67 -41.51 -2.80
CA VAL P 175 33.86 -40.12 -3.23
C VAL P 175 34.57 -39.30 -2.16
N TRP P 176 35.38 -38.35 -2.62
CA TRP P 176 36.12 -37.42 -1.77
C TRP P 176 36.60 -36.26 -2.64
N VAL P 177 36.95 -35.15 -1.99
CA VAL P 177 37.43 -33.97 -2.68
C VAL P 177 38.88 -33.74 -2.29
N GLU P 178 39.70 -33.33 -3.26
CA GLU P 178 41.12 -33.09 -3.03
C GLU P 178 41.42 -31.61 -3.23
N ALA P 179 41.87 -30.95 -2.17
CA ALA P 179 42.21 -29.53 -2.22
C ALA P 179 43.73 -29.41 -2.20
N GLU P 180 44.27 -28.64 -3.14
CA GLU P 180 45.72 -28.47 -3.21
C GLU P 180 46.08 -27.09 -3.74
N ASN P 181 47.12 -26.51 -3.13
CA ASN P 181 47.66 -25.23 -3.59
C ASN P 181 49.16 -25.22 -3.31
N ALA P 182 49.84 -24.23 -3.88
CA ALA P 182 51.29 -24.09 -3.78
C ALA P 182 51.88 -24.36 -2.40
N LEU P 183 51.12 -24.11 -1.33
CA LEU P 183 51.63 -24.32 0.03
C LEU P 183 51.23 -25.65 0.65
N GLY P 184 50.41 -26.46 -0.02
CA GLY P 184 50.04 -27.72 0.58
C GLY P 184 48.98 -28.52 -0.14
N LYS P 185 48.95 -29.83 0.15
CA LYS P 185 47.98 -30.74 -0.42
C LYS P 185 47.28 -31.47 0.71
N VAL P 186 45.97 -31.61 0.59
CA VAL P 186 45.18 -32.32 1.60
C VAL P 186 43.93 -32.87 0.95
N THR P 187 43.41 -33.95 1.52
CA THR P 187 42.23 -34.63 1.01
C THR P 187 41.14 -34.60 2.07
N SER P 188 39.90 -34.48 1.63
CA SER P 188 38.79 -34.52 2.57
C SER P 188 38.57 -35.97 3.00
N ASP P 189 37.67 -36.17 3.95
CA ASP P 189 37.38 -37.54 4.33
C ASP P 189 36.66 -38.23 3.18
N HIS P 190 36.83 -39.55 3.10
CA HIS P 190 36.17 -40.29 2.05
C HIS P 190 34.75 -40.66 2.48
N ILE P 191 33.82 -40.56 1.54
CA ILE P 191 32.44 -40.98 1.80
C ILE P 191 32.10 -42.13 0.88
N ASN P 192 31.12 -42.93 1.31
CA ASN P 192 30.70 -44.11 0.56
C ASN P 192 29.20 -44.16 0.61
N PHE P 193 28.55 -44.34 -0.54
CA PHE P 193 27.09 -44.37 -0.55
C PHE P 193 26.59 -44.96 -1.86
N ASP P 194 25.32 -45.34 -1.84
CA ASP P 194 24.62 -45.85 -3.01
C ASP P 194 23.86 -44.69 -3.63
N PRO P 195 24.14 -44.27 -4.87
CA PRO P 195 23.42 -43.13 -5.46
C PRO P 195 21.90 -43.18 -5.29
N VAL P 196 21.33 -44.38 -5.14
CA VAL P 196 19.88 -44.52 -5.00
C VAL P 196 19.35 -43.79 -3.77
N TYR P 197 20.19 -43.53 -2.77
CA TYR P 197 19.74 -42.84 -1.56
C TYR P 197 20.02 -41.35 -1.59
N LYS P 198 20.41 -40.79 -2.73
CA LYS P 198 20.72 -39.36 -2.84
C LYS P 198 19.97 -38.72 -4.01
N VAL P 199 18.83 -39.27 -4.40
CA VAL P 199 18.06 -38.76 -5.52
C VAL P 199 17.16 -37.61 -5.08
N LYS P 200 17.05 -36.60 -5.95
CA LYS P 200 16.19 -35.43 -5.75
C LYS P 200 15.26 -35.42 -6.95
N PRO P 201 14.11 -36.08 -6.86
CA PRO P 201 13.17 -36.13 -7.98
C PRO P 201 12.63 -34.76 -8.36
N ASN P 202 12.09 -34.69 -9.57
CA ASN P 202 11.43 -33.48 -10.04
C ASN P 202 10.08 -33.39 -9.36
N PRO P 203 9.45 -32.22 -9.33
CA PRO P 203 8.15 -32.13 -8.68
C PRO P 203 7.04 -32.65 -9.57
N PRO P 204 5.93 -33.11 -8.97
CA PRO P 204 4.81 -33.60 -9.76
C PRO P 204 4.27 -32.57 -10.74
N HIS P 205 3.82 -33.04 -11.90
CA HIS P 205 3.26 -32.19 -12.94
C HIS P 205 1.93 -32.78 -13.38
N ASN P 206 1.23 -32.07 -14.28
CA ASN P 206 -0.09 -32.51 -14.77
C ASN P 206 -1.12 -32.53 -13.64
N LEU P 207 -1.04 -31.55 -12.75
CA LEU P 207 -1.95 -31.50 -11.62
C LEU P 207 -3.37 -31.17 -12.06
N SER P 208 -4.32 -31.99 -11.60
CA SER P 208 -5.75 -31.91 -11.89
C SER P 208 -6.52 -32.04 -10.58
N VAL P 209 -7.60 -31.29 -10.44
CA VAL P 209 -8.41 -31.37 -9.23
C VAL P 209 -9.75 -32.07 -9.42
N ILE P 210 -10.39 -31.95 -10.59
CA ILE P 210 -11.71 -32.54 -10.90
C ILE P 210 -12.81 -32.03 -9.96
N ASN P 211 -13.97 -31.71 -10.53
CA ASN P 211 -15.07 -31.25 -9.72
C ASN P 211 -15.77 -32.43 -9.03
N SER P 212 -16.66 -32.09 -8.11
CA SER P 212 -17.40 -33.08 -7.34
C SER P 212 -18.60 -33.64 -8.09
N GLU P 213 -18.89 -34.90 -7.77
CA GLU P 213 -19.96 -35.79 -8.24
C GLU P 213 -21.32 -35.42 -7.67
N GLU P 214 -22.16 -36.43 -7.43
CA GLU P 214 -23.49 -36.20 -6.89
C GLU P 214 -23.42 -36.10 -5.38
N LEU P 215 -22.24 -36.34 -4.83
CA LEU P 215 -21.94 -36.23 -3.43
C LEU P 215 -20.98 -35.06 -3.34
N SER P 216 -21.14 -34.22 -2.34
CA SER P 216 -20.26 -33.07 -2.25
C SER P 216 -19.26 -33.35 -1.14
N SER P 217 -18.44 -32.35 -0.83
CA SER P 217 -17.40 -32.46 0.19
C SER P 217 -16.29 -33.44 -0.18
N ILE P 218 -16.12 -33.75 -1.47
CA ILE P 218 -15.08 -34.69 -1.90
C ILE P 218 -14.36 -34.15 -3.12
N LEU P 219 -13.03 -34.21 -3.11
CA LEU P 219 -12.23 -33.81 -4.27
C LEU P 219 -11.16 -34.86 -4.52
N LYS P 220 -10.98 -35.27 -5.78
CA LYS P 220 -9.99 -36.27 -6.14
C LYS P 220 -8.82 -35.57 -6.84
N LEU P 221 -7.60 -35.80 -6.35
CA LEU P 221 -6.41 -35.20 -6.93
C LEU P 221 -5.75 -36.18 -7.87
N THR P 222 -5.38 -35.72 -9.07
CA THR P 222 -4.67 -36.54 -10.03
C THR P 222 -3.50 -35.74 -10.58
N TRP P 223 -2.46 -36.46 -11.00
CA TRP P 223 -1.23 -35.86 -11.51
C TRP P 223 -0.44 -36.95 -12.21
N THR P 224 0.61 -36.52 -12.92
CA THR P 224 1.49 -37.46 -13.62
C THR P 224 2.81 -37.49 -12.86
N ASN P 225 3.18 -38.69 -12.40
CA ASN P 225 4.42 -38.88 -11.67
C ASN P 225 5.64 -38.72 -12.56
N PRO P 226 6.80 -38.42 -11.98
CA PRO P 226 8.02 -38.28 -12.78
C PRO P 226 8.54 -39.63 -13.24
N SER P 227 9.19 -39.62 -14.41
CA SER P 227 9.73 -40.83 -15.02
C SER P 227 10.56 -41.66 -14.05
N ILE P 228 11.18 -41.03 -13.06
CA ILE P 228 12.04 -41.70 -12.09
C ILE P 228 11.33 -42.82 -11.32
N LYS P 229 10.02 -43.00 -11.51
CA LYS P 229 9.30 -44.06 -10.81
C LYS P 229 9.76 -45.45 -11.24
N SER P 230 10.48 -45.57 -12.36
CA SER P 230 10.97 -46.86 -12.83
C SER P 230 12.12 -47.43 -12.01
N VAL P 231 12.80 -46.61 -11.20
CA VAL P 231 13.94 -47.06 -10.41
C VAL P 231 13.63 -47.08 -8.92
N ILE P 232 12.87 -46.11 -8.42
CA ILE P 232 12.57 -46.03 -7.00
C ILE P 232 11.06 -45.96 -6.80
N ILE P 233 10.63 -46.33 -5.60
CA ILE P 233 9.23 -46.26 -5.21
C ILE P 233 9.00 -44.88 -4.58
N LEU P 234 7.99 -44.18 -5.06
CA LEU P 234 7.73 -42.83 -4.59
C LEU P 234 6.80 -42.78 -3.38
N LYS P 235 7.00 -41.74 -2.58
CA LYS P 235 6.23 -41.42 -1.39
C LYS P 235 5.78 -39.98 -1.59
N TYR P 236 4.67 -39.58 -0.99
CA TYR P 236 4.25 -38.20 -1.23
C TYR P 236 3.83 -37.50 0.05
N ASN P 237 3.73 -36.19 -0.07
CA ASN P 237 3.25 -35.28 0.96
C ASN P 237 2.25 -34.37 0.27
N ILE P 238 0.98 -34.49 0.64
CA ILE P 238 -0.08 -33.68 0.04
C ILE P 238 -0.51 -32.65 1.06
N GLN P 239 -0.42 -31.37 0.69
CA GLN P 239 -0.82 -30.28 1.55
C GLN P 239 -2.02 -29.59 0.92
N TYR P 240 -2.89 -29.07 1.78
CA TYR P 240 -4.11 -28.41 1.35
C TYR P 240 -4.57 -27.41 2.41
N ARG P 241 -5.28 -26.38 1.97
CA ARG P 241 -5.79 -25.35 2.84
C ARG P 241 -6.94 -24.67 2.12
N THR P 242 -7.72 -23.90 2.87
CA THR P 242 -8.81 -23.18 2.26
C THR P 242 -8.26 -21.94 1.56
N LYS P 243 -8.95 -21.50 0.52
CA LYS P 243 -8.51 -20.34 -0.25
C LYS P 243 -8.17 -19.14 0.62
N ASP P 244 -8.72 -19.07 1.84
CA ASP P 244 -8.47 -17.94 2.73
C ASP P 244 -7.55 -18.27 3.89
N ALA P 245 -7.30 -19.55 4.17
CA ALA P 245 -6.41 -19.94 5.25
C ALA P 245 -5.02 -19.36 5.04
N SER P 246 -4.29 -19.17 6.15
CA SER P 246 -2.94 -18.63 6.09
C SER P 246 -1.87 -19.71 6.12
N THR P 247 -2.17 -20.87 6.68
CA THR P 247 -1.22 -21.97 6.77
C THR P 247 -1.77 -23.18 6.03
N TRP P 248 -0.86 -24.08 5.66
CA TRP P 248 -1.22 -25.31 4.97
C TRP P 248 -1.40 -26.45 5.95
N SER P 249 -2.32 -27.35 5.62
CA SER P 249 -2.53 -28.56 6.41
C SER P 249 -1.88 -29.71 5.64
N GLN P 250 -1.84 -30.89 6.25
CA GLN P 250 -1.21 -31.99 5.54
C GLN P 250 -1.87 -33.32 5.89
N ILE P 251 -2.02 -34.17 4.87
CA ILE P 251 -2.58 -35.52 5.00
C ILE P 251 -1.58 -36.34 5.78
N PRO P 252 -2.00 -37.28 6.63
CA PRO P 252 -1.04 -38.09 7.38
C PRO P 252 -0.18 -38.90 6.45
N PRO P 253 1.15 -38.72 6.53
CA PRO P 253 2.08 -39.46 5.66
C PRO P 253 1.79 -40.96 5.50
N GLU P 254 1.37 -41.62 6.58
CA GLU P 254 1.10 -43.06 6.52
C GLU P 254 0.06 -43.40 5.46
N ASP P 255 -0.89 -42.51 5.20
CA ASP P 255 -1.92 -42.79 4.20
C ASP P 255 -1.41 -42.62 2.77
N THR P 256 -0.32 -41.90 2.58
CA THR P 256 0.29 -41.65 1.28
C THR P 256 1.76 -42.09 1.29
N ALA P 257 2.02 -43.27 1.85
CA ALA P 257 3.37 -43.81 2.00
C ALA P 257 3.82 -44.69 0.83
N SER P 258 3.08 -44.76 -0.27
CA SER P 258 3.52 -45.58 -1.38
C SER P 258 3.03 -45.01 -2.70
N THR P 259 3.75 -45.37 -3.78
CA THR P 259 3.50 -44.91 -5.14
C THR P 259 2.02 -44.93 -5.49
N ARG P 260 1.55 -43.84 -6.08
CA ARG P 260 0.17 -43.67 -6.48
C ARG P 260 0.11 -42.47 -7.41
N SER P 261 -0.97 -42.37 -8.18
CA SER P 261 -1.13 -41.27 -9.12
C SER P 261 -2.42 -40.50 -8.88
N SER P 262 -3.08 -40.72 -7.74
CA SER P 262 -4.32 -40.02 -7.44
C SER P 262 -4.63 -40.16 -5.96
N PHE P 263 -5.49 -39.26 -5.48
CA PHE P 263 -5.91 -39.26 -4.08
C PHE P 263 -7.16 -38.42 -3.97
N THR P 264 -8.15 -38.91 -3.22
CA THR P 264 -9.40 -38.18 -3.03
C THR P 264 -9.39 -37.55 -1.63
N VAL P 265 -9.42 -36.22 -1.57
CA VAL P 265 -9.42 -35.50 -0.31
C VAL P 265 -10.86 -35.34 0.16
N GLN P 266 -11.10 -35.67 1.44
CA GLN P 266 -12.41 -35.64 2.05
C GLN P 266 -12.53 -34.63 3.17
N ASP P 267 -13.78 -34.56 3.65
CA ASP P 267 -14.23 -33.68 4.73
C ASP P 267 -13.99 -32.21 4.43
N LEU P 268 -14.15 -31.82 3.18
CA LEU P 268 -13.98 -30.43 2.78
C LEU P 268 -15.38 -29.79 2.79
N LYS P 269 -15.43 -28.50 3.09
CA LYS P 269 -16.72 -27.81 3.16
C LYS P 269 -17.35 -27.65 1.78
N PRO P 270 -18.67 -27.74 1.69
CA PRO P 270 -19.37 -27.60 0.41
C PRO P 270 -19.17 -26.22 -0.21
N PHE P 271 -19.26 -26.19 -1.55
CA PHE P 271 -19.07 -24.97 -2.37
C PHE P 271 -17.98 -24.06 -1.82
N THR P 272 -16.85 -24.66 -1.46
CA THR P 272 -15.70 -23.95 -0.93
C THR P 272 -14.52 -24.16 -1.89
N GLU P 273 -13.70 -23.14 -2.07
CA GLU P 273 -12.55 -23.23 -2.96
C GLU P 273 -11.32 -23.68 -2.17
N TYR P 274 -10.62 -24.67 -2.69
CA TYR P 274 -9.43 -25.23 -2.07
C TYR P 274 -8.21 -25.16 -2.98
N VAL P 275 -7.05 -24.94 -2.38
CA VAL P 275 -5.78 -24.87 -3.09
C VAL P 275 -4.92 -26.05 -2.63
N PHE P 276 -4.28 -26.72 -3.59
CA PHE P 276 -3.44 -27.88 -3.28
C PHE P 276 -2.02 -27.73 -3.82
N ARG P 277 -1.09 -28.42 -3.16
CA ARG P 277 0.32 -28.48 -3.55
C ARG P 277 0.87 -29.81 -3.06
N ILE P 278 1.77 -30.43 -3.84
CA ILE P 278 2.32 -31.74 -3.52
C ILE P 278 3.82 -31.80 -3.81
N ARG P 279 4.50 -32.70 -3.11
CA ARG P 279 5.93 -32.95 -3.27
C ARG P 279 6.18 -34.44 -3.05
N CYS P 280 7.30 -34.93 -3.56
CA CYS P 280 7.61 -36.35 -3.43
C CYS P 280 9.10 -36.58 -3.22
N MET P 281 9.41 -37.79 -2.71
CA MET P 281 10.78 -38.23 -2.47
C MET P 281 10.74 -39.75 -2.33
N LYS P 282 11.92 -40.36 -2.26
CA LYS P 282 12.02 -41.81 -2.11
C LYS P 282 11.21 -42.28 -0.89
N GLU P 283 10.49 -43.39 -1.08
CA GLU P 283 9.62 -43.94 -0.03
C GLU P 283 10.30 -44.17 1.32
N ASP P 284 11.58 -44.54 1.34
CA ASP P 284 12.23 -44.78 2.63
C ASP P 284 12.76 -43.53 3.31
N GLY P 285 12.49 -42.34 2.78
CA GLY P 285 12.98 -41.13 3.40
C GLY P 285 14.46 -40.89 3.22
N LYS P 286 15.14 -41.73 2.45
CA LYS P 286 16.57 -41.60 2.18
C LYS P 286 16.74 -40.88 0.85
N GLY P 287 17.08 -39.60 0.92
CA GLY P 287 17.26 -38.75 -0.23
C GLY P 287 16.78 -37.36 0.08
N TYR P 288 16.44 -36.61 -0.96
CA TYR P 288 15.99 -35.23 -0.79
C TYR P 288 14.59 -35.01 -1.35
N TRP P 289 13.81 -34.23 -0.62
CA TRP P 289 12.46 -33.86 -1.04
C TRP P 289 12.48 -33.02 -2.31
N SER P 290 11.55 -33.30 -3.22
CA SER P 290 11.47 -32.53 -4.43
C SER P 290 10.87 -31.16 -4.11
N ASP P 291 10.89 -30.27 -5.11
CA ASP P 291 10.26 -28.98 -4.88
C ASP P 291 8.75 -29.13 -4.92
N TRP P 292 8.05 -28.07 -4.51
CA TRP P 292 6.60 -28.10 -4.54
C TRP P 292 6.09 -28.00 -5.97
N SER P 293 5.01 -28.73 -6.25
CA SER P 293 4.38 -28.71 -7.55
C SER P 293 3.72 -27.35 -7.79
N GLU P 294 3.12 -27.22 -8.98
CA GLU P 294 2.37 -26.02 -9.32
C GLU P 294 1.11 -25.97 -8.46
N GLU P 295 0.66 -24.76 -8.14
CA GLU P 295 -0.54 -24.66 -7.33
C GLU P 295 -1.76 -25.07 -8.14
N ALA P 296 -2.76 -25.60 -7.43
CA ALA P 296 -4.00 -26.05 -8.05
C ALA P 296 -5.20 -25.54 -7.27
N SER P 297 -6.24 -25.15 -7.98
CA SER P 297 -7.46 -24.61 -7.40
C SER P 297 -8.62 -25.55 -7.75
N GLY P 298 -9.64 -25.55 -6.91
CA GLY P 298 -10.80 -26.37 -7.14
C GLY P 298 -11.99 -25.85 -6.37
N ILE P 299 -13.18 -26.29 -6.78
CA ILE P 299 -14.43 -25.87 -6.16
C ILE P 299 -15.30 -27.08 -5.87
N THR P 300 -15.89 -27.10 -4.67
CA THR P 300 -16.78 -28.18 -4.29
C THR P 300 -18.11 -28.03 -5.02
N TYR P 301 -18.88 -29.11 -5.09
CA TYR P 301 -20.18 -29.06 -5.75
C TYR P 301 -21.20 -28.35 -4.87
N GLU P 302 -22.34 -28.03 -5.48
CA GLU P 302 -23.46 -27.39 -4.79
C GLU P 302 -24.15 -28.38 -3.86
N ARG Q 16 21.77 -65.43 -2.52
CA ARG Q 16 23.05 -64.72 -2.52
C ARG Q 16 22.86 -63.22 -2.72
N ALA Q 17 23.52 -62.43 -1.88
CA ALA Q 17 23.42 -60.97 -1.99
C ALA Q 17 24.04 -60.46 -3.29
N GLU Q 18 25.14 -61.07 -3.72
CA GLU Q 18 25.78 -60.67 -4.98
C GLU Q 18 24.88 -60.95 -6.18
N LEU Q 19 24.20 -62.10 -6.18
CA LEU Q 19 23.28 -62.41 -7.28
C LEU Q 19 22.08 -61.48 -7.30
N ASP Q 20 21.55 -61.13 -6.11
CA ASP Q 20 20.45 -60.18 -6.04
C ASP Q 20 20.78 -58.86 -6.71
N SER Q 21 21.97 -58.31 -6.42
CA SER Q 21 22.34 -57.01 -6.98
C SER Q 21 22.45 -57.05 -8.50
N THR Q 22 23.05 -58.12 -9.05
CA THR Q 22 23.20 -58.23 -10.50
C THR Q 22 21.86 -58.34 -11.22
N VAL Q 23 20.90 -59.05 -10.62
CA VAL Q 23 19.58 -59.21 -11.24
C VAL Q 23 18.83 -57.87 -11.30
N LEU Q 24 18.94 -57.06 -10.24
CA LEU Q 24 18.28 -55.75 -10.24
C LEU Q 24 18.77 -54.87 -11.39
N LEU Q 25 20.07 -54.86 -11.64
CA LEU Q 25 20.63 -54.06 -12.72
C LEU Q 25 20.23 -54.57 -14.10
N THR Q 26 20.08 -55.89 -14.26
CA THR Q 26 19.65 -56.42 -15.55
C THR Q 26 18.24 -55.97 -15.91
N ARG Q 27 17.31 -55.98 -14.95
CA ARG Q 27 15.96 -55.50 -15.23
C ARG Q 27 15.96 -54.04 -15.65
N SER Q 28 16.83 -53.23 -15.05
CA SER Q 28 16.98 -51.83 -15.44
C SER Q 28 17.42 -51.68 -16.89
N LEU Q 29 18.42 -52.45 -17.30
CA LEU Q 29 18.90 -52.35 -18.67
C LEU Q 29 17.85 -52.84 -19.68
N LEU Q 30 17.11 -53.89 -19.33
CA LEU Q 30 16.05 -54.37 -20.21
C LEU Q 30 15.01 -53.29 -20.46
N ALA Q 31 14.58 -52.58 -19.40
CA ALA Q 31 13.60 -51.51 -19.57
C ALA Q 31 14.12 -50.38 -20.45
N ASP Q 32 15.40 -50.01 -20.30
CA ASP Q 32 15.95 -48.96 -21.15
C ASP Q 32 15.96 -49.38 -22.61
N THR Q 33 16.28 -50.65 -22.88
CA THR Q 33 16.37 -51.12 -24.26
C THR Q 33 15.00 -51.17 -24.92
N ARG Q 34 13.99 -51.66 -24.18
CA ARG Q 34 12.63 -51.69 -24.72
C ARG Q 34 12.12 -50.31 -25.08
N GLN Q 35 12.37 -49.31 -24.23
CA GLN Q 35 11.84 -47.98 -24.49
C GLN Q 35 12.47 -47.37 -25.73
N LEU Q 36 13.79 -47.50 -25.90
CA LEU Q 36 14.44 -46.93 -27.06
C LEU Q 36 14.05 -47.65 -28.34
N ALA Q 37 13.93 -48.98 -28.28
CA ALA Q 37 13.46 -49.72 -29.45
C ALA Q 37 12.06 -49.31 -29.86
N ALA Q 38 11.16 -49.10 -28.89
CA ALA Q 38 9.79 -48.70 -29.22
C ALA Q 38 9.73 -47.26 -29.71
N GLN Q 39 10.54 -46.40 -29.10
CA GLN Q 39 10.66 -45.02 -29.56
C GLN Q 39 11.14 -44.97 -31.01
N LEU Q 40 12.10 -45.82 -31.36
CA LEU Q 40 12.65 -45.81 -32.72
C LEU Q 40 11.61 -46.18 -33.76
N ARG Q 41 10.81 -47.23 -33.50
CA ARG Q 41 9.81 -47.62 -34.49
C ARG Q 41 8.74 -46.55 -34.66
N ASP Q 42 8.48 -45.75 -33.63
CA ASP Q 42 7.49 -44.68 -33.76
C ASP Q 42 7.96 -43.60 -34.75
N LYS Q 43 9.27 -43.29 -34.73
CA LYS Q 43 9.82 -42.25 -35.59
C LYS Q 43 10.31 -42.77 -36.94
N PHE Q 44 10.85 -44.00 -36.95
CA PHE Q 44 11.40 -44.61 -38.16
C PHE Q 44 10.78 -45.99 -38.20
N PRO Q 45 9.55 -46.11 -38.69
CA PRO Q 45 8.89 -47.42 -38.72
C PRO Q 45 9.69 -48.46 -39.48
N ALA Q 46 9.51 -49.72 -39.07
CA ALA Q 46 10.18 -50.86 -39.67
C ALA Q 46 9.11 -51.75 -40.26
N ASP Q 47 9.36 -52.27 -41.45
CA ASP Q 47 8.44 -53.17 -42.13
C ASP Q 47 9.06 -54.55 -42.33
N GLY Q 48 8.87 -55.44 -41.36
CA GLY Q 48 9.44 -56.75 -41.49
C GLY Q 48 10.49 -57.07 -40.45
N ASP Q 49 10.72 -58.35 -40.19
CA ASP Q 49 11.72 -58.74 -39.23
C ASP Q 49 13.10 -58.73 -39.88
N HIS Q 50 13.99 -57.92 -39.33
CA HIS Q 50 15.30 -57.69 -39.92
C HIS Q 50 16.32 -58.59 -39.22
N ASN Q 51 17.28 -59.10 -39.98
CA ASN Q 51 18.30 -59.94 -39.41
C ASN Q 51 19.66 -59.49 -39.92
N LEU Q 52 20.71 -59.90 -39.20
CA LEU Q 52 22.08 -59.65 -39.61
C LEU Q 52 22.88 -60.91 -39.40
N ASP Q 53 23.71 -61.27 -40.38
CA ASP Q 53 24.49 -62.50 -40.22
C ASP Q 53 25.46 -62.36 -39.05
N SER Q 54 25.94 -61.14 -38.77
CA SER Q 54 26.93 -60.98 -37.72
C SER Q 54 26.30 -60.97 -36.34
N LEU Q 55 24.95 -60.92 -36.24
CA LEU Q 55 24.43 -60.93 -34.90
C LEU Q 55 24.28 -62.37 -34.43
N PRO Q 56 24.33 -62.65 -33.13
CA PRO Q 56 24.14 -64.02 -32.69
C PRO Q 56 22.71 -64.42 -32.99
N THR Q 57 22.49 -65.70 -33.24
CA THR Q 57 21.13 -66.24 -33.32
C THR Q 57 21.00 -67.40 -32.36
N LEU Q 58 21.52 -67.20 -31.16
CA LEU Q 58 21.53 -68.20 -30.12
C LEU Q 58 20.20 -68.31 -29.38
N ALA Q 59 19.27 -67.39 -29.60
CA ALA Q 59 18.01 -67.35 -28.85
C ALA Q 59 17.08 -68.40 -29.46
N MET Q 60 17.50 -69.65 -29.32
CA MET Q 60 16.80 -70.82 -29.81
C MET Q 60 16.41 -71.72 -28.65
N SER Q 61 15.19 -71.55 -28.13
CA SER Q 61 14.74 -72.41 -27.04
C SER Q 61 13.27 -72.13 -26.75
N ALA Q 62 12.65 -73.10 -26.07
CA ALA Q 62 11.30 -73.00 -25.55
C ALA Q 62 11.31 -72.59 -24.08
N GLY Q 63 10.17 -72.78 -23.43
CA GLY Q 63 9.92 -72.45 -22.04
C GLY Q 63 10.78 -73.21 -21.03
N ALA Q 64 10.62 -74.52 -21.00
CA ALA Q 64 11.38 -75.43 -20.15
C ALA Q 64 12.91 -75.25 -20.14
N LEU Q 65 13.47 -74.45 -21.06
CA LEU Q 65 14.92 -74.33 -21.15
C LEU Q 65 15.58 -73.96 -19.81
N GLY Q 66 14.80 -73.50 -18.84
CA GLY Q 66 15.30 -73.21 -17.50
C GLY Q 66 16.10 -74.36 -16.92
N ALA Q 67 15.83 -75.54 -17.47
CA ALA Q 67 16.34 -76.80 -16.97
C ALA Q 67 17.86 -76.79 -16.93
N LEU Q 68 18.48 -76.18 -17.94
CA LEU Q 68 19.92 -76.19 -18.14
C LEU Q 68 20.69 -75.66 -16.93
N GLN Q 69 21.97 -76.02 -16.90
CA GLN Q 69 22.92 -75.75 -15.84
C GLN Q 69 23.64 -74.40 -15.95
N LEU Q 70 24.23 -74.01 -14.82
CA LEU Q 70 24.75 -72.65 -14.64
C LEU Q 70 25.96 -72.31 -15.51
N PRO Q 71 26.99 -73.15 -15.63
CA PRO Q 71 28.15 -72.73 -16.45
C PRO Q 71 27.81 -72.37 -17.89
N GLY Q 72 26.93 -73.13 -18.53
CA GLY Q 72 26.60 -72.81 -19.91
C GLY Q 72 25.87 -71.49 -20.04
N VAL Q 73 24.90 -71.23 -19.15
CA VAL Q 73 24.15 -69.98 -19.19
C VAL Q 73 25.06 -68.75 -19.03
N LEU Q 74 25.97 -68.77 -18.05
CA LEU Q 74 26.81 -67.59 -17.86
C LEU Q 74 27.79 -67.40 -19.00
N THR Q 75 28.38 -68.51 -19.48
CA THR Q 75 29.28 -68.44 -20.62
C THR Q 75 28.54 -67.93 -21.84
N ARG Q 76 27.33 -68.45 -22.05
CA ARG Q 76 26.51 -68.08 -23.20
C ARG Q 76 26.08 -66.62 -23.14
N LEU Q 77 25.68 -66.14 -21.96
CA LEU Q 77 25.33 -64.73 -21.81
C LEU Q 77 26.51 -63.81 -22.11
N ARG Q 78 27.69 -64.16 -21.61
CA ARG Q 78 28.88 -63.35 -21.81
C ARG Q 78 29.25 -63.20 -23.29
N ALA Q 79 29.21 -64.30 -24.04
CA ALA Q 79 29.56 -64.24 -25.46
C ALA Q 79 28.59 -63.37 -26.25
N ASP Q 80 27.29 -63.51 -26.01
CA ASP Q 80 26.30 -62.74 -26.75
C ASP Q 80 26.42 -61.24 -26.47
N LEU Q 81 26.54 -60.87 -25.19
CA LEU Q 81 26.59 -59.46 -24.80
C LEU Q 81 27.83 -58.75 -25.35
N LEU Q 82 28.97 -59.44 -25.41
CA LEU Q 82 30.15 -58.81 -26.01
C LEU Q 82 29.93 -58.47 -27.48
N SER Q 83 29.28 -59.37 -28.23
CA SER Q 83 28.95 -59.05 -29.62
C SER Q 83 28.00 -57.86 -29.71
N TYR Q 84 26.99 -57.82 -28.84
CA TYR Q 84 26.04 -56.71 -28.85
C TYR Q 84 26.71 -55.39 -28.49
N LEU Q 85 27.66 -55.40 -27.55
CA LEU Q 85 28.37 -54.17 -27.21
C LEU Q 85 29.12 -53.62 -28.41
N ARG Q 86 29.85 -54.48 -29.12
CA ARG Q 86 30.54 -54.07 -30.34
C ARG Q 86 29.57 -53.42 -31.32
N HIS Q 87 28.40 -54.03 -31.50
CA HIS Q 87 27.44 -53.55 -32.49
C HIS Q 87 26.81 -52.23 -32.07
N VAL Q 88 26.50 -52.06 -30.79
CA VAL Q 88 25.94 -50.80 -30.30
C VAL Q 88 26.93 -49.66 -30.48
N GLN Q 89 28.19 -49.87 -30.07
CA GLN Q 89 29.21 -48.85 -30.24
C GLN Q 89 29.44 -48.53 -31.72
N TRP Q 90 29.47 -49.57 -32.55
CA TRP Q 90 29.60 -49.40 -33.99
C TRP Q 90 28.49 -48.51 -34.55
N LEU Q 91 27.26 -48.70 -34.08
CA LEU Q 91 26.14 -47.89 -34.55
C LEU Q 91 26.35 -46.40 -34.26
N ARG Q 92 26.80 -46.06 -33.06
CA ARG Q 92 26.94 -44.65 -32.70
C ARG Q 92 27.98 -43.93 -33.55
N ARG Q 93 29.19 -44.47 -33.64
CA ARG Q 93 30.26 -43.73 -34.30
C ARG Q 93 30.07 -43.61 -35.80
N ALA Q 94 29.32 -44.53 -36.42
CA ALA Q 94 29.27 -44.59 -37.87
C ALA Q 94 27.87 -44.84 -38.43
N GLY Q 95 26.83 -44.82 -37.61
CA GLY Q 95 25.50 -45.11 -38.12
C GLY Q 95 24.93 -44.06 -39.07
N GLY Q 96 25.50 -42.87 -39.07
CA GLY Q 96 24.99 -41.82 -39.93
C GLY Q 96 24.23 -40.76 -39.15
N SER Q 97 24.18 -39.56 -39.73
CA SER Q 97 23.54 -38.43 -39.04
C SER Q 97 22.07 -38.72 -38.78
N SER Q 98 21.46 -39.65 -39.52
CA SER Q 98 20.04 -39.94 -39.35
C SER Q 98 19.73 -40.40 -37.93
N LEU Q 99 20.71 -41.00 -37.25
CA LEU Q 99 20.47 -41.63 -35.96
C LEU Q 99 20.99 -40.80 -34.80
N LYS Q 100 21.45 -39.57 -35.04
CA LYS Q 100 21.85 -38.70 -33.95
C LYS Q 100 20.69 -38.43 -33.00
N THR Q 101 19.45 -38.52 -33.49
CA THR Q 101 18.28 -38.33 -32.66
C THR Q 101 18.13 -39.41 -31.59
N LEU Q 102 18.83 -40.53 -31.72
CA LEU Q 102 18.73 -41.59 -30.72
C LEU Q 102 19.67 -41.37 -29.55
N GLU Q 103 20.54 -40.38 -29.64
CA GLU Q 103 21.37 -39.89 -28.55
C GLU Q 103 20.60 -38.87 -27.73
N PRO Q 104 20.99 -38.66 -26.46
CA PRO Q 104 22.14 -39.31 -25.81
C PRO Q 104 21.74 -40.65 -25.22
N GLU Q 105 20.50 -41.07 -25.47
CA GLU Q 105 20.00 -42.28 -24.85
C GLU Q 105 20.79 -43.50 -25.31
N LEU Q 106 21.20 -43.50 -26.58
CA LEU Q 106 21.95 -44.64 -27.10
C LEU Q 106 23.34 -44.72 -26.46
N GLY Q 107 23.99 -43.58 -26.25
CA GLY Q 107 25.28 -43.59 -25.59
C GLY Q 107 25.19 -43.98 -24.13
N THR Q 108 24.11 -43.56 -23.45
CA THR Q 108 23.91 -44.00 -22.07
C THR Q 108 23.70 -45.51 -22.00
N LEU Q 109 22.92 -46.06 -22.94
CA LEU Q 109 22.72 -47.50 -23.02
C LEU Q 109 24.03 -48.26 -23.21
N GLN Q 110 24.89 -47.76 -24.09
CA GLN Q 110 26.21 -48.39 -24.30
C GLN Q 110 27.02 -48.45 -23.00
N ALA Q 111 27.05 -47.35 -22.25
CA ALA Q 111 27.86 -47.30 -21.03
C ALA Q 111 27.36 -48.27 -19.96
N ARG Q 112 26.05 -48.42 -19.81
CA ARG Q 112 25.56 -49.33 -18.78
C ARG Q 112 25.92 -50.78 -19.10
N LEU Q 113 26.04 -51.11 -20.37
CA LEU Q 113 26.25 -52.50 -20.79
C LEU Q 113 27.69 -52.97 -20.59
N ASP Q 114 28.68 -52.13 -20.89
CA ASP Q 114 30.07 -52.49 -20.65
C ASP Q 114 30.32 -52.83 -19.18
N ARG Q 115 29.80 -52.02 -18.27
CA ARG Q 115 29.99 -52.28 -16.84
C ARG Q 115 29.35 -53.58 -16.39
N LEU Q 116 28.16 -53.89 -16.90
CA LEU Q 116 27.50 -55.14 -16.53
C LEU Q 116 28.31 -56.34 -16.99
N LEU Q 117 28.94 -56.25 -18.16
CA LEU Q 117 29.83 -57.33 -18.57
C LEU Q 117 30.95 -57.49 -17.55
N ARG Q 118 31.50 -56.38 -17.06
CA ARG Q 118 32.53 -56.42 -16.03
C ARG Q 118 32.00 -57.10 -14.76
N ARG Q 119 30.76 -56.75 -14.39
CA ARG Q 119 30.13 -57.32 -13.19
C ARG Q 119 29.99 -58.83 -13.34
N LEU Q 120 29.71 -59.29 -14.56
CA LEU Q 120 29.58 -60.72 -14.82
C LEU Q 120 30.91 -61.44 -14.65
N GLN Q 121 32.01 -60.83 -15.11
CA GLN Q 121 33.32 -61.45 -14.91
C GLN Q 121 33.65 -61.51 -13.42
N LEU Q 122 33.25 -60.49 -12.66
CA LEU Q 122 33.51 -60.48 -11.23
C LEU Q 122 32.72 -61.56 -10.51
N LEU Q 123 31.44 -61.73 -10.89
CA LEU Q 123 30.62 -62.79 -10.33
C LEU Q 123 31.28 -64.16 -10.49
N MET Q 124 31.81 -64.43 -11.69
CA MET Q 124 32.44 -65.73 -11.93
C MET Q 124 33.70 -65.87 -11.09
N SER Q 125 34.45 -64.78 -10.91
CA SER Q 125 35.67 -64.82 -10.13
C SER Q 125 35.36 -65.05 -8.65
N ARG Q 126 34.39 -64.30 -8.11
CA ARG Q 126 34.04 -64.44 -6.70
C ARG Q 126 33.48 -65.83 -6.39
N LEU Q 127 32.78 -66.45 -7.32
CA LEU Q 127 32.28 -67.80 -7.13
C LEU Q 127 33.27 -68.87 -7.56
N ALA Q 128 34.48 -68.49 -7.97
CA ALA Q 128 35.55 -69.45 -8.28
C ALA Q 128 35.11 -70.40 -9.39
N LEU Q 129 34.32 -69.88 -10.32
CA LEU Q 129 33.89 -70.67 -11.44
C LEU Q 129 34.97 -70.71 -12.53
N PRO Q 130 35.03 -71.82 -13.27
CA PRO Q 130 36.05 -71.94 -14.33
C PRO Q 130 35.86 -70.83 -15.35
N GLN Q 131 36.96 -70.17 -15.70
CA GLN Q 131 36.56 -69.15 -16.65
C GLN Q 131 36.58 -69.73 -18.06
N PRO Q 132 35.63 -69.33 -18.90
CA PRO Q 132 35.63 -69.84 -20.26
C PRO Q 132 36.89 -69.41 -20.98
N PRO Q 133 37.31 -70.15 -21.99
CA PRO Q 133 38.47 -69.72 -22.74
C PRO Q 133 38.17 -68.50 -23.59
N PRO Q 134 39.13 -67.59 -23.68
CA PRO Q 134 38.99 -66.40 -24.52
C PRO Q 134 38.66 -66.70 -25.98
N ASP Q 135 37.43 -66.46 -26.39
CA ASP Q 135 37.04 -66.84 -27.73
C ASP Q 135 37.60 -65.83 -28.72
N PRO Q 136 37.71 -66.20 -30.00
CA PRO Q 136 38.26 -65.27 -30.97
C PRO Q 136 37.26 -64.19 -31.35
N PRO Q 137 37.63 -62.92 -31.13
CA PRO Q 137 36.71 -61.82 -31.40
C PRO Q 137 36.28 -61.77 -32.86
N ALA Q 138 35.04 -61.32 -33.07
CA ALA Q 138 34.45 -61.33 -34.40
C ALA Q 138 35.07 -60.22 -35.24
N PRO Q 139 35.23 -60.45 -36.54
CA PRO Q 139 35.82 -59.44 -37.41
C PRO Q 139 34.99 -58.17 -37.44
N PRO Q 140 35.51 -57.08 -38.01
CA PRO Q 140 34.78 -55.82 -37.98
C PRO Q 140 33.51 -55.90 -38.77
N LEU Q 141 32.50 -55.15 -38.33
CA LEU Q 141 31.28 -55.06 -39.09
C LEU Q 141 31.56 -54.10 -40.22
N ALA Q 142 31.15 -54.45 -41.43
CA ALA Q 142 31.29 -53.52 -42.53
C ALA Q 142 30.47 -52.26 -42.22
N PRO Q 143 30.91 -51.10 -42.69
CA PRO Q 143 30.11 -49.89 -42.52
C PRO Q 143 28.78 -50.05 -43.24
N PRO Q 144 27.75 -49.32 -42.84
CA PRO Q 144 26.48 -49.41 -43.57
C PRO Q 144 26.64 -48.95 -45.00
N SER Q 145 25.84 -49.54 -45.88
CA SER Q 145 25.92 -49.20 -47.30
C SER Q 145 25.21 -47.90 -47.60
N SER Q 146 24.40 -47.42 -46.66
CA SER Q 146 23.63 -46.19 -46.79
C SER Q 146 23.20 -45.77 -45.39
N ALA Q 147 22.72 -44.53 -45.29
CA ALA Q 147 22.23 -44.05 -44.00
C ALA Q 147 21.01 -44.87 -43.56
N TRP Q 148 20.13 -45.19 -44.50
CA TRP Q 148 18.94 -45.97 -44.17
C TRP Q 148 19.28 -47.43 -43.87
N GLY Q 149 20.34 -47.96 -44.48
CA GLY Q 149 20.79 -49.29 -44.12
C GLY Q 149 21.21 -49.37 -42.66
N GLY Q 150 21.78 -48.29 -42.13
CA GLY Q 150 22.12 -48.26 -40.72
C GLY Q 150 20.88 -48.27 -39.84
N ILE Q 151 19.84 -47.53 -40.26
CA ILE Q 151 18.57 -47.52 -39.54
C ILE Q 151 17.95 -48.92 -39.55
N ARG Q 152 17.96 -49.58 -40.71
CA ARG Q 152 17.43 -50.94 -40.79
C ARG Q 152 18.20 -51.89 -39.89
N ALA Q 153 19.52 -51.68 -39.79
CA ALA Q 153 20.39 -52.48 -38.94
C ALA Q 153 20.05 -52.30 -37.45
N ALA Q 154 19.74 -51.06 -37.06
CA ALA Q 154 19.32 -50.76 -35.70
C ALA Q 154 18.10 -51.54 -35.26
N HIS Q 155 17.08 -51.67 -36.12
CA HIS Q 155 15.91 -52.46 -35.73
C HIS Q 155 16.30 -53.90 -35.42
N ALA Q 156 17.18 -54.49 -36.23
CA ALA Q 156 17.59 -55.87 -36.00
C ALA Q 156 18.38 -55.99 -34.68
N ILE Q 157 19.24 -55.01 -34.42
CA ILE Q 157 20.11 -55.03 -33.24
C ILE Q 157 19.29 -54.85 -31.96
N LEU Q 158 18.42 -53.84 -31.93
CA LEU Q 158 17.63 -53.59 -30.72
C LEU Q 158 16.65 -54.73 -30.45
N GLY Q 159 16.01 -55.27 -31.48
CA GLY Q 159 15.12 -56.39 -31.26
C GLY Q 159 15.88 -57.60 -30.73
N GLY Q 160 17.06 -57.86 -31.28
CA GLY Q 160 17.85 -59.00 -30.82
C GLY Q 160 18.37 -58.78 -29.41
N LEU Q 161 18.74 -57.53 -29.09
CA LEU Q 161 19.23 -57.23 -27.75
C LEU Q 161 18.15 -57.42 -26.69
N HIS Q 162 16.97 -56.81 -26.90
CA HIS Q 162 15.94 -56.90 -25.87
C HIS Q 162 15.44 -58.32 -25.70
N LEU Q 163 15.54 -59.15 -26.74
CA LEU Q 163 15.16 -60.54 -26.59
C LEU Q 163 16.19 -61.27 -25.72
N THR Q 164 17.48 -60.99 -25.95
CA THR Q 164 18.55 -61.57 -25.16
C THR Q 164 18.40 -61.20 -23.69
N LEU Q 165 18.10 -59.92 -23.43
CA LEU Q 165 17.94 -59.43 -22.07
C LEU Q 165 16.70 -60.01 -21.40
N ASP Q 166 15.62 -60.19 -22.17
CA ASP Q 166 14.41 -60.79 -21.62
C ASP Q 166 14.69 -62.20 -21.12
N TRP Q 167 15.45 -62.98 -21.89
CA TRP Q 167 15.78 -64.35 -21.49
C TRP Q 167 16.86 -64.37 -20.40
N ALA Q 168 17.68 -63.31 -20.34
CA ALA Q 168 18.67 -63.15 -19.27
C ALA Q 168 18.05 -62.95 -17.90
N VAL Q 169 17.06 -62.05 -17.79
CA VAL Q 169 16.37 -61.84 -16.51
C VAL Q 169 15.80 -63.15 -15.99
N ARG Q 170 15.12 -63.89 -16.87
CA ARG Q 170 14.48 -65.14 -16.48
C ARG Q 170 15.51 -66.16 -15.99
N GLY Q 171 16.59 -66.33 -16.73
CA GLY Q 171 17.58 -67.35 -16.39
C GLY Q 171 18.24 -67.09 -15.04
N LEU Q 172 18.60 -65.84 -14.77
CA LEU Q 172 19.29 -65.51 -13.53
C LEU Q 172 18.38 -65.81 -12.33
N LEU Q 173 17.09 -65.55 -12.48
CA LEU Q 173 16.12 -65.82 -11.42
C LEU Q 173 15.98 -67.31 -11.16
N LEU Q 174 16.09 -68.13 -12.22
CA LEU Q 174 16.01 -69.59 -12.05
C LEU Q 174 17.17 -70.13 -11.22
N LEU Q 175 18.39 -69.65 -11.47
CA LEU Q 175 19.51 -70.15 -10.67
C LEU Q 175 19.30 -69.91 -9.19
N LYS Q 176 18.76 -68.74 -8.82
CA LYS Q 176 18.53 -68.50 -7.40
C LYS Q 176 17.63 -69.59 -6.83
N THR Q 177 16.66 -70.05 -7.62
CA THR Q 177 15.74 -71.08 -7.16
C THR Q 177 16.43 -72.41 -6.83
N ARG Q 178 17.64 -72.65 -7.33
CA ARG Q 178 18.33 -73.92 -7.04
C ARG Q 178 19.46 -73.75 -6.03
N LEU Q 179 20.52 -73.05 -6.38
CA LEU Q 179 21.55 -72.68 -5.41
C LEU Q 179 21.35 -71.26 -4.87
N PRO R 3 -10.58 -92.63 -65.52
CA PRO R 3 -11.96 -92.16 -65.71
C PRO R 3 -12.07 -90.63 -65.84
N CYS R 4 -12.59 -89.90 -64.85
CA CYS R 4 -12.64 -88.45 -64.92
C CYS R 4 -12.10 -87.88 -63.62
N PRO R 5 -11.71 -86.57 -63.60
CA PRO R 5 -11.22 -86.00 -62.34
C PRO R 5 -12.19 -86.31 -61.21
N GLN R 6 -11.72 -87.03 -60.20
CA GLN R 6 -12.54 -87.31 -59.03
C GLN R 6 -13.03 -86.05 -58.31
N ALA R 7 -14.23 -86.16 -57.74
CA ALA R 7 -14.98 -85.00 -57.28
C ALA R 7 -14.33 -84.40 -56.03
N TRP R 8 -14.97 -83.35 -55.50
CA TRP R 8 -14.46 -82.61 -54.34
C TRP R 8 -15.21 -83.01 -53.08
N GLY R 9 -16.50 -82.69 -53.05
CA GLY R 9 -17.42 -83.08 -52.00
C GLY R 9 -18.15 -84.36 -52.33
N PRO R 10 -19.47 -84.26 -52.54
CA PRO R 10 -20.27 -85.44 -52.84
C PRO R 10 -19.80 -86.09 -54.13
N PRO R 11 -20.15 -87.36 -54.35
CA PRO R 11 -19.43 -88.16 -55.35
C PRO R 11 -19.85 -87.94 -56.78
N GLY R 12 -21.00 -87.29 -57.02
CA GLY R 12 -21.49 -87.17 -58.37
C GLY R 12 -21.85 -85.75 -58.79
N VAL R 13 -21.24 -84.76 -58.14
CA VAL R 13 -21.51 -83.35 -58.43
C VAL R 13 -20.20 -82.67 -58.77
N GLN R 14 -20.24 -81.76 -59.74
CA GLN R 14 -19.09 -80.96 -60.11
C GLN R 14 -19.46 -79.49 -60.06
N TYR R 15 -18.43 -78.64 -60.09
CA TYR R 15 -18.59 -77.22 -59.81
C TYR R 15 -17.97 -76.40 -60.94
N GLY R 16 -18.40 -75.15 -61.03
CA GLY R 16 -17.85 -74.27 -62.04
C GLY R 16 -18.01 -72.82 -61.68
N GLN R 17 -17.28 -71.99 -62.41
CA GLN R 17 -17.23 -70.54 -62.32
C GLN R 17 -17.91 -69.89 -63.53
N PRO R 18 -18.68 -68.83 -63.32
CA PRO R 18 -19.28 -68.10 -64.44
C PRO R 18 -18.23 -67.61 -65.42
N GLY R 19 -18.64 -67.49 -66.69
CA GLY R 19 -17.73 -67.03 -67.70
C GLY R 19 -16.59 -67.97 -68.05
N ARG R 20 -16.51 -69.15 -67.42
CA ARG R 20 -15.45 -70.10 -67.72
C ARG R 20 -15.95 -71.18 -68.66
N SER R 21 -15.17 -72.24 -68.76
CA SER R 21 -15.56 -73.48 -69.41
C SER R 21 -15.69 -74.47 -68.28
N VAL R 22 -16.75 -75.26 -68.29
CA VAL R 22 -16.98 -76.25 -67.26
C VAL R 22 -17.15 -77.61 -67.92
N LYS R 23 -16.58 -78.63 -67.30
CA LYS R 23 -16.44 -79.95 -67.91
C LYS R 23 -17.05 -80.96 -66.97
N LEU R 24 -18.25 -81.41 -67.29
CA LEU R 24 -18.96 -82.39 -66.48
C LEU R 24 -18.54 -83.77 -66.92
N CYS R 25 -18.50 -84.71 -65.99
CA CYS R 25 -18.13 -86.08 -66.31
C CYS R 25 -19.27 -86.96 -65.85
N CYS R 26 -19.43 -88.11 -66.52
CA CYS R 26 -20.44 -89.06 -66.08
C CYS R 26 -19.83 -89.95 -65.02
N PRO R 27 -20.32 -89.91 -63.78
CA PRO R 27 -19.62 -90.59 -62.67
C PRO R 27 -19.45 -92.09 -62.87
N GLY R 28 -20.55 -92.82 -63.02
CA GLY R 28 -20.41 -94.26 -63.09
C GLY R 28 -20.30 -94.81 -64.49
N VAL R 29 -19.39 -94.24 -65.29
CA VAL R 29 -19.16 -94.69 -66.65
C VAL R 29 -17.66 -94.73 -66.90
N THR R 30 -17.19 -95.83 -67.48
CA THR R 30 -15.78 -95.98 -67.83
C THR R 30 -15.35 -94.90 -68.82
N ALA R 31 -14.21 -94.26 -68.56
CA ALA R 31 -13.70 -93.27 -69.49
C ALA R 31 -13.41 -93.90 -70.84
N GLY R 32 -14.10 -93.42 -71.87
CA GLY R 32 -14.04 -93.99 -73.20
C GLY R 32 -15.36 -94.54 -73.67
N ASP R 33 -16.30 -94.76 -72.77
CA ASP R 33 -17.62 -95.20 -73.18
C ASP R 33 -18.40 -94.00 -73.70
N PRO R 34 -19.00 -94.08 -74.88
CA PRO R 34 -19.86 -92.99 -75.33
C PRO R 34 -21.11 -92.91 -74.48
N VAL R 35 -21.52 -91.69 -74.17
CA VAL R 35 -22.66 -91.44 -73.29
C VAL R 35 -23.43 -90.25 -73.84
N SER R 36 -24.70 -90.20 -73.47
CA SER R 36 -25.59 -89.14 -73.90
C SER R 36 -25.96 -88.22 -72.73
N TRP R 37 -26.21 -86.95 -73.04
CA TRP R 37 -26.48 -85.91 -72.05
C TRP R 37 -27.82 -85.24 -72.32
N PHE R 38 -28.55 -84.92 -71.25
CA PHE R 38 -29.80 -84.19 -71.39
C PHE R 38 -29.91 -83.13 -70.31
N ARG R 39 -30.67 -82.08 -70.61
CA ARG R 39 -31.07 -81.07 -69.65
C ARG R 39 -32.37 -81.53 -69.02
N ASP R 40 -32.55 -81.28 -67.72
CA ASP R 40 -33.71 -81.85 -67.05
C ASP R 40 -34.98 -81.32 -67.72
N GLY R 41 -35.84 -82.23 -68.16
CA GLY R 41 -37.07 -81.82 -68.79
C GLY R 41 -36.92 -81.45 -70.26
N GLU R 42 -35.71 -81.50 -70.80
CA GLU R 42 -35.42 -81.12 -72.18
C GLU R 42 -34.71 -82.24 -72.90
N PRO R 43 -35.25 -82.74 -74.02
CA PRO R 43 -34.72 -83.97 -74.63
C PRO R 43 -33.47 -83.78 -75.47
N LYS R 44 -33.02 -82.56 -75.70
CA LYS R 44 -31.93 -82.31 -76.63
C LYS R 44 -30.59 -82.87 -76.18
N LEU R 45 -29.95 -83.66 -77.05
CA LEU R 45 -28.62 -84.17 -76.77
C LEU R 45 -27.64 -83.02 -76.76
N LEU R 46 -26.98 -82.79 -75.63
CA LEU R 46 -26.08 -81.66 -75.57
C LEU R 46 -24.71 -81.97 -76.13
N GLN R 47 -24.09 -80.93 -76.66
CA GLN R 47 -22.77 -80.92 -77.29
C GLN R 47 -21.86 -80.01 -76.45
N GLY R 48 -20.60 -79.92 -76.84
CA GLY R 48 -19.57 -79.15 -76.15
C GLY R 48 -18.46 -78.91 -77.14
N PRO R 49 -17.54 -77.84 -77.01
CA PRO R 49 -16.41 -77.61 -77.96
C PRO R 49 -15.53 -78.77 -78.53
N ASP R 50 -15.17 -79.86 -77.86
CA ASP R 50 -14.42 -80.92 -78.55
C ASP R 50 -15.32 -81.89 -79.34
N SER R 51 -15.85 -81.57 -80.59
CA SER R 51 -16.78 -82.33 -81.54
C SER R 51 -18.24 -82.86 -81.35
N GLY R 52 -18.55 -83.65 -80.29
CA GLY R 52 -19.89 -84.22 -79.98
C GLY R 52 -20.24 -85.59 -79.36
N LEU R 53 -19.31 -86.44 -78.89
CA LEU R 53 -19.71 -87.75 -78.30
C LEU R 53 -18.52 -88.15 -77.44
N GLY R 54 -18.49 -87.69 -76.19
CA GLY R 54 -17.34 -88.12 -75.42
C GLY R 54 -17.71 -88.85 -74.15
N HIS R 55 -16.88 -88.65 -73.12
CA HIS R 55 -17.22 -89.07 -71.77
C HIS R 55 -17.60 -87.87 -70.92
N GLU R 56 -17.47 -86.65 -71.46
CA GLU R 56 -17.63 -85.45 -70.65
C GLU R 56 -18.29 -84.33 -71.45
N LEU R 57 -19.38 -83.79 -70.90
CA LEU R 57 -20.02 -82.61 -71.48
C LEU R 57 -19.27 -81.37 -71.02
N VAL R 58 -19.12 -80.38 -71.92
CA VAL R 58 -18.46 -79.13 -71.58
C VAL R 58 -19.41 -77.97 -71.90
N LEU R 59 -19.40 -76.96 -71.04
CA LEU R 59 -20.20 -75.74 -71.20
C LEU R 59 -19.27 -74.53 -71.14
N ALA R 60 -19.08 -73.86 -72.27
CA ALA R 60 -18.44 -72.55 -72.30
C ALA R 60 -19.36 -71.41 -71.94
N GLN R 61 -20.67 -71.56 -72.11
CA GLN R 61 -21.66 -70.59 -71.64
C GLN R 61 -21.33 -70.16 -70.21
N ALA R 62 -21.44 -71.10 -69.26
CA ALA R 62 -21.45 -70.82 -67.82
C ALA R 62 -22.09 -69.50 -67.40
N ASP R 63 -23.41 -69.46 -67.39
CA ASP R 63 -24.16 -68.37 -66.77
C ASP R 63 -25.21 -68.99 -65.84
N SER R 64 -25.99 -68.13 -65.17
CA SER R 64 -26.85 -68.61 -64.09
C SER R 64 -27.93 -69.56 -64.59
N THR R 65 -28.44 -69.35 -65.81
CA THR R 65 -29.44 -70.24 -66.37
C THR R 65 -28.91 -71.66 -66.55
N ASP R 66 -27.59 -71.83 -66.59
CA ASP R 66 -26.93 -73.12 -66.73
C ASP R 66 -26.78 -73.86 -65.40
N GLU R 67 -27.22 -73.27 -64.30
CA GLU R 67 -27.16 -73.93 -62.99
C GLU R 67 -28.39 -74.80 -62.81
N GLY R 68 -28.15 -76.08 -62.49
CA GLY R 68 -29.22 -77.03 -62.29
C GLY R 68 -28.70 -78.46 -62.37
N THR R 69 -29.59 -79.37 -62.70
CA THR R 69 -29.30 -80.80 -62.75
C THR R 69 -29.16 -81.30 -64.18
N TYR R 70 -28.09 -82.05 -64.45
CA TYR R 70 -27.79 -82.61 -65.76
C TYR R 70 -27.81 -84.13 -65.63
N ILE R 71 -28.23 -84.81 -66.69
CA ILE R 71 -28.26 -86.28 -66.74
C ILE R 71 -27.39 -86.81 -67.87
N CYS R 72 -26.53 -87.78 -67.55
CA CYS R 72 -25.76 -88.50 -68.56
C CYS R 72 -26.17 -89.96 -68.52
N GLN R 73 -26.33 -90.57 -69.70
CA GLN R 73 -26.64 -92.00 -69.78
C GLN R 73 -25.96 -92.62 -70.99
N THR R 74 -25.57 -93.88 -70.83
CA THR R 74 -25.00 -94.63 -71.96
C THR R 74 -26.08 -94.93 -72.99
N LEU R 75 -25.64 -95.24 -74.21
CA LEU R 75 -26.58 -95.46 -75.32
C LEU R 75 -27.50 -96.66 -75.09
N ASP R 76 -27.17 -97.57 -74.18
CA ASP R 76 -28.06 -98.69 -73.90
C ASP R 76 -29.33 -98.26 -73.16
N GLY R 77 -29.32 -97.09 -72.54
CA GLY R 77 -30.42 -96.62 -71.73
C GLY R 77 -30.10 -96.62 -70.25
N ALA R 78 -29.01 -97.28 -69.87
CA ALA R 78 -28.60 -97.35 -68.47
C ALA R 78 -28.17 -95.98 -67.97
N LEU R 79 -28.66 -95.61 -66.80
CA LEU R 79 -28.29 -94.32 -66.19
C LEU R 79 -26.89 -94.43 -65.63
N GLY R 80 -25.93 -93.78 -66.29
CA GLY R 80 -24.55 -93.85 -65.87
C GLY R 80 -24.20 -92.90 -64.75
N GLY R 81 -25.15 -92.06 -64.38
CA GLY R 81 -24.98 -91.10 -63.30
C GLY R 81 -25.64 -89.76 -63.56
N THR R 82 -25.63 -88.92 -62.53
CA THR R 82 -26.23 -87.59 -62.54
C THR R 82 -25.22 -86.60 -62.00
N VAL R 83 -25.20 -85.39 -62.56
CA VAL R 83 -24.33 -84.35 -62.05
C VAL R 83 -25.12 -83.07 -61.89
N THR R 84 -24.78 -82.30 -60.86
CA THR R 84 -25.39 -81.01 -60.58
C THR R 84 -24.33 -79.92 -60.73
N LEU R 85 -24.60 -78.92 -61.56
CA LEU R 85 -23.68 -77.81 -61.74
C LEU R 85 -24.15 -76.69 -60.82
N GLN R 86 -23.35 -76.40 -59.81
CA GLN R 86 -23.54 -75.24 -58.93
C GLN R 86 -22.44 -74.22 -59.21
N LEU R 87 -22.83 -72.97 -59.46
CA LEU R 87 -21.90 -71.93 -59.83
C LEU R 87 -21.50 -71.13 -58.60
N GLY R 88 -20.27 -70.63 -58.63
CA GLY R 88 -19.75 -69.88 -57.51
C GLY R 88 -18.51 -69.12 -57.90
N TYR R 89 -17.72 -68.78 -56.89
CA TYR R 89 -16.53 -67.96 -57.04
C TYR R 89 -15.45 -68.52 -56.13
N PRO R 90 -14.18 -68.33 -56.49
CA PRO R 90 -13.09 -68.80 -55.63
C PRO R 90 -13.17 -68.18 -54.25
N PRO R 91 -12.54 -68.78 -53.25
CA PRO R 91 -12.65 -68.26 -51.89
C PRO R 91 -11.92 -66.94 -51.75
N ALA R 92 -12.43 -66.10 -50.86
CA ALA R 92 -11.68 -64.93 -50.46
C ALA R 92 -10.63 -65.27 -49.42
N ARG R 93 -9.70 -64.34 -49.24
CA ARG R 93 -8.67 -64.48 -48.25
C ARG R 93 -9.32 -64.59 -46.87
N PRO R 94 -9.01 -65.62 -46.07
CA PRO R 94 -9.62 -65.71 -44.75
C PRO R 94 -9.00 -64.75 -43.75
N VAL R 95 -9.73 -64.54 -42.66
CA VAL R 95 -9.32 -63.64 -41.59
C VAL R 95 -8.81 -64.50 -40.44
N VAL R 96 -7.58 -64.26 -40.01
CA VAL R 96 -6.93 -65.13 -39.04
C VAL R 96 -6.46 -64.30 -37.86
N SER R 97 -6.68 -64.83 -36.66
CA SER R 97 -6.18 -64.27 -35.42
C SER R 97 -5.60 -65.39 -34.58
N CYS R 98 -4.58 -65.05 -33.79
CA CYS R 98 -4.03 -65.98 -32.82
C CYS R 98 -4.07 -65.36 -31.43
N GLN R 99 -3.89 -66.21 -30.42
CA GLN R 99 -3.86 -65.76 -29.03
C GLN R 99 -3.06 -66.77 -28.20
N ALA R 100 -2.77 -66.37 -26.97
CA ALA R 100 -2.03 -67.23 -26.03
C ALA R 100 -2.24 -66.70 -24.63
N ALA R 101 -2.79 -67.53 -23.75
CA ALA R 101 -2.99 -67.17 -22.36
C ALA R 101 -1.93 -67.76 -21.44
N ASP R 102 -0.93 -68.45 -21.98
CA ASP R 102 0.17 -68.97 -21.19
C ASP R 102 1.46 -68.84 -21.99
N TYR R 103 2.58 -69.16 -21.33
CA TYR R 103 3.89 -68.97 -21.94
C TYR R 103 4.40 -70.21 -22.68
N GLU R 104 3.67 -71.32 -22.66
CA GLU R 104 4.14 -72.56 -23.28
C GLU R 104 3.47 -72.82 -24.62
N ASN R 105 2.14 -72.83 -24.64
CA ASN R 105 1.38 -73.19 -25.82
C ASN R 105 0.60 -71.97 -26.32
N PHE R 106 0.30 -71.94 -27.62
CA PHE R 106 -0.65 -70.96 -28.13
C PHE R 106 -1.55 -71.60 -29.18
N SER R 107 -2.58 -70.85 -29.58
CA SER R 107 -3.63 -71.38 -30.44
C SER R 107 -4.16 -70.23 -31.30
N CYS R 108 -4.63 -70.58 -32.50
CA CYS R 108 -5.11 -69.64 -33.50
C CYS R 108 -6.47 -70.10 -34.00
N THR R 109 -7.26 -69.14 -34.47
CA THR R 109 -8.57 -69.41 -35.03
C THR R 109 -8.74 -68.62 -36.32
N TRP R 110 -9.73 -69.03 -37.13
CA TRP R 110 -9.91 -68.41 -38.43
C TRP R 110 -11.39 -68.43 -38.82
N SER R 111 -11.77 -67.42 -39.59
CA SER R 111 -13.10 -67.20 -40.14
C SER R 111 -12.99 -66.87 -41.63
N PRO R 112 -13.93 -67.31 -42.44
CA PRO R 112 -14.01 -66.80 -43.81
C PRO R 112 -14.31 -65.31 -43.82
N SER R 113 -13.65 -64.60 -44.74
CA SER R 113 -13.95 -63.18 -44.95
C SER R 113 -15.14 -62.98 -45.87
N GLN R 114 -15.59 -64.04 -46.52
CA GLN R 114 -16.70 -64.03 -47.46
C GLN R 114 -17.15 -65.47 -47.60
N ILE R 115 -18.47 -65.67 -47.65
CA ILE R 115 -19.05 -66.99 -47.79
C ILE R 115 -19.41 -67.20 -49.25
N SER R 116 -19.03 -68.36 -49.80
CA SER R 116 -19.29 -68.66 -51.19
C SER R 116 -20.54 -69.50 -51.40
N GLY R 117 -21.02 -70.20 -50.36
CA GLY R 117 -22.13 -71.09 -50.52
C GLY R 117 -21.72 -72.47 -51.01
N LEU R 118 -20.41 -72.71 -51.12
CA LEU R 118 -19.78 -73.92 -51.57
C LEU R 118 -19.06 -74.59 -50.41
N PRO R 119 -18.89 -75.91 -50.43
CA PRO R 119 -18.17 -76.55 -49.32
C PRO R 119 -16.75 -76.03 -49.25
N THR R 120 -16.24 -75.91 -48.04
CA THR R 120 -15.00 -75.19 -47.80
C THR R 120 -14.23 -75.94 -46.73
N ARG R 121 -12.90 -75.92 -46.84
CA ARG R 121 -12.09 -76.45 -45.75
C ARG R 121 -10.72 -75.80 -45.77
N TYR R 122 -10.01 -75.94 -44.65
CA TYR R 122 -8.79 -75.18 -44.38
C TYR R 122 -7.62 -76.13 -44.10
N LEU R 123 -6.47 -75.82 -44.68
CA LEU R 123 -5.21 -76.48 -44.36
C LEU R 123 -4.38 -75.50 -43.56
N THR R 124 -3.85 -75.96 -42.43
CA THR R 124 -3.09 -75.11 -41.53
C THR R 124 -1.73 -75.72 -41.25
N SER R 125 -0.72 -74.87 -41.20
CA SER R 125 0.67 -75.26 -41.00
C SER R 125 1.46 -74.03 -40.61
N TYR R 126 2.71 -74.23 -40.22
CA TYR R 126 3.55 -73.12 -39.79
C TYR R 126 5.01 -73.52 -39.84
N ARG R 127 5.87 -72.51 -39.95
CA ARG R 127 7.31 -72.74 -39.96
C ARG R 127 7.99 -71.65 -39.13
N LYS R 128 9.23 -71.93 -38.76
CA LYS R 128 10.08 -71.01 -38.01
C LYS R 128 11.06 -70.36 -38.98
N LYS R 129 10.95 -69.05 -39.18
CA LYS R 129 11.94 -68.37 -40.02
C LYS R 129 13.25 -68.29 -39.23
N THR R 130 14.36 -68.54 -39.92
CA THR R 130 15.68 -68.49 -39.29
C THR R 130 16.45 -67.21 -39.62
N VAL R 131 16.79 -67.02 -40.89
CA VAL R 131 17.58 -65.87 -41.31
C VAL R 131 16.89 -65.15 -42.46
N PRO R 141 17.27 -80.59 -36.81
CA PRO R 141 16.03 -79.88 -36.47
C PRO R 141 15.30 -79.32 -37.70
N SER R 142 14.37 -80.10 -38.23
CA SER R 142 13.58 -79.70 -39.39
C SER R 142 12.68 -78.54 -39.04
N THR R 143 13.20 -77.31 -39.14
CA THR R 143 12.38 -76.11 -38.91
C THR R 143 11.56 -75.71 -40.13
N GLY R 144 11.34 -76.63 -41.06
CA GLY R 144 10.59 -76.39 -42.27
C GLY R 144 9.12 -76.22 -41.94
N PRO R 145 8.25 -76.64 -42.86
CA PRO R 145 6.80 -76.51 -42.63
C PRO R 145 6.33 -77.64 -41.73
N TRP R 146 5.66 -77.28 -40.63
CA TRP R 146 5.11 -78.25 -39.70
C TRP R 146 3.59 -78.12 -39.65
N PRO R 147 2.84 -79.20 -39.75
CA PRO R 147 1.38 -79.08 -39.75
C PRO R 147 0.85 -78.63 -38.39
N CYS R 148 -0.21 -77.83 -38.41
CA CYS R 148 -0.92 -77.44 -37.20
C CYS R 148 -2.20 -78.24 -37.07
N PRO R 149 -2.24 -79.29 -36.25
CA PRO R 149 -3.40 -80.19 -36.29
C PRO R 149 -4.60 -79.52 -35.65
N GLN R 150 -5.77 -79.73 -36.26
CA GLN R 150 -7.01 -79.16 -35.75
C GLN R 150 -7.64 -80.10 -34.72
N ASP R 151 -7.63 -79.69 -33.45
CA ASP R 151 -7.83 -80.65 -32.37
C ASP R 151 -9.20 -81.38 -32.38
N PRO R 152 -10.38 -80.77 -32.03
CA PRO R 152 -11.61 -81.56 -32.18
C PRO R 152 -12.18 -81.50 -33.59
N LEU R 153 -12.42 -82.65 -34.21
CA LEU R 153 -13.17 -82.76 -35.48
C LEU R 153 -12.36 -82.02 -36.53
N GLY R 154 -12.87 -80.93 -37.09
CA GLY R 154 -12.08 -80.06 -37.95
C GLY R 154 -12.40 -78.63 -37.62
N ALA R 155 -12.33 -78.30 -36.34
CA ALA R 155 -12.76 -77.00 -35.84
C ALA R 155 -11.85 -75.90 -36.38
N ALA R 156 -12.27 -74.66 -36.16
CA ALA R 156 -11.47 -73.50 -36.56
C ALA R 156 -10.44 -73.15 -35.49
N ARG R 157 -9.65 -74.13 -35.07
CA ARG R 157 -8.65 -73.89 -34.03
C ARG R 157 -7.61 -75.00 -34.08
N CYS R 158 -6.33 -74.62 -34.03
CA CYS R 158 -5.23 -75.55 -33.85
C CYS R 158 -4.35 -75.09 -32.70
N VAL R 159 -3.64 -76.04 -32.10
CA VAL R 159 -2.78 -75.75 -30.95
C VAL R 159 -1.36 -76.21 -31.24
N VAL R 160 -0.40 -75.37 -30.84
CA VAL R 160 1.03 -75.66 -30.94
C VAL R 160 1.58 -75.78 -29.52
N HIS R 161 2.09 -76.96 -29.18
CA HIS R 161 2.64 -77.18 -27.86
C HIS R 161 4.16 -77.06 -27.92
N GLY R 162 4.74 -76.64 -26.80
CA GLY R 162 6.18 -76.53 -26.67
C GLY R 162 6.78 -75.64 -27.74
N ALA R 163 6.20 -74.45 -27.91
CA ALA R 163 6.72 -73.48 -28.86
C ALA R 163 7.89 -72.72 -28.23
N GLU R 164 8.84 -72.32 -29.07
CA GLU R 164 9.91 -71.46 -28.60
C GLU R 164 9.40 -70.06 -28.27
N PHE R 165 9.71 -69.60 -27.05
CA PHE R 165 9.07 -68.38 -26.57
C PHE R 165 9.56 -67.15 -27.34
N TRP R 166 10.86 -67.12 -27.66
CA TRP R 166 11.46 -65.95 -28.30
C TRP R 166 11.54 -66.06 -29.81
N SER R 167 11.40 -67.26 -30.37
CA SER R 167 11.50 -67.40 -31.81
C SER R 167 10.25 -66.87 -32.49
N GLN R 168 10.37 -66.62 -33.79
CA GLN R 168 9.27 -66.10 -34.57
C GLN R 168 8.76 -67.21 -35.47
N TYR R 169 7.44 -67.27 -35.59
CA TYR R 169 6.73 -68.29 -36.32
C TYR R 169 5.89 -67.60 -37.38
N ARG R 170 5.76 -68.25 -38.52
CA ARG R 170 4.93 -67.74 -39.60
C ARG R 170 3.81 -68.75 -39.69
N ILE R 171 2.61 -68.31 -39.30
CA ILE R 171 1.46 -69.20 -39.25
C ILE R 171 0.81 -69.15 -40.61
N ASN R 172 0.44 -70.32 -41.09
CA ASN R 172 -0.07 -70.51 -42.43
C ASN R 172 -1.46 -71.13 -42.46
N VAL R 173 -2.48 -70.33 -42.71
CA VAL R 173 -3.82 -70.84 -42.97
C VAL R 173 -4.10 -70.67 -44.46
N THR R 174 -4.34 -71.77 -45.16
CA THR R 174 -4.57 -71.72 -46.60
C THR R 174 -5.98 -72.26 -46.86
N GLU R 175 -6.83 -71.42 -47.44
CA GLU R 175 -8.17 -71.85 -47.86
C GLU R 175 -8.14 -72.36 -49.29
N VAL R 176 -8.79 -73.48 -49.52
CA VAL R 176 -8.90 -74.12 -50.82
C VAL R 176 -10.36 -74.49 -51.05
N ASN R 177 -10.85 -74.24 -52.27
CA ASN R 177 -12.16 -74.77 -52.61
C ASN R 177 -12.07 -75.53 -53.94
N PRO R 178 -13.16 -76.12 -54.47
CA PRO R 178 -13.02 -76.94 -55.67
C PRO R 178 -12.55 -76.18 -56.91
N LEU R 179 -12.42 -74.86 -56.81
CA LEU R 179 -12.08 -74.04 -57.95
C LEU R 179 -10.77 -73.28 -57.80
N GLY R 180 -10.12 -73.37 -56.64
CA GLY R 180 -8.85 -72.70 -56.43
C GLY R 180 -8.54 -72.58 -54.95
N ALA R 181 -7.53 -71.76 -54.65
CA ALA R 181 -7.02 -71.66 -53.30
C ALA R 181 -6.61 -70.23 -52.97
N SER R 182 -6.59 -69.94 -51.67
CA SER R 182 -6.05 -68.68 -51.15
C SER R 182 -5.48 -68.95 -49.77
N THR R 183 -4.25 -68.50 -49.54
CA THR R 183 -3.49 -68.80 -48.33
C THR R 183 -3.36 -67.52 -47.51
N ARG R 184 -3.81 -67.56 -46.25
CA ARG R 184 -3.49 -66.50 -45.28
C ARG R 184 -2.27 -66.85 -44.44
N LEU R 185 -1.28 -65.95 -44.43
CA LEU R 185 -0.10 -66.07 -43.59
C LEU R 185 -0.06 -64.99 -42.51
N LEU R 186 0.18 -65.41 -41.26
CA LEU R 186 0.15 -64.55 -40.08
C LEU R 186 1.42 -64.81 -39.27
N ASP R 187 2.25 -63.78 -39.13
CA ASP R 187 3.42 -63.88 -38.28
C ASP R 187 3.03 -63.74 -36.82
N VAL R 188 3.60 -64.59 -35.97
CA VAL R 188 3.26 -64.66 -34.55
C VAL R 188 4.51 -65.03 -33.76
N SER R 189 4.83 -64.21 -32.76
CA SER R 189 5.86 -64.53 -31.77
C SER R 189 5.23 -64.63 -30.39
N LEU R 190 5.52 -65.73 -29.69
CA LEU R 190 4.98 -65.96 -28.34
C LEU R 190 5.23 -64.80 -27.39
N GLN R 191 6.36 -64.10 -27.52
CA GLN R 191 6.66 -63.02 -26.61
C GLN R 191 5.81 -61.78 -26.88
N SER R 192 5.32 -61.61 -28.11
CA SER R 192 4.48 -60.47 -28.44
C SER R 192 2.99 -60.74 -28.21
N ILE R 193 2.53 -61.93 -28.59
CA ILE R 193 1.10 -62.24 -28.56
C ILE R 193 0.56 -62.54 -27.16
N LEU R 194 1.42 -62.81 -26.18
CA LEU R 194 0.94 -63.34 -24.91
C LEU R 194 0.07 -62.33 -24.17
N ARG R 195 -1.06 -62.82 -23.63
CA ARG R 195 -1.95 -62.07 -22.77
C ARG R 195 -2.55 -62.98 -21.70
N PRO R 196 -2.18 -62.84 -20.43
CA PRO R 196 -2.68 -63.77 -19.41
C PRO R 196 -4.14 -63.49 -19.10
N ASP R 197 -4.79 -64.46 -18.45
CA ASP R 197 -6.15 -64.22 -17.98
C ASP R 197 -6.13 -63.34 -16.73
N PRO R 198 -7.25 -62.67 -16.43
CA PRO R 198 -7.30 -61.81 -15.23
C PRO R 198 -7.18 -62.63 -13.95
N PRO R 199 -6.72 -62.02 -12.86
CA PRO R 199 -6.75 -62.71 -11.56
C PRO R 199 -8.16 -63.12 -11.17
N GLN R 200 -8.23 -64.11 -10.29
CA GLN R 200 -9.50 -64.67 -9.83
C GLN R 200 -9.68 -64.37 -8.35
N GLY R 201 -10.94 -64.47 -7.90
CA GLY R 201 -11.24 -64.38 -6.48
C GLY R 201 -11.03 -63.03 -5.82
N LEU R 202 -11.13 -61.93 -6.57
CA LEU R 202 -10.99 -60.61 -5.98
C LEU R 202 -12.02 -60.43 -4.87
N ARG R 203 -11.54 -60.13 -3.67
CA ARG R 203 -12.38 -59.86 -2.49
C ARG R 203 -11.98 -58.54 -1.85
N VAL R 204 -12.98 -57.84 -1.31
CA VAL R 204 -12.78 -56.59 -0.59
C VAL R 204 -13.31 -56.72 0.82
N GLU R 205 -12.53 -56.23 1.79
CA GLU R 205 -12.80 -56.34 3.21
C GLU R 205 -12.59 -54.98 3.85
N SER R 206 -13.40 -54.69 4.87
CA SER R 206 -13.18 -53.50 5.69
C SER R 206 -11.90 -53.66 6.53
N VAL R 207 -11.35 -52.51 6.92
CA VAL R 207 -10.19 -52.44 7.79
C VAL R 207 -10.60 -51.77 9.10
N PRO R 208 -10.90 -52.56 10.13
CA PRO R 208 -11.30 -51.97 11.42
C PRO R 208 -10.30 -50.95 11.92
N GLY R 209 -10.81 -49.91 12.58
CA GLY R 209 -10.02 -48.80 13.06
C GLY R 209 -9.71 -47.72 12.05
N TYR R 210 -9.84 -47.99 10.75
CA TYR R 210 -9.48 -47.03 9.71
C TYR R 210 -10.66 -46.80 8.79
N PRO R 211 -11.39 -45.69 8.95
CA PRO R 211 -12.64 -45.50 8.20
C PRO R 211 -12.45 -45.25 6.72
N ARG R 212 -11.21 -45.19 6.22
CA ARG R 212 -10.96 -44.85 4.81
C ARG R 212 -9.93 -45.79 4.18
N ARG R 213 -9.74 -46.98 4.75
CA ARG R 213 -8.89 -48.02 4.19
C ARG R 213 -9.69 -49.27 3.85
N LEU R 214 -9.37 -49.86 2.70
CA LEU R 214 -9.83 -51.21 2.37
C LEU R 214 -8.65 -52.05 1.92
N ARG R 215 -8.72 -53.34 2.25
CA ARG R 215 -7.71 -54.32 1.87
C ARG R 215 -8.27 -55.16 0.73
N ALA R 216 -7.59 -55.15 -0.41
CA ALA R 216 -7.95 -56.04 -1.50
C ALA R 216 -6.93 -57.18 -1.58
N SER R 217 -7.44 -58.39 -1.81
CA SER R 217 -6.60 -59.56 -2.00
C SER R 217 -7.14 -60.34 -3.18
N TRP R 218 -6.25 -61.14 -3.77
CA TRP R 218 -6.59 -61.94 -4.95
C TRP R 218 -5.50 -62.98 -5.13
N THR R 219 -5.75 -63.89 -6.07
CA THR R 219 -4.80 -64.94 -6.41
C THR R 219 -4.50 -64.87 -7.90
N TYR R 220 -3.47 -65.62 -8.30
CA TYR R 220 -3.20 -65.86 -9.70
C TYR R 220 -4.43 -66.46 -10.39
N PRO R 221 -4.55 -66.27 -11.70
CA PRO R 221 -5.54 -67.03 -12.46
C PRO R 221 -5.12 -68.49 -12.58
N ALA R 222 -6.11 -69.37 -12.68
CA ALA R 222 -5.78 -70.79 -12.72
C ALA R 222 -5.04 -71.15 -14.00
N SER R 223 -5.28 -70.44 -15.10
CA SER R 223 -4.57 -70.71 -16.33
C SER R 223 -3.10 -70.29 -16.30
N TRP R 224 -2.66 -69.66 -15.22
CA TRP R 224 -1.26 -69.24 -15.06
C TRP R 224 -0.67 -70.05 -13.92
N PRO R 225 0.14 -71.07 -14.16
CA PRO R 225 0.78 -71.76 -13.03
C PRO R 225 1.82 -70.87 -12.36
N SER R 226 1.69 -70.73 -11.04
CA SER R 226 2.63 -69.93 -10.27
C SER R 226 4.02 -70.50 -10.39
N GLN R 227 4.96 -69.71 -10.91
CA GLN R 227 6.31 -70.21 -11.06
C GLN R 227 7.31 -69.08 -10.92
N PRO R 228 8.49 -69.35 -10.37
CA PRO R 228 9.44 -68.27 -10.05
C PRO R 228 10.02 -67.66 -11.30
N HIS R 229 9.83 -68.33 -12.44
CA HIS R 229 10.45 -68.01 -13.72
C HIS R 229 9.63 -66.97 -14.47
N PHE R 230 8.30 -67.11 -14.42
CA PHE R 230 7.37 -66.16 -15.01
C PHE R 230 6.44 -65.70 -13.90
N LEU R 231 6.77 -64.60 -13.24
CA LEU R 231 5.81 -63.96 -12.36
C LEU R 231 4.78 -63.21 -13.21
N LEU R 232 3.88 -62.49 -12.54
CA LEU R 232 3.07 -61.48 -13.22
C LEU R 232 3.13 -60.18 -12.43
N LYS R 233 3.16 -59.06 -13.14
CA LYS R 233 2.96 -57.78 -12.48
C LYS R 233 1.48 -57.46 -12.52
N PHE R 234 1.06 -56.53 -11.68
CA PHE R 234 -0.36 -56.23 -11.58
C PHE R 234 -0.60 -54.73 -11.66
N ARG R 235 -1.81 -54.38 -12.08
CA ARG R 235 -2.24 -53.00 -12.20
C ARG R 235 -3.66 -52.95 -11.67
N LEU R 236 -3.87 -52.16 -10.62
CA LEU R 236 -5.16 -52.08 -9.97
C LEU R 236 -5.82 -50.74 -10.25
N GLN R 237 -7.12 -50.78 -10.46
CA GLN R 237 -7.91 -49.57 -10.62
C GLN R 237 -9.07 -49.67 -9.63
N TYR R 238 -9.46 -48.54 -9.06
CA TYR R 238 -10.56 -48.57 -8.10
C TYR R 238 -11.40 -47.32 -8.29
N ARG R 239 -12.68 -47.46 -7.97
CA ARG R 239 -13.61 -46.37 -8.20
C ARG R 239 -14.81 -46.52 -7.28
N PRO R 240 -15.16 -45.49 -6.53
CA PRO R 240 -16.35 -45.54 -5.68
C PRO R 240 -17.61 -45.48 -6.53
N ALA R 241 -18.68 -46.13 -6.04
CA ALA R 241 -19.95 -46.12 -6.74
C ALA R 241 -20.34 -44.68 -7.04
N GLN R 242 -20.91 -44.46 -8.21
CA GLN R 242 -21.36 -43.15 -8.71
C GLN R 242 -20.16 -42.31 -9.14
N HIS R 243 -18.87 -42.78 -8.88
CA HIS R 243 -17.81 -41.92 -9.37
C HIS R 243 -17.46 -42.26 -10.82
N PRO R 244 -17.06 -41.24 -11.61
CA PRO R 244 -16.90 -41.47 -13.06
C PRO R 244 -15.48 -41.86 -13.44
N ALA R 245 -14.51 -41.50 -12.59
CA ALA R 245 -13.10 -41.59 -12.90
C ALA R 245 -12.43 -42.69 -12.09
N TRP R 246 -11.65 -43.54 -12.75
CA TRP R 246 -10.86 -44.54 -12.05
C TRP R 246 -9.60 -43.94 -11.47
N SER R 247 -9.17 -44.49 -10.34
CA SER R 247 -7.87 -44.24 -9.76
C SER R 247 -6.99 -45.46 -10.00
N THR R 248 -5.71 -45.24 -10.31
CA THR R 248 -4.83 -46.35 -10.68
C THR R 248 -3.65 -46.42 -9.72
N VAL R 249 -3.36 -47.64 -9.26
CA VAL R 249 -2.14 -47.96 -8.50
C VAL R 249 -1.46 -49.16 -9.15
N GLU R 250 -0.19 -49.35 -8.79
CA GLU R 250 0.64 -50.43 -9.33
C GLU R 250 1.06 -51.26 -8.11
N PRO R 251 0.21 -52.18 -7.65
CA PRO R 251 0.49 -52.85 -6.37
C PRO R 251 1.70 -53.76 -6.44
N ALA R 252 2.46 -53.79 -5.34
CA ALA R 252 3.41 -54.87 -5.08
C ALA R 252 2.67 -56.08 -4.52
N GLY R 253 2.89 -57.24 -5.12
CA GLY R 253 2.32 -58.46 -4.58
C GLY R 253 0.83 -58.59 -4.88
N LEU R 254 0.19 -59.48 -4.12
CA LEU R 254 -1.19 -59.88 -4.38
C LEU R 254 -2.17 -59.12 -3.50
N GLU R 255 -1.74 -58.00 -2.91
CA GLU R 255 -2.56 -57.25 -1.98
C GLU R 255 -2.24 -55.77 -2.14
N GLU R 256 -3.22 -54.94 -1.80
CA GLU R 256 -3.03 -53.49 -1.85
C GLU R 256 -4.01 -52.88 -0.87
N VAL R 257 -3.51 -52.10 0.08
CA VAL R 257 -4.35 -51.34 0.99
C VAL R 257 -4.62 -49.97 0.39
N ILE R 258 -5.88 -49.71 0.06
CA ILE R 258 -6.31 -48.39 -0.37
C ILE R 258 -6.50 -47.53 0.86
N THR R 259 -6.02 -46.30 0.80
CA THR R 259 -6.02 -45.42 1.96
C THR R 259 -6.87 -44.18 1.76
N ASP R 260 -7.42 -43.97 0.57
CA ASP R 260 -8.24 -42.81 0.26
C ASP R 260 -9.65 -43.23 -0.12
N ALA R 261 -10.17 -44.28 0.51
CA ALA R 261 -11.55 -44.66 0.23
C ALA R 261 -12.48 -43.63 0.84
N VAL R 262 -13.49 -43.21 0.07
CA VAL R 262 -14.47 -42.25 0.59
C VAL R 262 -15.31 -42.94 1.65
N ALA R 263 -15.48 -42.28 2.79
CA ALA R 263 -16.16 -42.90 3.91
C ALA R 263 -17.62 -43.16 3.56
N GLY R 264 -18.10 -44.33 3.97
CA GLY R 264 -19.50 -44.69 3.87
C GLY R 264 -20.01 -45.02 2.49
N LEU R 265 -19.13 -45.30 1.52
CA LEU R 265 -19.54 -45.49 0.14
C LEU R 265 -19.00 -46.81 -0.41
N PRO R 266 -19.84 -47.54 -1.15
CA PRO R 266 -19.35 -48.71 -1.90
C PRO R 266 -18.25 -48.29 -2.86
N HIS R 267 -17.23 -49.13 -2.98
CA HIS R 267 -16.12 -48.90 -3.89
C HIS R 267 -15.96 -50.08 -4.84
N ALA R 268 -15.81 -49.79 -6.13
CA ALA R 268 -15.46 -50.80 -7.11
C ALA R 268 -13.94 -50.89 -7.22
N VAL R 269 -13.44 -52.11 -7.40
CA VAL R 269 -12.03 -52.39 -7.55
C VAL R 269 -11.90 -53.44 -8.65
N ARG R 270 -10.93 -53.24 -9.54
CA ARG R 270 -10.66 -54.21 -10.59
C ARG R 270 -9.16 -54.24 -10.81
N VAL R 271 -8.66 -55.38 -11.30
CA VAL R 271 -7.24 -55.59 -11.50
C VAL R 271 -7.04 -56.36 -12.80
N SER R 272 -5.85 -56.21 -13.36
CA SER R 272 -5.44 -56.89 -14.59
C SER R 272 -4.03 -57.39 -14.42
N ALA R 273 -3.63 -58.29 -15.31
CA ALA R 273 -2.34 -58.97 -15.19
C ALA R 273 -1.56 -58.78 -16.48
N ARG R 274 -0.24 -58.84 -16.36
CA ARG R 274 0.66 -58.78 -17.49
C ARG R 274 1.92 -59.57 -17.11
N ASP R 275 2.62 -60.06 -18.13
CA ASP R 275 3.89 -60.72 -17.90
C ASP R 275 4.81 -59.84 -17.07
N PHE R 276 5.52 -60.46 -16.13
CA PHE R 276 6.31 -59.71 -15.16
C PHE R 276 7.45 -58.93 -15.81
N LEU R 277 7.90 -59.34 -16.99
CA LEU R 277 8.92 -58.61 -17.74
C LEU R 277 8.30 -57.75 -18.85
N ASP R 278 7.06 -57.32 -18.66
CA ASP R 278 6.35 -56.41 -19.58
C ASP R 278 6.24 -56.98 -21.00
N ALA R 279 6.21 -58.30 -21.13
CA ALA R 279 5.97 -58.94 -22.42
C ALA R 279 4.48 -58.93 -22.74
N GLY R 280 4.17 -58.90 -24.04
CA GLY R 280 2.78 -58.91 -24.44
C GLY R 280 2.02 -57.70 -23.91
N THR R 281 0.77 -57.91 -23.54
CA THR R 281 -0.13 -56.82 -23.15
C THR R 281 -0.87 -57.19 -21.89
N TRP R 282 -1.44 -56.16 -21.26
CA TRP R 282 -2.21 -56.34 -20.03
C TRP R 282 -3.46 -57.16 -20.30
N SER R 283 -3.85 -57.96 -19.31
CA SER R 283 -5.07 -58.74 -19.42
C SER R 283 -6.30 -57.82 -19.45
N THR R 284 -7.45 -58.41 -19.76
CA THR R 284 -8.69 -57.70 -19.54
C THR R 284 -8.91 -57.51 -18.04
N TRP R 285 -9.71 -56.51 -17.70
CA TRP R 285 -10.05 -56.29 -16.30
C TRP R 285 -10.88 -57.44 -15.74
N SER R 286 -10.54 -57.85 -14.52
CA SER R 286 -11.33 -58.78 -13.72
C SER R 286 -12.77 -58.28 -13.56
N PRO R 287 -13.72 -59.14 -13.22
CA PRO R 287 -15.03 -58.64 -12.78
C PRO R 287 -14.85 -57.74 -11.57
N GLU R 288 -15.60 -56.64 -11.55
CA GLU R 288 -15.53 -55.71 -10.43
C GLU R 288 -15.97 -56.40 -9.14
N ALA R 289 -15.27 -56.09 -8.05
CA ALA R 289 -15.67 -56.51 -6.72
C ALA R 289 -15.88 -55.27 -5.86
N TRP R 290 -16.90 -55.30 -5.02
CA TRP R 290 -17.29 -54.13 -4.25
C TRP R 290 -17.04 -54.31 -2.76
N GLY R 291 -16.65 -53.21 -2.10
CA GLY R 291 -16.55 -53.19 -0.65
C GLY R 291 -16.79 -51.79 -0.12
N THR R 292 -17.02 -51.73 1.19
CA THR R 292 -17.39 -50.47 1.84
C THR R 292 -16.59 -50.30 3.12
N PRO R 293 -15.89 -49.17 3.30
CA PRO R 293 -15.06 -48.99 4.50
C PRO R 293 -15.86 -48.98 5.79
N SER R 294 -15.21 -49.41 6.87
CA SER R 294 -15.86 -49.49 8.19
C SER R 294 -16.15 -48.10 8.74
C1 NAG S . -15.42 47.06 63.94
C2 NAG S . -14.49 47.96 64.75
C3 NAG S . -13.35 48.48 63.88
C4 NAG S . -12.63 47.32 63.20
C5 NAG S . -13.64 46.47 62.43
C6 NAG S . -13.03 45.25 61.77
C7 NAG S . -15.69 49.07 66.59
C8 NAG S . -16.43 50.31 67.01
N2 NAG S . -15.23 49.08 65.34
O3 NAG S . -12.43 49.21 64.68
O4 NAG S . -11.64 47.83 62.31
O5 NAG S . -14.66 46.00 63.31
O6 NAG S . -12.11 44.60 62.65
O7 NAG S . -15.53 48.13 67.35
C1 NAG S . -10.30 47.33 62.64
C2 NAG S . -9.50 47.30 61.33
C3 NAG S . -8.08 46.80 61.60
C4 NAG S . -7.41 47.63 62.69
C5 NAG S . -8.29 47.67 63.93
C6 NAG S . -7.75 48.59 65.01
C7 NAG S . -10.32 46.85 59.07
C8 NAG S . -11.03 45.87 58.18
N2 NAG S . -10.16 46.47 60.34
O3 NAG S . -7.31 46.86 60.41
O4 NAG S . -6.15 47.09 63.02
O5 NAG S . -9.60 48.16 63.61
O6 NAG S . -8.78 49.28 65.68
O7 NAG S . -9.90 47.93 58.65
C1 NAG T . 69.15 49.42 5.70
C2 NAG T . 68.85 50.89 5.85
C3 NAG T . 69.71 51.66 4.88
C4 NAG T . 71.18 51.36 5.13
C5 NAG T . 71.48 49.85 5.18
C6 NAG T . 72.87 49.51 5.70
C7 NAG T . 66.55 51.22 6.67
C8 NAG T . 67.11 50.95 8.05
N2 NAG T . 67.43 51.18 5.67
O3 NAG T . 69.43 53.05 5.05
O4 NAG T . 72.02 51.96 4.14
O5 NAG T . 70.54 49.18 6.03
O6 NAG T . 73.09 49.92 7.04
O7 NAG T . 65.37 51.47 6.50
C1 NAG T . 72.50 53.04 4.92
C2 NAG T . 74.01 53.19 4.79
C3 NAG T . 74.49 54.44 5.53
C4 NAG T . 73.64 55.66 5.15
C5 NAG T . 72.16 55.35 5.31
C6 NAG T . 71.25 56.48 4.89
C7 NAG T . 75.84 51.55 4.79
C8 NAG T . 76.41 50.32 5.44
N2 NAG T . 74.70 52.02 5.30
O3 NAG T . 75.86 54.64 5.18
O4 NAG T . 73.94 56.80 5.95
O5 NAG T . 71.85 54.22 4.48
O6 NAG T . 70.04 56.47 5.63
O7 NAG T . 76.40 52.09 3.83
C1 BMA T . 75.05 57.52 5.33
C2 BMA T . 74.94 57.49 3.75
C3 BMA T . 76.28 58.02 3.19
C4 BMA T . 76.70 59.39 3.85
C5 BMA T . 76.44 59.45 5.42
C6 BMA T . 76.51 60.84 6.01
O2 BMA T . 73.88 58.33 3.25
O3 BMA T . 76.28 58.10 1.75
O4 BMA T . 78.06 59.67 3.57
O5 BMA T . 75.15 58.88 5.78
O6 BMA T . 75.46 61.62 5.43
C1 NAG U . 43.87 67.30 -6.71
C2 NAG U . 43.52 68.75 -6.36
C3 NAG U . 42.52 68.78 -5.20
C4 NAG U . 41.29 67.94 -5.51
C5 NAG U . 41.74 66.52 -5.86
C6 NAG U . 40.60 65.61 -6.28
C7 NAG U . 45.38 70.27 -6.88
C8 NAG U . 46.60 70.96 -6.36
N2 NAG U . 44.73 69.49 -6.01
O3 NAG U . 42.13 70.14 -4.96
O4 NAG U . 40.43 67.91 -4.38
O5 NAG U . 42.65 66.56 -6.97
O6 NAG U . 39.69 66.29 -7.13
O7 NAG U . 45.01 70.40 -8.04
C1 NAG U . 39.10 68.41 -4.70
C2 NAG U . 38.11 67.71 -3.76
C3 NAG U . 36.68 68.19 -4.04
C4 NAG U . 36.61 69.70 -3.94
C5 NAG U . 37.66 70.34 -4.87
C6 NAG U . 37.71 71.84 -4.73
C7 NAG U . 38.26 65.43 -2.85
C8 NAG U . 38.36 63.98 -3.18
N2 NAG U . 38.20 66.27 -3.90
O3 NAG U . 35.79 67.61 -3.10
O4 NAG U . 35.32 70.16 -4.32
O5 NAG U . 38.96 69.84 -4.55
O6 NAG U . 39.05 72.33 -4.83
O7 NAG U . 38.22 65.84 -1.70
C1 NAG V . -43.49 56.39 47.36
C2 NAG V . -42.65 57.19 48.33
C3 NAG V . -43.32 57.17 49.70
C4 NAG V . -44.73 57.72 49.58
C5 NAG V . -45.55 57.06 48.47
C6 NAG V . -46.86 57.77 48.14
C7 NAG V . -40.29 57.19 47.64
C8 NAG V . -40.66 58.28 46.68
N2 NAG V . -41.28 56.69 48.40
O3 NAG V . -42.52 57.95 50.59
O4 NAG V . -45.44 57.58 50.80
O5 NAG V . -44.79 57.02 47.24
O6 NAG V . -46.67 59.10 47.66
O7 NAG V . -39.14 56.76 47.72
C1 NAG V . -45.35 58.94 51.23
C2 NAG V . -46.71 59.45 51.72
C3 NAG V . -46.56 60.86 52.31
C4 NAG V . -45.41 60.91 53.31
C5 NAG V . -44.14 60.34 52.68
C6 NAG V . -42.97 60.31 53.64
C7 NAG V . -48.99 59.21 50.82
C8 NAG V . -49.85 59.26 49.58
N2 NAG V . -47.69 59.45 50.64
O3 NAG V . -47.80 61.18 52.92
O4 NAG V . -45.13 62.25 53.72
O5 NAG V . -44.41 59.00 52.29
O6 NAG V . -41.74 60.44 52.94
O7 NAG V . -49.46 58.97 51.93
C1 BMA V . -45.98 62.56 54.86
C2 BMA V . -46.16 61.30 55.81
C3 BMA V . -47.29 61.63 56.81
C4 BMA V . -47.05 63.02 57.52
C5 BMA V . -46.54 64.16 56.54
C6 BMA V . -45.99 65.38 57.26
O2 BMA V . -44.97 60.99 56.56
O3 BMA V . -47.51 60.58 57.76
O4 BMA V . -48.25 63.45 58.17
O5 BMA V . -45.50 63.66 55.65
O6 BMA V . -44.84 64.98 58.00
C1 NAG W . -78.04 18.60 2.45
C2 NAG W . -79.25 17.88 1.84
C3 NAG W . -78.99 16.37 1.72
C4 NAG W . -77.68 16.11 0.99
C5 NAG W . -76.54 16.87 1.66
C6 NAG W . -75.22 16.74 0.94
C7 NAG W . -81.35 19.07 2.32
C8 NAG W . -82.52 19.19 3.24
N2 NAG W . -80.44 18.13 2.62
O3 NAG W . -80.07 15.74 1.06
O4 NAG W . -77.40 14.71 0.99
O5 NAG W . -76.85 18.27 1.69
O6 NAG W . -75.38 16.84 -0.47
O7 NAG W . -81.22 19.81 1.34
C1 NAG W . -77.29 14.16 -0.35
C2 NAG W . -76.32 12.97 -0.29
C3 NAG W . -76.16 12.36 -1.68
C4 NAG W . -77.51 11.99 -2.26
C5 NAG W . -78.44 13.21 -2.25
C6 NAG W . -79.83 12.88 -2.72
C7 NAG W . -74.39 12.68 1.20
C8 NAG W . -73.09 13.24 1.66
N2 NAG W . -75.04 13.37 0.26
O3 NAG W . -75.35 11.19 -1.58
O4 NAG W . -77.36 11.52 -3.59
O5 NAG W . -78.55 13.74 -0.92
O6 NAG W . -80.81 13.61 -1.97
O7 NAG W . -74.86 11.64 1.66
C1 NAG X . -37.75 -71.43 -26.47
C2 NAG X . -38.90 -71.88 -25.61
C3 NAG X . -38.73 -73.34 -25.28
C4 NAG X . -38.65 -74.15 -26.58
C5 NAG X . -37.60 -73.59 -27.56
C6 NAG X . -37.69 -74.19 -28.96
C7 NAG X . -39.80 -69.98 -24.32
C8 NAG X . -40.56 -69.60 -25.56
N2 NAG X . -39.02 -71.07 -24.40
O3 NAG X . -39.84 -73.74 -24.49
O4 NAG X . -38.33 -75.51 -26.32
O5 NAG X . -37.76 -72.17 -27.72
O6 NAG X . -38.93 -73.93 -29.62
O7 NAG X . -39.88 -69.32 -23.28
C1 NAG X . -39.64 -76.04 -26.52
C2 NAG X . -39.60 -77.29 -27.40
C3 NAG X . -40.99 -77.93 -27.50
C4 NAG X . -41.60 -78.09 -26.11
C5 NAG X . -41.55 -76.78 -25.34
C6 NAG X . -42.08 -76.87 -23.93
C7 NAG X . -38.37 -77.81 -29.48
C8 NAG X . -37.95 -77.30 -30.83
N2 NAG X . -39.10 -76.96 -28.74
O3 NAG X . -40.84 -79.18 -28.15
O4 NAG X . -42.97 -78.50 -26.17
O5 NAG X . -40.19 -76.37 -25.25
O6 NAG X . -42.65 -75.63 -23.50
O7 NAG X . -38.06 -78.93 -29.08
C1 BMA X . -43.01 -79.95 -26.23
C2 BMA X . -41.87 -80.60 -25.33
C3 BMA X . -41.80 -82.09 -25.68
C4 BMA X . -43.22 -82.78 -25.63
C5 BMA X . -44.38 -81.90 -26.27
C6 BMA X . -45.78 -82.38 -25.92
O2 BMA X . -42.15 -80.48 -23.92
O3 BMA X . -40.84 -82.80 -24.88
O4 BMA X . -43.17 -84.06 -26.28
O5 BMA X . -44.27 -80.51 -25.84
O6 BMA X . -45.95 -82.26 -24.50
C1 NAG Y . -42.33 -68.11 6.19
C2 NAG Y . -43.61 -68.41 6.99
C3 NAG Y . -44.45 -67.15 7.16
C4 NAG Y . -43.63 -66.01 7.75
C5 NAG Y . -42.38 -65.79 6.89
C6 NAG Y . -41.46 -64.74 7.44
C7 NAG Y . -44.32 -70.75 6.71
C8 NAG Y . -45.19 -71.69 5.94
N2 NAG Y . -44.39 -69.46 6.35
O3 NAG Y . -45.57 -67.42 7.99
O4 NAG Y . -44.42 -64.82 7.79
O5 NAG Y . -41.63 -67.01 6.81
O6 NAG Y . -41.30 -64.87 8.85
O7 NAG Y . -43.58 -71.13 7.62
C1 NAG Y . -44.53 -64.29 9.14
C2 NAG Y . -44.70 -62.77 9.02
C3 NAG Y . -44.83 -62.15 10.40
C4 NAG Y . -45.97 -62.80 11.18
C5 NAG Y . -45.76 -64.32 11.22
C6 NAG Y . -46.91 -65.05 11.86
C7 NAG Y . -43.74 -61.28 7.32
C8 NAG Y . -42.49 -60.78 6.66
N2 NAG Y . -43.59 -62.18 8.29
O3 NAG Y . -45.09 -60.75 10.28
O4 NAG Y . -46.00 -62.30 12.50
O5 NAG Y . -45.64 -64.84 9.88
O6 NAG Y . -47.19 -66.28 11.22
O7 NAG Y . -44.86 -60.88 6.98
C1 NAG Z . -73.27 25.89 34.72
C2 NAG Z . -74.50 25.39 34.01
C3 NAG Z . -75.46 26.54 33.78
C4 NAG Z . -75.79 27.21 35.11
C5 NAG Z . -74.55 27.56 35.94
C6 NAG Z . -74.85 27.96 37.37
C7 NAG Z . -73.97 23.37 32.70
C8 NAG Z . -74.09 22.61 33.98
N2 NAG Z . -74.18 24.70 32.77
O3 NAG Z . -76.62 26.04 33.13
O4 NAG Z . -76.56 28.38 34.92
O5 NAG Z . -73.65 26.44 36.01
O6 NAG Z . -75.46 26.93 38.14
O7 NAG Z . -73.70 22.82 31.63
C1 NAG Z . -77.83 27.86 35.29
C2 NAG Z . -78.57 28.79 36.25
C3 NAG Z . -79.97 28.27 36.53
C4 NAG Z . -80.70 27.92 35.23
C5 NAG Z . -79.83 27.01 34.37
C6 NAG Z . -80.44 26.67 33.03
C7 NAG Z . -77.80 30.07 38.21
C8 NAG Z . -76.98 30.03 39.47
N2 NAG Z . -77.83 28.95 37.49
O3 NAG Z . -80.66 29.29 37.25
O4 NAG Z . -81.94 27.26 35.46
O5 NAG Z . -78.59 27.67 34.10
O6 NAG Z . -80.03 25.39 32.58
O7 NAG Z . -78.42 31.07 37.86
C1 BMA Z . -82.96 28.27 35.63
C2 BMA Z . -82.73 29.51 34.66
C3 BMA Z . -83.68 30.63 35.10
C4 BMA Z . -85.17 30.13 35.25
C5 BMA Z . -85.29 28.69 35.94
C6 BMA Z . -86.66 28.05 35.77
O2 BMA Z . -83.01 29.20 33.28
O3 BMA Z . -83.60 31.79 34.26
O4 BMA Z . -85.94 31.08 35.98
O5 BMA Z . -84.30 27.76 35.41
O6 BMA Z . -86.87 27.81 34.39
C1 NAG AA . 14.28 -46.98 -64.40
C2 NAG AA . 15.50 -47.03 -65.33
C3 NAG AA . 16.76 -46.58 -64.59
C4 NAG AA . 16.55 -45.22 -63.93
C5 NAG AA . 15.32 -45.27 -63.04
C6 NAG AA . 14.99 -43.95 -62.40
C7 NAG AA . 15.22 -48.72 -67.09
C8 NAG AA . 15.49 -50.13 -67.49
N2 NAG AA . 15.68 -48.36 -65.89
O3 NAG AA . 17.86 -46.52 -65.50
O4 NAG AA . 17.71 -44.89 -63.17
O5 NAG AA . 14.18 -45.66 -63.81
O6 NAG AA . 15.12 -42.87 -63.33
O7 NAG AA . 14.61 -47.94 -67.81
C1 NAG AA . 18.31 -43.62 -63.59
C2 NAG AA . 18.99 -42.99 -62.37
C3 NAG AA . 19.64 -41.67 -62.75
C4 NAG AA . 20.59 -41.87 -63.93
C5 NAG AA . 19.86 -42.53 -65.09
C6 NAG AA . 20.78 -42.87 -66.24
C7 NAG AA . 18.30 -43.15 -60.03
C8 NAG AA . 17.20 -42.91 -59.03
N2 NAG AA . 18.04 -42.81 -61.29
O3 NAG AA . 20.35 -41.15 -61.64
O4 NAG AA . 21.10 -40.61 -64.35
O5 NAG AA . 19.28 -43.78 -64.66
O6 NAG AA . 20.44 -44.11 -66.85
O7 NAG AA . 19.37 -43.64 -59.69
C1 NAG BA . 82.74 12.16 -15.11
C2 NAG BA . 83.54 10.91 -15.30
C3 NAG BA . 84.78 10.97 -14.44
C4 NAG BA . 85.60 12.21 -14.80
C5 NAG BA . 84.76 13.50 -14.81
C6 NAG BA . 85.45 14.69 -15.44
C7 NAG BA . 82.05 9.05 -15.94
C8 NAG BA . 82.12 9.59 -17.34
N2 NAG BA . 82.75 9.71 -15.01
O3 NAG BA . 85.53 9.77 -14.65
O4 NAG BA . 86.69 12.39 -13.92
O5 NAG BA . 83.54 13.30 -15.55
O6 NAG BA . 85.77 14.51 -16.81
O7 NAG BA . 81.40 8.03 -15.67
C1 NAG BA . 87.72 11.93 -14.80
C2 NAG BA . 88.92 12.88 -14.80
C3 NAG BA . 90.05 12.30 -15.64
C4 NAG BA . 90.34 10.85 -15.24
C5 NAG BA . 89.05 10.04 -15.26
C6 NAG BA . 89.23 8.60 -14.82
C7 NAG BA . 89.07 15.34 -14.87
C8 NAG BA . 88.55 16.59 -15.51
N2 NAG BA . 88.53 14.18 -15.31
O3 NAG BA . 91.19 13.13 -15.42
O4 NAG BA . 91.26 10.22 -16.13
O5 NAG BA . 88.12 10.64 -14.35
O6 NAG BA . 88.30 7.74 -15.46
O7 NAG BA . 89.93 15.36 -14.00
C1 BMA BA . 92.61 10.49 -15.65
C2 BMA BA . 92.67 10.47 -14.06
C3 BMA BA . 94.03 11.05 -13.65
C4 BMA BA . 95.22 10.33 -14.40
C5 BMA BA . 94.93 10.08 -15.95
C6 BMA BA . 95.91 9.11 -16.60
O2 BMA BA . 92.54 9.15 -13.51
O3 BMA BA . 94.23 11.03 -12.22
O4 BMA BA . 96.42 11.10 -14.26
O5 BMA BA . 93.59 9.57 -16.15
O6 BMA BA . 95.75 7.83 -15.97
C1 NAG CA . 78.75 -17.87 -1.91
C2 NAG CA . 79.47 -19.16 -2.33
C3 NAG CA . 78.65 -19.92 -3.37
C4 NAG CA . 77.22 -20.15 -2.88
C5 NAG CA . 76.59 -18.82 -2.48
C6 NAG CA . 75.22 -18.95 -1.88
C7 NAG CA . 81.90 -18.94 -2.11
C8 NAG CA . 83.19 -18.61 -2.81
N2 NAG CA . 80.80 -18.87 -2.85
O3 NAG CA . 79.26 -21.17 -3.66
O4 NAG CA . 76.45 -20.77 -3.90
O5 NAG CA . 77.41 -18.18 -1.48
O6 NAG CA . 75.14 -20.04 -0.98
O7 NAG CA . 81.88 -19.27 -0.93
C1 NAG CA . 75.89 -22.03 -3.49
C2 NAG CA . 74.58 -22.24 -4.25
C3 NAG CA . 73.94 -23.57 -3.86
C4 NAG CA . 74.92 -24.72 -4.05
C5 NAG CA . 76.22 -24.43 -3.29
C6 NAG CA . 77.29 -25.47 -3.53
C7 NAG CA . 73.00 -20.54 -5.02
C8 NAG CA . 72.10 -19.41 -4.61
N2 NAG CA . 73.67 -21.14 -4.03
O3 NAG CA . 72.79 -23.80 -4.66
O4 NAG CA . 74.37 -25.94 -3.57
O5 NAG CA . 76.77 -23.16 -3.72
O6 NAG CA . 78.59 -24.88 -3.61
O7 NAG CA . 73.11 -20.88 -6.19
C1 NAG DA . 1.48 -71.85 -46.08
C2 NAG DA . 2.50 -71.88 -47.19
C3 NAG DA . 1.82 -72.31 -48.48
C4 NAG DA . 1.14 -73.66 -48.28
C5 NAG DA . 0.24 -73.70 -47.05
C6 NAG DA . -0.23 -75.11 -46.67
C7 NAG DA . 4.34 -70.32 -46.71
C8 NAG DA . 4.90 -71.40 -45.82
N2 NAG DA . 3.18 -70.61 -47.33
O3 NAG DA . 2.81 -72.35 -49.50
O4 NAG DA . 0.37 -74.01 -49.42
O5 NAG DA . 0.93 -73.18 -45.89
O6 NAG DA . 0.84 -75.98 -46.33
O7 NAG DA . 4.90 -69.23 -46.85
C1 NAG DA . 1.27 -74.97 -49.97
C2 NAG DA . 0.54 -76.25 -50.39
C3 NAG DA . 1.50 -77.21 -51.10
C4 NAG DA . 2.27 -76.48 -52.20
C5 NAG DA . 2.92 -75.22 -51.65
C6 NAG DA . 3.65 -74.40 -52.69
C7 NAG DA . -1.20 -77.59 -49.26
C8 NAG DA . -1.65 -78.19 -47.96
N2 NAG DA . -0.04 -76.90 -49.22
O3 NAG DA . 0.71 -78.27 -51.63
O4 NAG DA . 3.31 -77.29 -52.76
O5 NAG DA . 1.89 -74.38 -51.12
O6 NAG DA . 4.75 -73.68 -52.12
O7 NAG DA . -1.84 -77.71 -50.30
C1 BMA DA . 2.74 -78.07 -53.84
C2 BMA DA . 1.66 -77.25 -54.66
C3 BMA DA . 0.91 -78.23 -55.57
C4 BMA DA . 1.90 -79.11 -56.41
C5 BMA DA . 3.17 -79.63 -55.59
C6 BMA DA . 4.29 -80.18 -56.46
O2 BMA DA . 2.24 -76.22 -55.46
O3 BMA DA . -0.06 -77.58 -56.40
O4 BMA DA . 1.21 -80.22 -56.98
O5 BMA DA . 3.72 -78.57 -54.75
O6 BMA DA . 4.79 -79.11 -57.26
C1 NAG EA . -11.36 26.61 59.57
C2 NAG EA . -12.04 25.33 59.05
C3 NAG EA . -11.65 24.11 59.90
C4 NAG EA . -10.13 24.00 60.00
C5 NAG EA . -9.53 25.32 60.49
C6 NAG EA . -8.01 25.32 60.51
C7 NAG EA . -14.44 25.71 59.81
C8 NAG EA . -13.99 25.92 61.24
N2 NAG EA . -13.49 25.44 58.89
O3 NAG EA . -12.19 22.93 59.33
O4 NAG EA . -9.79 22.94 60.89
O5 NAG EA . -9.93 26.40 59.64
O6 NAG EA . -7.45 25.78 59.28
O7 NAG EA . -15.63 25.79 59.50
C1 NAG FA . 5.87 38.22 36.83
C2 NAG FA . 4.95 38.47 35.61
C3 NAG FA . 4.79 39.96 35.33
C4 NAG FA . 4.37 40.70 36.58
C5 NAG FA . 5.37 40.42 37.70
C6 NAG FA . 5.01 41.10 39.00
C7 NAG FA . 6.57 38.03 33.78
C8 NAG FA . 6.87 37.19 32.58
N2 NAG FA . 5.43 37.76 34.42
O3 NAG FA . 3.83 40.16 34.30
O4 NAG FA . 4.32 42.10 36.32
O5 NAG FA . 5.41 39.01 37.96
O6 NAG FA . 5.33 42.48 38.98
O7 NAG FA . 7.35 38.91 34.17
C1 NAG GA . 70.71 30.38 20.29
C2 NAG GA . 71.00 28.87 20.28
C3 NAG GA . 71.71 28.45 21.56
C4 NAG GA . 72.93 29.31 21.82
C5 NAG GA . 72.54 30.78 21.82
C6 NAG GA . 73.71 31.72 22.00
C7 NAG GA . 69.72 26.96 19.42
C8 NAG GA . 68.38 26.30 19.34
N2 NAG GA . 69.77 28.12 20.09
O3 NAG GA . 72.09 27.08 21.47
O4 NAG GA . 73.53 28.96 23.06
O5 NAG GA . 71.92 31.12 20.56
O6 NAG GA . 74.95 31.02 21.90
O7 NAG GA . 70.72 26.47 18.90
C1 NAG HA . 31.49 54.76 -18.70
C2 NAG HA . 31.52 53.43 -19.49
C3 NAG HA . 30.86 53.59 -20.86
C4 NAG HA . 29.47 54.18 -20.71
C5 NAG HA . 29.51 55.48 -19.90
C6 NAG HA . 28.15 56.07 -19.62
C7 NAG HA . 33.98 53.29 -20.13
C8 NAG HA . 33.92 54.65 -20.77
N2 NAG HA . 32.85 52.81 -19.57
O3 NAG HA . 30.79 52.32 -21.51
O4 NAG HA . 28.92 54.43 -22.00
O5 NAG HA . 30.14 55.25 -18.63
O6 NAG HA . 27.59 55.61 -18.40
O7 NAG HA . 35.02 52.64 -20.10
C1 NAG IA . 16.13 50.18 7.59
C2 NAG IA . 16.83 49.04 8.36
C3 NAG IA . 17.50 49.55 9.64
C4 NAG IA . 18.40 50.74 9.34
C5 NAG IA . 17.60 51.81 8.62
C6 NAG IA . 18.43 53.03 8.26
C7 NAG IA . 14.85 48.04 9.49
C8 NAG IA . 14.03 46.80 9.65
N2 NAG IA . 15.91 47.95 8.66
O3 NAG IA . 18.26 48.50 10.24
O4 NAG IA . 18.94 51.26 10.55
O5 NAG IA . 17.07 51.28 7.40
O6 NAG IA . 18.66 53.86 9.38
O7 NAG IA . 14.57 49.09 10.06
C1 NAG JA . -49.41 57.88 24.13
C2 NAG JA . -50.23 57.16 23.04
C3 NAG JA . -50.81 58.17 22.05
C4 NAG JA . -51.58 59.26 22.78
C5 NAG JA . -50.68 59.91 23.82
C6 NAG JA . -51.39 60.96 24.65
C7 NAG JA . -49.91 55.02 21.87
C8 NAG JA . -48.94 54.13 21.17
N2 NAG JA . -49.41 56.17 22.34
O3 NAG JA . -51.68 57.50 21.14
O4 NAG JA . -52.04 60.23 21.86
O5 NAG JA . -50.21 58.92 24.74
O6 NAG JA . -52.79 60.97 24.40
O7 NAG JA . -51.09 54.71 22.02
C1 NAG KA . -60.55 23.84 -8.53
C2 NAG KA . -59.28 24.71 -8.43
C3 NAG KA . -59.03 25.46 -9.75
C4 NAG KA . -59.01 24.48 -10.91
C5 NAG KA . -60.28 23.62 -10.93
C6 NAG KA . -60.28 22.56 -12.00
C7 NAG KA . -60.10 26.59 -6.92
C8 NAG KA . -61.26 26.88 -7.85
N2 NAG KA . -59.25 25.60 -7.27
O3 NAG KA . -57.79 26.17 -9.66
O4 NAG KA . -58.90 25.20 -12.14
O5 NAG KA . -60.45 22.95 -9.66
O6 NAG KA . -59.74 21.32 -11.54
O7 NAG KA . -59.94 27.25 -5.90
C1 NAG LA . -52.43 -5.42 -3.35
C2 NAG LA . -51.74 -5.49 -1.96
C3 NAG LA . -52.59 -6.27 -0.96
C4 NAG LA . -54.01 -5.73 -0.92
C5 NAG LA . -54.60 -5.75 -2.32
C6 NAG LA . -56.00 -5.19 -2.39
C7 NAG LA . -50.13 -7.33 -2.40
C8 NAG LA . -48.67 -7.70 -2.44
N2 NAG LA . -50.39 -6.06 -2.05
O3 NAG LA . -52.00 -6.17 0.33
O4 NAG LA . -54.81 -6.52 -0.04
O5 NAG LA . -53.79 -4.94 -3.19
O6 NAG LA . -56.95 -6.13 -1.90
O7 NAG LA . -51.01 -8.13 -2.70
C1 NAG MA . -34.59 -56.27 -44.85
C2 NAG MA . -33.50 -55.73 -45.80
C3 NAG MA . -34.09 -55.43 -47.18
C4 NAG MA . -34.84 -56.65 -47.72
C5 NAG MA . -35.89 -57.10 -46.72
C6 NAG MA . -36.63 -58.34 -47.14
C7 NAG MA . -31.59 -54.24 -45.44
C8 NAG MA . -31.12 -52.97 -44.81
N2 NAG MA . -32.88 -54.54 -45.25
O3 NAG MA . -33.05 -55.08 -48.08
O4 NAG MA . -35.46 -56.33 -48.96
O5 NAG MA . -35.26 -57.39 -45.46
O6 NAG MA . -36.03 -58.93 -48.29
O7 NAG MA . -30.84 -54.97 -46.08
C1 NAG NA . -24.93 -59.10 14.54
C2 NAG NA . -23.44 -58.84 14.24
C3 NAG NA . -22.57 -59.13 15.46
C4 NAG NA . -23.09 -58.38 16.67
C5 NAG NA . -24.57 -58.65 16.89
C6 NAG NA . -25.18 -57.84 18.03
C7 NAG NA . -22.90 -60.82 12.74
C8 NAG NA . -23.39 -61.79 13.79
N2 NAG NA . -22.95 -59.51 13.02
O3 NAG NA . -21.22 -58.78 15.19
O4 NAG NA . -22.34 -58.76 17.84
O5 NAG NA . -25.33 -58.34 15.71
O6 NAG NA . -25.72 -56.61 17.57
O7 NAG NA . -22.47 -61.23 11.66
C1 NAG OA . -40.33 -32.79 10.11
C2 NAG OA . -40.08 -32.32 8.65
C3 NAG OA . -41.35 -32.41 7.82
C4 NAG OA . -41.98 -33.79 7.92
C5 NAG OA . -42.22 -34.13 9.39
C6 NAG OA . -42.81 -35.50 9.59
C7 NAG OA . -40.17 -29.87 9.00
C8 NAG OA . -39.40 -28.59 8.87
N2 NAG OA . -39.51 -30.98 8.61
O3 NAG OA . -41.03 -32.12 6.46
O4 NAG OA . -43.20 -33.83 7.21
O5 NAG OA . -40.97 -34.10 10.10
O6 NAG OA . -44.20 -35.52 9.29
O7 NAG OA . -41.31 -29.90 9.44
C1 NAG PA . -58.19 17.74 51.55
C2 NAG PA . -56.93 18.15 52.35
C3 NAG PA . -56.97 17.56 53.76
C4 NAG PA . -58.28 17.91 54.45
C5 NAG PA . -59.45 17.47 53.60
C6 NAG PA . -60.79 17.83 54.19
C7 NAG PA . -54.58 18.42 51.69
C8 NAG PA . -53.43 17.83 50.92
N2 NAG PA . -55.72 17.72 51.65
O3 NAG PA . -55.87 18.06 54.51
O4 NAG PA . -58.34 17.28 55.72
O5 NAG PA . -59.37 18.09 52.31
O6 NAG PA . -60.64 18.71 55.30
O7 NAG PA . -54.48 19.47 52.30
C1 NAG QA . 3.65 -29.14 -59.61
C2 NAG QA . 2.33 -28.66 -58.98
C3 NAG QA . 1.70 -27.54 -59.81
C4 NAG QA . 2.70 -26.42 -60.05
C5 NAG QA . 4.00 -26.98 -60.64
C6 NAG QA . 5.10 -25.94 -60.80
C7 NAG QA . 0.79 -30.62 -59.52
C8 NAG QA . 1.11 -30.50 -60.99
N2 NAG QA . 1.38 -29.74 -58.67
O3 NAG QA . 0.55 -27.04 -59.14
O4 NAG QA . 2.15 -25.45 -60.92
O5 NAG QA . 4.54 -28.03 -59.81
O6 NAG QA . 5.94 -25.86 -59.66
O7 NAG QA . 0.01 -31.47 -59.10
C1 NAG RA . 26.23 -25.01 -39.07
C2 NAG RA . 25.85 -25.77 -37.78
C3 NAG RA . 26.79 -26.96 -37.55
C4 NAG RA . 26.87 -27.83 -38.79
C5 NAG RA . 27.29 -26.98 -39.99
C6 NAG RA . 27.37 -27.77 -41.27
C7 NAG RA . 26.90 -24.28 -36.10
C8 NAG RA . 26.65 -23.42 -34.90
N2 NAG RA . 25.83 -24.89 -36.62
O3 NAG RA . 26.32 -27.73 -36.45
O4 NAG RA . 27.82 -28.88 -38.59
O5 NAG RA . 26.33 -25.93 -40.18
O6 NAG RA . 28.56 -28.56 -41.33
O7 NAG RA . 28.03 -24.40 -36.59
C1 NAG SA . 69.19 26.51 -28.83
C2 NAG SA . 68.35 27.79 -28.77
C3 NAG SA . 68.44 28.56 -30.09
C4 NAG SA . 69.89 28.79 -30.49
C5 NAG SA . 70.63 27.46 -30.54
C6 NAG SA . 72.10 27.62 -30.86
C7 NAG SA . 66.19 28.30 -27.72
C8 NAG SA . 64.79 27.84 -27.49
N2 NAG SA . 66.97 27.49 -28.45
O3 NAG SA . 67.77 29.81 -29.97
O4 NAG SA . 69.95 29.42 -31.77
O5 NAG SA . 70.55 26.82 -29.25
O6 NAG SA . 72.50 28.98 -30.84
O7 NAG SA . 66.61 29.36 -27.26
C1 NAG TA . 62.76 -17.17 12.15
C2 NAG TA . 61.95 -16.18 13.01
C3 NAG TA . 61.76 -16.72 14.44
C4 NAG TA . 61.16 -18.12 14.39
C5 NAG TA . 62.00 -19.04 13.50
C6 NAG TA . 61.40 -20.42 13.33
C7 NAG TA . 63.69 -14.35 13.39
C8 NAG TA . 64.67 -15.35 13.95
N2 NAG TA . 62.48 -14.81 12.99
O3 NAG TA . 60.92 -15.83 15.17
O4 NAG TA . 61.11 -18.65 15.72
O5 NAG TA . 62.13 -18.47 12.18
O6 NAG TA . 60.54 -20.50 12.19
O7 NAG TA . 63.97 -13.16 13.31
C1 NAG UA . 45.43 -25.25 -11.99
C2 NAG UA . 45.03 -23.97 -12.75
C3 NAG UA . 45.71 -23.90 -14.13
C4 NAG UA . 47.20 -24.11 -14.01
C5 NAG UA . 47.47 -25.43 -13.28
C6 NAG UA . 48.95 -25.72 -13.09
C7 NAG UA . 42.80 -24.66 -13.59
C8 NAG UA . 41.34 -24.34 -13.58
N2 NAG UA . 43.59 -23.83 -12.87
O3 NAG UA . 45.44 -22.63 -14.73
O4 NAG UA . 47.80 -24.14 -15.30
O5 NAG UA . 46.88 -25.39 -11.97
O6 NAG UA . 49.54 -26.17 -14.29
O7 NAG UA . 43.25 -25.62 -14.20
C1 NAG VA . 0.95 -77.03 -22.62
C2 NAG VA . -0.01 -77.04 -21.41
C3 NAG VA . 0.35 -78.20 -20.46
C4 NAG VA . 0.40 -79.52 -21.21
C5 NAG VA . 1.37 -79.41 -22.38
C6 NAG VA . 1.44 -80.65 -23.23
C7 NAG VA . -1.02 -75.25 -20.09
C8 NAG VA . -0.80 -73.93 -19.40
N2 NAG VA . 0.04 -75.77 -20.71
O3 NAG VA . -0.63 -78.27 -19.43
O4 NAG VA . 0.82 -80.56 -20.34
O5 NAG VA . 0.95 -78.34 -23.25
O6 NAG VA . 0.43 -81.58 -22.86
O7 NAG VA . -2.12 -75.79 -20.11
#